data_9DH3
#
_entry.id   9DH3
#
_cell.length_a   1.00
_cell.length_b   1.00
_cell.length_c   1.00
_cell.angle_alpha   90.00
_cell.angle_beta   90.00
_cell.angle_gamma   90.00
#
_symmetry.space_group_name_H-M   'P 1'
#
loop_
_entity.id
_entity.type
_entity.pdbx_description
1 polymer 'Maltose/maltodextrin-binding periplasmic protein,NACHT, LRR and PYD domains-containing protein 3 chimera'
2 non-polymer "ADENOSINE-5'-DIPHOSPHATE"
3 non-polymer "2-[(4S)-5-ethyl-8-oxothieno[2',3':4,5]pyrrolo[1,2-d][1,2,4]triazin-7(8H)-yl]-N-(pyrimidin-4-yl)acetamide"
4 non-polymer 3-[(3-CHOLAMIDOPROPYL)DIMETHYLAMMONIO]-1-PROPANESULFONATE
#
_entity_poly.entity_id   1
_entity_poly.type   'polypeptide(L)'
_entity_poly.pdbx_seq_one_letter_code
;KIEEGKLVIWINGDKGYNGLAEVGKKFEKDTGIKVTVEHPDKLEEKFPQVAATGDGPDIIFWAHDRFGGYAQSGLLAEIT
PDKAFQDKLYPFTWDAVRYNGKLIAYPIAVEALSLIYNKDLLPNPPKTWEEIPALDKELKAKGKSALMFNLQEPYFTWPL
IAADGGYAFKYENGKYDIKDVGVDNAGAKAGLTFLVDLIKNKHMNADTDYSIAEAAFNKGETAMTINGPWAWSNIDTSKV
NYGVTVLPTFKGQPSKPFVGVLSAGINAASPNKELAKEFLENYLLTDEGLEAVNKDKPLGAVALKSYEEELVKDPRIAAT
MENAQKGEIMPNIPQMSAFWYAVRTAVINAASGRQTVDEALKDAQTYRKKYRKYVRSRFQCIEDRNARLGESVSLNKRYT
RLRLIKEHRSQQEREQELLAIGKTKTCESPVSPIKMELLFDPDDEHSEPVHTVVFQGAAGIGKTILARKMMLDWASGTLY
QDRFDYLFYIHCREVSLVTQRSLGDLIMSCCPDPNPPIHKIVRKPSRILFLMDGFDELQGAFDEHIGPLCTDWQKAERGD
ILLSSLIRKKLLPEASLLITTRPVALEKLQHLLDHPRHVEILGFSEAKRKEYFFKYFSDEAQARAAFSLIQENEVLFTMC
FIPLVCWIVCTGLKQQMESGKSLAQTSKTTTAVYVFFLSSLLQPRGGSQEHGLCAHLWGLCSLAADGIWNQKILFEESDL
RNHGLQKADVSAFLRMNLFQKEVDCEKFYSFIHMTFQEFFAAMYYLLEEEKEGRTNVPGSRLKLPSRDVTVLLENYGKFE
KGYLIFVVRFLFGLVNQERTSYLEKKLSCKISQQIRLELLKWIEVKAKAKKLQIQPSQLELFYCLYEMQEEDFVQRAMDY
FPKIEINLSTRMDHMVSSFCIENCHRVESLSLGFLHNMPKEEEEEEKEGRHLDMVQCVLPSSSHAACSHGLVNSHLTSSF
CRGLFSVLSTSQSLTELDLSDNSLGDPGMRVLCETLQHPGCNIRRLWLGRCGLSHECCFDISLVLSSNQKLVELDLSDNA
LGDFGIRLLCVGLKHLLCNLKKLWLVSCCLTSACCQDLASVLSTSHSLTRLYVGENALGDSGVAILCEKAKNPQCNLQKL
GLVNSGLTSVCCSALSSVLSTNQNLTHLYLRGNTLGDKGIKLLCEGLLHPDCKLQVLELDNCNLTSHCCWDLSTLLTSSQ
SLRKLSLGNNDLGDLGVMMFCEVLKQQSCLLQNLGLSEMYFNYETKSALETLQEEKPELTVVFEPSW
;
_entity_poly.pdbx_strand_id   A,B,C,D
#
# COMPACT_ATOMS: atom_id res chain seq x y z
N LYS A 1 -10.26 58.36 -64.61
CA LYS A 1 -10.72 59.46 -65.44
C LYS A 1 -10.28 60.81 -64.88
N ILE A 2 -9.38 61.47 -65.61
CA ILE A 2 -8.85 62.75 -65.17
C ILE A 2 -9.41 63.91 -65.98
N GLU A 3 -9.94 64.91 -65.29
CA GLU A 3 -10.51 66.08 -65.98
C GLU A 3 -9.43 67.07 -66.37
N GLU A 4 -8.60 66.66 -67.32
CA GLU A 4 -7.48 67.51 -67.75
C GLU A 4 -7.99 68.76 -68.45
N GLY A 5 -7.32 69.88 -68.20
CA GLY A 5 -7.64 71.13 -68.88
C GLY A 5 -8.53 72.05 -68.05
N LYS A 6 -9.10 71.53 -66.97
CA LYS A 6 -9.99 72.35 -66.14
C LYS A 6 -9.75 72.12 -64.65
N LEU A 7 -10.07 73.12 -63.83
CA LEU A 7 -9.98 72.96 -62.38
C LEU A 7 -11.39 72.80 -61.80
N VAL A 8 -11.62 71.70 -61.08
CA VAL A 8 -12.94 71.41 -60.52
C VAL A 8 -12.92 71.41 -58.99
N ILE A 9 -13.82 72.18 -58.39
CA ILE A 9 -13.87 72.31 -56.94
C ILE A 9 -15.17 71.78 -56.34
N TRP A 10 -15.06 70.94 -55.32
CA TRP A 10 -16.23 70.50 -54.57
C TRP A 10 -16.26 71.14 -53.19
N ILE A 11 -17.39 71.76 -52.87
CA ILE A 11 -17.56 72.45 -51.59
C ILE A 11 -18.96 72.23 -51.02
N ASN A 12 -19.05 72.15 -49.69
CA ASN A 12 -20.35 72.01 -49.04
C ASN A 12 -21.23 73.22 -49.37
N GLY A 13 -22.48 72.93 -49.77
CA GLY A 13 -23.44 73.96 -50.20
C GLY A 13 -23.79 74.95 -49.09
N ASP A 14 -23.41 74.64 -47.87
CA ASP A 14 -23.66 75.51 -46.73
C ASP A 14 -22.52 76.50 -46.50
N LYS A 15 -21.59 76.54 -47.46
CA LYS A 15 -20.47 77.48 -47.42
C LYS A 15 -20.67 78.58 -48.47
N GLY A 16 -19.71 79.49 -48.58
CA GLY A 16 -19.82 80.58 -49.55
C GLY A 16 -19.60 80.09 -50.99
N TYR A 17 -20.49 79.22 -51.45
CA TYR A 17 -20.38 78.59 -52.77
C TYR A 17 -20.33 79.59 -53.90
N ASN A 18 -21.23 80.55 -53.91
CA ASN A 18 -21.29 81.47 -55.03
C ASN A 18 -20.03 82.31 -55.08
N GLY A 19 -19.55 82.70 -53.91
CA GLY A 19 -18.37 83.53 -53.81
C GLY A 19 -17.13 82.81 -54.29
N LEU A 20 -17.04 81.51 -54.01
CA LEU A 20 -15.91 80.72 -54.45
C LEU A 20 -15.93 80.62 -55.97
N ALA A 21 -17.13 80.51 -56.54
CA ALA A 21 -17.28 80.50 -57.98
C ALA A 21 -16.84 81.84 -58.56
N GLU A 22 -17.08 82.94 -57.82
CA GLU A 22 -16.67 84.25 -58.30
C GLU A 22 -15.15 84.35 -58.34
N VAL A 23 -14.48 83.75 -57.36
CA VAL A 23 -13.01 83.72 -57.35
C VAL A 23 -12.55 82.92 -58.55
N GLY A 24 -13.23 81.82 -58.81
CA GLY A 24 -12.95 80.96 -59.96
C GLY A 24 -13.07 81.74 -61.27
N LYS A 25 -14.18 82.45 -61.45
CA LYS A 25 -14.40 83.23 -62.65
C LYS A 25 -13.35 84.32 -62.81
N LYS A 26 -12.97 84.96 -61.70
CA LYS A 26 -11.92 85.98 -61.77
C LYS A 26 -10.62 85.34 -62.20
N PHE A 27 -10.31 84.18 -61.61
CA PHE A 27 -9.11 83.45 -61.96
C PHE A 27 -9.13 83.17 -63.45
N GLU A 28 -10.25 82.67 -63.96
CA GLU A 28 -10.37 82.39 -65.39
C GLU A 28 -10.04 83.60 -66.23
N LYS A 29 -10.60 84.75 -65.88
CA LYS A 29 -10.35 85.95 -66.66
C LYS A 29 -8.88 86.39 -66.58
N ASP A 30 -8.25 86.18 -65.42
CA ASP A 30 -6.86 86.58 -65.24
C ASP A 30 -5.86 85.60 -65.87
N THR A 31 -6.15 84.30 -65.81
CA THR A 31 -5.20 83.28 -66.29
C THR A 31 -5.63 82.59 -67.57
N GLY A 32 -6.93 82.63 -67.87
CA GLY A 32 -7.48 81.96 -69.04
C GLY A 32 -7.93 80.52 -68.76
N ILE A 33 -7.75 80.07 -67.52
CA ILE A 33 -8.13 78.70 -67.16
C ILE A 33 -9.40 78.67 -66.32
N LYS A 34 -10.43 78.01 -66.84
CA LYS A 34 -11.73 77.96 -66.19
C LYS A 34 -11.73 77.13 -64.91
N VAL A 35 -12.44 77.64 -63.90
CA VAL A 35 -12.62 76.93 -62.63
C VAL A 35 -14.11 76.66 -62.40
N THR A 36 -14.45 75.40 -62.21
CA THR A 36 -15.83 74.97 -62.00
C THR A 36 -16.05 74.60 -60.54
N VAL A 37 -17.08 75.16 -59.92
CA VAL A 37 -17.35 74.86 -58.51
C VAL A 37 -18.70 74.17 -58.40
N GLU A 38 -18.73 73.04 -57.72
CA GLU A 38 -19.95 72.25 -57.53
C GLU A 38 -20.17 71.94 -56.05
N HIS A 39 -21.42 71.72 -55.66
CA HIS A 39 -21.71 71.44 -54.26
C HIS A 39 -22.66 70.26 -54.07
N PRO A 40 -22.22 69.04 -54.35
CA PRO A 40 -22.99 67.81 -54.21
C PRO A 40 -23.25 67.52 -52.74
N ASP A 41 -24.36 66.87 -52.44
CA ASP A 41 -24.66 66.50 -51.06
C ASP A 41 -23.81 65.32 -50.64
N LYS A 42 -23.44 65.28 -49.36
CA LYS A 42 -22.62 64.19 -48.82
C LYS A 42 -21.32 64.05 -49.62
N LEU A 43 -20.70 65.17 -49.93
CA LEU A 43 -19.45 65.15 -50.67
C LEU A 43 -18.36 64.48 -49.84
N GLU A 44 -18.55 64.48 -48.51
CA GLU A 44 -17.63 63.84 -47.60
C GLU A 44 -17.75 62.32 -47.65
N GLU A 45 -18.81 61.82 -48.29
CA GLU A 45 -19.00 60.38 -48.43
C GLU A 45 -18.64 59.92 -49.83
N LYS A 46 -18.89 60.78 -50.82
CA LYS A 46 -18.60 60.45 -52.21
C LYS A 46 -17.16 60.77 -52.60
N PHE A 47 -16.60 61.85 -52.06
CA PHE A 47 -15.26 62.25 -52.44
C PHE A 47 -14.22 61.14 -52.28
N PRO A 48 -14.20 60.37 -51.17
CA PRO A 48 -13.27 59.30 -50.90
C PRO A 48 -13.32 58.19 -51.94
N GLN A 49 -14.45 58.08 -52.65
CA GLN A 49 -14.60 57.02 -53.62
C GLN A 49 -14.10 57.45 -54.99
N VAL A 50 -14.32 58.71 -55.32
CA VAL A 50 -13.83 59.23 -56.59
C VAL A 50 -12.34 59.53 -56.48
N ALA A 51 -11.92 60.05 -55.34
CA ALA A 51 -10.52 60.32 -55.08
C ALA A 51 -9.71 59.04 -55.18
N ALA A 52 -10.31 57.94 -54.77
CA ALA A 52 -9.69 56.63 -54.80
C ALA A 52 -9.73 56.04 -56.21
N THR A 53 -10.41 56.74 -57.10
CA THR A 53 -10.55 56.33 -58.49
C THR A 53 -9.72 57.22 -59.41
N GLY A 54 -9.52 58.47 -58.98
CA GLY A 54 -8.83 59.49 -59.77
C GLY A 54 -9.83 60.47 -60.37
N ASP A 55 -11.11 60.09 -60.31
CA ASP A 55 -12.21 60.93 -60.78
C ASP A 55 -12.57 61.93 -59.70
N GLY A 56 -13.55 62.77 -59.95
CA GLY A 56 -13.96 63.75 -58.96
C GLY A 56 -13.19 65.04 -59.12
N PRO A 57 -13.24 65.92 -58.12
CA PRO A 57 -12.75 67.28 -58.09
C PRO A 57 -11.24 67.30 -57.91
N ASP A 58 -10.64 68.45 -58.21
CA ASP A 58 -9.23 68.68 -57.96
C ASP A 58 -9.02 69.23 -56.56
N ILE A 59 -9.98 70.05 -56.12
CA ILE A 59 -9.90 70.69 -54.82
C ILE A 59 -11.13 70.37 -53.97
N ILE A 60 -10.90 70.00 -52.73
CA ILE A 60 -11.96 69.63 -51.81
C ILE A 60 -12.05 70.57 -50.61
N PHE A 61 -13.20 71.18 -50.42
CA PHE A 61 -13.43 72.05 -49.27
C PHE A 61 -14.26 71.36 -48.20
N TRP A 62 -13.64 71.12 -47.06
CA TRP A 62 -14.29 70.44 -45.95
C TRP A 62 -13.49 70.68 -44.67
N ALA A 63 -13.96 70.13 -43.56
CA ALA A 63 -13.21 70.23 -42.31
C ALA A 63 -11.88 69.47 -42.41
N HIS A 64 -10.85 70.05 -41.81
CA HIS A 64 -9.51 69.50 -41.80
C HIS A 64 -9.38 68.18 -41.03
N ASP A 65 -10.36 67.85 -40.20
CA ASP A 65 -10.25 66.63 -39.42
C ASP A 65 -10.46 65.42 -40.31
N ARG A 66 -11.47 65.49 -41.15
CA ARG A 66 -11.76 64.39 -42.06
C ARG A 66 -10.60 64.18 -43.01
N PHE A 67 -9.94 65.27 -43.40
CA PHE A 67 -8.81 65.20 -44.32
C PHE A 67 -7.69 64.33 -43.80
N GLY A 68 -7.59 64.18 -42.49
CA GLY A 68 -6.55 63.31 -41.95
C GLY A 68 -6.84 61.88 -42.36
N GLY A 69 -8.11 61.52 -42.44
CA GLY A 69 -8.51 60.18 -42.84
C GLY A 69 -8.13 59.94 -44.29
N TYR A 70 -8.35 60.96 -45.12
CA TYR A 70 -7.98 60.87 -46.52
C TYR A 70 -6.46 60.73 -46.64
N ALA A 71 -5.74 61.51 -45.85
CA ALA A 71 -4.29 61.47 -45.88
C ALA A 71 -3.78 60.10 -45.49
N GLN A 72 -4.47 59.46 -44.54
CA GLN A 72 -4.13 58.11 -44.11
C GLN A 72 -4.30 57.13 -45.26
N SER A 73 -5.31 57.37 -46.08
CA SER A 73 -5.59 56.52 -47.24
C SER A 73 -4.76 56.96 -48.45
N GLY A 74 -4.13 58.14 -48.35
CA GLY A 74 -3.29 58.67 -49.41
C GLY A 74 -4.10 59.27 -50.55
N LEU A 75 -5.28 59.79 -50.23
CA LEU A 75 -6.16 60.34 -51.25
C LEU A 75 -5.92 61.83 -51.51
N LEU A 76 -5.09 62.46 -50.68
CA LEU A 76 -4.79 63.87 -50.84
C LEU A 76 -3.37 64.10 -51.30
N ALA A 77 -3.20 65.16 -52.07
CA ALA A 77 -1.93 65.59 -52.61
C ALA A 77 -1.10 66.30 -51.56
N GLU A 78 0.21 66.27 -51.71
CA GLU A 78 1.07 67.10 -50.88
C GLU A 78 1.08 68.51 -51.43
N ILE A 79 0.76 69.48 -50.58
CA ILE A 79 0.75 70.86 -51.03
C ILE A 79 2.12 71.47 -50.74
N THR A 80 2.63 72.27 -51.67
CA THR A 80 3.97 72.81 -51.50
C THR A 80 4.05 74.33 -51.68
N PRO A 81 3.41 75.11 -50.81
CA PRO A 81 3.58 76.54 -50.68
C PRO A 81 4.92 76.85 -50.05
N ASP A 82 5.54 77.96 -50.42
CA ASP A 82 6.79 78.34 -49.76
C ASP A 82 6.47 79.18 -48.54
N LYS A 83 7.51 79.59 -47.81
CA LYS A 83 7.32 80.39 -46.60
C LYS A 83 6.63 81.70 -46.91
N ALA A 84 6.89 82.24 -48.10
CA ALA A 84 6.28 83.49 -48.50
C ALA A 84 4.75 83.39 -48.43
N PHE A 85 4.21 82.22 -48.74
CA PHE A 85 2.78 82.00 -48.66
C PHE A 85 2.36 81.59 -47.27
N GLN A 86 3.13 80.69 -46.67
CA GLN A 86 2.74 80.14 -45.38
C GLN A 86 2.64 81.25 -44.33
N ASP A 87 3.47 82.26 -44.46
CA ASP A 87 3.50 83.38 -43.54
C ASP A 87 2.32 84.33 -43.72
N LYS A 88 1.44 84.05 -44.69
CA LYS A 88 0.25 84.87 -44.91
C LYS A 88 -0.89 84.44 -44.01
N LEU A 89 -0.84 83.19 -43.52
CA LEU A 89 -1.93 82.65 -42.72
C LEU A 89 -1.53 82.57 -41.25
N TYR A 90 -2.51 82.55 -40.36
CA TYR A 90 -2.19 82.46 -38.94
C TYR A 90 -1.24 81.29 -38.65
N PRO A 91 -0.27 81.51 -37.76
CA PRO A 91 0.83 80.63 -37.41
C PRO A 91 0.39 79.36 -36.71
N PHE A 92 -0.87 79.29 -36.31
CA PHE A 92 -1.35 78.14 -35.58
C PHE A 92 -2.30 77.29 -36.42
N THR A 93 -2.69 77.78 -37.60
CA THR A 93 -3.67 77.07 -38.41
C THR A 93 -3.00 76.07 -39.34
N TRP A 94 -1.70 76.21 -39.55
CA TRP A 94 -1.01 75.26 -40.42
C TRP A 94 -0.95 73.87 -39.82
N ASP A 95 -0.99 73.81 -38.50
CA ASP A 95 -0.98 72.52 -37.82
C ASP A 95 -2.26 71.76 -38.06
N ALA A 96 -3.31 72.48 -38.44
CA ALA A 96 -4.61 71.87 -38.66
C ALA A 96 -4.59 70.95 -39.87
N VAL A 97 -3.66 71.20 -40.77
CA VAL A 97 -3.59 70.46 -42.02
C VAL A 97 -2.28 69.70 -42.11
N ARG A 98 -1.63 69.50 -40.96
CA ARG A 98 -0.36 68.81 -40.95
C ARG A 98 -0.55 67.37 -40.52
N TYR A 99 -0.28 66.44 -41.43
CA TYR A 99 -0.43 65.02 -41.19
C TYR A 99 0.92 64.32 -41.21
N ASN A 100 1.38 63.90 -40.04
CA ASN A 100 2.68 63.26 -39.92
C ASN A 100 3.80 64.09 -40.55
N GLY A 101 3.71 65.41 -40.40
CA GLY A 101 4.72 66.32 -40.93
C GLY A 101 4.39 66.87 -42.33
N LYS A 102 3.44 66.25 -43.02
CA LYS A 102 3.08 66.66 -44.38
C LYS A 102 1.92 67.65 -44.37
N LEU A 103 1.98 68.66 -45.24
CA LEU A 103 0.85 69.57 -45.38
C LEU A 103 -0.07 69.05 -46.48
N ILE A 104 -1.33 68.84 -46.12
CA ILE A 104 -2.29 68.21 -47.04
C ILE A 104 -3.41 69.13 -47.54
N ALA A 105 -3.53 70.33 -46.95
CA ALA A 105 -4.61 71.22 -47.34
C ALA A 105 -4.28 72.67 -46.98
N TYR A 106 -4.95 73.61 -47.62
CA TYR A 106 -4.78 75.03 -47.32
C TYR A 106 -5.86 75.50 -46.35
N PRO A 107 -5.52 75.98 -45.16
CA PRO A 107 -6.44 76.50 -44.17
C PRO A 107 -7.22 77.66 -44.79
N ILE A 108 -8.54 77.64 -44.59
CA ILE A 108 -9.42 78.69 -45.12
C ILE A 108 -10.02 79.52 -43.99
N ALA A 109 -10.65 78.85 -43.03
CA ALA A 109 -11.38 79.54 -41.98
C ALA A 109 -11.38 78.77 -40.67
N VAL A 110 -11.54 79.48 -39.56
CA VAL A 110 -11.42 78.87 -38.25
C VAL A 110 -12.65 79.08 -37.37
N GLU A 111 -13.17 77.99 -36.82
CA GLU A 111 -14.31 78.04 -35.90
C GLU A 111 -13.90 77.67 -34.48
N ALA A 112 -14.48 78.35 -33.49
CA ALA A 112 -14.22 78.04 -32.09
C ALA A 112 -15.45 78.31 -31.23
N LEU A 113 -15.56 77.62 -30.10
CA LEU A 113 -16.70 77.81 -29.20
C LEU A 113 -16.56 79.01 -28.29
N SER A 114 -16.88 80.17 -28.83
CA SER A 114 -16.82 81.43 -28.09
C SER A 114 -17.96 81.55 -27.09
N LEU A 115 -17.85 82.51 -26.17
CA LEU A 115 -18.89 82.72 -25.17
C LEU A 115 -19.92 83.71 -25.67
N ILE A 116 -21.17 83.29 -25.75
CA ILE A 116 -22.26 84.13 -26.22
C ILE A 116 -23.11 84.57 -25.04
N TYR A 117 -23.27 85.87 -24.87
CA TYR A 117 -23.96 86.39 -23.68
C TYR A 117 -25.00 87.45 -23.99
N ASN A 118 -25.97 87.57 -23.08
CA ASN A 118 -27.06 88.52 -23.18
C ASN A 118 -26.78 89.79 -22.38
N LYS A 119 -26.49 90.89 -23.08
CA LYS A 119 -26.09 92.15 -22.47
C LYS A 119 -27.17 92.73 -21.58
N ASP A 120 -28.41 92.28 -21.79
CA ASP A 120 -29.54 92.78 -21.02
C ASP A 120 -29.55 92.20 -19.62
N LEU A 121 -28.98 91.01 -19.47
CA LEU A 121 -28.95 90.34 -18.18
C LEU A 121 -27.54 90.39 -17.58
N LEU A 122 -26.54 90.37 -18.45
CA LEU A 122 -25.15 90.31 -18.05
C LEU A 122 -24.25 91.06 -19.04
N PRO A 123 -24.17 92.38 -18.91
CA PRO A 123 -23.34 93.26 -19.73
C PRO A 123 -21.86 93.09 -19.43
N ASN A 124 -21.56 92.44 -18.29
CA ASN A 124 -20.19 92.20 -17.87
C ASN A 124 -19.98 90.76 -17.41
N PRO A 125 -19.71 89.84 -18.34
CA PRO A 125 -19.45 88.43 -18.11
C PRO A 125 -18.27 88.26 -17.17
N PRO A 126 -18.20 87.16 -16.44
CA PRO A 126 -17.13 86.79 -15.52
C PRO A 126 -15.86 86.48 -16.29
N LYS A 127 -14.71 86.71 -15.67
CA LYS A 127 -13.45 86.42 -16.33
C LYS A 127 -12.86 85.10 -15.85
N THR A 128 -13.54 84.46 -14.91
CA THR A 128 -13.11 83.18 -14.39
C THR A 128 -14.31 82.28 -14.12
N TRP A 129 -14.10 80.98 -14.27
CA TRP A 129 -15.15 80.00 -14.04
C TRP A 129 -15.56 79.97 -12.58
N GLU A 130 -14.65 80.39 -11.71
CA GLU A 130 -14.88 80.38 -10.28
C GLU A 130 -15.96 81.37 -9.87
N GLU A 131 -16.24 82.36 -10.72
CA GLU A 131 -17.23 83.38 -10.41
C GLU A 131 -18.63 83.00 -10.89
N ILE A 132 -18.74 81.92 -11.64
CA ILE A 132 -20.03 81.53 -12.18
C ILE A 132 -21.03 81.11 -11.10
N PRO A 133 -20.66 80.27 -10.12
CA PRO A 133 -21.48 79.89 -8.99
C PRO A 133 -22.07 81.12 -8.30
N ALA A 134 -21.21 82.08 -7.96
CA ALA A 134 -21.64 83.28 -7.27
C ALA A 134 -22.56 84.10 -8.16
N LEU A 135 -22.23 84.16 -9.45
CA LEU A 135 -23.05 84.87 -10.42
C LEU A 135 -24.41 84.22 -10.52
N ASP A 136 -24.43 82.89 -10.51
CA ASP A 136 -25.68 82.14 -10.62
C ASP A 136 -26.55 82.38 -9.40
N LYS A 137 -25.93 82.51 -8.23
CA LYS A 137 -26.69 82.77 -7.02
C LYS A 137 -27.29 84.18 -7.05
N GLU A 138 -26.51 85.15 -7.53
CA GLU A 138 -27.01 86.51 -7.64
C GLU A 138 -28.13 86.59 -8.66
N LEU A 139 -27.97 85.90 -9.78
CA LEU A 139 -29.00 85.88 -10.78
C LEU A 139 -30.21 85.08 -10.31
N LYS A 140 -29.96 84.01 -9.55
CA LYS A 140 -31.04 83.21 -9.01
C LYS A 140 -32.00 84.10 -8.24
N ALA A 141 -31.45 85.02 -7.46
CA ALA A 141 -32.26 85.98 -6.72
C ALA A 141 -33.11 86.81 -7.68
N LYS A 142 -32.56 87.10 -8.86
CA LYS A 142 -33.28 87.83 -9.90
C LYS A 142 -34.16 86.89 -10.74
N GLY A 143 -33.96 85.58 -10.57
CA GLY A 143 -34.72 84.57 -11.28
C GLY A 143 -34.09 84.10 -12.59
N LYS A 144 -32.80 84.36 -12.77
CA LYS A 144 -32.10 83.98 -14.00
C LYS A 144 -30.94 83.04 -13.70
N SER A 145 -30.49 82.30 -14.72
CA SER A 145 -29.33 81.42 -14.57
C SER A 145 -28.08 82.07 -15.14
N ALA A 146 -26.93 81.76 -14.55
CA ALA A 146 -25.67 82.31 -15.02
C ALA A 146 -25.18 81.64 -16.29
N LEU A 147 -25.32 80.33 -16.38
CA LEU A 147 -24.80 79.63 -17.54
C LEU A 147 -25.56 78.35 -17.85
N MET A 148 -25.98 78.21 -19.11
CA MET A 148 -26.63 76.99 -19.58
C MET A 148 -26.14 76.64 -20.97
N PHE A 149 -25.55 75.47 -21.12
CA PHE A 149 -25.05 75.04 -22.41
C PHE A 149 -25.21 73.54 -22.59
N ASN A 150 -24.87 73.05 -23.76
CA ASN A 150 -25.06 71.64 -24.09
C ASN A 150 -24.06 70.76 -23.35
N LEU A 151 -24.55 69.94 -22.42
CA LEU A 151 -23.65 69.08 -21.67
C LEU A 151 -23.82 67.62 -22.09
N GLN A 152 -24.54 67.40 -23.19
CA GLN A 152 -24.71 66.05 -23.72
C GLN A 152 -23.69 65.81 -24.81
N GLU A 153 -23.09 66.89 -25.28
CA GLU A 153 -22.08 66.84 -26.33
C GLU A 153 -20.77 67.38 -25.78
N PRO A 154 -19.81 66.52 -25.48
CA PRO A 154 -18.52 66.80 -24.87
C PRO A 154 -17.82 67.93 -25.59
N TYR A 155 -18.13 68.10 -26.86
CA TYR A 155 -17.54 69.15 -27.67
C TYR A 155 -17.62 70.49 -26.94
N PHE A 156 -18.70 70.72 -26.19
CA PHE A 156 -18.89 72.00 -25.52
C PHE A 156 -18.38 72.02 -24.07
N THR A 157 -18.03 70.85 -23.52
CA THR A 157 -17.58 70.81 -22.14
C THR A 157 -16.06 70.81 -22.10
N TRP A 158 -15.48 70.35 -23.21
CA TRP A 158 -14.05 70.26 -23.37
C TRP A 158 -13.29 71.53 -23.01
N PRO A 159 -13.72 72.73 -23.43
CA PRO A 159 -13.03 73.97 -23.16
C PRO A 159 -12.65 74.09 -21.68
N LEU A 160 -13.53 73.57 -20.82
CA LEU A 160 -13.28 73.60 -19.38
C LEU A 160 -12.41 72.43 -18.95
N ILE A 161 -12.67 71.25 -19.49
CA ILE A 161 -11.95 70.06 -19.09
C ILE A 161 -10.46 70.20 -19.39
N ALA A 162 -10.14 70.72 -20.56
CA ALA A 162 -8.75 70.89 -20.99
C ALA A 162 -8.11 72.14 -20.37
N ALA A 163 -8.90 72.93 -19.66
CA ALA A 163 -8.41 74.20 -19.16
C ALA A 163 -7.22 74.03 -18.21
N ASP A 164 -7.19 72.93 -17.46
CA ASP A 164 -6.14 72.76 -16.45
C ASP A 164 -5.01 71.83 -16.88
N GLY A 165 -4.76 71.74 -18.18
CA GLY A 165 -3.62 70.96 -18.65
C GLY A 165 -4.05 69.69 -19.35
N GLY A 166 -5.34 69.45 -19.40
CA GLY A 166 -5.87 68.30 -20.10
C GLY A 166 -5.72 68.50 -21.59
N TYR A 167 -5.66 67.41 -22.34
CA TYR A 167 -5.54 67.48 -23.78
C TYR A 167 -6.06 66.21 -24.42
N ALA A 168 -6.31 66.24 -25.72
CA ALA A 168 -6.73 65.02 -26.41
C ALA A 168 -5.50 64.18 -26.71
N PHE A 169 -4.92 64.36 -27.90
CA PHE A 169 -3.73 63.61 -28.26
C PHE A 169 -2.53 64.53 -28.30
N LYS A 170 -1.45 64.13 -27.63
CA LYS A 170 -0.27 64.97 -27.55
C LYS A 170 0.25 65.31 -28.94
N TYR A 171 0.49 66.59 -29.17
CA TYR A 171 1.00 67.07 -30.46
C TYR A 171 2.38 67.66 -30.27
N GLU A 172 3.40 66.88 -30.62
CA GLU A 172 4.77 67.26 -30.32
C GLU A 172 5.58 67.78 -31.51
N ASN A 173 5.76 66.94 -32.51
CA ASN A 173 6.65 67.26 -33.62
C ASN A 173 5.93 67.32 -34.96
N GLY A 174 4.64 67.62 -34.91
CA GLY A 174 3.83 67.67 -36.11
C GLY A 174 3.02 66.39 -36.26
N LYS A 175 3.40 65.37 -35.50
CA LYS A 175 2.68 64.11 -35.49
C LYS A 175 1.98 63.96 -34.15
N TYR A 176 0.73 63.52 -34.17
CA TYR A 176 0.00 63.28 -32.93
C TYR A 176 0.45 61.96 -32.36
N ASP A 177 0.72 61.94 -31.06
CA ASP A 177 1.11 60.69 -30.43
C ASP A 177 -0.14 59.93 -30.02
N ILE A 178 -0.45 58.90 -30.79
CA ILE A 178 -1.69 58.15 -30.65
C ILE A 178 -1.80 57.50 -29.28
N LYS A 179 -0.68 57.06 -28.73
CA LYS A 179 -0.68 56.35 -27.46
C LYS A 179 -0.63 57.27 -26.25
N ASP A 180 -0.57 58.59 -26.49
CA ASP A 180 -0.49 59.54 -25.38
C ASP A 180 -1.76 60.39 -25.32
N VAL A 181 -2.67 60.01 -24.44
CA VAL A 181 -3.97 60.65 -24.35
C VAL A 181 -4.10 61.39 -23.02
N GLY A 182 -4.47 62.66 -23.12
CA GLY A 182 -4.50 63.57 -21.98
C GLY A 182 -5.86 63.74 -21.32
N VAL A 183 -6.78 62.82 -21.55
CA VAL A 183 -8.11 62.94 -20.97
C VAL A 183 -8.13 62.35 -19.56
N ASP A 184 -7.09 61.59 -19.24
CA ASP A 184 -6.99 60.86 -17.99
C ASP A 184 -6.27 61.61 -16.87
N ASN A 185 -5.37 62.52 -17.22
CA ASN A 185 -4.51 63.08 -16.17
C ASN A 185 -5.21 64.16 -15.35
N ALA A 186 -4.48 64.68 -14.36
CA ALA A 186 -5.02 65.62 -13.39
C ALA A 186 -5.63 66.85 -14.05
N GLY A 187 -5.05 67.28 -15.16
CA GLY A 187 -5.54 68.47 -15.81
C GLY A 187 -6.98 68.28 -16.28
N ALA A 188 -7.31 67.07 -16.69
CA ALA A 188 -8.65 66.77 -17.16
C ALA A 188 -9.56 66.46 -15.97
N LYS A 189 -9.02 65.76 -14.99
CA LYS A 189 -9.82 65.36 -13.83
C LYS A 189 -10.29 66.57 -13.05
N ALA A 190 -9.41 67.55 -12.88
CA ALA A 190 -9.76 68.76 -12.13
C ALA A 190 -10.87 69.53 -12.83
N GLY A 191 -10.78 69.60 -14.15
CA GLY A 191 -11.76 70.33 -14.95
C GLY A 191 -13.11 69.64 -14.86
N LEU A 192 -13.12 68.32 -15.09
CA LEU A 192 -14.37 67.57 -15.06
C LEU A 192 -14.97 67.57 -13.66
N THR A 193 -14.12 67.44 -12.63
CA THR A 193 -14.63 67.43 -11.27
C THR A 193 -15.35 68.73 -10.97
N PHE A 194 -14.74 69.84 -11.36
CA PHE A 194 -15.35 71.15 -11.18
C PHE A 194 -16.70 71.22 -11.90
N LEU A 195 -16.74 70.77 -13.15
CA LEU A 195 -17.98 70.79 -13.90
C LEU A 195 -19.07 69.99 -13.22
N VAL A 196 -18.73 68.80 -12.74
CA VAL A 196 -19.71 67.95 -12.09
C VAL A 196 -20.21 68.62 -10.82
N ASP A 197 -19.31 69.25 -10.07
CA ASP A 197 -19.70 69.98 -8.87
C ASP A 197 -20.69 71.10 -9.20
N LEU A 198 -20.52 71.76 -10.35
CA LEU A 198 -21.43 72.83 -10.74
C LEU A 198 -22.83 72.27 -10.95
N ILE A 199 -22.90 71.04 -11.46
CA ILE A 199 -24.19 70.40 -11.69
C ILE A 199 -24.85 70.06 -10.36
N LYS A 200 -24.06 69.49 -9.45
CA LYS A 200 -24.57 69.11 -8.13
C LYS A 200 -25.05 70.31 -7.35
N ASN A 201 -24.44 71.47 -7.58
CA ASN A 201 -24.80 72.70 -6.90
C ASN A 201 -25.99 73.38 -7.57
N LYS A 202 -26.58 72.72 -8.57
CA LYS A 202 -27.76 73.18 -9.28
C LYS A 202 -27.53 74.48 -10.05
N HIS A 203 -26.36 74.63 -10.66
CA HIS A 203 -26.13 75.78 -11.52
C HIS A 203 -26.43 75.38 -12.96
N MET A 204 -26.32 74.08 -13.23
CA MET A 204 -26.58 73.47 -14.52
C MET A 204 -27.22 72.10 -14.29
N ASN A 205 -27.99 71.63 -15.25
CA ASN A 205 -28.55 70.29 -15.14
C ASN A 205 -27.63 69.26 -15.80
N ALA A 206 -28.01 67.99 -15.73
CA ALA A 206 -27.20 66.93 -16.33
C ALA A 206 -27.86 66.42 -17.62
N ASP A 207 -29.00 66.98 -17.97
CA ASP A 207 -29.78 66.54 -19.13
C ASP A 207 -30.06 67.67 -20.10
N THR A 208 -29.28 68.75 -20.03
CA THR A 208 -29.48 69.88 -20.94
C THR A 208 -28.76 69.66 -22.25
N ASP A 209 -29.52 69.65 -23.33
CA ASP A 209 -29.00 69.45 -24.68
C ASP A 209 -28.88 70.77 -25.43
N TYR A 210 -28.55 70.68 -26.72
CA TYR A 210 -28.35 71.85 -27.56
C TYR A 210 -29.61 72.69 -27.67
N SER A 211 -30.75 72.05 -27.94
CA SER A 211 -31.99 72.77 -28.17
C SER A 211 -32.45 73.52 -26.93
N ILE A 212 -32.31 72.89 -25.77
CA ILE A 212 -32.74 73.53 -24.53
C ILE A 212 -31.89 74.75 -24.24
N ALA A 213 -30.58 74.60 -24.35
CA ALA A 213 -29.68 75.71 -24.06
C ALA A 213 -29.91 76.89 -24.99
N GLU A 214 -30.13 76.61 -26.28
CA GLU A 214 -30.36 77.69 -27.23
C GLU A 214 -31.71 78.34 -27.00
N ALA A 215 -32.72 77.53 -26.70
CA ALA A 215 -34.05 78.06 -26.45
C ALA A 215 -34.05 78.96 -25.22
N ALA A 216 -33.36 78.53 -24.17
CA ALA A 216 -33.31 79.31 -22.95
C ALA A 216 -32.60 80.65 -23.19
N PHE A 217 -31.53 80.62 -23.98
CA PHE A 217 -30.79 81.84 -24.25
C PHE A 217 -31.59 82.81 -25.10
N ASN A 218 -32.20 82.32 -26.16
CA ASN A 218 -32.97 83.14 -27.07
C ASN A 218 -34.27 83.62 -26.43
N LYS A 219 -34.67 82.96 -25.35
CA LYS A 219 -35.88 83.33 -24.61
C LYS A 219 -35.60 84.39 -23.56
N GLY A 220 -34.40 84.37 -22.99
CA GLY A 220 -34.03 85.36 -21.97
C GLY A 220 -34.05 84.79 -20.55
N GLU A 221 -33.88 83.47 -20.41
CA GLU A 221 -33.84 82.84 -19.10
C GLU A 221 -32.43 82.72 -18.56
N THR A 222 -31.45 82.86 -19.45
CA THR A 222 -30.06 82.66 -19.09
C THR A 222 -29.22 83.86 -19.47
N ALA A 223 -28.19 84.12 -18.68
CA ALA A 223 -27.27 85.21 -18.97
C ALA A 223 -26.38 84.90 -20.16
N MET A 224 -26.04 83.63 -20.33
CA MET A 224 -25.10 83.23 -21.37
C MET A 224 -25.08 81.73 -21.62
N THR A 225 -24.62 81.37 -22.81
CA THR A 225 -24.38 79.98 -23.19
C THR A 225 -23.08 79.88 -23.99
N ILE A 226 -22.71 78.68 -24.39
CA ILE A 226 -21.49 78.49 -25.16
C ILE A 226 -21.80 77.87 -26.51
N ASN A 227 -21.32 78.49 -27.57
CA ASN A 227 -21.58 77.99 -28.91
C ASN A 227 -20.53 78.46 -29.91
N GLY A 228 -20.65 78.03 -31.15
CA GLY A 228 -19.72 78.45 -32.19
C GLY A 228 -20.43 79.34 -33.20
N PRO A 229 -19.68 79.90 -34.14
CA PRO A 229 -20.11 80.84 -35.16
C PRO A 229 -21.14 80.25 -36.08
N TRP A 230 -21.15 78.92 -36.19
CA TRP A 230 -22.07 78.22 -37.05
C TRP A 230 -23.51 78.38 -36.59
N ALA A 231 -23.68 78.75 -35.33
CA ALA A 231 -25.00 78.89 -34.75
C ALA A 231 -25.46 80.36 -34.68
N TRP A 232 -24.60 81.29 -35.06
CA TRP A 232 -24.93 82.71 -34.87
C TRP A 232 -26.16 83.13 -35.65
N SER A 233 -26.40 82.49 -36.79
CA SER A 233 -27.51 82.86 -37.65
C SER A 233 -28.87 82.62 -37.00
N ASN A 234 -28.91 81.79 -35.96
CA ASN A 234 -30.16 81.48 -35.29
C ASN A 234 -30.28 82.25 -33.97
N ILE A 235 -29.36 83.18 -33.75
CA ILE A 235 -29.35 83.96 -32.51
C ILE A 235 -29.84 85.39 -32.75
N ASP A 236 -30.06 85.75 -34.01
CA ASP A 236 -30.52 87.09 -34.36
C ASP A 236 -32.03 87.22 -34.27
N THR A 237 -32.75 86.11 -34.40
CA THR A 237 -34.20 86.14 -34.45
C THR A 237 -34.81 86.45 -33.09
N SER A 238 -34.00 86.33 -32.04
CA SER A 238 -34.44 86.62 -30.68
C SER A 238 -34.47 88.11 -30.41
N LYS A 239 -33.74 88.87 -31.22
CA LYS A 239 -33.60 90.30 -31.05
C LYS A 239 -33.04 90.66 -29.68
N VAL A 240 -32.21 89.77 -29.14
CA VAL A 240 -31.51 89.98 -27.90
C VAL A 240 -30.22 90.74 -28.12
N ASN A 241 -29.89 91.64 -27.21
CA ASN A 241 -28.63 92.36 -27.37
C ASN A 241 -27.50 91.45 -26.93
N TYR A 242 -27.08 90.60 -27.85
CA TYR A 242 -26.08 89.60 -27.52
C TYR A 242 -24.69 90.07 -27.90
N GLY A 243 -23.69 89.51 -27.22
CA GLY A 243 -22.30 89.76 -27.56
C GLY A 243 -21.52 88.46 -27.51
N VAL A 244 -20.32 88.48 -28.10
CA VAL A 244 -19.47 87.31 -28.09
C VAL A 244 -18.09 87.65 -27.56
N THR A 245 -17.60 86.84 -26.64
CA THR A 245 -16.30 87.09 -26.03
C THR A 245 -15.50 85.82 -25.76
N VAL A 246 -14.41 85.99 -25.02
CA VAL A 246 -13.49 84.92 -24.67
C VAL A 246 -13.96 84.22 -23.39
N LEU A 247 -13.93 82.88 -23.40
CA LEU A 247 -14.41 82.11 -22.26
C LEU A 247 -13.57 82.39 -21.02
N PRO A 248 -14.12 82.18 -19.81
CA PRO A 248 -13.50 82.41 -18.52
C PRO A 248 -12.29 81.51 -18.31
N THR A 249 -11.38 81.95 -17.45
CA THR A 249 -10.20 81.15 -17.11
C THR A 249 -10.48 80.20 -15.96
N PHE A 250 -9.59 79.22 -15.78
CA PHE A 250 -9.68 78.25 -14.70
C PHE A 250 -8.31 78.04 -14.09
N LYS A 251 -8.18 78.41 -12.82
CA LYS A 251 -6.89 78.32 -12.13
C LYS A 251 -5.79 79.05 -12.89
N GLY A 252 -6.13 80.19 -13.48
CA GLY A 252 -5.16 81.02 -14.18
C GLY A 252 -5.04 80.71 -15.67
N GLN A 253 -5.57 79.58 -16.12
CA GLN A 253 -5.45 79.21 -17.53
C GLN A 253 -6.73 79.49 -18.29
N PRO A 254 -6.64 79.86 -19.57
CA PRO A 254 -7.74 80.08 -20.48
C PRO A 254 -8.38 78.76 -20.83
N SER A 255 -9.63 78.80 -21.24
CA SER A 255 -10.28 77.58 -21.69
C SER A 255 -9.62 77.16 -22.98
N LYS A 256 -9.76 75.89 -23.34
CA LYS A 256 -9.17 75.43 -24.60
C LYS A 256 -10.15 74.65 -25.46
N PRO A 257 -11.03 75.32 -26.20
CA PRO A 257 -12.03 74.75 -27.07
C PRO A 257 -11.40 74.01 -28.22
N PHE A 258 -12.10 73.06 -28.78
CA PHE A 258 -11.59 72.41 -29.98
C PHE A 258 -11.64 73.41 -31.11
N VAL A 259 -10.56 73.53 -31.84
CA VAL A 259 -10.53 74.47 -32.94
C VAL A 259 -10.76 73.74 -34.25
N GLY A 260 -11.85 74.09 -34.93
CA GLY A 260 -12.25 73.45 -36.17
C GLY A 260 -11.84 74.30 -37.34
N VAL A 261 -10.92 73.80 -38.14
CA VAL A 261 -10.40 74.58 -39.25
C VAL A 261 -10.86 74.06 -40.60
N LEU A 262 -11.52 74.92 -41.34
CA LEU A 262 -11.96 74.62 -42.69
C LEU A 262 -10.75 74.72 -43.59
N SER A 263 -10.54 73.73 -44.46
CA SER A 263 -9.38 73.77 -45.35
C SER A 263 -9.69 73.25 -46.75
N ALA A 264 -8.88 73.66 -47.71
CA ALA A 264 -8.99 73.23 -49.10
C ALA A 264 -7.92 72.20 -49.43
N GLY A 265 -8.34 70.95 -49.58
CA GLY A 265 -7.41 69.87 -49.89
C GLY A 265 -7.29 69.70 -51.39
N ILE A 266 -6.27 68.98 -51.83
CA ILE A 266 -6.09 68.72 -53.26
C ILE A 266 -6.06 67.22 -53.55
N ASN A 267 -6.72 66.83 -54.63
CA ASN A 267 -6.81 65.42 -55.04
C ASN A 267 -5.46 64.89 -55.51
N ALA A 268 -4.99 63.82 -54.86
CA ALA A 268 -3.68 63.25 -55.13
C ALA A 268 -3.47 62.87 -56.59
N ALA A 269 -4.53 62.40 -57.25
CA ALA A 269 -4.41 61.87 -58.60
C ALA A 269 -4.44 62.96 -59.68
N SER A 270 -4.78 64.18 -59.32
CA SER A 270 -4.91 65.22 -60.33
C SER A 270 -3.56 65.79 -60.75
N PRO A 271 -3.37 66.03 -62.06
CA PRO A 271 -2.19 66.64 -62.65
C PRO A 271 -2.16 68.14 -62.37
N ASN A 272 -3.28 68.67 -61.90
CA ASN A 272 -3.41 70.10 -61.68
C ASN A 272 -2.80 70.48 -60.35
N LYS A 273 -1.52 70.21 -60.19
CA LYS A 273 -0.84 70.49 -58.93
C LYS A 273 -0.45 71.94 -58.87
N GLU A 274 0.18 72.42 -59.95
CA GLU A 274 0.59 73.81 -60.04
C GLU A 274 -0.64 74.70 -60.19
N LEU A 275 -1.62 74.19 -60.93
CA LEU A 275 -2.85 74.94 -61.17
C LEU A 275 -3.66 75.10 -59.90
N ALA A 276 -3.86 74.01 -59.18
CA ALA A 276 -4.62 74.10 -57.94
C ALA A 276 -3.85 74.95 -56.93
N LYS A 277 -2.53 74.81 -56.90
CA LYS A 277 -1.71 75.59 -55.99
C LYS A 277 -1.82 77.08 -56.28
N GLU A 278 -1.70 77.47 -57.54
CA GLU A 278 -1.74 78.89 -57.88
C GLU A 278 -3.12 79.47 -57.62
N PHE A 279 -4.16 78.70 -57.95
CA PHE A 279 -5.51 79.14 -57.68
C PHE A 279 -5.70 79.48 -56.21
N LEU A 280 -5.30 78.57 -55.34
CA LEU A 280 -5.47 78.79 -53.92
C LEU A 280 -4.46 79.81 -53.38
N GLU A 281 -3.22 79.72 -53.85
CA GLU A 281 -2.14 80.53 -53.31
C GLU A 281 -2.27 82.03 -53.54
N ASN A 282 -2.52 82.43 -54.79
CA ASN A 282 -2.51 83.86 -55.10
C ASN A 282 -3.85 84.45 -55.49
N TYR A 283 -4.92 83.68 -55.33
CA TYR A 283 -6.24 84.19 -55.67
C TYR A 283 -7.23 83.99 -54.54
N LEU A 284 -7.51 82.74 -54.20
CA LEU A 284 -8.48 82.51 -53.14
C LEU A 284 -7.96 82.94 -51.78
N LEU A 285 -6.72 82.56 -51.43
CA LEU A 285 -6.23 82.93 -50.11
C LEU A 285 -5.59 84.31 -50.13
N THR A 286 -6.42 85.29 -50.47
CA THR A 286 -6.08 86.70 -50.49
C THR A 286 -7.23 87.47 -49.86
N ASP A 287 -7.00 88.75 -49.56
CA ASP A 287 -8.07 89.55 -48.99
C ASP A 287 -9.25 89.67 -49.94
N GLU A 288 -8.95 89.82 -51.23
CA GLU A 288 -9.98 89.96 -52.24
C GLU A 288 -10.74 88.67 -52.44
N GLY A 289 -10.00 87.56 -52.44
CA GLY A 289 -10.59 86.24 -52.63
C GLY A 289 -11.53 85.91 -51.47
N LEU A 290 -11.12 86.29 -50.26
CA LEU A 290 -11.92 85.99 -49.09
C LEU A 290 -13.14 86.88 -49.01
N GLU A 291 -13.03 88.12 -49.48
CA GLU A 291 -14.21 88.99 -49.51
C GLU A 291 -15.21 88.43 -50.52
N ALA A 292 -14.70 87.91 -51.64
CA ALA A 292 -15.56 87.33 -52.66
C ALA A 292 -16.38 86.19 -52.07
N VAL A 293 -15.79 85.45 -51.13
CA VAL A 293 -16.48 84.36 -50.48
C VAL A 293 -17.41 84.84 -49.38
N ASN A 294 -16.86 85.68 -48.50
CA ASN A 294 -17.53 86.17 -47.31
C ASN A 294 -18.78 86.97 -47.63
N LYS A 295 -18.79 87.66 -48.77
CA LYS A 295 -19.94 88.49 -49.13
C LYS A 295 -21.21 87.67 -49.28
N ASP A 296 -21.08 86.39 -49.62
CA ASP A 296 -22.27 85.57 -49.82
C ASP A 296 -22.65 84.88 -48.53
N LYS A 297 -21.64 84.47 -47.78
CA LYS A 297 -21.88 83.80 -46.51
C LYS A 297 -20.72 84.03 -45.55
N PRO A 298 -20.94 84.68 -44.41
CA PRO A 298 -19.95 85.00 -43.40
C PRO A 298 -19.16 83.77 -43.01
N LEU A 299 -17.84 83.90 -43.01
CA LEU A 299 -16.94 82.80 -42.68
C LEU A 299 -16.51 82.79 -41.22
N GLY A 300 -16.95 83.79 -40.47
CA GLY A 300 -16.49 83.95 -39.10
C GLY A 300 -15.01 84.31 -39.10
N ALA A 301 -14.21 83.61 -38.31
CA ALA A 301 -12.78 83.88 -38.29
C ALA A 301 -12.12 83.21 -39.49
N VAL A 302 -11.21 83.92 -40.13
CA VAL A 302 -10.57 83.44 -41.34
C VAL A 302 -9.07 83.21 -41.17
N ALA A 303 -8.51 82.27 -41.95
CA ALA A 303 -7.10 81.90 -41.89
C ALA A 303 -6.15 83.06 -42.22
N LEU A 304 -6.61 84.01 -43.04
CA LEU A 304 -5.76 85.12 -43.47
C LEU A 304 -5.47 86.11 -42.36
N LYS A 305 -4.19 86.45 -42.18
CA LYS A 305 -3.82 87.43 -41.17
C LYS A 305 -4.41 88.80 -41.47
N SER A 306 -4.30 89.22 -42.72
CA SER A 306 -4.74 90.55 -43.12
C SER A 306 -6.26 90.68 -43.14
N TYR A 307 -6.93 89.61 -43.56
CA TYR A 307 -8.38 89.64 -43.68
C TYR A 307 -9.02 89.77 -42.29
N GLU A 308 -8.48 89.05 -41.31
CA GLU A 308 -9.00 89.17 -39.95
C GLU A 308 -8.81 90.56 -39.38
N GLU A 309 -7.71 91.22 -39.73
CA GLU A 309 -7.52 92.58 -39.26
C GLU A 309 -8.57 93.48 -39.88
N GLU A 310 -8.88 93.26 -41.16
CA GLU A 310 -9.91 94.04 -41.84
C GLU A 310 -11.29 93.79 -41.23
N LEU A 311 -11.53 92.56 -40.78
CA LEU A 311 -12.82 92.19 -40.21
C LEU A 311 -12.86 92.31 -38.69
N VAL A 312 -11.82 92.90 -38.10
CA VAL A 312 -11.74 93.07 -36.65
C VAL A 312 -12.86 93.99 -36.17
N LYS A 313 -13.48 94.68 -37.11
CA LYS A 313 -14.59 95.58 -36.85
C LYS A 313 -15.75 94.86 -36.16
N ASP A 314 -15.79 93.53 -36.30
CA ASP A 314 -16.81 92.73 -35.65
C ASP A 314 -16.18 91.89 -34.53
N PRO A 315 -16.36 92.29 -33.26
CA PRO A 315 -15.77 91.69 -32.07
C PRO A 315 -16.09 90.21 -31.95
N ARG A 316 -17.15 89.76 -32.62
CA ARG A 316 -17.53 88.36 -32.54
C ARG A 316 -16.49 87.52 -33.25
N ILE A 317 -15.96 88.07 -34.33
CA ILE A 317 -14.99 87.38 -35.14
C ILE A 317 -13.65 87.44 -34.44
N ALA A 318 -13.33 88.62 -33.91
CA ALA A 318 -12.08 88.79 -33.20
C ALA A 318 -12.01 87.85 -32.01
N ALA A 319 -13.12 87.73 -31.26
CA ALA A 319 -13.14 86.85 -30.11
C ALA A 319 -12.95 85.40 -30.53
N THR A 320 -13.59 85.01 -31.64
CA THR A 320 -13.47 83.65 -32.14
C THR A 320 -12.03 83.34 -32.50
N MET A 321 -11.39 84.26 -33.20
CA MET A 321 -10.00 84.08 -33.61
C MET A 321 -9.11 83.98 -32.38
N GLU A 322 -9.33 84.84 -31.40
CA GLU A 322 -8.54 84.82 -30.17
C GLU A 322 -8.72 83.52 -29.42
N ASN A 323 -9.95 83.01 -29.41
CA ASN A 323 -10.22 81.74 -28.75
C ASN A 323 -9.47 80.63 -29.46
N ALA A 324 -9.44 80.70 -30.78
CA ALA A 324 -8.75 79.70 -31.58
C ALA A 324 -7.25 79.72 -31.30
N GLN A 325 -6.68 80.91 -31.12
CA GLN A 325 -5.26 81.02 -30.80
C GLN A 325 -4.96 80.34 -29.48
N LYS A 326 -5.88 80.47 -28.52
CA LYS A 326 -5.70 79.91 -27.20
C LYS A 326 -6.22 78.48 -27.10
N GLY A 327 -6.94 78.03 -28.13
CA GLY A 327 -7.58 76.73 -28.12
C GLY A 327 -6.65 75.60 -28.54
N GLU A 328 -7.25 74.45 -28.81
CA GLU A 328 -6.53 73.24 -29.18
C GLU A 328 -6.94 72.79 -30.58
N ILE A 329 -5.98 72.59 -31.47
CA ILE A 329 -6.35 72.14 -32.81
C ILE A 329 -6.98 70.77 -32.69
N MET A 330 -8.17 70.63 -33.28
CA MET A 330 -8.88 69.36 -33.20
C MET A 330 -8.16 68.33 -34.05
N PRO A 331 -7.58 67.28 -33.46
CA PRO A 331 -6.74 66.30 -34.12
C PRO A 331 -7.46 65.71 -35.32
N ASN A 332 -6.71 65.43 -36.37
CA ASN A 332 -7.27 64.91 -37.61
C ASN A 332 -7.02 63.41 -37.74
N ILE A 333 -6.64 62.78 -36.66
CA ILE A 333 -6.36 61.37 -36.69
C ILE A 333 -7.65 60.58 -36.48
N PRO A 334 -7.83 59.46 -37.19
CA PRO A 334 -9.03 58.64 -37.19
C PRO A 334 -9.37 58.12 -35.81
N GLN A 335 -8.38 58.11 -34.92
CA GLN A 335 -8.58 57.67 -33.54
C GLN A 335 -9.52 58.60 -32.79
N MET A 336 -9.77 59.78 -33.33
CA MET A 336 -10.68 60.71 -32.69
C MET A 336 -12.07 60.11 -32.56
N SER A 337 -12.42 59.17 -33.44
CA SER A 337 -13.74 58.59 -33.34
C SER A 337 -13.89 57.83 -32.02
N ALA A 338 -12.80 57.23 -31.56
CA ALA A 338 -12.80 56.51 -30.29
C ALA A 338 -12.80 57.51 -29.16
N PHE A 339 -12.07 58.60 -29.34
CA PHE A 339 -12.00 59.65 -28.34
C PHE A 339 -13.37 60.24 -28.12
N TRP A 340 -14.05 60.62 -29.20
CA TRP A 340 -15.36 61.24 -29.07
C TRP A 340 -16.29 60.33 -28.31
N TYR A 341 -16.24 59.04 -28.59
CA TYR A 341 -17.05 58.09 -27.84
C TYR A 341 -16.63 58.07 -26.38
N ALA A 342 -15.31 58.02 -26.15
CA ALA A 342 -14.76 57.96 -24.81
C ALA A 342 -15.21 59.13 -23.94
N VAL A 343 -15.27 60.32 -24.53
CA VAL A 343 -15.73 61.46 -23.74
C VAL A 343 -17.26 61.48 -23.62
N ARG A 344 -17.96 61.07 -24.67
CA ARG A 344 -19.43 61.03 -24.61
C ARG A 344 -19.91 60.19 -23.43
N THR A 345 -19.24 59.07 -23.19
CA THR A 345 -19.63 58.19 -22.11
C THR A 345 -18.93 58.54 -20.81
N ALA A 346 -18.12 59.59 -20.84
CA ALA A 346 -17.41 60.03 -19.65
C ALA A 346 -18.18 61.14 -18.96
N VAL A 347 -18.48 62.19 -19.70
CA VAL A 347 -19.10 63.37 -19.14
C VAL A 347 -20.53 63.11 -18.69
N ILE A 348 -21.30 62.39 -19.51
CA ILE A 348 -22.69 62.13 -19.16
C ILE A 348 -22.80 61.26 -17.92
N ASN A 349 -21.94 60.25 -17.83
CA ASN A 349 -21.97 59.36 -16.67
C ASN A 349 -21.32 60.01 -15.45
N ALA A 350 -20.30 60.83 -15.67
CA ALA A 350 -19.64 61.52 -14.57
C ALA A 350 -20.59 62.48 -13.89
N ALA A 351 -21.46 63.10 -14.68
CA ALA A 351 -22.44 64.05 -14.16
C ALA A 351 -23.38 63.38 -13.17
N SER A 352 -23.74 62.13 -13.44
CA SER A 352 -24.67 61.41 -12.57
C SER A 352 -24.55 59.89 -12.73
N GLY A 353 -24.40 59.19 -11.60
CA GLY A 353 -24.33 57.73 -11.59
C GLY A 353 -22.98 57.19 -11.13
N ARG A 354 -21.96 58.03 -11.13
CA ARG A 354 -20.63 57.63 -10.68
C ARG A 354 -19.77 58.86 -10.39
N GLN A 355 -18.60 58.66 -9.80
CA GLN A 355 -17.69 59.76 -9.55
C GLN A 355 -16.72 59.95 -10.70
N THR A 356 -16.08 61.12 -10.75
CA THR A 356 -15.12 61.43 -11.81
C THR A 356 -13.88 60.57 -11.69
N VAL A 357 -13.56 60.13 -10.48
CA VAL A 357 -12.45 59.22 -10.28
C VAL A 357 -12.82 57.82 -10.73
N ASP A 358 -14.11 57.48 -10.61
CA ASP A 358 -14.60 56.17 -11.01
C ASP A 358 -14.62 56.04 -12.52
N GLU A 359 -15.01 57.13 -13.17
CA GLU A 359 -15.20 57.14 -14.61
C GLU A 359 -13.98 56.66 -15.40
N ALA A 360 -12.80 57.11 -14.99
CA ALA A 360 -11.60 56.78 -15.74
C ALA A 360 -10.96 55.48 -15.26
N LEU A 361 -11.52 54.85 -14.24
CA LEU A 361 -10.85 53.70 -13.66
C LEU A 361 -11.26 52.37 -14.31
N LYS A 362 -10.99 52.25 -15.60
CA LYS A 362 -11.18 51.02 -16.37
C LYS A 362 -12.54 50.38 -16.19
N ASP A 363 -13.57 51.16 -15.88
CA ASP A 363 -14.88 50.57 -15.59
C ASP A 363 -14.71 49.41 -14.62
N ALA A 364 -14.01 49.66 -13.52
CA ALA A 364 -13.68 48.66 -12.53
C ALA A 364 -14.93 48.01 -11.95
N GLN A 365 -16.06 48.70 -12.02
CA GLN A 365 -17.28 48.13 -11.49
C GLN A 365 -17.86 47.12 -12.46
N THR A 366 -17.27 45.93 -12.43
CA THR A 366 -17.59 44.83 -13.33
C THR A 366 -18.80 44.04 -12.85
N TYR A 367 -19.56 44.67 -11.96
CA TYR A 367 -20.78 44.15 -11.36
C TYR A 367 -20.52 43.01 -10.38
N ARG A 368 -19.85 41.97 -10.83
CA ARG A 368 -19.57 40.85 -9.93
C ARG A 368 -19.00 41.38 -8.62
N LYS A 369 -17.98 42.23 -8.71
CA LYS A 369 -17.36 42.79 -7.52
C LYS A 369 -18.26 43.79 -6.84
N LYS A 370 -19.00 44.57 -7.63
CA LYS A 370 -19.90 45.58 -7.09
C LYS A 370 -20.91 44.92 -6.16
N TYR A 371 -21.46 43.80 -6.62
CA TYR A 371 -22.43 43.05 -5.86
C TYR A 371 -21.79 42.42 -4.63
N ARG A 372 -20.64 41.79 -4.81
CA ARG A 372 -19.98 41.17 -3.66
C ARG A 372 -19.72 42.20 -2.57
N LYS A 373 -19.29 43.40 -2.96
CA LYS A 373 -19.04 44.44 -1.99
C LYS A 373 -20.34 44.92 -1.36
N TYR A 374 -21.39 45.04 -2.16
CA TYR A 374 -22.70 45.42 -1.64
C TYR A 374 -23.10 44.46 -0.52
N VAL A 375 -22.97 43.17 -0.79
CA VAL A 375 -23.27 42.13 0.18
C VAL A 375 -22.32 42.23 1.38
N ARG A 376 -21.04 42.44 1.10
CA ARG A 376 -20.03 42.54 2.14
C ARG A 376 -20.38 43.62 3.15
N SER A 377 -20.96 44.72 2.67
CA SER A 377 -21.37 45.81 3.54
C SER A 377 -22.70 45.54 4.22
N ARG A 378 -23.68 45.12 3.42
CA ARG A 378 -25.05 44.96 3.90
C ARG A 378 -25.18 43.98 5.05
N PHE A 379 -24.36 42.94 5.07
CA PHE A 379 -24.50 41.91 6.10
C PHE A 379 -23.43 41.94 7.19
N GLN A 380 -22.84 43.11 7.47
CA GLN A 380 -21.90 43.21 8.59
C GLN A 380 -22.61 43.30 9.94
N CYS A 381 -23.88 43.68 9.90
CA CYS A 381 -24.69 43.77 11.11
C CYS A 381 -25.63 42.56 11.19
N ILE A 382 -25.88 42.07 12.40
CA ILE A 382 -26.68 40.87 12.60
C ILE A 382 -28.12 41.04 12.14
N GLU A 383 -28.66 42.25 12.24
CA GLU A 383 -30.02 42.54 11.81
C GLU A 383 -30.10 43.60 10.71
N ASP A 384 -29.24 44.62 10.80
CA ASP A 384 -29.24 45.75 9.85
C ASP A 384 -30.61 46.41 9.76
N ARG A 385 -31.20 46.68 10.91
CA ARG A 385 -32.51 47.30 11.00
C ARG A 385 -32.68 47.93 12.38
N ASN A 386 -33.90 48.31 12.73
CA ASN A 386 -34.18 48.94 14.03
C ASN A 386 -34.30 47.88 15.13
N ALA A 387 -34.55 48.33 16.37
CA ALA A 387 -34.74 47.48 17.55
C ALA A 387 -33.45 46.84 18.07
N ARG A 388 -32.53 47.67 18.59
CA ARG A 388 -31.33 47.18 19.29
C ARG A 388 -30.89 48.14 20.39
N LEU A 389 -31.84 48.69 21.13
CA LEU A 389 -31.54 49.58 22.25
C LEU A 389 -30.59 50.72 21.86
N GLY A 390 -30.93 51.43 20.78
CA GLY A 390 -30.09 52.53 20.29
C GLY A 390 -29.61 52.27 18.87
N GLU A 391 -29.93 51.09 18.35
CA GLU A 391 -29.62 50.66 16.99
C GLU A 391 -28.11 50.58 16.70
N SER A 392 -27.31 50.27 17.72
CA SER A 392 -25.89 50.15 17.52
C SER A 392 -25.58 48.96 16.63
N VAL A 393 -24.49 49.04 15.89
CA VAL A 393 -24.10 47.91 15.06
C VAL A 393 -23.66 46.76 15.97
N SER A 394 -24.24 45.60 15.73
CA SER A 394 -24.00 44.43 16.57
C SER A 394 -22.62 43.83 16.37
N LEU A 395 -22.08 43.96 15.16
CA LEU A 395 -20.80 43.38 14.79
C LEU A 395 -20.94 41.87 14.67
N ASN A 396 -21.02 41.36 13.44
CA ASN A 396 -21.22 39.91 13.24
C ASN A 396 -20.06 39.07 13.74
N LYS A 397 -19.02 39.72 14.24
CA LYS A 397 -17.93 39.02 14.90
C LYS A 397 -18.43 38.35 16.18
N ARG A 398 -19.60 38.78 16.65
CA ARG A 398 -20.24 38.23 17.84
C ARG A 398 -20.79 36.84 17.59
N TYR A 399 -20.87 36.45 16.32
CA TYR A 399 -21.43 35.15 15.98
C TYR A 399 -20.71 34.03 16.69
N THR A 400 -21.48 33.18 17.33
CA THR A 400 -20.94 32.03 18.03
C THR A 400 -21.29 30.78 17.22
N ARG A 401 -20.29 29.97 16.95
CA ARG A 401 -20.45 28.82 16.06
C ARG A 401 -21.57 27.88 16.50
N LEU A 402 -22.43 27.56 15.54
CA LEU A 402 -23.53 26.62 15.73
C LEU A 402 -23.07 25.24 15.31
N ARG A 403 -23.69 24.20 15.85
CA ARG A 403 -23.33 22.85 15.47
C ARG A 403 -24.07 22.41 14.21
N LEU A 404 -23.32 22.00 13.20
CA LEU A 404 -23.94 21.54 11.97
C LEU A 404 -23.64 20.08 11.72
N ILE A 405 -24.68 19.27 11.60
CA ILE A 405 -24.48 17.84 11.35
C ILE A 405 -25.34 17.39 10.18
N LYS A 406 -24.90 16.33 9.51
CA LYS A 406 -25.71 15.76 8.45
C LYS A 406 -26.85 14.98 9.05
N GLU A 407 -28.03 15.05 8.42
CA GLU A 407 -29.16 14.30 8.93
C GLU A 407 -28.86 12.81 8.94
N SER A 432 -20.31 12.94 12.75
CA SER A 432 -19.28 13.97 12.75
C SER A 432 -19.86 15.32 12.29
N PRO A 433 -19.37 16.43 12.85
CA PRO A 433 -19.75 17.79 12.51
C PRO A 433 -19.20 18.17 11.16
N ILE A 434 -19.84 19.14 10.51
CA ILE A 434 -19.40 19.58 9.20
C ILE A 434 -19.10 21.07 9.15
N LYS A 435 -18.46 21.49 8.08
CA LYS A 435 -18.12 22.89 7.85
C LYS A 435 -19.01 23.46 6.75
N MET A 436 -19.10 24.78 6.68
CA MET A 436 -19.87 25.41 5.59
C MET A 436 -19.18 25.16 4.26
N GLU A 437 -17.87 25.08 4.28
CA GLU A 437 -17.16 24.77 3.05
C GLU A 437 -17.32 23.30 2.74
N LEU A 438 -17.24 22.94 1.47
CA LEU A 438 -17.44 21.56 1.01
C LEU A 438 -18.91 21.13 1.12
N LEU A 439 -19.78 22.04 1.55
CA LEU A 439 -21.19 21.75 1.75
C LEU A 439 -21.89 21.27 0.49
N PHE A 440 -21.50 21.80 -0.66
CA PHE A 440 -22.14 21.47 -1.92
C PHE A 440 -21.37 20.44 -2.73
N ASP A 441 -20.27 19.94 -2.17
CA ASP A 441 -19.44 18.97 -2.88
C ASP A 441 -20.12 17.61 -2.94
N PRO A 442 -19.74 16.78 -3.91
CA PRO A 442 -20.10 15.38 -4.01
C PRO A 442 -19.75 14.64 -2.75
N ASP A 443 -20.52 13.62 -2.43
CA ASP A 443 -20.26 12.85 -1.21
C ASP A 443 -19.11 11.89 -1.49
N ASP A 444 -18.90 10.94 -0.59
CA ASP A 444 -17.78 10.01 -0.68
C ASP A 444 -17.30 9.77 -2.11
N GLU A 445 -18.23 9.49 -3.03
CA GLU A 445 -17.84 9.14 -4.38
C GLU A 445 -18.98 9.24 -5.38
N HIS A 446 -18.86 8.53 -6.51
CA HIS A 446 -19.85 8.53 -7.58
C HIS A 446 -19.89 9.84 -8.38
N SER A 447 -19.00 10.77 -8.04
CA SER A 447 -18.96 12.06 -8.73
C SER A 447 -20.35 12.69 -8.82
N GLU A 448 -21.12 12.61 -7.74
CA GLU A 448 -22.48 13.15 -7.72
C GLU A 448 -22.62 14.35 -6.78
N PRO A 449 -22.61 15.57 -7.32
CA PRO A 449 -22.65 16.85 -6.61
C PRO A 449 -24.05 17.09 -6.10
N VAL A 450 -24.19 17.98 -5.13
CA VAL A 450 -25.52 18.31 -4.66
C VAL A 450 -25.89 19.73 -4.97
N HIS A 451 -27.04 19.91 -5.58
CA HIS A 451 -27.51 21.24 -5.91
C HIS A 451 -28.35 21.84 -4.80
N THR A 452 -29.06 20.98 -4.07
CA THR A 452 -29.96 21.46 -3.03
C THR A 452 -29.55 21.03 -1.64
N VAL A 453 -29.40 22.01 -0.77
CA VAL A 453 -29.03 21.77 0.62
C VAL A 453 -30.07 22.38 1.54
N VAL A 454 -30.55 21.61 2.51
CA VAL A 454 -31.58 22.12 3.39
C VAL A 454 -31.12 22.14 4.84
N PHE A 455 -31.23 23.31 5.45
CA PHE A 455 -30.88 23.51 6.84
C PHE A 455 -32.11 23.57 7.71
N GLN A 456 -32.31 22.53 8.51
CA GLN A 456 -33.48 22.46 9.34
C GLN A 456 -33.10 22.69 10.78
N GLY A 457 -34.00 23.32 11.52
CA GLY A 457 -33.76 23.54 12.93
C GLY A 457 -34.91 24.33 13.52
N ALA A 458 -34.99 24.32 14.84
CA ALA A 458 -36.08 24.97 15.52
C ALA A 458 -36.03 26.47 15.35
N ALA A 459 -37.17 27.10 15.46
CA ALA A 459 -37.20 28.54 15.39
C ALA A 459 -36.33 29.10 16.49
N GLY A 460 -35.47 30.05 16.17
CA GLY A 460 -34.61 30.65 17.17
C GLY A 460 -33.29 29.90 17.30
N ILE A 461 -33.10 28.89 16.46
CA ILE A 461 -31.87 28.11 16.51
C ILE A 461 -30.73 28.82 15.80
N GLY A 462 -31.05 29.82 14.97
CA GLY A 462 -30.03 30.55 14.24
C GLY A 462 -30.03 30.30 12.73
N LYS A 463 -31.18 29.96 12.18
CA LYS A 463 -31.29 29.68 10.75
C LYS A 463 -30.90 30.88 9.90
N THR A 464 -31.39 32.05 10.29
CA THR A 464 -31.18 33.26 9.49
C THR A 464 -29.81 33.81 9.77
N ILE A 465 -29.36 33.64 10.99
CA ILE A 465 -28.07 34.17 11.38
C ILE A 465 -26.99 33.44 10.63
N LEU A 466 -27.16 32.12 10.51
CA LEU A 466 -26.20 31.33 9.77
C LEU A 466 -26.16 31.76 8.31
N ALA A 467 -27.33 31.95 7.69
CA ALA A 467 -27.37 32.36 6.30
C ALA A 467 -26.70 33.71 6.10
N ARG A 468 -26.93 34.63 7.03
CA ARG A 468 -26.32 35.95 6.93
C ARG A 468 -24.82 35.87 7.10
N LYS A 469 -24.37 35.05 8.04
CA LYS A 469 -22.94 34.87 8.24
C LYS A 469 -22.31 34.26 7.01
N MET A 470 -23.01 33.29 6.42
CA MET A 470 -22.52 32.62 5.24
C MET A 470 -22.29 33.61 4.10
N MET A 471 -23.26 34.49 3.89
CA MET A 471 -23.13 35.49 2.84
C MET A 471 -21.99 36.46 3.10
N LEU A 472 -21.83 36.86 4.35
CA LEU A 472 -20.76 37.79 4.68
C LEU A 472 -19.41 37.12 4.42
N ASP A 473 -19.27 35.86 4.83
CA ASP A 473 -18.02 35.15 4.63
C ASP A 473 -17.72 34.98 3.15
N TRP A 474 -18.74 34.68 2.37
CA TRP A 474 -18.56 34.58 0.93
C TRP A 474 -18.15 35.90 0.33
N ALA A 475 -18.85 36.97 0.70
CA ALA A 475 -18.56 38.28 0.14
C ALA A 475 -17.13 38.70 0.43
N SER A 476 -16.64 38.30 1.61
CA SER A 476 -15.28 38.63 2.04
C SER A 476 -14.24 37.71 1.41
N GLY A 477 -14.69 36.72 0.64
CA GLY A 477 -13.79 35.80 -0.04
C GLY A 477 -13.24 34.70 0.86
N THR A 478 -14.01 34.33 1.90
CA THR A 478 -13.54 33.31 2.82
C THR A 478 -14.33 32.00 2.69
N LEU A 479 -15.29 31.98 1.77
CA LEU A 479 -16.15 30.81 1.60
C LEU A 479 -16.71 30.70 0.17
N TYR A 480 -16.58 29.52 -0.44
CA TYR A 480 -17.10 29.27 -1.79
C TYR A 480 -16.52 30.22 -2.83
N GLN A 481 -15.25 30.60 -2.66
CA GLN A 481 -14.64 31.59 -3.55
C GLN A 481 -14.63 31.14 -4.99
N ASP A 482 -14.43 29.84 -5.20
CA ASP A 482 -14.32 29.29 -6.54
C ASP A 482 -15.65 28.75 -7.07
N ARG A 483 -16.51 28.31 -6.17
CA ARG A 483 -17.73 27.63 -6.57
C ARG A 483 -18.83 28.57 -7.06
N PHE A 484 -19.05 29.68 -6.36
CA PHE A 484 -20.12 30.58 -6.76
C PHE A 484 -19.61 32.01 -6.88
N ASP A 485 -19.96 32.70 -7.96
CA ASP A 485 -19.58 34.10 -8.02
C ASP A 485 -20.75 35.01 -7.64
N TYR A 486 -21.91 34.40 -7.39
CA TYR A 486 -23.06 35.16 -6.89
C TYR A 486 -23.85 34.40 -5.84
N LEU A 487 -24.30 35.11 -4.81
CA LEU A 487 -25.27 34.57 -3.86
C LEU A 487 -26.50 35.45 -3.85
N PHE A 488 -27.66 34.87 -4.10
CA PHE A 488 -28.88 35.65 -4.14
C PHE A 488 -29.75 35.33 -2.95
N TYR A 489 -29.93 36.32 -2.09
CA TYR A 489 -30.68 36.11 -0.86
C TYR A 489 -32.15 36.30 -1.06
N ILE A 490 -32.91 35.26 -0.75
CA ILE A 490 -34.36 35.31 -0.83
C ILE A 490 -34.92 35.27 0.58
N HIS A 491 -35.50 36.38 1.01
CA HIS A 491 -36.02 36.43 2.35
C HIS A 491 -37.49 36.06 2.29
N CYS A 492 -37.83 34.90 2.81
CA CYS A 492 -39.18 34.37 2.65
C CYS A 492 -40.20 35.20 3.40
N ARG A 493 -39.70 36.03 4.30
CA ARG A 493 -40.53 36.94 5.07
C ARG A 493 -41.03 38.07 4.19
N GLU A 494 -40.30 38.35 3.13
CA GLU A 494 -40.60 39.48 2.26
C GLU A 494 -41.31 39.02 1.00
N VAL A 495 -41.07 37.79 0.59
CA VAL A 495 -41.68 37.26 -0.63
C VAL A 495 -43.14 36.88 -0.42
N SER A 496 -44.00 37.39 -1.28
CA SER A 496 -45.41 37.06 -1.26
C SER A 496 -45.70 35.91 -2.20
N LEU A 497 -46.48 34.96 -1.75
CA LEU A 497 -46.84 33.80 -2.56
C LEU A 497 -47.90 34.14 -3.59
N VAL A 498 -48.61 35.25 -3.37
CA VAL A 498 -49.73 35.59 -4.24
C VAL A 498 -49.45 36.77 -5.16
N THR A 499 -48.41 37.53 -4.88
CA THR A 499 -48.05 38.64 -5.73
C THR A 499 -47.36 38.12 -6.99
N GLN A 500 -47.85 38.53 -8.16
CA GLN A 500 -47.29 38.07 -9.42
C GLN A 500 -45.99 38.78 -9.75
N ARG A 501 -44.99 38.00 -10.16
CA ARG A 501 -43.71 38.56 -10.56
C ARG A 501 -42.90 37.57 -11.37
N SER A 502 -42.01 38.09 -12.20
CA SER A 502 -41.01 37.27 -12.89
C SER A 502 -39.89 37.06 -11.92
N LEU A 503 -38.79 36.45 -12.34
CA LEU A 503 -37.72 36.24 -11.39
C LEU A 503 -36.95 37.55 -11.21
N GLY A 504 -37.64 38.51 -10.59
CA GLY A 504 -37.14 39.85 -10.35
C GLY A 504 -36.55 39.94 -8.96
N ASP A 505 -36.54 38.80 -8.27
CA ASP A 505 -35.96 38.72 -6.95
C ASP A 505 -34.45 38.91 -7.08
N LEU A 506 -33.96 38.68 -8.30
CA LEU A 506 -32.58 38.89 -8.66
C LEU A 506 -32.27 40.38 -8.66
N ILE A 507 -33.31 41.20 -8.70
CA ILE A 507 -33.19 42.65 -8.68
C ILE A 507 -33.45 43.16 -7.27
N MET A 508 -34.51 42.66 -6.64
CA MET A 508 -34.93 43.16 -5.34
C MET A 508 -33.86 42.94 -4.27
N SER A 509 -33.10 41.87 -4.40
CA SER A 509 -32.06 41.56 -3.43
C SER A 509 -30.68 41.95 -3.96
N CYS A 510 -30.66 42.83 -4.95
CA CYS A 510 -29.41 43.21 -5.58
C CYS A 510 -28.93 44.59 -5.10
N CYS A 511 -27.80 45.01 -5.65
CA CYS A 511 -27.26 46.33 -5.37
C CYS A 511 -28.33 47.36 -5.73
N PRO A 512 -28.14 48.64 -5.35
CA PRO A 512 -29.10 49.74 -5.49
C PRO A 512 -29.54 49.98 -6.92
N ASP A 513 -28.75 49.53 -7.88
CA ASP A 513 -29.06 49.74 -9.28
C ASP A 513 -30.27 48.92 -9.67
N PRO A 514 -31.39 49.57 -10.06
CA PRO A 514 -32.68 48.99 -10.38
C PRO A 514 -32.67 48.25 -11.71
N ASN A 515 -31.56 48.38 -12.44
CA ASN A 515 -31.42 47.70 -13.72
C ASN A 515 -30.08 47.00 -13.84
N PRO A 516 -29.84 45.96 -13.03
CA PRO A 516 -28.64 45.16 -13.00
C PRO A 516 -28.62 44.27 -14.24
N PRO A 517 -27.47 43.71 -14.59
CA PRO A 517 -27.23 42.86 -15.74
C PRO A 517 -27.87 41.48 -15.58
N ILE A 518 -29.18 41.47 -15.54
CA ILE A 518 -29.97 40.27 -15.38
C ILE A 518 -29.77 39.29 -16.54
N HIS A 519 -29.53 39.83 -17.73
CA HIS A 519 -29.37 39.00 -18.90
C HIS A 519 -27.93 38.57 -19.16
N LYS A 520 -27.05 38.81 -18.19
CA LYS A 520 -25.65 38.42 -18.34
C LYS A 520 -25.36 37.10 -17.64
N ILE A 521 -24.14 36.95 -17.11
CA ILE A 521 -23.66 35.70 -16.53
C ILE A 521 -24.54 35.22 -15.39
N VAL A 522 -25.31 36.12 -14.82
CA VAL A 522 -26.22 35.73 -13.75
C VAL A 522 -27.27 34.74 -14.24
N ARG A 523 -27.39 34.58 -15.56
CA ARG A 523 -28.30 33.58 -16.13
C ARG A 523 -27.62 32.22 -16.20
N LYS A 524 -26.31 32.19 -16.01
CA LYS A 524 -25.54 30.96 -16.15
C LYS A 524 -25.53 30.18 -14.84
N PRO A 525 -26.15 29.00 -14.82
CA PRO A 525 -26.34 28.16 -13.66
C PRO A 525 -25.05 27.49 -13.28
N SER A 526 -24.99 26.97 -12.07
CA SER A 526 -23.86 26.22 -11.51
C SER A 526 -22.84 27.13 -10.84
N ARG A 527 -22.88 28.41 -11.18
CA ARG A 527 -22.00 29.38 -10.53
C ARG A 527 -22.78 30.32 -9.63
N ILE A 528 -24.09 30.09 -9.56
CA ILE A 528 -24.95 30.92 -8.73
C ILE A 528 -25.63 30.06 -7.67
N LEU A 529 -25.74 30.62 -6.46
CA LEU A 529 -26.42 29.95 -5.35
C LEU A 529 -27.48 30.84 -4.72
N PHE A 530 -28.68 30.28 -4.59
CA PHE A 530 -29.78 30.99 -3.96
C PHE A 530 -29.90 30.58 -2.50
N LEU A 531 -30.16 31.54 -1.63
CA LEU A 531 -30.42 31.22 -0.23
C LEU A 531 -31.86 31.54 0.10
N MET A 532 -32.66 30.52 0.29
CA MET A 532 -34.08 30.70 0.55
C MET A 532 -34.32 30.59 2.05
N ASP A 533 -34.32 31.73 2.70
CA ASP A 533 -34.26 31.79 4.15
C ASP A 533 -35.63 31.86 4.80
N GLY A 534 -36.00 30.79 5.50
CA GLY A 534 -37.28 30.73 6.20
C GLY A 534 -38.42 30.23 5.33
N PHE A 535 -38.26 29.04 4.76
CA PHE A 535 -39.32 28.45 3.94
C PHE A 535 -40.65 28.51 4.67
N ASP A 536 -40.61 28.22 5.97
CA ASP A 536 -41.81 28.20 6.80
C ASP A 536 -42.46 29.57 6.98
N GLU A 537 -41.75 30.64 6.63
CA GLU A 537 -42.29 31.99 6.77
C GLU A 537 -42.97 32.47 5.50
N LEU A 538 -43.05 31.61 4.50
CA LEU A 538 -43.76 31.98 3.28
C LEU A 538 -45.24 32.09 3.58
N GLN A 539 -45.66 33.26 4.06
CA GLN A 539 -47.03 33.46 4.49
C GLN A 539 -48.01 33.17 3.37
N GLY A 540 -49.02 32.37 3.66
CA GLY A 540 -50.03 32.00 2.67
C GLY A 540 -49.98 30.52 2.36
N ALA A 541 -51.05 30.01 1.78
CA ALA A 541 -51.08 28.60 1.42
C ALA A 541 -49.99 28.32 0.41
N PHE A 542 -49.30 27.21 0.58
CA PHE A 542 -48.27 26.83 -0.37
C PHE A 542 -48.60 25.48 -0.96
N ASP A 543 -48.99 25.47 -2.22
CA ASP A 543 -49.37 24.24 -2.88
C ASP A 543 -48.17 23.60 -3.56
N GLU A 544 -47.79 22.42 -3.11
CA GLU A 544 -46.64 21.73 -3.67
C GLU A 544 -47.04 21.08 -5.00
N HIS A 545 -48.34 21.06 -5.26
CA HIS A 545 -48.88 20.52 -6.49
C HIS A 545 -49.53 21.63 -7.29
N ILE A 546 -48.87 22.02 -8.37
CA ILE A 546 -49.31 23.13 -9.20
C ILE A 546 -49.40 22.72 -10.66
N GLY A 547 -50.13 23.49 -11.45
CA GLY A 547 -50.28 23.21 -12.88
C GLY A 547 -49.00 23.48 -13.66
N PRO A 548 -48.69 24.74 -13.94
CA PRO A 548 -47.49 25.22 -14.60
C PRO A 548 -46.29 25.14 -13.67
N LEU A 549 -45.12 24.93 -14.24
CA LEU A 549 -43.89 24.94 -13.46
C LEU A 549 -43.03 26.14 -13.81
N CYS A 550 -43.69 27.22 -14.23
CA CYS A 550 -43.02 28.48 -14.57
C CYS A 550 -41.56 28.31 -14.91
N THR A 551 -41.29 27.72 -16.06
CA THR A 551 -39.97 27.77 -16.64
C THR A 551 -39.86 29.09 -17.37
N ASP A 552 -38.64 29.47 -17.77
CA ASP A 552 -38.41 30.75 -18.42
C ASP A 552 -38.56 31.88 -17.42
N TRP A 553 -37.45 32.21 -16.77
CA TRP A 553 -37.38 33.18 -15.67
C TRP A 553 -37.99 34.55 -15.99
N GLN A 554 -38.13 34.87 -17.27
CA GLN A 554 -38.66 36.18 -17.65
C GLN A 554 -40.18 36.25 -17.53
N LYS A 555 -40.82 35.10 -17.33
CA LYS A 555 -42.28 35.06 -17.26
C LYS A 555 -42.78 35.41 -15.87
N ALA A 556 -43.70 36.37 -15.79
CA ALA A 556 -44.26 36.76 -14.51
C ALA A 556 -45.35 35.80 -14.08
N GLU A 557 -45.24 35.27 -12.88
CA GLU A 557 -46.21 34.31 -12.37
C GLU A 557 -46.34 34.46 -10.86
N ARG A 558 -47.23 33.70 -10.24
CA ARG A 558 -47.42 33.81 -8.80
C ARG A 558 -46.18 33.35 -8.03
N GLY A 559 -45.98 33.96 -6.86
CA GLY A 559 -44.82 33.68 -6.01
C GLY A 559 -44.70 32.22 -5.59
N ASP A 560 -45.82 31.55 -5.35
CA ASP A 560 -45.76 30.17 -4.94
C ASP A 560 -45.24 29.30 -6.07
N ILE A 561 -45.69 29.59 -7.27
CA ILE A 561 -45.24 28.89 -8.45
C ILE A 561 -43.79 29.20 -8.74
N LEU A 562 -43.41 30.47 -8.63
CA LEU A 562 -42.04 30.88 -8.92
C LEU A 562 -41.07 30.19 -7.96
N LEU A 563 -41.42 30.17 -6.68
CA LEU A 563 -40.57 29.53 -5.69
C LEU A 563 -40.52 28.03 -5.93
N SER A 564 -41.67 27.44 -6.24
CA SER A 564 -41.74 26.01 -6.49
C SER A 564 -40.85 25.64 -7.67
N SER A 565 -40.92 26.45 -8.73
CA SER A 565 -40.13 26.21 -9.92
C SER A 565 -38.64 26.25 -9.61
N LEU A 566 -38.22 27.21 -8.78
CA LEU A 566 -36.82 27.29 -8.37
C LEU A 566 -36.47 26.10 -7.49
N ILE A 567 -37.35 25.77 -6.57
CA ILE A 567 -37.12 24.68 -5.63
C ILE A 567 -37.00 23.34 -6.34
N ARG A 568 -37.83 23.12 -7.34
CA ARG A 568 -37.84 21.87 -8.09
C ARG A 568 -36.74 21.80 -9.13
N LYS A 569 -35.92 22.86 -9.20
CA LYS A 569 -34.84 22.94 -10.17
C LYS A 569 -35.34 22.91 -11.60
N LYS A 570 -36.46 23.57 -11.86
CA LYS A 570 -36.97 23.71 -13.21
C LYS A 570 -36.62 25.09 -13.72
N LEU A 571 -36.56 26.03 -12.79
CA LEU A 571 -36.18 27.39 -13.07
C LEU A 571 -34.69 27.52 -12.79
N LEU A 572 -33.93 27.96 -13.78
CA LEU A 572 -32.48 28.01 -13.65
C LEU A 572 -31.94 26.68 -13.14
N PRO A 573 -32.12 25.60 -13.89
CA PRO A 573 -31.70 24.27 -13.55
C PRO A 573 -30.19 24.26 -13.47
N GLU A 574 -29.65 23.36 -12.65
CA GLU A 574 -28.22 23.25 -12.39
C GLU A 574 -27.70 24.35 -11.49
N ALA A 575 -28.57 25.29 -11.12
CA ALA A 575 -28.20 26.30 -10.12
C ALA A 575 -28.27 25.66 -8.75
N SER A 576 -27.51 26.20 -7.80
CA SER A 576 -27.56 25.67 -6.45
C SER A 576 -28.59 26.41 -5.62
N LEU A 577 -29.17 25.70 -4.66
CA LEU A 577 -30.18 26.27 -3.78
C LEU A 577 -30.04 25.77 -2.34
N LEU A 578 -29.95 26.70 -1.42
CA LEU A 578 -29.89 26.40 0.00
C LEU A 578 -31.20 26.85 0.64
N ILE A 579 -31.86 25.96 1.36
CA ILE A 579 -33.12 26.32 2.00
C ILE A 579 -33.02 26.19 3.50
N THR A 580 -33.45 27.20 4.24
CA THR A 580 -33.50 27.09 5.69
C THR A 580 -34.95 26.90 6.09
N THR A 581 -35.22 26.08 7.10
CA THR A 581 -36.61 25.86 7.48
C THR A 581 -36.79 25.27 8.87
N ARG A 582 -37.95 25.54 9.47
CA ARG A 582 -38.37 24.82 10.65
C ARG A 582 -38.68 23.38 10.21
N PRO A 583 -38.26 22.36 10.96
CA PRO A 583 -38.40 20.97 10.62
C PRO A 583 -39.86 20.61 10.42
N VAL A 584 -40.76 21.34 11.06
CA VAL A 584 -42.18 21.06 10.92
C VAL A 584 -42.63 21.28 9.49
N ALA A 585 -42.01 22.24 8.82
CA ALA A 585 -42.43 22.62 7.48
C ALA A 585 -41.85 21.68 6.44
N LEU A 586 -41.05 20.72 6.86
CA LEU A 586 -40.52 19.76 5.90
C LEU A 586 -41.65 18.96 5.31
N GLU A 587 -42.76 18.86 6.04
CA GLU A 587 -43.94 18.16 5.54
C GLU A 587 -44.34 18.69 4.16
N LYS A 588 -44.19 20.00 3.95
CA LYS A 588 -44.61 20.62 2.71
C LYS A 588 -43.43 20.97 1.80
N LEU A 589 -42.23 20.56 2.18
CA LEU A 589 -41.04 20.86 1.39
C LEU A 589 -40.41 19.61 0.80
N GLN A 590 -40.47 18.51 1.53
CA GLN A 590 -39.81 17.27 1.12
C GLN A 590 -40.26 16.80 -0.25
N HIS A 591 -41.49 17.13 -0.61
CA HIS A 591 -42.05 16.72 -1.88
C HIS A 591 -41.41 17.46 -3.05
N LEU A 592 -40.65 18.51 -2.75
CA LEU A 592 -40.05 19.33 -3.79
C LEU A 592 -38.53 19.36 -3.72
N LEU A 593 -37.90 18.26 -3.33
CA LEU A 593 -36.45 18.28 -3.21
C LEU A 593 -35.76 17.25 -4.08
N ASP A 594 -36.37 16.08 -4.19
CA ASP A 594 -35.85 14.95 -4.96
C ASP A 594 -34.57 14.36 -4.37
N HIS A 595 -33.48 15.13 -4.41
CA HIS A 595 -32.20 14.65 -3.89
C HIS A 595 -31.44 15.70 -3.10
N PRO A 596 -31.97 16.13 -1.95
CA PRO A 596 -31.41 17.12 -1.06
C PRO A 596 -30.31 16.55 -0.16
N ARG A 597 -29.45 17.42 0.33
CA ARG A 597 -28.58 17.08 1.44
C ARG A 597 -29.10 17.76 2.70
N HIS A 598 -29.75 17.00 3.57
CA HIS A 598 -30.31 17.58 4.77
C HIS A 598 -29.24 17.79 5.84
N VAL A 599 -29.23 19.00 6.39
CA VAL A 599 -28.33 19.39 7.46
C VAL A 599 -29.13 19.91 8.63
N GLU A 600 -28.83 19.43 9.83
CA GLU A 600 -29.55 19.89 11.00
C GLU A 600 -28.72 20.89 11.79
N ILE A 601 -29.36 21.96 12.23
CA ILE A 601 -28.69 22.95 13.05
C ILE A 601 -28.93 22.68 14.52
N LEU A 602 -27.84 22.52 15.27
CA LEU A 602 -27.93 22.30 16.70
C LEU A 602 -27.46 23.53 17.45
N GLY A 603 -28.01 23.70 18.64
CA GLY A 603 -27.76 24.88 19.44
C GLY A 603 -26.41 24.84 20.14
N PHE A 604 -26.27 25.72 21.12
CA PHE A 604 -25.00 25.92 21.79
C PHE A 604 -24.70 24.83 22.81
N SER A 605 -23.45 24.39 22.82
CA SER A 605 -22.97 23.48 23.83
C SER A 605 -22.59 24.30 25.05
N GLU A 606 -22.28 23.66 26.16
CA GLU A 606 -21.99 24.40 27.38
C GLU A 606 -20.87 25.42 27.15
N ALA A 607 -19.87 25.01 26.38
CA ALA A 607 -18.74 25.87 26.08
C ALA A 607 -19.18 27.09 25.27
N LYS A 608 -20.15 26.89 24.37
CA LYS A 608 -20.58 27.98 23.51
C LYS A 608 -21.58 28.86 24.24
N ARG A 609 -22.34 28.29 25.16
CA ARG A 609 -23.25 29.10 25.95
C ARG A 609 -22.42 30.10 26.73
N LYS A 610 -21.34 29.63 27.33
CA LYS A 610 -20.46 30.49 28.11
C LYS A 610 -19.86 31.57 27.23
N GLU A 611 -19.35 31.18 26.06
CA GLU A 611 -18.76 32.16 25.15
C GLU A 611 -19.75 33.26 24.83
N TYR A 612 -20.99 32.88 24.55
CA TYR A 612 -22.01 33.86 24.20
C TYR A 612 -22.15 34.94 25.26
N PHE A 613 -22.26 34.53 26.52
CA PHE A 613 -22.46 35.48 27.61
C PHE A 613 -21.33 36.47 27.72
N PHE A 614 -20.10 35.98 27.58
CA PHE A 614 -18.93 36.84 27.68
C PHE A 614 -18.79 37.75 26.47
N LYS A 615 -19.30 37.32 25.32
CA LYS A 615 -19.27 38.18 24.15
C LYS A 615 -20.40 39.22 24.21
N TYR A 616 -21.55 38.83 24.75
CA TYR A 616 -22.70 39.73 24.85
C TYR A 616 -22.43 40.90 25.77
N PHE A 617 -21.96 40.60 26.98
CA PHE A 617 -21.76 41.64 27.99
C PHE A 617 -20.45 42.36 27.78
N SER A 618 -20.42 43.65 28.12
CA SER A 618 -19.26 44.50 27.90
C SER A 618 -18.02 44.13 28.72
N ASP A 619 -18.22 43.46 29.85
CA ASP A 619 -17.09 43.10 30.71
C ASP A 619 -17.35 41.84 31.52
N GLU A 620 -16.27 41.26 32.03
CA GLU A 620 -16.36 40.08 32.88
C GLU A 620 -17.14 40.39 34.15
N ALA A 621 -17.04 41.63 34.60
CA ALA A 621 -17.74 42.05 35.81
C ALA A 621 -19.23 41.77 35.70
N GLN A 622 -19.77 41.87 34.48
CA GLN A 622 -21.19 41.61 34.27
C GLN A 622 -21.42 40.20 33.74
N ALA A 623 -20.54 39.75 32.85
CA ALA A 623 -20.70 38.45 32.20
C ALA A 623 -20.62 37.31 33.20
N ARG A 624 -19.72 37.42 34.19
CA ARG A 624 -19.56 36.35 35.16
C ARG A 624 -20.80 36.24 36.02
N ALA A 625 -21.35 37.38 36.41
CA ALA A 625 -22.57 37.37 37.20
C ALA A 625 -23.70 36.77 36.40
N ALA A 626 -23.81 37.16 35.12
CA ALA A 626 -24.86 36.65 34.27
C ALA A 626 -24.76 35.15 34.10
N PHE A 627 -23.54 34.67 33.87
CA PHE A 627 -23.32 33.26 33.67
C PHE A 627 -23.69 32.46 34.91
N SER A 628 -23.25 32.93 36.08
CA SER A 628 -23.55 32.25 37.33
C SER A 628 -25.05 32.24 37.61
N LEU A 629 -25.70 33.37 37.38
CA LEU A 629 -27.13 33.50 37.63
C LEU A 629 -27.93 32.53 36.79
N ILE A 630 -27.50 32.31 35.56
CA ILE A 630 -28.18 31.41 34.65
C ILE A 630 -27.78 29.97 34.86
N GLN A 631 -26.48 29.72 35.04
CA GLN A 631 -25.98 28.37 35.20
C GLN A 631 -26.61 27.70 36.42
N GLU A 632 -26.85 28.48 37.47
CA GLU A 632 -27.48 27.95 38.67
C GLU A 632 -28.89 27.45 38.37
N ASN A 633 -29.58 28.12 37.46
CA ASN A 633 -30.92 27.73 37.07
C ASN A 633 -30.83 26.64 36.00
N GLU A 634 -31.01 25.39 36.43
CA GLU A 634 -30.79 24.25 35.54
C GLU A 634 -31.62 24.35 34.27
N VAL A 635 -32.86 24.79 34.41
CA VAL A 635 -33.74 24.88 33.26
C VAL A 635 -33.31 25.95 32.29
N LEU A 636 -33.01 27.15 32.77
CA LEU A 636 -32.62 28.20 31.84
C LEU A 636 -31.30 27.88 31.18
N PHE A 637 -30.38 27.31 31.93
CA PHE A 637 -29.10 26.96 31.33
C PHE A 637 -29.34 25.99 30.18
N THR A 638 -30.17 25.00 30.43
CA THR A 638 -30.52 24.03 29.41
C THR A 638 -31.20 24.69 28.21
N MET A 639 -32.17 25.56 28.49
CA MET A 639 -32.90 26.27 27.44
C MET A 639 -32.01 27.18 26.61
N CYS A 640 -30.93 27.69 27.23
CA CYS A 640 -30.00 28.57 26.52
C CYS A 640 -29.24 27.84 25.42
N PHE A 641 -29.58 26.57 25.23
CA PHE A 641 -29.19 25.80 24.06
C PHE A 641 -29.55 26.60 22.82
N ILE A 642 -30.71 27.25 22.89
CA ILE A 642 -31.25 28.02 21.77
C ILE A 642 -30.75 29.47 21.83
N PRO A 643 -30.03 29.96 20.80
CA PRO A 643 -29.50 31.30 20.67
C PRO A 643 -30.54 32.37 20.98
N LEU A 644 -31.78 32.13 20.58
CA LEU A 644 -32.81 33.10 20.90
C LEU A 644 -33.06 33.19 22.39
N VAL A 645 -33.04 32.07 23.09
CA VAL A 645 -33.35 32.11 24.51
C VAL A 645 -32.24 32.80 25.28
N CYS A 646 -30.99 32.45 24.96
CA CYS A 646 -29.90 33.07 25.69
C CYS A 646 -29.83 34.55 25.38
N TRP A 647 -30.25 34.93 24.17
CA TRP A 647 -30.33 36.34 23.82
C TRP A 647 -31.39 37.05 24.66
N ILE A 648 -32.57 36.44 24.75
CA ILE A 648 -33.66 37.06 25.51
C ILE A 648 -33.27 37.19 26.97
N VAL A 649 -32.66 36.16 27.53
CA VAL A 649 -32.26 36.21 28.93
C VAL A 649 -31.17 37.26 29.13
N CYS A 650 -30.19 37.32 28.23
CA CYS A 650 -29.14 38.32 28.35
C CYS A 650 -29.70 39.72 28.23
N THR A 651 -30.64 39.92 27.31
CA THR A 651 -31.25 41.22 27.12
C THR A 651 -32.01 41.62 28.38
N GLY A 652 -32.73 40.65 28.95
CA GLY A 652 -33.44 40.88 30.20
C GLY A 652 -32.48 41.29 31.30
N LEU A 653 -31.35 40.58 31.41
CA LEU A 653 -30.33 40.91 32.39
C LEU A 653 -29.74 42.28 32.14
N LYS A 654 -29.47 42.62 30.89
CA LYS A 654 -28.92 43.93 30.59
C LYS A 654 -29.85 45.02 31.11
N GLN A 655 -31.16 44.85 30.90
CA GLN A 655 -32.13 45.81 31.38
C GLN A 655 -32.15 45.85 32.90
N GLN A 656 -32.02 44.69 33.54
CA GLN A 656 -31.95 44.63 35.00
C GLN A 656 -30.69 45.31 35.51
N MET A 657 -29.59 45.21 34.76
CA MET A 657 -28.33 45.86 35.13
C MET A 657 -28.44 47.37 35.05
N GLU A 658 -29.15 47.87 34.03
CA GLU A 658 -29.33 49.31 33.88
C GLU A 658 -30.07 49.88 35.10
N SER A 659 -31.08 49.16 35.56
CA SER A 659 -31.82 49.58 36.75
C SER A 659 -31.11 49.16 38.05
N GLY A 660 -30.35 48.07 37.98
CA GLY A 660 -29.60 47.58 39.14
C GLY A 660 -30.52 46.95 40.18
N LYS A 661 -31.58 46.30 39.72
CA LYS A 661 -32.58 45.75 40.65
C LYS A 661 -32.16 44.49 41.39
N SER A 662 -31.66 43.49 40.67
CA SER A 662 -31.34 42.20 41.30
C SER A 662 -30.60 41.26 40.36
N LEU A 663 -31.03 41.27 39.10
CA LEU A 663 -30.53 40.36 38.05
C LEU A 663 -31.01 38.93 38.30
N ALA A 664 -32.06 38.76 39.09
CA ALA A 664 -32.56 37.42 39.34
C ALA A 664 -33.14 36.81 38.07
N GLN A 665 -32.82 35.53 37.85
CA GLN A 665 -33.33 34.77 36.70
C GLN A 665 -33.90 33.43 37.17
N THR A 666 -35.18 33.43 37.52
CA THR A 666 -35.81 32.27 38.15
C THR A 666 -36.87 31.61 37.28
N SER A 667 -36.96 32.01 36.02
CA SER A 667 -37.94 31.45 35.11
C SER A 667 -37.73 29.96 34.90
N LYS A 668 -38.82 29.19 34.79
CA LYS A 668 -38.73 27.74 34.62
C LYS A 668 -39.27 27.24 33.28
N THR A 669 -39.86 28.14 32.50
CA THR A 669 -40.47 27.76 31.22
C THR A 669 -40.14 28.79 30.16
N THR A 670 -40.45 28.46 28.91
CA THR A 670 -40.27 29.42 27.83
C THR A 670 -41.25 30.56 28.03
N THR A 671 -42.48 30.23 28.38
CA THR A 671 -43.49 31.25 28.60
C THR A 671 -42.99 32.21 29.65
N ALA A 672 -42.43 31.67 30.73
CA ALA A 672 -41.91 32.48 31.81
C ALA A 672 -40.82 33.42 31.31
N VAL A 673 -39.98 32.95 30.40
CA VAL A 673 -38.92 33.78 29.86
C VAL A 673 -39.50 34.94 29.05
N TYR A 674 -40.49 34.63 28.22
CA TYR A 674 -41.12 35.65 27.39
C TYR A 674 -41.94 36.63 28.23
N VAL A 675 -42.65 36.13 29.24
CA VAL A 675 -43.40 37.01 30.12
C VAL A 675 -42.45 37.89 30.91
N PHE A 676 -41.38 37.28 31.42
CA PHE A 676 -40.36 38.01 32.15
C PHE A 676 -39.81 39.15 31.31
N PHE A 677 -39.46 38.83 30.06
CA PHE A 677 -38.90 39.79 29.14
C PHE A 677 -39.83 40.99 28.99
N LEU A 678 -41.12 40.75 28.78
CA LEU A 678 -42.03 41.86 28.63
C LEU A 678 -42.24 42.60 29.95
N SER A 679 -42.27 41.88 31.06
CA SER A 679 -42.52 42.53 32.34
C SER A 679 -41.54 43.67 32.59
N SER A 680 -40.26 43.38 32.36
CA SER A 680 -39.20 44.37 32.59
C SER A 680 -39.11 45.40 31.49
N LEU A 681 -39.89 45.21 30.43
CA LEU A 681 -39.82 46.06 29.26
C LEU A 681 -41.01 47.01 29.16
N LEU A 682 -42.22 46.49 29.40
CA LEU A 682 -43.44 47.27 29.25
C LEU A 682 -43.95 47.91 30.54
N GLN A 683 -43.57 47.36 31.69
CA GLN A 683 -44.07 47.89 32.94
C GLN A 683 -43.72 49.38 33.19
N PRO A 684 -42.50 49.84 32.90
CA PRO A 684 -42.04 51.20 33.12
C PRO A 684 -42.97 52.23 32.47
N LEU A 693 -46.41 50.38 25.94
CA LEU A 693 -46.36 50.04 27.35
C LEU A 693 -47.59 49.22 27.74
N CYS A 694 -47.98 49.28 29.00
CA CYS A 694 -49.10 48.48 29.47
C CYS A 694 -50.40 48.79 28.74
N ALA A 695 -50.65 50.08 28.51
CA ALA A 695 -51.89 50.52 27.89
C ALA A 695 -51.93 50.18 26.40
N HIS A 696 -50.79 49.75 25.86
CA HIS A 696 -50.68 49.48 24.44
C HIS A 696 -50.49 47.99 24.19
N LEU A 697 -50.56 47.20 25.27
CA LEU A 697 -50.35 45.76 25.15
C LEU A 697 -51.43 45.11 24.33
N TRP A 698 -52.68 45.49 24.57
CA TRP A 698 -53.78 44.88 23.85
C TRP A 698 -53.64 45.12 22.36
N GLY A 699 -53.28 46.34 22.00
CA GLY A 699 -53.14 46.69 20.59
C GLY A 699 -52.07 45.84 19.93
N LEU A 700 -50.92 45.70 20.58
CA LEU A 700 -49.84 44.91 20.03
C LEU A 700 -50.25 43.44 19.94
N CYS A 701 -50.96 42.95 20.95
CA CYS A 701 -51.43 41.58 20.94
C CYS A 701 -52.43 41.35 19.81
N SER A 702 -53.32 42.31 19.61
CA SER A 702 -54.31 42.23 18.55
C SER A 702 -53.61 42.17 17.21
N LEU A 703 -52.61 43.02 17.03
CA LEU A 703 -51.85 43.04 15.80
C LEU A 703 -51.21 41.69 15.54
N ALA A 704 -50.55 41.12 16.55
CA ALA A 704 -49.91 39.82 16.38
C ALA A 704 -50.91 38.75 16.00
N ALA A 705 -52.05 38.73 16.70
CA ALA A 705 -53.05 37.71 16.45
C ALA A 705 -53.61 37.85 15.04
N ASP A 706 -53.80 39.08 14.62
CA ASP A 706 -54.34 39.32 13.30
C ASP A 706 -53.33 38.86 12.26
N GLY A 707 -52.06 39.16 12.51
CA GLY A 707 -51.00 38.78 11.60
C GLY A 707 -50.89 37.27 11.43
N ILE A 708 -50.90 36.54 12.53
CA ILE A 708 -50.78 35.10 12.43
C ILE A 708 -51.98 34.53 11.67
N TRP A 709 -53.16 35.01 12.02
CA TRP A 709 -54.38 34.54 11.39
C TRP A 709 -54.49 34.95 9.91
N ASN A 710 -54.07 36.17 9.59
CA ASN A 710 -54.22 36.73 8.25
C ASN A 710 -52.95 36.70 7.42
N GLN A 711 -52.04 35.80 7.77
CA GLN A 711 -50.83 35.56 6.98
C GLN A 711 -49.98 36.81 6.76
N LYS A 712 -49.70 37.54 7.84
CA LYS A 712 -48.87 38.73 7.73
C LYS A 712 -47.79 38.81 8.80
N ILE A 713 -46.55 38.99 8.34
CA ILE A 713 -45.42 39.20 9.25
C ILE A 713 -44.97 40.65 9.19
N LEU A 714 -44.95 41.18 7.97
CA LEU A 714 -44.52 42.55 7.71
C LEU A 714 -45.72 43.48 7.65
N PHE A 715 -45.73 44.46 8.52
CA PHE A 715 -46.86 45.38 8.68
C PHE A 715 -46.54 46.78 8.18
N GLU A 716 -47.55 47.47 7.66
CA GLU A 716 -47.40 48.85 7.25
C GLU A 716 -47.82 49.78 8.38
N GLU A 717 -47.46 51.04 8.29
CA GLU A 717 -47.86 51.99 9.34
C GLU A 717 -49.38 52.08 9.41
N SER A 718 -50.05 51.80 8.30
CA SER A 718 -51.50 51.78 8.26
C SER A 718 -52.04 50.64 9.11
N ASP A 719 -51.28 49.54 9.20
CA ASP A 719 -51.75 48.39 9.95
C ASP A 719 -51.53 48.64 11.43
N LEU A 720 -50.46 49.34 11.77
CA LEU A 720 -50.25 49.68 13.17
C LEU A 720 -51.38 50.54 13.68
N ARG A 721 -51.73 51.56 12.90
CA ARG A 721 -52.78 52.48 13.28
C ARG A 721 -54.09 51.75 13.49
N ASN A 722 -54.37 50.78 12.61
CA ASN A 722 -55.61 50.04 12.63
C ASN A 722 -55.72 49.07 13.81
N HIS A 723 -54.62 48.91 14.56
CA HIS A 723 -54.64 48.04 15.73
C HIS A 723 -54.42 48.86 17.00
N GLY A 724 -54.49 50.19 16.88
CA GLY A 724 -54.36 51.06 18.04
C GLY A 724 -52.93 51.48 18.37
N LEU A 725 -52.00 51.30 17.43
CA LEU A 725 -50.61 51.70 17.66
C LEU A 725 -50.20 52.73 16.62
N GLN A 726 -49.69 53.88 17.04
CA GLN A 726 -49.33 54.88 16.03
C GLN A 726 -48.19 55.80 16.46
N LYS A 727 -47.05 55.61 15.80
CA LYS A 727 -45.85 56.42 15.99
C LYS A 727 -45.30 56.47 17.42
N ALA A 728 -46.02 57.17 18.30
CA ALA A 728 -45.48 57.50 19.61
C ALA A 728 -45.28 56.27 20.48
N ASP A 729 -46.28 55.39 20.52
CA ASP A 729 -46.17 54.20 21.34
C ASP A 729 -45.37 53.13 20.62
N VAL A 730 -45.37 53.21 19.30
CA VAL A 730 -44.61 52.29 18.48
C VAL A 730 -43.12 52.53 18.72
N SER A 731 -42.74 53.79 18.84
CA SER A 731 -41.36 54.14 19.08
C SER A 731 -40.86 53.57 20.39
N ALA A 732 -41.78 53.37 21.35
CA ALA A 732 -41.38 52.79 22.63
C ALA A 732 -40.97 51.34 22.43
N PHE A 733 -41.64 50.64 21.52
CA PHE A 733 -41.33 49.25 21.24
C PHE A 733 -40.04 49.16 20.43
N LEU A 734 -39.81 50.17 19.59
CA LEU A 734 -38.60 50.19 18.77
C LEU A 734 -37.38 50.47 19.65
N ARG A 735 -37.52 51.38 20.62
CA ARG A 735 -36.42 51.70 21.51
C ARG A 735 -36.15 50.55 22.48
N MET A 736 -37.21 50.09 23.15
CA MET A 736 -37.08 48.98 24.07
C MET A 736 -37.18 47.68 23.31
N ASN A 737 -36.11 47.38 22.59
CA ASN A 737 -36.02 46.27 21.66
C ASN A 737 -37.08 45.20 21.87
N LEU A 738 -38.27 45.43 21.31
CA LEU A 738 -39.37 44.47 21.30
C LEU A 738 -39.88 44.24 19.89
N PHE A 739 -39.96 45.33 19.16
CA PHE A 739 -40.62 45.38 17.87
C PHE A 739 -39.70 46.13 16.92
N GLN A 740 -39.63 45.71 15.65
CA GLN A 740 -38.70 46.32 14.70
C GLN A 740 -39.41 46.99 13.52
N LYS A 741 -38.72 47.97 12.92
CA LYS A 741 -39.29 48.77 11.84
C LYS A 741 -38.88 48.34 10.43
N GLU A 742 -37.73 47.68 10.29
CA GLU A 742 -37.18 47.35 8.98
C GLU A 742 -36.87 48.62 8.21
N VAL A 743 -35.69 49.17 8.45
CA VAL A 743 -35.28 50.42 7.83
C VAL A 743 -34.23 50.17 6.77
N ASP A 744 -34.19 48.93 6.30
CA ASP A 744 -33.28 48.56 5.22
C ASP A 744 -33.91 48.99 3.90
N CYS A 745 -33.97 50.31 3.71
CA CYS A 745 -34.63 50.94 2.57
C CYS A 745 -36.10 50.56 2.49
N GLU A 746 -36.73 50.36 3.64
CA GLU A 746 -38.13 49.95 3.72
C GLU A 746 -38.85 50.60 4.89
N LYS A 747 -40.14 50.30 5.01
CA LYS A 747 -40.98 50.78 6.09
C LYS A 747 -41.91 49.68 6.59
N PHE A 748 -41.38 48.48 6.78
CA PHE A 748 -42.19 47.34 7.21
C PHE A 748 -41.94 46.90 8.64
N TYR A 749 -42.95 47.08 9.48
CA TYR A 749 -42.84 46.78 10.88
C TYR A 749 -43.09 45.30 11.15
N SER A 750 -42.39 44.75 12.13
CA SER A 750 -42.55 43.35 12.48
C SER A 750 -42.02 43.07 13.87
N PHE A 751 -42.23 41.86 14.35
CA PHE A 751 -41.70 41.47 15.65
C PHE A 751 -40.25 41.07 15.47
N ILE A 752 -39.44 41.27 16.50
CA ILE A 752 -38.02 40.97 16.38
C ILE A 752 -37.74 39.50 16.10
N HIS A 753 -38.70 38.64 16.42
CA HIS A 753 -38.61 37.23 16.08
C HIS A 753 -40.00 36.63 16.01
N MET A 754 -40.19 35.66 15.12
CA MET A 754 -41.50 35.04 14.94
C MET A 754 -42.04 34.41 16.22
N THR A 755 -41.14 33.95 17.08
CA THR A 755 -41.58 33.34 18.32
C THR A 755 -42.33 34.37 19.16
N PHE A 756 -41.89 35.63 19.11
CA PHE A 756 -42.58 36.67 19.86
C PHE A 756 -43.93 36.96 19.26
N GLN A 757 -44.00 37.01 17.94
CA GLN A 757 -45.28 37.27 17.31
C GLN A 757 -46.29 36.20 17.72
N GLU A 758 -45.83 34.96 17.77
CA GLU A 758 -46.70 33.87 18.19
C GLU A 758 -47.07 34.00 19.66
N PHE A 759 -46.13 34.47 20.48
CA PHE A 759 -46.37 34.72 21.90
C PHE A 759 -47.48 35.74 22.11
N PHE A 760 -47.37 36.84 21.40
CA PHE A 760 -48.35 37.91 21.52
C PHE A 760 -49.70 37.44 21.03
N ALA A 761 -49.72 36.66 19.95
CA ALA A 761 -50.98 36.14 19.44
C ALA A 761 -51.63 35.28 20.50
N ALA A 762 -50.82 34.50 21.20
CA ALA A 762 -51.33 33.64 22.26
C ALA A 762 -51.95 34.45 23.38
N MET A 763 -51.29 35.54 23.79
CA MET A 763 -51.85 36.36 24.87
C MET A 763 -53.17 36.97 24.46
N TYR A 764 -53.27 37.36 23.19
CA TYR A 764 -54.48 38.00 22.69
C TYR A 764 -55.72 37.18 23.05
N TYR A 765 -55.64 35.87 22.84
CA TYR A 765 -56.78 34.99 23.10
C TYR A 765 -57.16 34.97 24.58
N LEU A 766 -56.25 35.38 25.44
CA LEU A 766 -56.48 35.34 26.88
C LEU A 766 -56.64 36.70 27.54
N LEU A 767 -56.77 37.79 26.77
CA LEU A 767 -56.91 39.12 27.36
C LEU A 767 -58.35 39.51 27.63
N GLU A 768 -58.53 40.40 28.63
CA GLU A 768 -59.81 41.03 28.97
C GLU A 768 -60.44 40.39 30.20
N LEU A 784 -58.42 40.98 15.21
CA LEU A 784 -59.69 40.48 15.73
C LEU A 784 -60.19 39.28 14.94
N PRO A 785 -59.32 38.30 14.70
CA PRO A 785 -59.56 37.14 13.85
C PRO A 785 -60.74 36.28 14.30
N SER A 786 -60.98 36.21 15.61
CA SER A 786 -62.09 35.40 16.15
C SER A 786 -62.09 35.36 17.67
N ARG A 787 -60.91 35.16 18.25
CA ARG A 787 -60.71 34.92 19.69
C ARG A 787 -61.26 33.55 20.09
N ASP A 788 -61.49 32.71 19.10
CA ASP A 788 -61.97 31.35 19.31
C ASP A 788 -60.82 30.35 19.29
N VAL A 789 -60.41 29.90 20.47
CA VAL A 789 -59.28 28.99 20.60
C VAL A 789 -59.58 27.64 19.95
N THR A 790 -60.81 27.16 20.09
CA THR A 790 -61.15 25.88 19.49
C THR A 790 -60.85 25.93 18.00
N VAL A 791 -61.28 27.01 17.35
CA VAL A 791 -61.01 27.19 15.93
C VAL A 791 -59.52 27.30 15.65
N LEU A 792 -58.80 28.01 16.52
CA LEU A 792 -57.36 28.13 16.38
C LEU A 792 -56.72 26.75 16.36
N LEU A 793 -57.09 25.92 17.32
CA LEU A 793 -56.52 24.58 17.48
C LEU A 793 -56.87 23.67 16.32
N GLU A 794 -58.06 23.82 15.76
CA GLU A 794 -58.50 23.00 14.65
C GLU A 794 -57.62 23.17 13.42
N ASN A 795 -56.90 24.28 13.36
CA ASN A 795 -56.07 24.60 12.22
C ASN A 795 -54.58 24.52 12.58
N TYR A 796 -54.27 23.79 13.65
CA TYR A 796 -52.90 23.65 14.15
C TYR A 796 -51.97 23.08 13.10
N GLY A 797 -52.32 21.92 12.55
CA GLY A 797 -51.41 21.20 11.65
C GLY A 797 -51.48 21.73 10.22
N LYS A 798 -51.23 23.02 10.05
CA LYS A 798 -51.35 23.62 8.73
C LYS A 798 -50.28 24.67 8.44
N PHE A 799 -49.73 24.60 7.23
CA PHE A 799 -48.73 25.55 6.75
C PHE A 799 -49.30 26.96 6.75
N GLU A 800 -50.56 27.07 6.35
CA GLU A 800 -51.25 28.35 6.20
C GLU A 800 -51.14 29.25 7.42
N LYS A 801 -51.10 28.67 8.61
CA LYS A 801 -51.08 29.48 9.82
C LYS A 801 -49.72 29.47 10.48
N GLY A 802 -48.74 28.88 9.81
CA GLY A 802 -47.39 28.77 10.35
C GLY A 802 -47.30 27.63 11.36
N TYR A 803 -48.22 26.68 11.27
CA TYR A 803 -48.29 25.52 12.15
C TYR A 803 -48.64 25.85 13.61
N LEU A 804 -48.66 27.13 13.96
CA LEU A 804 -49.06 27.55 15.29
C LEU A 804 -48.36 26.79 16.39
N ILE A 805 -47.09 26.47 16.18
CA ILE A 805 -46.37 25.66 17.16
C ILE A 805 -46.17 26.42 18.44
N PHE A 806 -45.77 27.68 18.33
CA PHE A 806 -45.50 28.43 19.53
C PHE A 806 -46.75 29.14 20.01
N VAL A 807 -47.70 29.37 19.12
CA VAL A 807 -48.92 30.01 19.56
C VAL A 807 -49.57 29.16 20.62
N VAL A 808 -49.64 27.85 20.35
CA VAL A 808 -50.24 26.94 21.29
C VAL A 808 -49.31 26.64 22.46
N ARG A 809 -48.03 26.39 22.18
CA ARG A 809 -47.10 26.13 23.27
C ARG A 809 -47.17 27.24 24.31
N PHE A 810 -47.23 28.48 23.85
CA PHE A 810 -47.35 29.61 24.77
C PHE A 810 -48.74 29.66 25.39
N LEU A 811 -49.76 29.39 24.60
CA LEU A 811 -51.12 29.41 25.12
C LEU A 811 -51.19 28.52 26.35
N PHE A 812 -50.58 27.35 26.27
CA PHE A 812 -50.57 26.43 27.41
C PHE A 812 -49.85 27.02 28.62
N GLY A 813 -48.68 27.60 28.40
CA GLY A 813 -47.93 28.17 29.50
C GLY A 813 -48.66 29.33 30.17
N LEU A 814 -49.34 30.13 29.35
CA LEU A 814 -50.10 31.27 29.83
C LEU A 814 -51.35 30.87 30.58
N VAL A 815 -52.02 29.83 30.10
CA VAL A 815 -53.22 29.37 30.78
C VAL A 815 -52.84 28.59 32.02
N ASN A 816 -52.75 29.30 33.13
CA ASN A 816 -52.37 28.70 34.39
C ASN A 816 -53.10 29.42 35.51
N GLN A 817 -53.00 28.87 36.71
CA GLN A 817 -53.59 29.50 37.88
C GLN A 817 -52.48 30.13 38.71
N GLU A 818 -51.28 29.57 38.60
CA GLU A 818 -50.14 30.04 39.37
C GLU A 818 -49.50 31.25 38.71
N ARG A 819 -50.21 32.37 38.77
CA ARG A 819 -49.79 33.61 38.12
C ARG A 819 -49.53 34.72 39.14
N THR A 820 -48.85 35.76 38.69
CA THR A 820 -48.52 36.91 39.54
C THR A 820 -48.89 38.23 38.88
N SER A 821 -48.24 39.31 39.31
CA SER A 821 -48.52 40.64 38.77
C SER A 821 -47.58 40.97 37.62
N TYR A 822 -47.53 42.24 37.25
CA TYR A 822 -46.70 42.70 36.14
C TYR A 822 -47.15 42.11 34.80
N LEU A 823 -48.21 42.69 34.26
CA LEU A 823 -48.82 42.29 32.98
C LEU A 823 -49.67 41.02 33.11
N GLU A 824 -49.18 40.05 33.86
CA GLU A 824 -49.89 38.79 34.01
C GLU A 824 -51.28 38.97 34.59
N LYS A 825 -51.43 39.93 35.51
CA LYS A 825 -52.71 40.17 36.15
C LYS A 825 -53.74 40.78 35.20
N LYS A 826 -53.27 41.23 34.04
CA LYS A 826 -54.16 41.82 33.04
C LYS A 826 -54.68 40.73 32.12
N LEU A 827 -54.16 39.53 32.30
CA LEU A 827 -54.59 38.36 31.55
C LEU A 827 -55.88 37.87 32.19
N SER A 828 -56.85 37.45 31.39
CA SER A 828 -58.14 37.06 31.93
C SER A 828 -58.14 35.71 32.60
N CYS A 829 -58.42 35.72 33.90
CA CYS A 829 -58.49 34.50 34.68
C CYS A 829 -59.70 33.67 34.28
N LYS A 830 -60.80 34.35 34.01
CA LYS A 830 -62.03 33.68 33.66
C LYS A 830 -61.88 32.95 32.34
N ILE A 831 -61.24 33.61 31.38
CA ILE A 831 -61.03 32.99 30.09
C ILE A 831 -60.07 31.84 30.22
N SER A 832 -58.99 32.03 30.95
CA SER A 832 -57.99 30.99 31.11
C SER A 832 -58.62 29.68 31.59
N GLN A 833 -59.54 29.78 32.54
CA GLN A 833 -60.21 28.59 33.06
C GLN A 833 -61.13 27.96 32.01
N GLN A 834 -61.74 28.78 31.16
CA GLN A 834 -62.59 28.28 30.09
C GLN A 834 -61.76 27.59 29.00
N ILE A 835 -60.57 28.15 28.75
CA ILE A 835 -59.67 27.63 27.73
C ILE A 835 -58.96 26.38 28.21
N ARG A 836 -58.57 26.35 29.48
CA ARG A 836 -57.89 25.20 30.03
C ARG A 836 -58.64 23.92 29.74
N LEU A 837 -59.97 23.96 29.85
CA LEU A 837 -60.79 22.79 29.59
C LEU A 837 -60.66 22.33 28.16
N GLU A 838 -60.74 23.26 27.22
CA GLU A 838 -60.66 22.90 25.81
C GLU A 838 -59.28 22.39 25.46
N LEU A 839 -58.26 22.94 26.11
CA LEU A 839 -56.90 22.47 25.88
C LEU A 839 -56.74 21.02 26.31
N LEU A 840 -57.36 20.66 27.43
CA LEU A 840 -57.26 19.29 27.92
C LEU A 840 -57.95 18.34 26.95
N LYS A 841 -59.11 18.76 26.43
CA LYS A 841 -59.82 17.95 25.45
C LYS A 841 -58.97 17.77 24.21
N TRP A 842 -58.31 18.84 23.80
CA TRP A 842 -57.46 18.81 22.62
C TRP A 842 -56.33 17.82 22.79
N ILE A 843 -55.70 17.81 23.97
CA ILE A 843 -54.64 16.84 24.21
C ILE A 843 -55.16 15.43 24.10
N GLU A 844 -56.30 15.14 24.72
CA GLU A 844 -56.84 13.79 24.65
C GLU A 844 -57.07 13.37 23.20
N VAL A 845 -57.66 14.25 22.42
CA VAL A 845 -57.99 13.94 21.04
C VAL A 845 -56.75 13.68 20.20
N LYS A 846 -55.72 14.51 20.37
CA LYS A 846 -54.53 14.35 19.56
C LYS A 846 -53.61 13.25 20.09
N ALA A 847 -53.56 13.08 21.41
CA ALA A 847 -52.72 12.04 22.00
C ALA A 847 -53.16 10.67 21.52
N LYS A 848 -54.47 10.53 21.32
CA LYS A 848 -55.07 9.31 20.83
C LYS A 848 -54.52 8.87 19.47
N ALA A 849 -54.06 9.81 18.66
CA ALA A 849 -53.58 9.49 17.32
C ALA A 849 -52.30 8.67 17.41
N LYS A 850 -52.17 7.70 16.50
CA LYS A 850 -50.98 6.86 16.44
C LYS A 850 -50.28 7.02 15.10
N LYS A 851 -50.54 8.14 14.43
CA LYS A 851 -49.98 8.40 13.12
C LYS A 851 -48.63 9.09 13.21
N LEU A 852 -47.82 8.94 12.17
CA LEU A 852 -46.53 9.62 12.08
C LEU A 852 -46.64 10.79 11.12
N GLN A 853 -45.71 11.75 11.25
CA GLN A 853 -45.73 12.95 10.42
C GLN A 853 -47.07 13.65 10.57
N ILE A 854 -47.53 13.72 11.80
CA ILE A 854 -48.78 14.34 12.18
C ILE A 854 -48.50 15.38 13.25
N GLN A 855 -49.34 16.41 13.31
CA GLN A 855 -49.22 17.42 14.35
C GLN A 855 -49.17 16.69 15.73
N PRO A 856 -49.06 17.40 16.85
CA PRO A 856 -48.27 17.04 18.00
C PRO A 856 -47.96 15.55 18.14
N SER A 857 -46.75 15.17 17.70
CA SER A 857 -46.29 13.80 17.78
C SER A 857 -45.73 13.44 19.15
N GLN A 858 -46.62 13.38 20.14
CA GLN A 858 -46.30 12.97 21.51
C GLN A 858 -45.36 13.93 22.22
N LEU A 859 -44.13 14.00 21.78
CA LEU A 859 -43.15 14.84 22.45
C LEU A 859 -43.60 16.29 22.43
N GLU A 860 -44.25 16.69 21.35
CA GLU A 860 -44.76 18.05 21.24
C GLU A 860 -45.77 18.34 22.33
N LEU A 861 -46.59 17.34 22.65
CA LEU A 861 -47.59 17.53 23.69
C LEU A 861 -46.89 17.65 25.02
N PHE A 862 -45.77 16.94 25.16
CA PHE A 862 -45.02 17.01 26.41
C PHE A 862 -44.45 18.40 26.58
N TYR A 863 -43.96 18.99 25.51
CA TYR A 863 -43.46 20.37 25.59
C TYR A 863 -44.57 21.30 26.04
N CYS A 864 -45.77 21.10 25.51
CA CYS A 864 -46.90 21.92 25.91
C CYS A 864 -47.20 21.75 27.40
N LEU A 865 -47.19 20.50 27.86
CA LEU A 865 -47.44 20.22 29.27
C LEU A 865 -46.31 20.73 30.15
N TYR A 866 -45.08 20.67 29.66
CA TYR A 866 -43.95 21.18 30.42
C TYR A 866 -44.15 22.64 30.71
N GLU A 867 -44.56 23.40 29.70
CA GLU A 867 -44.78 24.82 29.90
C GLU A 867 -45.85 25.08 30.94
N MET A 868 -46.92 24.30 30.90
CA MET A 868 -47.97 24.45 31.89
C MET A 868 -47.63 23.65 33.14
N GLN A 869 -46.72 24.19 33.94
CA GLN A 869 -46.20 23.43 35.08
C GLN A 869 -47.17 23.36 36.25
N GLU A 870 -48.30 22.70 36.03
CA GLU A 870 -49.28 22.49 37.07
C GLU A 870 -49.68 21.02 37.07
N GLU A 871 -49.33 20.34 38.15
CA GLU A 871 -49.49 18.90 38.22
C GLU A 871 -50.93 18.46 38.02
N ASP A 872 -51.89 19.23 38.54
CA ASP A 872 -53.28 18.83 38.40
C ASP A 872 -53.63 18.62 36.94
N PHE A 873 -53.33 19.61 36.12
CA PHE A 873 -53.61 19.54 34.70
C PHE A 873 -52.77 18.49 34.01
N VAL A 874 -51.47 18.51 34.29
CA VAL A 874 -50.54 17.64 33.59
C VAL A 874 -50.85 16.18 33.83
N GLN A 875 -51.13 15.83 35.07
CA GLN A 875 -51.39 14.44 35.36
C GLN A 875 -52.68 13.99 34.68
N ARG A 876 -53.71 14.83 34.68
CA ARG A 876 -54.92 14.46 33.97
C ARG A 876 -54.63 14.27 32.49
N ALA A 877 -53.83 15.17 31.93
CA ALA A 877 -53.50 15.09 30.52
C ALA A 877 -52.70 13.84 30.21
N MET A 878 -51.75 13.52 31.07
CA MET A 878 -50.87 12.37 30.86
C MET A 878 -51.60 11.05 30.94
N ASP A 879 -52.75 11.02 31.59
CA ASP A 879 -53.52 9.79 31.69
C ASP A 879 -54.08 9.38 30.34
N TYR A 880 -53.96 10.25 29.34
CA TYR A 880 -54.45 9.95 28.01
C TYR A 880 -53.33 9.43 27.10
N PHE A 881 -52.20 9.07 27.70
CA PHE A 881 -51.06 8.54 26.96
C PHE A 881 -50.69 7.13 27.42
N PRO A 882 -51.49 6.10 27.11
CA PRO A 882 -51.30 4.72 27.52
C PRO A 882 -50.02 4.15 26.93
N LYS A 883 -49.58 4.74 25.82
CA LYS A 883 -48.36 4.34 25.15
C LYS A 883 -47.60 5.58 24.72
N ILE A 884 -46.33 5.67 25.11
CA ILE A 884 -45.53 6.83 24.75
C ILE A 884 -44.41 6.48 23.80
N GLU A 885 -44.43 7.05 22.61
CA GLU A 885 -43.39 6.82 21.61
C GLU A 885 -42.68 8.12 21.27
N ILE A 886 -41.48 8.29 21.80
CA ILE A 886 -40.75 9.54 21.59
C ILE A 886 -39.32 9.33 21.12
N ASN A 887 -38.76 10.36 20.48
CA ASN A 887 -37.39 10.33 20.00
C ASN A 887 -36.62 11.55 20.49
N LEU A 888 -35.88 11.37 21.56
CA LEU A 888 -35.16 12.44 22.24
C LEU A 888 -33.91 12.86 21.48
N SER A 889 -33.71 14.17 21.34
CA SER A 889 -32.56 14.67 20.60
C SER A 889 -31.57 15.40 21.50
N THR A 890 -32.08 16.32 22.30
CA THR A 890 -31.21 17.13 23.14
C THR A 890 -31.62 17.16 24.61
N ARG A 891 -30.81 17.84 25.41
CA ARG A 891 -31.03 17.90 26.85
C ARG A 891 -32.40 18.46 27.18
N MET A 892 -32.87 19.38 26.35
CA MET A 892 -34.17 19.99 26.53
C MET A 892 -35.27 18.94 26.47
N ASP A 893 -35.05 17.91 25.66
CA ASP A 893 -36.07 16.89 25.48
C ASP A 893 -36.08 15.97 26.67
N HIS A 894 -34.91 15.77 27.27
CA HIS A 894 -34.83 14.87 28.40
C HIS A 894 -35.57 15.42 29.61
N MET A 895 -35.42 16.72 29.88
CA MET A 895 -36.08 17.28 31.05
C MET A 895 -37.59 17.39 30.82
N VAL A 896 -37.99 17.62 29.59
CA VAL A 896 -39.40 17.68 29.25
C VAL A 896 -40.05 16.31 29.32
N SER A 897 -39.40 15.32 28.75
CA SER A 897 -39.90 13.96 28.79
C SER A 897 -39.95 13.46 30.22
N SER A 898 -38.90 13.75 30.98
CA SER A 898 -38.84 13.32 32.37
C SER A 898 -40.01 13.89 33.14
N PHE A 899 -40.26 15.18 32.99
CA PHE A 899 -41.35 15.83 33.70
C PHE A 899 -42.69 15.16 33.42
N CYS A 900 -42.99 14.95 32.14
CA CYS A 900 -44.27 14.37 31.77
C CYS A 900 -44.42 12.91 32.17
N ILE A 901 -43.37 12.13 32.00
CA ILE A 901 -43.44 10.72 32.35
C ILE A 901 -43.57 10.54 33.86
N GLU A 902 -42.82 11.32 34.62
CA GLU A 902 -42.90 11.23 36.08
C GLU A 902 -44.32 11.52 36.54
N ASN A 903 -44.94 12.53 35.94
CA ASN A 903 -46.32 12.90 36.28
C ASN A 903 -47.32 12.14 35.41
N CYS A 904 -47.19 10.83 35.36
CA CYS A 904 -48.09 9.99 34.59
C CYS A 904 -48.42 8.74 35.37
N HIS A 905 -49.70 8.47 35.53
CA HIS A 905 -50.10 7.32 36.32
C HIS A 905 -50.78 6.24 35.50
N ARG A 906 -50.77 6.39 34.17
CA ARG A 906 -51.40 5.40 33.34
C ARG A 906 -50.67 5.17 32.02
N VAL A 907 -49.36 4.99 32.07
CA VAL A 907 -48.63 4.62 30.87
C VAL A 907 -48.20 3.17 30.96
N GLU A 908 -48.67 2.35 30.03
CA GLU A 908 -48.36 0.94 30.08
C GLU A 908 -47.05 0.64 29.37
N SER A 909 -46.81 1.33 28.27
CA SER A 909 -45.63 1.05 27.47
C SER A 909 -44.93 2.31 27.00
N LEU A 910 -43.62 2.33 27.21
CA LEU A 910 -42.78 3.45 26.82
C LEU A 910 -41.72 3.02 25.83
N SER A 911 -41.59 3.76 24.74
CA SER A 911 -40.58 3.50 23.74
C SER A 911 -39.72 4.71 23.53
N LEU A 912 -38.43 4.56 23.79
CA LEU A 912 -37.50 5.65 23.65
C LEU A 912 -36.63 5.44 22.43
N GLY A 913 -36.11 6.53 21.90
CA GLY A 913 -35.26 6.48 20.74
C GLY A 913 -34.23 7.57 20.83
N PHE A 914 -33.17 7.31 21.59
CA PHE A 914 -32.14 8.31 21.75
C PHE A 914 -31.44 8.52 20.44
N LEU A 915 -31.28 9.78 20.04
CA LEU A 915 -30.69 10.09 18.75
C LEU A 915 -29.25 10.56 18.90
N HIS A 916 -28.84 11.50 18.05
CA HIS A 916 -27.46 11.97 18.04
C HIS A 916 -27.21 12.94 19.18
N ASN A 917 -27.03 12.39 20.38
CA ASN A 917 -26.84 13.20 21.58
C ASN A 917 -25.43 13.77 21.64
N LEU A 956 -25.59 7.94 22.84
CA LEU A 956 -25.36 8.09 24.26
C LEU A 956 -23.94 7.70 24.68
N THR A 957 -23.81 6.46 25.15
CA THR A 957 -22.55 5.98 25.73
C THR A 957 -22.12 6.96 26.81
N SER A 958 -23.10 7.38 27.61
CA SER A 958 -22.91 8.35 28.68
C SER A 958 -24.05 8.29 29.67
N SER A 959 -23.97 9.14 30.69
CA SER A 959 -25.00 9.25 31.73
C SER A 959 -26.07 10.27 31.34
N PHE A 960 -25.99 10.76 30.11
CA PHE A 960 -26.91 11.75 29.58
C PHE A 960 -28.38 11.36 29.78
N CYS A 961 -28.67 10.07 29.61
CA CYS A 961 -30.04 9.55 29.73
C CYS A 961 -30.38 9.15 31.16
N ARG A 962 -29.42 9.24 32.06
CA ARG A 962 -29.61 8.79 33.43
C ARG A 962 -30.81 9.44 34.09
N GLY A 963 -31.01 10.72 33.81
CA GLY A 963 -32.09 11.46 34.46
C GLY A 963 -33.45 10.87 34.17
N LEU A 964 -33.63 10.33 32.97
CA LEU A 964 -34.90 9.74 32.62
C LEU A 964 -35.05 8.35 33.19
N PHE A 965 -33.99 7.56 33.17
CA PHE A 965 -34.10 6.21 33.66
C PHE A 965 -34.45 6.22 35.14
N SER A 966 -34.00 7.25 35.85
CA SER A 966 -34.29 7.39 37.26
C SER A 966 -35.78 7.60 37.53
N VAL A 967 -36.52 8.00 36.50
CA VAL A 967 -37.96 8.22 36.62
C VAL A 967 -38.69 6.93 36.38
N LEU A 968 -38.20 6.16 35.43
CA LEU A 968 -38.85 4.94 35.02
C LEU A 968 -38.96 3.98 36.20
N SER A 969 -37.98 4.04 37.10
CA SER A 969 -37.97 3.18 38.26
C SER A 969 -39.19 3.33 39.16
N THR A 970 -39.85 4.48 39.11
CA THR A 970 -40.95 4.72 40.04
C THR A 970 -42.32 4.71 39.37
N SER A 971 -42.37 4.43 38.07
CA SER A 971 -43.66 4.45 37.41
C SER A 971 -44.38 3.13 37.59
N GLN A 972 -45.38 3.13 38.47
CA GLN A 972 -46.03 1.90 38.89
C GLN A 972 -46.92 1.30 37.81
N SER A 973 -47.26 2.13 36.83
CA SER A 973 -48.14 1.68 35.76
C SER A 973 -47.36 1.22 34.54
N LEU A 974 -46.04 1.37 34.56
CA LEU A 974 -45.23 1.05 33.38
C LEU A 974 -44.86 -0.42 33.39
N THR A 975 -45.28 -1.14 32.36
CA THR A 975 -44.98 -2.56 32.31
C THR A 975 -43.99 -2.88 31.21
N GLU A 976 -43.99 -2.10 30.15
CA GLU A 976 -43.11 -2.36 29.01
C GLU A 976 -42.17 -1.21 28.67
N LEU A 977 -40.87 -1.51 28.66
CA LEU A 977 -39.87 -0.51 28.30
C LEU A 977 -39.10 -0.93 27.06
N ASP A 978 -39.28 -0.18 25.99
CA ASP A 978 -38.64 -0.50 24.71
C ASP A 978 -37.49 0.44 24.41
N LEU A 979 -36.28 -0.09 24.45
CA LEU A 979 -35.08 0.70 24.19
C LEU A 979 -34.35 0.19 22.96
N SER A 980 -35.08 -0.46 22.07
CA SER A 980 -34.50 -1.06 20.88
C SER A 980 -34.10 -0.04 19.82
N ASP A 981 -33.19 -0.47 18.97
CA ASP A 981 -32.75 0.28 17.80
C ASP A 981 -32.29 1.70 18.09
N ASN A 982 -31.50 1.85 19.14
CA ASN A 982 -30.84 3.10 19.45
C ASN A 982 -29.55 2.73 20.16
N SER A 983 -28.55 3.58 20.08
CA SER A 983 -27.28 3.21 20.68
C SER A 983 -27.28 3.41 22.18
N LEU A 984 -27.28 2.29 22.89
CA LEU A 984 -27.25 2.29 24.33
C LEU A 984 -26.00 1.58 24.78
N GLY A 985 -24.92 2.33 24.89
CA GLY A 985 -23.62 1.74 25.15
C GLY A 985 -23.65 1.03 26.48
N ASP A 986 -22.77 0.06 26.64
CA ASP A 986 -22.74 -0.73 27.87
C ASP A 986 -22.91 0.11 29.14
N PRO A 987 -22.19 1.23 29.32
CA PRO A 987 -22.32 2.11 30.47
C PRO A 987 -23.77 2.52 30.68
N GLY A 988 -24.49 2.71 29.59
CA GLY A 988 -25.90 3.08 29.65
C GLY A 988 -26.74 1.91 30.14
N MET A 989 -26.35 0.72 29.73
CA MET A 989 -27.06 -0.48 30.14
C MET A 989 -26.85 -0.70 31.63
N ARG A 990 -25.67 -0.34 32.11
CA ARG A 990 -25.38 -0.45 33.54
C ARG A 990 -26.30 0.47 34.32
N VAL A 991 -26.46 1.69 33.83
CA VAL A 991 -27.33 2.65 34.50
C VAL A 991 -28.74 2.13 34.53
N LEU A 992 -29.18 1.59 33.40
CA LEU A 992 -30.52 1.04 33.33
C LEU A 992 -30.68 -0.09 34.32
N CYS A 993 -29.71 -0.99 34.37
CA CYS A 993 -29.79 -2.13 35.25
C CYS A 993 -29.94 -1.68 36.69
N GLU A 994 -29.19 -0.66 37.09
CA GLU A 994 -29.33 -0.16 38.45
C GLU A 994 -30.75 0.31 38.70
N THR A 995 -31.35 0.95 37.70
CA THR A 995 -32.71 1.45 37.83
C THR A 995 -33.76 0.34 37.78
N LEU A 996 -33.36 -0.85 37.34
CA LEU A 996 -34.25 -1.99 37.29
C LEU A 996 -34.17 -2.82 38.56
N GLN A 997 -33.30 -2.42 39.48
CA GLN A 997 -33.16 -3.14 40.73
C GLN A 997 -33.96 -2.45 41.81
N HIS A 998 -34.62 -1.37 41.44
CA HIS A 998 -35.45 -0.60 42.36
C HIS A 998 -36.64 -1.45 42.82
N PRO A 999 -36.95 -1.48 44.12
CA PRO A 999 -38.05 -2.20 44.73
C PRO A 999 -39.40 -1.94 44.05
N GLY A 1000 -39.58 -0.76 43.48
CA GLY A 1000 -40.83 -0.40 42.86
C GLY A 1000 -40.78 -0.38 41.33
N CYS A 1001 -39.78 -1.04 40.74
CA CYS A 1001 -39.59 -1.00 39.29
C CYS A 1001 -40.84 -1.42 38.51
N ASN A 1002 -41.30 -2.64 38.73
CA ASN A 1002 -42.53 -3.18 38.11
C ASN A 1002 -42.50 -3.31 36.59
N ILE A 1003 -41.34 -3.22 35.97
CA ILE A 1003 -41.27 -3.43 34.54
C ILE A 1003 -41.27 -4.91 34.24
N ARG A 1004 -42.18 -5.34 33.37
CA ARG A 1004 -42.34 -6.75 33.04
C ARG A 1004 -41.71 -7.10 31.70
N ARG A 1005 -41.70 -6.16 30.77
CA ARG A 1005 -41.12 -6.42 29.47
C ARG A 1005 -40.01 -5.44 29.17
N LEU A 1006 -38.87 -5.94 28.73
CA LEU A 1006 -37.75 -5.08 28.37
C LEU A 1006 -37.20 -5.48 27.02
N TRP A 1007 -37.28 -4.57 26.07
CA TRP A 1007 -36.85 -4.86 24.71
C TRP A 1007 -35.53 -4.13 24.40
N LEU A 1008 -34.50 -4.91 24.10
CA LEU A 1008 -33.18 -4.37 23.83
C LEU A 1008 -32.60 -4.92 22.55
N GLY A 1009 -33.16 -4.52 21.41
CA GLY A 1009 -32.76 -5.06 20.12
C GLY A 1009 -31.39 -4.53 19.71
N ARG A 1010 -31.31 -3.86 18.57
CA ARG A 1010 -30.02 -3.39 18.10
C ARG A 1010 -29.50 -2.24 18.95
N CYS A 1011 -29.11 -2.56 20.18
CA CYS A 1011 -28.65 -1.56 21.14
C CYS A 1011 -27.15 -1.38 21.12
N GLY A 1012 -26.46 -2.32 20.46
CA GLY A 1012 -25.02 -2.27 20.39
C GLY A 1012 -24.37 -2.73 21.70
N LEU A 1013 -25.05 -3.59 22.43
CA LEU A 1013 -24.53 -4.07 23.70
C LEU A 1013 -23.47 -5.13 23.47
N SER A 1014 -22.52 -5.22 24.40
CA SER A 1014 -21.53 -6.29 24.33
C SER A 1014 -21.69 -7.22 25.52
N HIS A 1015 -20.85 -8.23 25.59
CA HIS A 1015 -20.89 -9.19 26.68
C HIS A 1015 -20.74 -8.51 28.04
N GLU A 1016 -20.12 -7.35 28.04
CA GLU A 1016 -19.89 -6.63 29.29
C GLU A 1016 -21.18 -6.34 30.03
N CYS A 1017 -22.24 -6.08 29.31
CA CYS A 1017 -23.50 -5.73 29.94
C CYS A 1017 -24.21 -6.94 30.52
N CYS A 1018 -23.80 -8.13 30.11
CA CYS A 1018 -24.51 -9.31 30.55
C CYS A 1018 -24.36 -9.49 32.04
N PHE A 1019 -23.24 -9.06 32.58
CA PHE A 1019 -23.04 -9.14 34.01
C PHE A 1019 -24.12 -8.34 34.73
N ASP A 1020 -24.33 -7.10 34.26
CA ASP A 1020 -25.31 -6.23 34.88
C ASP A 1020 -26.72 -6.74 34.68
N ILE A 1021 -26.99 -7.34 33.53
CA ILE A 1021 -28.30 -7.91 33.28
C ILE A 1021 -28.56 -9.06 34.23
N SER A 1022 -27.55 -9.89 34.44
CA SER A 1022 -27.66 -11.03 35.33
C SER A 1022 -28.03 -10.56 36.73
N LEU A 1023 -27.42 -9.47 37.19
CA LEU A 1023 -27.74 -8.96 38.51
C LEU A 1023 -29.20 -8.58 38.60
N VAL A 1024 -29.74 -7.99 37.53
CA VAL A 1024 -31.15 -7.63 37.54
C VAL A 1024 -32.03 -8.87 37.61
N LEU A 1025 -31.69 -9.88 36.83
CA LEU A 1025 -32.49 -11.09 36.81
C LEU A 1025 -32.52 -11.74 38.19
N SER A 1026 -31.41 -11.64 38.92
CA SER A 1026 -31.29 -12.27 40.23
C SER A 1026 -32.16 -11.64 41.31
N SER A 1027 -32.66 -10.43 41.10
CA SER A 1027 -33.42 -9.75 42.14
C SER A 1027 -34.75 -9.18 41.66
N ASN A 1028 -34.86 -8.88 40.38
CA ASN A 1028 -36.09 -8.31 39.84
C ASN A 1028 -37.05 -9.43 39.48
N GLN A 1029 -38.06 -9.60 40.31
CA GLN A 1029 -38.99 -10.71 40.18
C GLN A 1029 -40.17 -10.35 39.29
N LYS A 1030 -40.13 -9.17 38.70
CA LYS A 1030 -41.23 -8.71 37.86
C LYS A 1030 -40.91 -8.89 36.38
N LEU A 1031 -39.64 -8.87 36.03
CA LEU A 1031 -39.28 -8.97 34.63
C LEU A 1031 -39.63 -10.35 34.09
N VAL A 1032 -40.41 -10.36 33.01
CA VAL A 1032 -40.90 -11.57 32.38
C VAL A 1032 -40.35 -11.78 30.98
N GLU A 1033 -40.31 -10.72 30.19
CA GLU A 1033 -39.89 -10.85 28.80
C GLU A 1033 -38.66 -9.99 28.53
N LEU A 1034 -37.56 -10.63 28.11
CA LEU A 1034 -36.33 -9.91 27.84
C LEU A 1034 -35.80 -10.20 26.44
N ASP A 1035 -35.69 -9.17 25.63
CA ASP A 1035 -35.21 -9.33 24.26
C ASP A 1035 -33.83 -8.73 24.06
N LEU A 1036 -32.83 -9.59 23.91
CA LEU A 1036 -31.45 -9.16 23.77
C LEU A 1036 -30.94 -9.40 22.35
N SER A 1037 -31.85 -9.47 21.40
CA SER A 1037 -31.49 -9.76 20.02
C SER A 1037 -30.58 -8.69 19.43
N ASP A 1038 -29.77 -9.10 18.47
CA ASP A 1038 -28.90 -8.20 17.71
C ASP A 1038 -27.91 -7.41 18.57
N ASN A 1039 -27.31 -8.07 19.55
CA ASN A 1039 -26.25 -7.50 20.36
C ASN A 1039 -25.07 -8.44 20.34
N ALA A 1040 -23.86 -7.94 20.58
CA ALA A 1040 -22.69 -8.81 20.56
C ALA A 1040 -22.51 -9.51 21.88
N LEU A 1041 -23.51 -10.26 22.30
CA LEU A 1041 -23.44 -10.97 23.56
C LEU A 1041 -22.89 -12.35 23.27
N GLY A 1042 -21.60 -12.42 23.00
CA GLY A 1042 -20.99 -13.66 22.55
C GLY A 1042 -21.10 -14.73 23.61
N ASP A 1043 -20.56 -15.90 23.32
CA ASP A 1043 -20.70 -17.06 24.19
C ASP A 1043 -20.40 -16.72 25.63
N PHE A 1044 -19.40 -15.89 25.84
CA PHE A 1044 -19.07 -15.49 27.19
C PHE A 1044 -20.24 -14.76 27.84
N GLY A 1045 -20.88 -13.89 27.07
CA GLY A 1045 -21.99 -13.11 27.58
C GLY A 1045 -23.11 -14.02 28.04
N ILE A 1046 -23.32 -15.09 27.30
CA ILE A 1046 -24.35 -16.05 27.66
C ILE A 1046 -23.98 -16.73 28.95
N ARG A 1047 -22.71 -17.09 29.07
CA ARG A 1047 -22.22 -17.73 30.28
C ARG A 1047 -22.60 -16.90 31.49
N LEU A 1048 -22.52 -15.58 31.37
CA LEU A 1048 -22.90 -14.69 32.47
C LEU A 1048 -24.41 -14.58 32.63
N LEU A 1049 -25.15 -14.48 31.54
CA LEU A 1049 -26.60 -14.34 31.68
C LEU A 1049 -27.16 -15.56 32.36
N CYS A 1050 -26.58 -16.71 32.08
CA CYS A 1050 -27.05 -17.96 32.64
C CYS A 1050 -26.92 -17.99 34.15
N VAL A 1051 -26.08 -17.13 34.71
CA VAL A 1051 -25.94 -17.09 36.15
C VAL A 1051 -27.23 -16.60 36.76
N GLY A 1052 -27.80 -15.56 36.14
CA GLY A 1052 -29.06 -15.01 36.59
C GLY A 1052 -30.20 -15.96 36.24
N LEU A 1053 -30.15 -16.54 35.05
CA LEU A 1053 -31.25 -17.37 34.58
C LEU A 1053 -31.42 -18.63 35.41
N LYS A 1054 -30.31 -19.17 35.92
CA LYS A 1054 -30.36 -20.38 36.74
C LYS A 1054 -30.67 -20.06 38.20
N HIS A 1055 -30.79 -18.78 38.51
CA HIS A 1055 -30.98 -18.35 39.88
C HIS A 1055 -32.45 -18.34 40.26
N LEU A 1056 -32.73 -18.74 41.49
CA LEU A 1056 -34.09 -18.65 41.95
C LEU A 1056 -34.51 -17.20 41.98
N LEU A 1057 -35.81 -16.96 41.96
CA LEU A 1057 -36.39 -15.62 41.91
C LEU A 1057 -36.39 -15.05 40.50
N CYS A 1058 -35.68 -15.69 39.58
CA CYS A 1058 -35.74 -15.22 38.20
C CYS A 1058 -36.99 -15.77 37.56
N ASN A 1059 -37.92 -14.89 37.23
CA ASN A 1059 -39.20 -15.31 36.69
C ASN A 1059 -39.27 -15.10 35.20
N LEU A 1060 -38.12 -14.92 34.58
CA LEU A 1060 -38.09 -14.65 33.15
C LEU A 1060 -38.75 -15.79 32.39
N LYS A 1061 -39.69 -15.47 31.52
CA LYS A 1061 -40.38 -16.48 30.74
C LYS A 1061 -39.96 -16.46 29.29
N LYS A 1062 -39.68 -15.28 28.76
CA LYS A 1062 -39.33 -15.16 27.35
C LYS A 1062 -37.98 -14.54 27.17
N LEU A 1063 -37.11 -15.23 26.45
CA LEU A 1063 -35.77 -14.74 26.19
C LEU A 1063 -35.38 -14.83 24.72
N TRP A 1064 -35.05 -13.70 24.13
CA TRP A 1064 -34.60 -13.70 22.74
C TRP A 1064 -33.11 -13.42 22.68
N LEU A 1065 -32.38 -14.34 22.07
CA LEU A 1065 -30.95 -14.20 21.87
C LEU A 1065 -30.63 -14.33 20.40
N VAL A 1066 -31.53 -13.86 19.58
CA VAL A 1066 -31.39 -13.94 18.14
C VAL A 1066 -30.27 -13.05 17.65
N SER A 1067 -29.44 -13.58 16.76
CA SER A 1067 -28.34 -12.83 16.18
C SER A 1067 -27.45 -12.21 17.24
N CYS A 1068 -26.87 -13.05 18.09
CA CYS A 1068 -26.02 -12.53 19.15
C CYS A 1068 -24.60 -13.06 19.07
N CYS A 1069 -24.17 -13.39 17.87
CA CYS A 1069 -22.81 -13.87 17.66
C CYS A 1069 -22.51 -15.07 18.55
N LEU A 1070 -23.46 -16.00 18.66
CA LEU A 1070 -23.26 -17.16 19.49
C LEU A 1070 -22.77 -18.34 18.69
N THR A 1071 -22.06 -19.24 19.35
CA THR A 1071 -21.65 -20.49 18.72
C THR A 1071 -22.14 -21.65 19.57
N SER A 1072 -21.83 -22.86 19.11
CA SER A 1072 -22.28 -24.06 19.80
C SER A 1072 -21.76 -24.15 21.22
N ALA A 1073 -20.67 -23.47 21.50
CA ALA A 1073 -20.07 -23.53 22.84
C ALA A 1073 -21.04 -23.06 23.91
N CYS A 1074 -21.87 -22.07 23.57
CA CYS A 1074 -22.76 -21.45 24.55
C CYS A 1074 -23.89 -22.38 24.95
N CYS A 1075 -24.12 -23.41 24.15
CA CYS A 1075 -25.25 -24.28 24.41
C CYS A 1075 -25.04 -25.07 25.67
N GLN A 1076 -23.79 -25.17 26.11
CA GLN A 1076 -23.52 -25.90 27.32
C GLN A 1076 -24.16 -25.22 28.50
N ASP A 1077 -24.24 -23.89 28.46
CA ASP A 1077 -24.83 -23.14 29.56
C ASP A 1077 -26.32 -22.92 29.36
N LEU A 1078 -26.74 -22.72 28.12
CA LEU A 1078 -28.15 -22.52 27.85
C LEU A 1078 -28.92 -23.77 28.19
N ALA A 1079 -28.31 -24.92 27.92
CA ALA A 1079 -28.94 -26.19 28.19
C ALA A 1079 -29.20 -26.35 29.68
N SER A 1080 -28.29 -25.84 30.50
CA SER A 1080 -28.44 -25.93 31.94
C SER A 1080 -29.60 -25.08 32.40
N VAL A 1081 -29.78 -23.95 31.73
CA VAL A 1081 -30.91 -23.08 32.05
C VAL A 1081 -32.20 -23.80 31.73
N LEU A 1082 -32.25 -24.43 30.57
CA LEU A 1082 -33.46 -25.16 30.19
C LEU A 1082 -33.76 -26.26 31.19
N SER A 1083 -32.70 -26.94 31.65
CA SER A 1083 -32.87 -28.02 32.60
C SER A 1083 -33.41 -27.58 33.94
N THR A 1084 -32.87 -26.50 34.51
CA THR A 1084 -33.25 -26.14 35.87
C THR A 1084 -34.28 -25.02 35.99
N SER A 1085 -34.43 -24.20 34.96
CA SER A 1085 -35.36 -23.08 35.09
C SER A 1085 -36.79 -23.56 35.24
N HIS A 1086 -37.49 -22.99 36.19
CA HIS A 1086 -38.88 -23.31 36.42
C HIS A 1086 -39.77 -22.39 35.61
N SER A 1087 -39.17 -21.36 35.01
CA SER A 1087 -39.92 -20.29 34.39
C SER A 1087 -39.66 -20.05 32.91
N LEU A 1088 -38.50 -20.44 32.41
CA LEU A 1088 -38.21 -20.11 31.02
C LEU A 1088 -38.97 -21.01 30.08
N THR A 1089 -39.83 -20.42 29.25
CA THR A 1089 -40.65 -21.21 28.32
C THR A 1089 -40.36 -20.86 26.87
N ARG A 1090 -39.91 -19.64 26.64
CA ARG A 1090 -39.66 -19.17 25.29
C ARG A 1090 -38.19 -18.87 25.06
N LEU A 1091 -37.55 -19.65 24.20
CA LEU A 1091 -36.15 -19.43 23.92
C LEU A 1091 -35.87 -19.32 22.43
N TYR A 1092 -35.44 -18.15 22.01
CA TYR A 1092 -35.14 -17.93 20.60
C TYR A 1092 -33.67 -17.68 20.40
N VAL A 1093 -32.99 -18.62 19.74
CA VAL A 1093 -31.55 -18.51 19.56
C VAL A 1093 -31.13 -18.63 18.10
N GLY A 1094 -32.01 -18.24 17.19
CA GLY A 1094 -31.71 -18.35 15.78
C GLY A 1094 -30.75 -17.27 15.31
N GLU A 1095 -30.38 -17.32 14.05
CA GLU A 1095 -29.42 -16.39 13.45
C GLU A 1095 -28.09 -16.42 14.19
N ASN A 1096 -27.66 -17.63 14.55
CA ASN A 1096 -26.40 -17.84 15.26
C ASN A 1096 -25.68 -19.05 14.67
N ALA A 1097 -24.52 -19.39 15.22
CA ALA A 1097 -23.76 -20.54 14.73
C ALA A 1097 -23.98 -21.76 15.61
N LEU A 1098 -25.18 -21.88 16.16
CA LEU A 1098 -25.53 -23.02 16.99
C LEU A 1098 -25.84 -24.20 16.12
N GLY A 1099 -24.80 -24.74 15.49
CA GLY A 1099 -24.97 -25.80 14.49
C GLY A 1099 -25.35 -27.13 15.11
N ASP A 1100 -25.15 -28.19 14.36
CA ASP A 1100 -25.57 -29.52 14.78
C ASP A 1100 -25.16 -29.85 16.21
N SER A 1101 -23.90 -29.62 16.54
CA SER A 1101 -23.40 -29.94 17.86
C SER A 1101 -24.04 -29.06 18.93
N GLY A 1102 -24.35 -27.82 18.55
CA GLY A 1102 -24.95 -26.88 19.47
C GLY A 1102 -26.35 -27.31 19.88
N VAL A 1103 -27.18 -27.58 18.89
CA VAL A 1103 -28.54 -27.94 19.18
C VAL A 1103 -28.60 -29.28 19.89
N ALA A 1104 -27.68 -30.18 19.55
CA ALA A 1104 -27.65 -31.47 20.19
C ALA A 1104 -27.51 -31.32 21.69
N ILE A 1105 -26.71 -30.34 22.11
CA ILE A 1105 -26.53 -30.09 23.53
C ILE A 1105 -27.82 -29.56 24.15
N LEU A 1106 -28.46 -28.61 23.46
CA LEU A 1106 -29.70 -28.07 23.97
C LEU A 1106 -30.75 -29.15 24.06
N CYS A 1107 -30.77 -30.03 23.05
CA CYS A 1107 -31.74 -31.10 22.99
C CYS A 1107 -31.57 -32.08 24.12
N GLU A 1108 -30.32 -32.42 24.42
CA GLU A 1108 -30.07 -33.39 25.47
C GLU A 1108 -30.78 -32.99 26.75
N LYS A 1109 -30.79 -31.71 27.07
CA LYS A 1109 -31.49 -31.26 28.27
C LYS A 1109 -32.96 -30.96 28.00
N ALA A 1110 -33.28 -30.47 26.81
CA ALA A 1110 -34.66 -30.15 26.46
C ALA A 1110 -35.49 -31.43 26.37
N LYS A 1111 -34.79 -32.54 26.19
CA LYS A 1111 -35.38 -33.86 26.15
C LYS A 1111 -36.06 -34.22 27.45
N ASN A 1112 -35.57 -33.69 28.55
CA ASN A 1112 -36.07 -34.04 29.87
C ASN A 1112 -37.56 -33.68 30.00
N PRO A 1113 -38.42 -34.63 30.36
CA PRO A 1113 -39.85 -34.47 30.54
C PRO A 1113 -40.23 -33.30 31.45
N GLN A 1114 -39.29 -32.87 32.30
CA GLN A 1114 -39.57 -31.80 33.24
C GLN A 1114 -39.14 -30.42 32.72
N CYS A 1115 -38.59 -30.36 31.52
CA CYS A 1115 -38.19 -29.09 30.95
C CYS A 1115 -39.43 -28.27 30.61
N ASN A 1116 -39.40 -26.98 30.91
CA ASN A 1116 -40.57 -26.14 30.72
C ASN A 1116 -40.56 -25.41 29.40
N LEU A 1117 -39.66 -25.78 28.52
CA LEU A 1117 -39.57 -25.13 27.22
C LEU A 1117 -40.83 -25.36 26.40
N GLN A 1118 -41.43 -24.27 25.92
CA GLN A 1118 -42.64 -24.34 25.11
C GLN A 1118 -42.42 -23.94 23.66
N LYS A 1119 -41.60 -22.91 23.46
CA LYS A 1119 -41.36 -22.41 22.12
C LYS A 1119 -39.86 -22.36 21.85
N LEU A 1120 -39.40 -23.07 20.84
CA LEU A 1120 -37.99 -23.13 20.54
C LEU A 1120 -37.66 -22.52 19.19
N GLY A 1121 -37.00 -21.37 19.21
CA GLY A 1121 -36.72 -20.58 18.02
C GLY A 1121 -35.34 -20.83 17.40
N LEU A 1122 -35.09 -22.06 17.01
CA LEU A 1122 -33.85 -22.39 16.31
C LEU A 1122 -34.01 -22.04 14.84
N VAL A 1123 -34.23 -20.76 14.57
CA VAL A 1123 -34.62 -20.33 13.24
C VAL A 1123 -33.55 -20.56 12.19
N ASN A 1124 -32.43 -19.89 12.34
CA ASN A 1124 -31.38 -20.02 11.33
C ASN A 1124 -30.06 -20.26 11.99
N SER A 1125 -29.82 -21.51 12.36
CA SER A 1125 -28.62 -21.85 13.11
C SER A 1125 -27.70 -22.73 12.30
N GLY A 1126 -27.99 -22.88 11.02
CA GLY A 1126 -27.17 -23.71 10.16
C GLY A 1126 -27.36 -25.17 10.50
N LEU A 1127 -28.55 -25.54 10.92
CA LEU A 1127 -28.79 -26.91 11.30
C LEU A 1127 -28.89 -27.78 10.06
N THR A 1128 -28.48 -29.03 10.20
CA THR A 1128 -28.53 -29.97 9.11
C THR A 1128 -29.21 -31.26 9.51
N SER A 1129 -29.34 -32.18 8.56
CA SER A 1129 -30.05 -33.44 8.78
C SER A 1129 -29.45 -34.24 9.92
N VAL A 1130 -28.17 -34.07 10.15
CA VAL A 1130 -27.45 -34.80 11.18
C VAL A 1130 -28.06 -34.59 12.56
N CYS A 1131 -28.52 -33.38 12.84
CA CYS A 1131 -28.99 -33.05 14.16
C CYS A 1131 -30.49 -33.26 14.33
N CYS A 1132 -31.16 -33.66 13.26
CA CYS A 1132 -32.60 -33.78 13.33
C CYS A 1132 -33.02 -34.92 14.23
N SER A 1133 -32.13 -35.87 14.47
CA SER A 1133 -32.42 -36.95 15.40
C SER A 1133 -32.47 -36.43 16.83
N ALA A 1134 -31.76 -35.32 17.09
CA ALA A 1134 -31.75 -34.76 18.43
C ALA A 1134 -33.05 -34.00 18.66
N LEU A 1135 -33.49 -33.29 17.63
CA LEU A 1135 -34.74 -32.57 17.71
C LEU A 1135 -35.88 -33.56 17.79
N SER A 1136 -35.75 -34.67 17.07
CA SER A 1136 -36.74 -35.72 17.08
C SER A 1136 -36.91 -36.26 18.49
N SER A 1137 -35.79 -36.51 19.15
CA SER A 1137 -35.81 -37.01 20.51
C SER A 1137 -36.57 -36.06 21.43
N VAL A 1138 -36.32 -34.76 21.29
CA VAL A 1138 -37.01 -33.80 22.13
C VAL A 1138 -38.51 -33.82 21.85
N LEU A 1139 -38.87 -33.84 20.58
CA LEU A 1139 -40.28 -33.83 20.21
C LEU A 1139 -40.99 -35.05 20.76
N SER A 1140 -40.32 -36.20 20.72
CA SER A 1140 -40.86 -37.44 21.23
C SER A 1140 -41.11 -37.42 22.74
N THR A 1141 -40.16 -36.88 23.51
CA THR A 1141 -40.24 -36.96 24.95
C THR A 1141 -40.83 -35.72 25.64
N ASN A 1142 -40.48 -34.54 25.18
CA ASN A 1142 -40.88 -33.31 25.85
C ASN A 1142 -42.27 -32.87 25.43
N GLN A 1143 -43.23 -33.10 26.31
CA GLN A 1143 -44.64 -32.86 25.99
C GLN A 1143 -45.04 -31.41 26.18
N ASN A 1144 -44.09 -30.58 26.59
CA ASN A 1144 -44.40 -29.18 26.81
C ASN A 1144 -44.03 -28.32 25.62
N LEU A 1145 -43.42 -28.93 24.60
CA LEU A 1145 -42.95 -28.15 23.45
C LEU A 1145 -44.06 -28.02 22.43
N THR A 1146 -44.53 -26.79 22.23
CA THR A 1146 -45.68 -26.56 21.38
C THR A 1146 -45.35 -25.84 20.08
N HIS A 1147 -44.24 -25.11 20.05
CA HIS A 1147 -43.86 -24.39 18.85
C HIS A 1147 -42.39 -24.59 18.52
N LEU A 1148 -42.11 -24.98 17.29
CA LEU A 1148 -40.73 -25.18 16.84
C LEU A 1148 -40.50 -24.48 15.51
N TYR A 1149 -39.53 -23.57 15.48
CA TYR A 1149 -39.27 -22.79 14.27
C TYR A 1149 -37.91 -23.12 13.71
N LEU A 1150 -37.87 -23.80 12.56
CA LEU A 1150 -36.58 -24.20 12.00
C LEU A 1150 -36.25 -23.53 10.67
N ARG A 1151 -37.02 -22.50 10.31
CA ARG A 1151 -36.87 -21.92 8.98
C ARG A 1151 -35.53 -21.27 8.73
N GLY A 1152 -34.89 -21.63 7.62
CA GLY A 1152 -33.60 -21.10 7.25
C GLY A 1152 -32.50 -22.15 7.42
N ASN A 1153 -32.81 -23.20 8.16
CA ASN A 1153 -31.86 -24.29 8.34
C ASN A 1153 -31.92 -25.23 7.17
N THR A 1154 -30.78 -25.56 6.58
CA THR A 1154 -30.76 -26.46 5.45
C THR A 1154 -30.91 -27.90 5.89
N LEU A 1155 -32.09 -28.21 6.42
CA LEU A 1155 -32.40 -29.51 6.99
C LEU A 1155 -32.37 -30.58 5.92
N GLY A 1156 -32.91 -30.24 4.75
CA GLY A 1156 -32.96 -31.18 3.64
C GLY A 1156 -34.11 -32.14 3.80
N ASP A 1157 -34.22 -33.09 2.88
CA ASP A 1157 -35.28 -34.07 2.91
C ASP A 1157 -35.04 -35.09 4.00
N LYS A 1158 -33.79 -35.48 4.16
CA LYS A 1158 -33.42 -36.42 5.20
C LYS A 1158 -33.77 -35.83 6.57
N GLY A 1159 -33.57 -34.53 6.70
CA GLY A 1159 -33.87 -33.84 7.93
C GLY A 1159 -35.34 -33.97 8.28
N ILE A 1160 -36.21 -33.69 7.30
CA ILE A 1160 -37.63 -33.80 7.54
C ILE A 1160 -38.01 -35.23 7.91
N LYS A 1161 -37.43 -36.19 7.21
CA LYS A 1161 -37.73 -37.59 7.51
C LYS A 1161 -37.48 -37.89 8.98
N LEU A 1162 -36.31 -37.49 9.48
CA LEU A 1162 -35.95 -37.72 10.88
C LEU A 1162 -36.86 -36.95 11.84
N LEU A 1163 -37.19 -35.72 11.49
CA LEU A 1163 -38.04 -34.94 12.36
C LEU A 1163 -39.41 -35.57 12.44
N CYS A 1164 -39.88 -36.09 11.32
CA CYS A 1164 -41.20 -36.71 11.27
C CYS A 1164 -41.25 -37.90 12.20
N GLU A 1165 -40.19 -38.71 12.24
CA GLU A 1165 -40.22 -39.85 13.14
C GLU A 1165 -40.55 -39.39 14.56
N GLY A 1166 -39.97 -38.26 14.95
CA GLY A 1166 -40.29 -37.67 16.25
C GLY A 1166 -41.73 -37.17 16.30
N LEU A 1167 -42.13 -36.43 15.27
CA LEU A 1167 -43.45 -35.80 15.23
C LEU A 1167 -44.58 -36.82 15.18
N LEU A 1168 -44.29 -38.00 14.67
CA LEU A 1168 -45.29 -39.04 14.52
C LEU A 1168 -45.45 -39.84 15.79
N HIS A 1169 -44.61 -39.57 16.79
CA HIS A 1169 -44.71 -40.25 18.07
C HIS A 1169 -46.00 -39.79 18.75
N PRO A 1170 -46.79 -40.71 19.32
CA PRO A 1170 -48.09 -40.44 19.91
C PRO A 1170 -48.08 -39.44 21.06
N ASP A 1171 -46.91 -39.24 21.68
CA ASP A 1171 -46.88 -38.30 22.80
C ASP A 1171 -46.45 -36.90 22.37
N CYS A 1172 -46.11 -36.70 21.11
CA CYS A 1172 -45.66 -35.39 20.67
C CYS A 1172 -46.83 -34.41 20.69
N LYS A 1173 -46.61 -33.25 21.30
CA LYS A 1173 -47.66 -32.26 21.42
C LYS A 1173 -47.40 -31.01 20.59
N LEU A 1174 -46.44 -31.07 19.69
CA LEU A 1174 -46.10 -29.89 18.93
C LEU A 1174 -47.31 -29.40 18.17
N GLN A 1175 -47.64 -28.12 18.31
CA GLN A 1175 -48.78 -27.55 17.63
C GLN A 1175 -48.37 -26.82 16.37
N VAL A 1176 -47.26 -26.10 16.45
CA VAL A 1176 -46.81 -25.30 15.32
C VAL A 1176 -45.42 -25.67 14.87
N LEU A 1177 -45.30 -26.02 13.60
CA LEU A 1177 -44.01 -26.30 13.01
C LEU A 1177 -43.78 -25.39 11.82
N GLU A 1178 -42.75 -24.55 11.90
CA GLU A 1178 -42.47 -23.62 10.81
C GLU A 1178 -41.23 -24.05 10.04
N LEU A 1179 -41.43 -24.24 8.74
CA LEU A 1179 -40.38 -24.72 7.85
C LEU A 1179 -40.32 -23.92 6.56
N ASP A 1180 -39.77 -22.74 6.62
CA ASP A 1180 -39.66 -21.94 5.42
C ASP A 1180 -38.49 -22.50 4.64
N ASN A 1181 -37.73 -21.67 3.93
CA ASN A 1181 -36.63 -22.24 3.20
C ASN A 1181 -35.82 -23.15 4.09
N CYS A 1182 -35.87 -24.45 3.81
CA CYS A 1182 -35.09 -25.44 4.53
C CYS A 1182 -34.43 -26.39 3.55
N ASN A 1183 -34.18 -25.89 2.35
CA ASN A 1183 -33.59 -26.70 1.28
C ASN A 1183 -34.39 -27.97 1.04
N LEU A 1184 -35.70 -27.84 0.95
CA LEU A 1184 -36.55 -29.01 0.75
C LEU A 1184 -36.78 -29.29 -0.72
N THR A 1185 -37.16 -30.52 -1.02
CA THR A 1185 -37.43 -30.98 -2.36
C THR A 1185 -38.68 -31.84 -2.41
N SER A 1186 -38.89 -32.52 -3.54
CA SER A 1186 -40.10 -33.30 -3.76
C SER A 1186 -40.25 -34.48 -2.82
N HIS A 1187 -39.14 -35.11 -2.49
CA HIS A 1187 -39.19 -36.34 -1.70
C HIS A 1187 -39.89 -36.15 -0.36
N CYS A 1188 -39.58 -35.05 0.31
CA CYS A 1188 -40.08 -34.82 1.66
C CYS A 1188 -41.60 -34.71 1.72
N CYS A 1189 -42.24 -34.60 0.56
CA CYS A 1189 -43.69 -34.45 0.54
C CYS A 1189 -44.38 -35.67 1.11
N TRP A 1190 -43.78 -36.84 0.93
CA TRP A 1190 -44.39 -38.05 1.47
C TRP A 1190 -44.42 -38.00 2.98
N ASP A 1191 -43.31 -37.54 3.56
CA ASP A 1191 -43.18 -37.51 5.00
C ASP A 1191 -44.02 -36.39 5.57
N LEU A 1192 -44.10 -35.29 4.85
CA LEU A 1192 -44.93 -34.17 5.27
C LEU A 1192 -46.40 -34.56 5.16
N SER A 1193 -46.75 -35.29 4.12
CA SER A 1193 -48.12 -35.75 3.94
C SER A 1193 -48.49 -36.68 5.09
N THR A 1194 -47.55 -37.56 5.45
CA THR A 1194 -47.75 -38.47 6.55
C THR A 1194 -47.99 -37.66 7.81
N LEU A 1195 -47.17 -36.64 8.01
CA LEU A 1195 -47.30 -35.77 9.16
C LEU A 1195 -48.68 -35.11 9.23
N LEU A 1196 -49.15 -34.62 8.08
CA LEU A 1196 -50.42 -33.92 8.03
C LEU A 1196 -51.59 -34.79 8.50
N THR A 1197 -51.57 -36.07 8.17
CA THR A 1197 -52.71 -36.92 8.52
C THR A 1197 -52.47 -37.76 9.78
N SER A 1198 -51.23 -37.96 10.16
CA SER A 1198 -50.90 -38.79 11.31
C SER A 1198 -50.98 -38.07 12.64
N SER A 1199 -50.36 -36.89 12.73
CA SER A 1199 -50.30 -36.22 14.01
C SER A 1199 -51.65 -35.67 14.43
N GLN A 1200 -52.02 -35.93 15.67
CA GLN A 1200 -53.25 -35.40 16.23
C GLN A 1200 -53.00 -34.09 16.94
N SER A 1201 -51.73 -33.70 17.02
CA SER A 1201 -51.36 -32.51 17.76
C SER A 1201 -51.09 -31.31 16.87
N LEU A 1202 -50.56 -31.56 15.69
CA LEU A 1202 -50.15 -30.48 14.81
C LEU A 1202 -51.36 -29.65 14.38
N ARG A 1203 -51.24 -28.33 14.45
CA ARG A 1203 -52.32 -27.44 14.05
C ARG A 1203 -51.91 -26.51 12.93
N LYS A 1204 -50.62 -26.22 12.87
CA LYS A 1204 -50.07 -25.27 11.89
C LYS A 1204 -48.76 -25.80 11.31
N LEU A 1205 -48.64 -25.80 9.99
CA LEU A 1205 -47.43 -26.27 9.33
C LEU A 1205 -47.01 -25.30 8.23
N SER A 1206 -46.14 -24.38 8.57
CA SER A 1206 -45.81 -23.29 7.66
C SER A 1206 -44.67 -23.60 6.72
N LEU A 1207 -44.94 -24.45 5.72
CA LEU A 1207 -43.95 -24.71 4.69
C LEU A 1207 -43.79 -23.46 3.84
N GLY A 1208 -42.56 -22.96 3.72
CA GLY A 1208 -42.34 -21.68 3.02
C GLY A 1208 -41.55 -21.79 1.73
N ASN A 1209 -40.55 -20.91 1.58
CA ASN A 1209 -39.85 -20.73 0.32
C ASN A 1209 -38.89 -21.87 0.03
N ASN A 1210 -39.45 -22.97 -0.45
CA ASN A 1210 -38.66 -24.13 -0.79
C ASN A 1210 -39.30 -24.82 -1.98
N ASP A 1211 -38.53 -25.61 -2.72
CA ASP A 1211 -39.08 -26.28 -3.89
C ASP A 1211 -39.84 -27.52 -3.48
N LEU A 1212 -40.98 -27.30 -2.86
CA LEU A 1212 -41.82 -28.39 -2.38
C LEU A 1212 -42.20 -29.32 -3.51
N GLY A 1213 -42.44 -28.75 -4.68
CA GLY A 1213 -42.83 -29.52 -5.84
C GLY A 1213 -44.26 -29.22 -6.23
N ASP A 1214 -44.51 -29.19 -7.52
CA ASP A 1214 -45.83 -28.88 -8.06
C ASP A 1214 -46.78 -30.06 -7.92
N LEU A 1215 -46.22 -31.26 -7.89
CA LEU A 1215 -47.03 -32.43 -7.68
C LEU A 1215 -47.13 -32.74 -6.19
N GLY A 1216 -46.07 -32.45 -5.47
CA GLY A 1216 -46.02 -32.71 -4.04
C GLY A 1216 -47.20 -32.05 -3.33
N VAL A 1217 -47.44 -30.79 -3.63
CA VAL A 1217 -48.55 -30.07 -3.05
C VAL A 1217 -49.91 -30.66 -3.44
N MET A 1218 -49.97 -31.37 -4.56
CA MET A 1218 -51.25 -31.95 -4.95
C MET A 1218 -51.61 -33.08 -4.02
N MET A 1219 -50.59 -33.76 -3.48
CA MET A 1219 -50.86 -34.78 -2.49
C MET A 1219 -51.45 -34.16 -1.25
N PHE A 1220 -50.92 -32.99 -0.86
CA PHE A 1220 -51.46 -32.31 0.32
C PHE A 1220 -52.92 -31.98 0.09
N CYS A 1221 -53.21 -31.48 -1.11
CA CYS A 1221 -54.56 -31.10 -1.45
C CYS A 1221 -55.52 -32.27 -1.26
N GLU A 1222 -55.11 -33.45 -1.72
CA GLU A 1222 -55.95 -34.63 -1.68
C GLU A 1222 -56.14 -35.18 -0.26
N VAL A 1223 -55.07 -35.20 0.53
CA VAL A 1223 -55.14 -35.82 1.84
C VAL A 1223 -55.81 -34.93 2.88
N LEU A 1224 -55.66 -33.61 2.75
CA LEU A 1224 -56.25 -32.68 3.71
C LEU A 1224 -57.76 -32.55 3.59
N LYS A 1225 -58.40 -33.66 3.23
CA LYS A 1225 -59.84 -33.72 3.16
C LYS A 1225 -60.39 -34.69 4.20
N GLN A 1226 -59.55 -35.62 4.64
CA GLN A 1226 -59.99 -36.69 5.53
C GLN A 1226 -59.92 -36.30 7.00
N GLN A 1227 -60.74 -35.34 7.39
CA GLN A 1227 -60.82 -34.90 8.78
C GLN A 1227 -59.45 -34.58 9.38
N SER A 1228 -58.64 -33.82 8.66
CA SER A 1228 -57.32 -33.43 9.16
C SER A 1228 -57.46 -32.49 10.33
N CYS A 1229 -56.52 -32.57 11.26
CA CYS A 1229 -56.54 -31.70 12.43
C CYS A 1229 -55.82 -30.38 12.18
N LEU A 1230 -55.23 -30.22 10.99
CA LEU A 1230 -54.54 -28.97 10.70
C LEU A 1230 -55.57 -27.90 10.41
N LEU A 1231 -55.46 -26.78 11.11
CA LEU A 1231 -56.45 -25.71 10.97
C LEU A 1231 -55.85 -24.42 10.45
N GLN A 1232 -54.56 -24.25 10.64
CA GLN A 1232 -53.95 -22.96 10.35
C GLN A 1232 -53.11 -22.98 9.09
N ASN A 1233 -52.26 -21.98 8.98
CA ASN A 1233 -51.36 -21.78 7.85
C ASN A 1233 -50.79 -23.12 7.39
N LEU A 1234 -50.92 -23.39 6.09
CA LEU A 1234 -50.40 -24.62 5.50
C LEU A 1234 -49.14 -24.30 4.73
N GLY A 1235 -48.76 -23.04 4.77
CA GLY A 1235 -47.60 -22.57 4.05
C GLY A 1235 -47.89 -22.55 2.56
N LEU A 1236 -46.92 -23.01 1.78
CA LEU A 1236 -46.99 -23.00 0.31
C LEU A 1236 -46.82 -21.59 -0.25
N SER A 1237 -46.39 -20.66 0.58
CA SER A 1237 -46.11 -19.31 0.13
C SER A 1237 -44.77 -19.27 -0.58
N GLU A 1238 -44.52 -18.20 -1.33
CA GLU A 1238 -43.24 -18.04 -2.01
C GLU A 1238 -42.89 -19.28 -2.82
N MET A 1239 -43.90 -19.87 -3.44
CA MET A 1239 -43.75 -21.08 -4.22
C MET A 1239 -44.62 -21.02 -5.46
N TYR A 1240 -44.04 -21.32 -6.61
CA TYR A 1240 -44.79 -21.24 -7.86
C TYR A 1240 -45.56 -22.52 -8.16
N PHE A 1241 -46.86 -22.35 -8.40
CA PHE A 1241 -47.74 -23.46 -8.70
C PHE A 1241 -48.42 -23.26 -10.04
N ASN A 1242 -48.83 -24.36 -10.67
CA ASN A 1242 -49.52 -24.25 -11.95
C ASN A 1242 -51.01 -23.98 -11.76
N TYR A 1243 -51.73 -23.86 -12.87
CA TYR A 1243 -53.15 -23.52 -12.82
C TYR A 1243 -53.98 -24.54 -12.07
N GLU A 1244 -53.81 -25.80 -12.42
CA GLU A 1244 -54.61 -26.86 -11.81
C GLU A 1244 -54.36 -26.92 -10.31
N THR A 1245 -53.12 -26.70 -9.91
CA THR A 1245 -52.74 -26.73 -8.52
C THR A 1245 -53.42 -25.60 -7.75
N LYS A 1246 -53.37 -24.40 -8.31
CA LYS A 1246 -54.00 -23.28 -7.64
C LYS A 1246 -55.48 -23.52 -7.50
N SER A 1247 -56.10 -24.10 -8.53
CA SER A 1247 -57.52 -24.40 -8.50
C SER A 1247 -57.83 -25.38 -7.37
N ALA A 1248 -57.01 -26.42 -7.26
CA ALA A 1248 -57.20 -27.42 -6.22
C ALA A 1248 -57.07 -26.81 -4.84
N LEU A 1249 -56.11 -25.92 -4.66
CA LEU A 1249 -55.91 -25.27 -3.37
C LEU A 1249 -57.06 -24.33 -3.05
N GLU A 1250 -57.57 -23.63 -4.07
CA GLU A 1250 -58.73 -22.77 -3.87
C GLU A 1250 -59.94 -23.61 -3.49
N THR A 1251 -60.08 -24.76 -4.15
CA THR A 1251 -61.19 -25.66 -3.88
C THR A 1251 -61.11 -26.12 -2.44
N LEU A 1252 -59.92 -26.50 -2.00
CA LEU A 1252 -59.71 -26.96 -0.64
C LEU A 1252 -60.11 -25.88 0.35
N GLN A 1253 -59.71 -24.65 0.09
CA GLN A 1253 -60.02 -23.54 0.98
C GLN A 1253 -61.52 -23.35 1.14
N GLU A 1254 -62.26 -23.52 0.05
CA GLU A 1254 -63.70 -23.34 0.08
C GLU A 1254 -64.42 -24.53 0.71
N GLU A 1255 -63.98 -25.73 0.42
CA GLU A 1255 -64.64 -26.93 0.93
C GLU A 1255 -64.37 -27.17 2.40
N LYS A 1256 -63.19 -26.78 2.87
CA LYS A 1256 -62.81 -27.00 4.25
C LYS A 1256 -62.48 -25.70 4.97
N PRO A 1257 -63.48 -24.90 5.36
CA PRO A 1257 -63.38 -23.57 5.93
C PRO A 1257 -62.72 -23.61 7.31
N GLU A 1258 -62.67 -24.79 7.91
CA GLU A 1258 -62.03 -24.93 9.20
C GLU A 1258 -60.53 -24.67 9.08
N LEU A 1259 -60.02 -24.73 7.84
CA LEU A 1259 -58.63 -24.40 7.58
C LEU A 1259 -58.61 -22.91 7.31
N THR A 1260 -58.23 -22.15 8.32
CA THR A 1260 -58.36 -20.70 8.31
C THR A 1260 -57.98 -20.12 6.96
N VAL A 1261 -56.69 -20.13 6.68
CA VAL A 1261 -56.17 -19.74 5.38
C VAL A 1261 -55.01 -20.64 4.99
N VAL A 1262 -54.98 -21.06 3.74
CA VAL A 1262 -53.87 -21.83 3.20
C VAL A 1262 -52.64 -20.96 2.96
N PHE A 1263 -52.84 -19.85 2.25
CA PHE A 1263 -51.81 -18.84 1.91
C PHE A 1263 -50.98 -19.19 0.68
N GLU A 1264 -51.61 -19.17 -0.49
CA GLU A 1264 -50.85 -19.33 -1.73
C GLU A 1264 -50.21 -17.97 -2.03
N PRO A 1265 -49.40 -17.84 -3.08
CA PRO A 1265 -48.76 -16.61 -3.52
C PRO A 1265 -49.75 -15.57 -4.05
N SER A 1266 -50.92 -16.06 -4.46
CA SER A 1266 -51.99 -15.27 -5.08
C SER A 1266 -52.77 -16.13 -6.06
N LYS B 1 14.31 -2.17 86.43
CA LYS B 1 14.79 -1.91 87.78
C LYS B 1 14.53 -0.49 88.23
N ILE B 2 13.68 -0.33 89.22
CA ILE B 2 13.33 0.99 89.74
C ILE B 2 14.00 1.24 91.09
N GLU B 3 14.70 2.36 91.19
CA GLU B 3 15.42 2.69 92.42
C GLU B 3 14.49 3.28 93.47
N GLU B 4 13.58 2.46 93.96
CA GLU B 4 12.61 2.92 94.93
C GLU B 4 13.26 3.25 96.27
N GLY B 5 12.78 4.30 96.92
CA GLY B 5 13.24 4.67 98.25
C GLY B 5 14.28 5.80 98.23
N LYS B 6 14.85 6.09 97.06
CA LYS B 6 15.85 7.15 96.99
C LYS B 6 15.70 7.99 95.73
N LEU B 7 16.10 9.26 95.81
CA LEU B 7 16.05 10.12 94.62
C LEU B 7 17.45 10.22 94.01
N VAL B 8 17.56 9.90 92.72
CA VAL B 8 18.86 9.91 92.04
C VAL B 8 18.91 10.94 90.91
N ILE B 9 19.94 11.78 90.92
CA ILE B 9 20.09 12.83 89.93
C ILE B 9 21.34 12.67 89.07
N TRP B 10 21.17 12.75 87.75
CA TRP B 10 22.29 12.76 86.82
C TRP B 10 22.50 14.15 86.21
N ILE B 11 23.66 14.74 86.49
CA ILE B 11 23.98 16.09 86.02
C ILE B 11 25.36 16.15 85.39
N ASN B 12 25.50 16.92 84.32
CA ASN B 12 26.81 17.09 83.69
C ASN B 12 27.82 17.62 84.70
N GLY B 13 28.99 17.01 84.74
CA GLY B 13 30.05 17.34 85.68
C GLY B 13 30.59 18.76 85.52
N ASP B 14 30.23 19.41 84.41
CA ASP B 14 30.64 20.78 84.14
C ASP B 14 29.65 21.79 84.71
N LYS B 15 28.69 21.31 85.49
CA LYS B 15 27.71 22.17 86.14
C LYS B 15 28.00 22.24 87.64
N GLY B 16 27.15 22.95 88.39
CA GLY B 16 27.35 23.10 89.83
C GLY B 16 26.99 21.81 90.58
N TYR B 17 27.74 20.74 90.30
CA TYR B 17 27.50 19.42 90.86
C TYR B 17 27.51 19.38 92.38
N ASN B 18 28.55 19.93 92.99
CA ASN B 18 28.67 19.84 94.44
C ASN B 18 27.53 20.58 95.12
N GLY B 19 27.15 21.69 94.53
CA GLY B 19 26.06 22.50 95.05
C GLY B 19 24.74 21.76 94.99
N LEU B 20 24.46 21.13 93.86
CA LEU B 20 23.22 20.38 93.72
C LEU B 20 23.18 19.25 94.75
N ALA B 21 24.33 18.65 95.02
CA ALA B 21 24.42 17.65 96.07
C ALA B 21 24.11 18.27 97.43
N GLU B 22 24.50 19.54 97.62
CA GLU B 22 24.22 20.24 98.87
C GLU B 22 22.73 20.50 99.03
N VAL B 23 22.05 20.80 97.92
CA VAL B 23 20.61 21.00 97.94
C VAL B 23 19.97 19.68 98.33
N GLY B 24 20.50 18.59 97.76
CA GLY B 24 20.07 17.24 98.06
C GLY B 24 20.25 16.91 99.54
N LYS B 25 21.42 17.21 100.09
CA LYS B 25 21.70 16.95 101.49
C LYS B 25 20.79 17.76 102.41
N LYS B 26 20.53 19.01 102.05
CA LYS B 26 19.63 19.83 102.85
C LYS B 26 18.23 19.24 102.80
N PHE B 27 17.81 18.83 101.60
CA PHE B 27 16.51 18.21 101.42
C PHE B 27 16.42 17.00 102.33
N GLU B 28 17.44 16.14 102.31
CA GLU B 28 17.46 14.96 103.16
C GLU B 28 17.26 15.32 104.62
N LYS B 29 17.98 16.33 105.11
CA LYS B 29 17.84 16.70 106.51
C LYS B 29 16.45 17.26 106.82
N ASP B 30 15.86 17.97 105.86
CA ASP B 30 14.54 18.55 106.06
C ASP B 30 13.39 17.54 105.93
N THR B 31 13.52 16.59 105.00
CA THR B 31 12.41 15.66 104.73
C THR B 31 12.69 14.23 105.17
N GLY B 32 13.97 13.88 105.36
CA GLY B 32 14.36 12.53 105.74
C GLY B 32 14.64 11.61 104.53
N ILE B 33 14.46 12.14 103.33
CA ILE B 33 14.67 11.34 102.12
C ILE B 33 15.96 11.72 101.41
N LYS B 34 16.87 10.76 101.29
CA LYS B 34 18.19 11.01 100.72
C LYS B 34 18.14 11.26 99.22
N VAL B 35 18.96 12.21 98.77
CA VAL B 35 19.12 12.53 97.36
C VAL B 35 20.56 12.30 96.93
N THR B 36 20.76 11.46 95.93
CA THR B 36 22.09 11.12 95.42
C THR B 36 22.32 11.82 94.09
N VAL B 37 23.43 12.52 93.97
CA VAL B 37 23.73 13.22 92.72
C VAL B 37 25.00 12.62 92.11
N GLU B 38 24.91 12.22 90.84
CA GLU B 38 26.02 11.63 90.12
C GLU B 38 26.28 12.38 88.82
N HIS B 39 27.52 12.33 88.32
CA HIS B 39 27.83 13.03 87.09
C HIS B 39 28.63 12.17 86.10
N PRO B 40 28.00 11.16 85.51
CA PRO B 40 28.60 10.25 84.55
C PRO B 40 28.87 10.99 83.25
N ASP B 41 29.90 10.56 82.53
CA ASP B 41 30.22 11.19 81.25
C ASP B 41 29.23 10.71 80.19
N LYS B 42 28.92 11.60 79.24
CA LYS B 42 28.00 11.28 78.16
C LYS B 42 26.65 10.80 78.68
N LEU B 43 26.12 11.49 79.68
CA LEU B 43 24.83 11.11 80.22
C LEU B 43 23.75 11.29 79.16
N GLU B 44 24.00 12.15 78.18
CA GLU B 44 23.08 12.39 77.08
C GLU B 44 23.06 11.21 76.10
N GLU B 45 24.02 10.30 76.24
CA GLU B 45 24.06 9.12 75.39
C GLU B 45 23.59 7.88 76.15
N LYS B 46 23.87 7.84 77.45
CA LYS B 46 23.49 6.70 78.28
C LYS B 46 22.08 6.82 78.85
N PHE B 47 21.66 8.04 79.19
CA PHE B 47 20.35 8.23 79.79
C PHE B 47 19.22 7.62 78.96
N PRO B 48 19.18 7.81 77.63
CA PRO B 48 18.15 7.32 76.73
C PRO B 48 18.01 5.81 76.78
N GLN B 49 19.06 5.12 77.21
CA GLN B 49 19.03 3.66 77.23
C GLN B 49 18.51 3.14 78.55
N VAL B 50 18.87 3.81 79.63
CA VAL B 50 18.38 3.41 80.94
C VAL B 50 16.96 3.90 81.14
N ALA B 51 16.67 5.11 80.66
CA ALA B 51 15.33 5.67 80.71
C ALA B 51 14.35 4.77 79.98
N ALA B 52 14.82 4.15 78.90
CA ALA B 52 14.02 3.26 78.10
C ALA B 52 13.91 1.89 78.76
N THR B 53 14.64 1.70 79.85
CA THR B 53 14.66 0.46 80.61
C THR B 53 13.92 0.63 81.93
N GLY B 54 13.91 1.85 82.46
CA GLY B 54 13.36 2.14 83.77
C GLY B 54 14.46 2.34 84.79
N ASP B 55 15.68 1.97 84.40
CA ASP B 55 16.86 2.12 85.24
C ASP B 55 17.37 3.54 85.10
N GLY B 56 18.45 3.87 85.78
CA GLY B 56 18.98 5.21 85.70
C GLY B 56 18.37 6.11 86.76
N PRO B 57 18.57 7.42 86.63
CA PRO B 57 18.23 8.48 87.55
C PRO B 57 16.74 8.81 87.50
N ASP B 58 16.27 9.55 88.49
CA ASP B 58 14.91 10.06 88.48
C ASP B 58 14.89 11.41 87.78
N ILE B 59 15.96 12.18 87.98
CA ILE B 59 16.06 13.53 87.44
C ILE B 59 17.33 13.70 86.60
N ILE B 60 17.18 14.34 85.44
CA ILE B 60 18.31 14.64 84.57
C ILE B 60 18.48 16.13 84.32
N PHE B 61 19.70 16.60 84.48
CA PHE B 61 20.03 17.99 84.19
C PHE B 61 20.81 18.11 82.90
N TRP B 62 20.16 18.67 81.89
CA TRP B 62 20.75 18.82 80.55
C TRP B 62 20.05 19.95 79.81
N ALA B 63 20.49 20.22 78.59
CA ALA B 63 19.82 21.22 77.77
C ALA B 63 18.40 20.77 77.42
N HIS B 64 17.49 21.72 77.40
CA HIS B 64 16.09 21.50 77.09
C HIS B 64 15.83 21.06 75.65
N ASP B 65 16.81 21.24 74.77
CA ASP B 65 16.59 20.87 73.38
C ASP B 65 16.58 19.36 73.24
N ARG B 66 17.54 18.71 73.88
CA ARG B 66 17.64 17.27 73.81
C ARG B 66 16.41 16.64 74.45
N PHE B 67 15.89 17.28 75.49
CA PHE B 67 14.71 16.77 76.19
C PHE B 67 13.52 16.64 75.27
N GLY B 68 13.47 17.42 74.20
CA GLY B 68 12.38 17.28 73.26
C GLY B 68 12.45 15.92 72.58
N GLY B 69 13.68 15.45 72.34
CA GLY B 69 13.90 14.17 71.70
C GLY B 69 13.45 13.05 72.63
N TYR B 70 13.73 13.22 73.92
CA TYR B 70 13.30 12.24 74.89
C TYR B 70 11.78 12.25 74.99
N ALA B 71 11.19 13.44 74.96
CA ALA B 71 9.75 13.57 75.03
C ALA B 71 9.09 12.88 73.84
N GLN B 72 9.75 12.97 72.68
CA GLN B 72 9.26 12.32 71.48
C GLN B 72 9.25 10.81 71.65
N SER B 73 10.25 10.30 72.37
CA SER B 73 10.36 8.88 72.64
C SER B 73 9.54 8.47 73.86
N GLY B 74 9.08 9.47 74.62
CA GLY B 74 8.28 9.23 75.81
C GLY B 74 9.13 8.80 76.99
N LEU B 75 10.37 9.28 77.05
CA LEU B 75 11.28 8.89 78.11
C LEU B 75 11.25 9.84 79.30
N LEU B 76 10.47 10.91 79.22
CA LEU B 76 10.33 11.84 80.33
C LEU B 76 8.91 11.84 80.88
N ALA B 77 8.83 12.04 82.20
CA ALA B 77 7.57 12.17 82.92
C ALA B 77 7.02 13.58 82.76
N GLU B 78 5.71 13.70 82.74
CA GLU B 78 5.08 15.02 82.71
C GLU B 78 5.24 15.70 84.06
N ILE B 79 5.62 16.97 84.06
CA ILE B 79 5.73 17.70 85.32
C ILE B 79 4.43 18.46 85.57
N THR B 80 3.98 18.45 86.81
CA THR B 80 2.69 19.08 87.12
C THR B 80 2.75 20.08 88.28
N PRO B 81 3.47 21.19 88.13
CA PRO B 81 3.48 22.32 89.03
C PRO B 81 2.20 23.13 88.89
N ASP B 82 1.75 23.76 89.97
CA ASP B 82 0.61 24.67 89.88
C ASP B 82 1.11 26.05 89.50
N LYS B 83 0.19 27.00 89.35
CA LYS B 83 0.57 28.36 88.97
C LYS B 83 1.37 29.03 90.07
N ALA B 84 1.16 28.58 91.30
CA ALA B 84 1.90 29.09 92.44
C ALA B 84 3.40 28.93 92.21
N PHE B 85 3.79 27.86 91.51
CA PHE B 85 5.19 27.64 91.20
C PHE B 85 5.55 28.16 89.83
N GLN B 86 4.65 28.00 88.86
CA GLN B 86 4.99 28.39 87.50
C GLN B 86 5.33 29.86 87.43
N ASP B 87 4.65 30.67 88.24
CA ASP B 87 4.85 32.12 88.25
C ASP B 87 6.14 32.52 88.96
N LYS B 88 6.88 31.55 89.49
CA LYS B 88 8.15 31.85 90.15
C LYS B 88 9.29 31.99 89.15
N LEU B 89 9.18 31.34 88.00
CA LEU B 89 10.27 31.37 87.03
C LEU B 89 9.92 32.34 85.92
N TYR B 90 10.92 32.83 85.20
CA TYR B 90 10.64 33.77 84.12
C TYR B 90 9.58 33.21 83.17
N PRO B 91 8.64 34.06 82.72
CA PRO B 91 7.45 33.76 81.96
C PRO B 91 7.72 33.24 80.56
N PHE B 92 8.96 33.35 80.10
CA PHE B 92 9.26 32.95 78.74
C PHE B 92 10.06 31.66 78.70
N THR B 93 10.50 31.18 79.86
CA THR B 93 11.34 30.00 79.90
C THR B 93 10.48 28.74 79.93
N TRP B 94 9.18 28.92 80.17
CA TRP B 94 8.28 27.77 80.24
C TRP B 94 8.03 27.16 78.87
N ASP B 95 8.40 27.89 77.83
CA ASP B 95 8.26 27.37 76.49
C ASP B 95 9.44 26.48 76.15
N ALA B 96 10.54 26.67 76.87
CA ALA B 96 11.75 25.91 76.63
C ALA B 96 11.54 24.44 76.89
N VAL B 97 10.65 24.15 77.83
CA VAL B 97 10.39 22.80 78.26
C VAL B 97 9.00 22.34 77.86
N ARG B 98 8.39 23.04 76.91
CA ARG B 98 7.05 22.68 76.49
C ARG B 98 7.08 21.86 75.20
N TYR B 99 6.61 20.63 75.28
CA TYR B 99 6.59 19.73 74.13
C TYR B 99 5.16 19.36 73.77
N ASN B 100 4.71 19.85 72.62
CA ASN B 100 3.35 19.62 72.15
C ASN B 100 2.31 19.95 73.22
N GLY B 101 2.54 21.03 73.95
CA GLY B 101 1.59 21.49 74.96
C GLY B 101 1.89 20.97 76.38
N LYS B 102 2.73 19.95 76.50
CA LYS B 102 3.04 19.39 77.82
C LYS B 102 4.34 19.96 78.38
N LEU B 103 4.44 20.05 79.69
CA LEU B 103 5.69 20.46 80.31
C LEU B 103 6.48 19.23 80.74
N ILE B 104 7.72 19.13 80.24
CA ILE B 104 8.51 17.92 80.45
C ILE B 104 9.73 18.11 81.38
N ALA B 105 10.05 19.34 81.74
CA ALA B 105 11.21 19.59 82.59
C ALA B 105 11.08 20.94 83.29
N TYR B 106 11.82 21.11 84.39
CA TYR B 106 11.83 22.38 85.10
C TYR B 106 13.00 23.25 84.65
N PRO B 107 12.77 24.45 84.12
CA PRO B 107 13.80 25.38 83.71
C PRO B 107 14.70 25.72 84.89
N ILE B 108 16.00 25.68 84.67
CA ILE B 108 16.99 25.97 85.71
C ILE B 108 17.75 27.25 85.39
N ALA B 109 18.34 27.31 84.20
CA ALA B 109 19.20 28.44 83.86
C ALA B 109 19.12 28.79 82.38
N VAL B 110 19.37 30.05 82.07
CA VAL B 110 19.18 30.53 80.71
C VAL B 110 20.43 31.14 80.08
N GLU B 111 20.90 30.54 79.00
CA GLU B 111 22.07 31.07 78.29
C GLU B 111 21.64 31.84 77.04
N ALA B 112 22.47 32.80 76.66
CA ALA B 112 22.23 33.61 75.47
C ALA B 112 23.56 34.11 74.94
N LEU B 113 23.58 34.54 73.69
CA LEU B 113 24.81 35.09 73.13
C LEU B 113 24.80 36.61 73.25
N SER B 114 25.59 37.11 74.20
CA SER B 114 25.64 38.52 74.50
C SER B 114 26.82 39.16 73.79
N LEU B 115 26.88 40.48 73.82
CA LEU B 115 27.98 41.17 73.16
C LEU B 115 29.09 41.43 74.17
N ILE B 116 30.26 40.88 73.90
CA ILE B 116 31.41 41.02 74.79
C ILE B 116 32.37 42.04 74.18
N TYR B 117 32.70 43.09 74.93
CA TYR B 117 33.49 44.17 74.36
C TYR B 117 34.64 44.61 75.25
N ASN B 118 35.65 45.18 74.61
CA ASN B 118 36.86 45.67 75.28
C ASN B 118 36.77 47.17 75.55
N LYS B 119 36.57 47.54 76.81
CA LYS B 119 36.37 48.92 77.23
C LYS B 119 37.57 49.81 76.91
N ASP B 120 38.72 49.19 76.71
CA ASP B 120 39.94 49.92 76.43
C ASP B 120 39.95 50.43 74.99
N LEU B 121 39.24 49.74 74.12
CA LEU B 121 39.18 50.13 72.70
C LEU B 121 37.83 50.74 72.37
N LEU B 122 36.79 50.27 73.06
CA LEU B 122 35.43 50.66 72.79
C LEU B 122 34.57 50.66 74.06
N PRO B 123 34.65 51.73 74.86
CA PRO B 123 33.90 51.93 76.09
C PRO B 123 32.42 52.16 75.82
N ASN B 124 32.10 52.48 74.56
CA ASN B 124 30.74 52.76 74.15
C ASN B 124 30.36 52.04 72.86
N PRO B 125 29.95 50.77 72.93
CA PRO B 125 29.55 49.92 71.83
C PRO B 125 28.38 50.56 71.09
N PRO B 126 28.21 50.27 69.80
CA PRO B 126 27.15 50.74 68.93
C PRO B 126 25.83 50.10 69.33
N LYS B 127 24.74 50.81 69.10
CA LYS B 127 23.42 50.28 69.42
C LYS B 127 22.71 49.76 68.17
N THR B 128 23.28 50.06 67.01
CA THR B 128 22.68 49.68 65.73
C THR B 128 23.73 48.96 64.88
N TRP B 129 23.34 47.85 64.26
CA TRP B 129 24.28 47.06 63.43
C TRP B 129 24.86 47.89 62.30
N GLU B 130 24.07 48.82 61.81
CA GLU B 130 24.44 49.68 60.70
C GLU B 130 25.59 50.62 61.03
N GLU B 131 25.85 50.79 62.32
CA GLU B 131 26.93 51.69 62.76
C GLU B 131 28.28 51.00 62.78
N ILE B 132 28.29 49.67 62.71
CA ILE B 132 29.52 48.91 62.82
C ILE B 132 30.52 49.20 61.69
N PRO B 133 30.09 49.24 60.41
CA PRO B 133 30.93 49.61 59.27
C PRO B 133 31.68 50.91 59.55
N ALA B 134 30.95 51.93 59.99
CA ALA B 134 31.57 53.23 60.27
C ALA B 134 32.54 53.11 61.42
N LEU B 135 32.16 52.33 62.43
CA LEU B 135 33.02 52.10 63.58
C LEU B 135 34.29 51.38 63.16
N ASP B 136 34.15 50.42 62.25
CA ASP B 136 35.27 49.65 61.77
C ASP B 136 36.23 50.52 60.98
N LYS B 137 35.68 51.47 60.23
CA LYS B 137 36.53 52.38 59.48
C LYS B 137 37.30 53.31 60.42
N GLU B 138 36.63 53.80 61.46
CA GLU B 138 37.30 54.65 62.43
C GLU B 138 38.37 53.88 63.19
N LEU B 139 38.06 52.64 63.55
CA LEU B 139 39.03 51.81 64.24
C LEU B 139 40.14 51.41 63.28
N LYS B 140 39.80 51.17 62.01
CA LYS B 140 40.80 50.81 61.02
C LYS B 140 41.90 51.85 61.02
N ALA B 141 41.51 53.13 61.07
CA ALA B 141 42.47 54.22 61.14
C ALA B 141 43.36 54.06 62.36
N LYS B 142 42.81 53.55 63.45
CA LYS B 142 43.56 53.31 64.68
C LYS B 142 44.27 51.95 64.63
N GLY B 143 43.91 51.13 63.64
CA GLY B 143 44.52 49.82 63.44
C GLY B 143 43.76 48.68 64.12
N LYS B 144 42.51 48.91 64.50
CA LYS B 144 41.71 47.90 65.18
C LYS B 144 40.45 47.54 64.39
N SER B 145 39.88 46.37 64.66
CA SER B 145 38.63 45.96 64.01
C SER B 145 37.44 46.22 64.93
N ALA B 146 36.29 46.53 64.35
CA ALA B 146 35.09 46.78 65.15
C ALA B 146 34.46 45.50 65.65
N LEU B 147 34.42 44.47 64.81
CA LEU B 147 33.75 43.25 65.22
C LEU B 147 34.33 42.01 64.56
N MET B 148 34.66 41.01 65.39
CA MET B 148 35.12 39.72 64.87
C MET B 148 34.51 38.59 65.68
N PHE B 149 33.80 37.69 65.02
CA PHE B 149 33.18 36.56 65.71
C PHE B 149 33.17 35.34 64.81
N ASN B 150 32.72 34.23 65.36
CA ASN B 150 32.72 32.96 64.62
C ASN B 150 31.63 32.93 63.58
N LEU B 151 32.01 32.92 62.30
CA LEU B 151 31.02 32.91 61.23
C LEU B 151 30.98 31.54 60.56
N GLN B 152 31.60 30.55 61.18
CA GLN B 152 31.58 29.18 60.67
C GLN B 152 30.50 28.40 61.39
N GLU B 153 30.03 28.96 62.49
CA GLU B 153 29.02 28.36 63.34
C GLU B 153 27.80 29.28 63.40
N PRO B 154 26.72 28.94 62.68
CA PRO B 154 25.49 29.69 62.51
C PRO B 154 24.92 30.15 63.85
N TYR B 155 25.27 29.46 64.91
CA TYR B 155 24.79 29.79 66.24
C TYR B 155 25.03 31.26 66.54
N PHE B 156 26.15 31.80 66.05
CA PHE B 156 26.53 33.17 66.36
C PHE B 156 26.10 34.18 65.30
N THR B 157 25.57 33.71 64.17
CA THR B 157 25.17 34.64 63.10
C THR B 157 23.68 34.83 63.14
N TRP B 158 22.99 33.84 63.70
CA TRP B 158 21.55 33.85 63.83
C TRP B 158 20.98 35.12 64.44
N PRO B 159 21.55 35.67 65.53
CA PRO B 159 21.05 36.85 66.21
C PRO B 159 20.79 37.97 65.21
N LEU B 160 21.61 38.06 64.17
CA LEU B 160 21.46 39.07 63.15
C LEU B 160 20.48 38.63 62.07
N ILE B 161 20.57 37.37 61.67
CA ILE B 161 19.72 36.87 60.60
C ILE B 161 18.24 36.96 60.97
N ALA B 162 17.93 36.59 62.20
CA ALA B 162 16.56 36.58 62.69
C ALA B 162 16.11 38.00 63.10
N ALA B 163 17.01 38.96 63.06
CA ALA B 163 16.71 40.28 63.58
C ALA B 163 15.56 40.94 62.81
N ASP B 164 15.43 40.65 61.52
CA ASP B 164 14.42 41.33 60.72
C ASP B 164 13.15 40.51 60.47
N GLY B 165 12.84 39.60 61.38
CA GLY B 165 11.59 38.86 61.26
C GLY B 165 11.81 37.40 60.89
N GLY B 166 13.07 37.04 60.69
CA GLY B 166 13.41 35.66 60.40
C GLY B 166 13.21 34.83 61.65
N TYR B 167 12.98 33.54 61.48
CA TYR B 167 12.79 32.63 62.60
C TYR B 167 13.14 31.22 62.20
N ALA B 168 13.28 30.33 63.17
CA ALA B 168 13.52 28.93 62.82
C ALA B 168 12.18 28.26 62.53
N PHE B 169 11.60 27.62 63.55
CA PHE B 169 10.31 26.99 63.39
C PHE B 169 9.24 27.80 64.10
N LYS B 170 8.14 28.07 63.41
CA LYS B 170 7.09 28.89 63.99
C LYS B 170 6.55 28.28 65.27
N TYR B 171 6.46 29.10 66.31
CA TYR B 171 5.96 28.65 67.60
C TYR B 171 4.66 29.35 67.93
N GLU B 172 3.54 28.69 67.64
CA GLU B 172 2.24 29.33 67.73
C GLU B 172 1.45 29.02 69.00
N ASN B 173 1.14 27.76 69.21
CA ASN B 173 0.24 27.36 70.30
C ASN B 173 0.90 26.43 71.31
N GLY B 174 2.22 26.53 71.41
CA GLY B 174 2.97 25.67 72.30
C GLY B 174 3.62 24.54 71.52
N LYS B 175 3.14 24.33 70.30
CA LYS B 175 3.70 23.32 69.42
C LYS B 175 4.44 24.01 68.29
N TYR B 176 5.65 23.53 68.00
CA TYR B 176 6.40 24.07 66.87
C TYR B 176 5.84 23.52 65.58
N ASP B 177 5.58 24.40 64.62
CA ASP B 177 5.08 23.95 63.34
C ASP B 177 6.25 23.52 62.47
N ILE B 178 6.41 22.22 62.35
CA ILE B 178 7.55 21.63 61.66
C ILE B 178 7.63 22.05 60.21
N LYS B 179 6.47 22.27 59.58
CA LYS B 179 6.44 22.59 58.17
C LYS B 179 6.56 24.08 57.88
N ASP B 180 6.70 24.91 58.92
CA ASP B 180 6.79 26.35 58.73
C ASP B 180 8.15 26.87 59.17
N VAL B 181 9.05 27.05 58.20
CA VAL B 181 10.42 27.45 58.49
C VAL B 181 10.69 28.86 58.00
N GLY B 182 11.20 29.69 58.89
CA GLY B 182 11.39 31.12 58.65
C GLY B 182 12.80 31.52 58.24
N VAL B 183 13.59 30.59 57.72
CA VAL B 183 14.96 30.89 57.32
C VAL B 183 14.99 31.42 55.89
N ASP B 184 13.88 31.23 55.19
CA ASP B 184 13.77 31.57 53.77
C ASP B 184 13.18 32.96 53.50
N ASN B 185 12.36 33.47 54.41
CA ASN B 185 11.61 34.68 54.07
C ASN B 185 12.47 35.94 54.16
N ALA B 186 11.86 37.08 53.83
CA ALA B 186 12.57 38.34 53.73
C ALA B 186 13.29 38.70 55.01
N GLY B 187 12.71 38.33 56.14
CA GLY B 187 13.31 38.69 57.42
C GLY B 187 14.68 38.05 57.57
N ALA B 188 14.84 36.85 57.01
CA ALA B 188 16.12 36.16 57.10
C ALA B 188 17.05 36.61 55.97
N LYS B 189 16.48 36.83 54.79
CA LYS B 189 17.27 37.20 53.64
C LYS B 189 17.94 38.55 53.85
N ALA B 190 17.19 39.50 54.42
CA ALA B 190 17.74 40.84 54.65
C ALA B 190 18.89 40.79 55.63
N GLY B 191 18.73 39.98 56.67
CA GLY B 191 19.76 39.84 57.70
C GLY B 191 21.01 39.22 57.11
N LEU B 192 20.85 38.11 56.41
CA LEU B 192 21.99 37.42 55.83
C LEU B 192 22.66 38.28 54.77
N THR B 193 21.86 38.99 53.97
CA THR B 193 22.43 39.84 52.93
C THR B 193 23.32 40.90 53.55
N PHE B 194 22.82 41.52 54.61
CA PHE B 194 23.60 42.52 55.33
C PHE B 194 24.91 41.92 55.83
N LEU B 195 24.84 40.75 56.45
CA LEU B 195 26.03 40.09 56.96
C LEU B 195 27.05 39.81 55.86
N VAL B 196 26.57 39.31 54.72
CA VAL B 196 27.47 39.00 53.61
C VAL B 196 28.12 40.27 53.10
N ASP B 197 27.34 41.35 53.02
CA ASP B 197 27.89 42.63 52.59
C ASP B 197 28.99 43.12 53.52
N LEU B 198 28.84 42.86 54.83
CA LEU B 198 29.87 43.27 55.79
C LEU B 198 31.17 42.55 55.51
N ILE B 199 31.08 41.31 55.06
CA ILE B 199 32.27 40.53 54.74
C ILE B 199 32.93 41.10 53.49
N LYS B 200 32.12 41.38 52.47
CA LYS B 200 32.62 41.92 51.22
C LYS B 200 33.28 43.29 51.41
N ASN B 201 32.82 44.04 52.41
CA ASN B 201 33.36 45.36 52.71
C ASN B 201 34.60 45.26 53.60
N LYS B 202 35.04 44.04 53.85
CA LYS B 202 36.25 43.75 54.63
C LYS B 202 36.15 44.20 56.08
N HIS B 203 34.98 44.04 56.69
CA HIS B 203 34.86 44.33 58.11
C HIS B 203 35.03 43.03 58.91
N MET B 204 34.75 41.92 58.23
CA MET B 204 34.88 40.56 58.76
C MET B 204 35.34 39.64 57.66
N ASN B 205 36.00 38.54 58.01
CA ASN B 205 36.40 37.58 57.00
C ASN B 205 35.32 36.50 56.84
N ALA B 206 35.54 35.57 55.92
CA ALA B 206 34.59 34.48 55.70
C ALA B 206 35.11 33.17 56.25
N ASP B 207 36.30 33.20 56.85
CA ASP B 207 36.95 32.01 57.37
C ASP B 207 37.33 32.13 58.85
N THR B 208 36.69 33.06 59.56
CA THR B 208 36.98 33.24 60.97
C THR B 208 36.17 32.29 61.84
N ASP B 209 36.89 31.47 62.60
CA ASP B 209 36.29 30.48 63.48
C ASP B 209 36.30 30.95 64.93
N TYR B 210 35.93 30.05 65.84
CA TYR B 210 35.84 30.37 67.26
C TYR B 210 37.18 30.76 67.85
N SER B 211 38.22 29.97 67.54
CA SER B 211 39.53 30.19 68.13
C SER B 211 40.14 31.51 67.69
N ILE B 212 39.96 31.85 66.43
CA ILE B 212 40.51 33.10 65.91
C ILE B 212 39.84 34.30 66.55
N ALA B 213 38.51 34.27 66.62
CA ALA B 213 37.78 35.39 67.18
C ALA B 213 38.11 35.59 68.65
N GLU B 214 38.24 34.49 69.40
CA GLU B 214 38.56 34.62 70.82
C GLU B 214 40.01 35.08 71.01
N ALA B 215 40.92 34.56 70.20
CA ALA B 215 42.31 34.93 70.30
C ALA B 215 42.49 36.41 69.98
N ALA B 216 41.78 36.90 68.98
CA ALA B 216 41.88 38.31 68.61
C ALA B 216 41.35 39.21 69.71
N PHE B 217 40.24 38.79 70.33
CA PHE B 217 39.63 39.59 71.40
C PHE B 217 40.52 39.64 72.64
N ASN B 218 41.04 38.48 73.03
CA ASN B 218 41.85 38.37 74.24
C ASN B 218 43.26 38.93 74.02
N LYS B 219 43.56 39.28 72.76
CA LYS B 219 44.84 39.84 72.39
C LYS B 219 44.78 41.36 72.34
N GLY B 220 43.61 41.88 71.98
CA GLY B 220 43.43 43.33 71.89
C GLY B 220 43.43 43.84 70.45
N GLU B 221 43.10 42.99 69.49
CA GLU B 221 43.04 43.41 68.09
C GLU B 221 41.64 43.85 67.69
N THR B 222 40.64 43.49 68.49
CA THR B 222 39.26 43.76 68.15
C THR B 222 38.57 44.48 69.29
N ALA B 223 37.62 45.33 68.93
CA ALA B 223 36.83 46.05 69.92
C ALA B 223 35.86 45.12 70.64
N MET B 224 35.36 44.12 69.92
CA MET B 224 34.33 43.24 70.47
C MET B 224 34.11 41.99 69.65
N THR B 225 33.55 40.98 70.30
CA THR B 225 33.11 39.74 69.67
C THR B 225 31.78 39.31 70.26
N ILE B 226 31.26 38.19 69.80
CA ILE B 226 29.97 37.70 70.29
C ILE B 226 30.13 36.31 70.86
N ASN B 227 29.64 36.10 72.09
CA ASN B 227 29.77 34.80 72.72
C ASN B 227 28.72 34.59 73.80
N GLY B 228 28.74 33.42 74.42
CA GLY B 228 27.83 33.11 75.50
C GLY B 228 28.58 33.02 76.82
N PRO B 229 27.86 32.92 77.92
CA PRO B 229 28.36 32.87 79.29
C PRO B 229 29.28 31.70 79.54
N TRP B 230 29.12 30.66 78.74
CA TRP B 230 29.92 29.45 78.87
C TRP B 230 31.38 29.71 78.56
N ALA B 231 31.66 30.80 77.85
CA ALA B 231 33.01 31.12 77.45
C ALA B 231 33.65 32.17 78.36
N TRP B 232 32.89 32.71 79.33
CA TRP B 232 33.41 33.82 80.12
C TRP B 232 34.64 33.45 80.92
N SER B 233 34.74 32.19 81.32
CA SER B 233 35.85 31.75 82.15
C SER B 233 37.20 31.84 81.45
N ASN B 234 37.17 31.94 80.12
CA ASN B 234 38.41 32.02 79.35
C ASN B 234 38.68 33.44 78.89
N ILE B 235 37.89 34.39 79.40
CA ILE B 235 38.04 35.79 79.01
C ILE B 235 38.69 36.61 80.13
N ASP B 236 38.90 35.98 81.27
CA ASP B 236 39.51 36.67 82.41
C ASP B 236 41.03 36.65 82.36
N THR B 237 41.59 35.65 81.68
CA THR B 237 43.04 35.46 81.65
C THR B 237 43.73 36.53 80.84
N SER B 238 42.97 37.24 80.01
CA SER B 238 43.52 38.30 79.17
C SER B 238 43.75 39.58 79.97
N LYS B 239 43.09 39.68 81.12
CA LYS B 239 43.14 40.86 81.96
C LYS B 239 42.70 42.12 81.22
N VAL B 240 41.78 41.93 80.27
CA VAL B 240 41.18 43.01 79.52
C VAL B 240 39.98 43.58 80.26
N ASN B 241 39.81 44.89 80.22
CA ASN B 241 38.65 45.47 80.87
C ASN B 241 37.43 45.23 80.00
N TYR B 242 36.85 44.05 80.13
CA TYR B 242 35.76 43.67 79.26
C TYR B 242 34.42 43.93 79.92
N GLY B 243 33.40 44.09 79.09
CA GLY B 243 32.03 44.22 79.56
C GLY B 243 31.10 43.40 78.69
N VAL B 244 29.89 43.18 79.18
CA VAL B 244 28.90 42.42 78.42
C VAL B 244 27.60 43.20 78.29
N THR B 245 27.10 43.31 77.06
CA THR B 245 25.88 44.05 76.83
C THR B 245 24.94 43.43 75.81
N VAL B 246 23.85 44.15 75.56
CA VAL B 246 22.82 43.74 74.60
C VAL B 246 23.27 44.05 73.17
N LEU B 247 23.06 43.10 72.27
CA LEU B 247 23.49 43.24 70.89
C LEU B 247 22.75 44.38 70.18
N PRO B 248 23.32 44.95 69.11
CA PRO B 248 22.78 46.03 68.31
C PRO B 248 21.45 45.66 67.65
N THR B 249 20.67 46.67 67.31
CA THR B 249 19.40 46.48 66.62
C THR B 249 19.58 46.56 65.11
N PHE B 250 18.58 46.07 64.39
CA PHE B 250 18.58 46.08 62.93
C PHE B 250 17.24 46.56 62.41
N LYS B 251 17.22 47.70 61.76
CA LYS B 251 15.99 48.28 61.25
C LYS B 251 14.95 48.41 62.35
N GLY B 252 15.39 48.76 63.55
CA GLY B 252 14.50 48.99 64.68
C GLY B 252 14.28 47.76 65.56
N GLN B 253 14.65 46.58 65.09
CA GLN B 253 14.43 45.37 65.88
C GLN B 253 15.71 44.89 66.57
N PRO B 254 15.59 44.32 67.76
CA PRO B 254 16.66 43.74 68.55
C PRO B 254 17.13 42.46 67.90
N SER B 255 18.36 42.05 68.19
CA SER B 255 18.85 40.78 67.68
C SER B 255 18.08 39.68 68.39
N LYS B 256 18.05 38.49 67.80
CA LYS B 256 17.37 37.38 68.43
C LYS B 256 18.20 36.10 68.48
N PRO B 257 19.13 35.99 69.42
CA PRO B 257 20.01 34.86 69.62
C PRO B 257 19.22 33.64 70.04
N PHE B 258 19.76 32.45 69.74
CA PHE B 258 19.12 31.25 70.24
C PHE B 258 19.26 31.22 71.74
N VAL B 259 18.18 30.94 72.43
CA VAL B 259 18.23 30.88 73.87
C VAL B 259 18.29 29.44 74.33
N GLY B 260 19.37 29.10 75.02
CA GLY B 260 19.61 27.75 75.47
C GLY B 260 19.29 27.62 76.95
N VAL B 261 18.22 26.89 77.25
CA VAL B 261 17.76 26.77 78.62
C VAL B 261 18.10 25.43 79.24
N LEU B 262 18.82 25.47 80.35
CA LEU B 262 19.13 24.28 81.11
C LEU B 262 17.90 23.91 81.90
N SER B 263 17.54 22.62 81.89
CA SER B 263 16.35 22.20 82.64
C SER B 263 16.52 20.84 83.32
N ALA B 264 15.69 20.61 84.33
CA ALA B 264 15.68 19.36 85.08
C ALA B 264 14.51 18.47 84.64
N GLY B 265 14.81 17.43 83.89
CA GLY B 265 13.78 16.53 83.39
C GLY B 265 13.57 15.38 84.36
N ILE B 266 12.41 14.73 84.29
CA ILE B 266 12.13 13.59 85.17
C ILE B 266 11.88 12.32 84.36
N ASN B 267 12.45 11.22 84.82
CA ASN B 267 12.35 9.92 84.15
C ASN B 267 10.91 9.41 84.11
N ALA B 268 10.45 9.04 82.92
CA ALA B 268 9.06 8.59 82.72
C ALA B 268 8.69 7.40 83.60
N ALA B 269 9.65 6.51 83.84
CA ALA B 269 9.34 5.28 84.56
C ALA B 269 9.44 5.43 86.07
N SER B 270 9.86 6.59 86.55
CA SER B 270 10.06 6.73 87.99
C SER B 270 8.75 7.00 88.72
N PRO B 271 8.52 6.32 89.86
CA PRO B 271 7.39 6.50 90.76
C PRO B 271 7.58 7.72 91.65
N ASN B 272 8.79 8.29 91.63
CA ASN B 272 9.14 9.38 92.51
C ASN B 272 8.73 10.70 91.88
N LYS B 273 7.47 10.78 91.49
CA LYS B 273 6.96 11.96 90.82
C LYS B 273 6.71 13.07 91.82
N GLU B 274 6.10 12.73 92.94
CA GLU B 274 5.85 13.71 93.99
C GLU B 274 7.16 14.10 94.64
N LEU B 275 8.04 13.12 94.80
CA LEU B 275 9.34 13.34 95.42
C LEU B 275 10.21 14.23 94.55
N ALA B 276 10.31 13.90 93.27
CA ALA B 276 11.10 14.72 92.35
C ALA B 276 10.49 16.10 92.22
N LYS B 277 9.16 16.18 92.14
CA LYS B 277 8.48 17.47 92.02
C LYS B 277 8.77 18.33 93.22
N GLU B 278 8.57 17.79 94.43
CA GLU B 278 8.77 18.60 95.63
C GLU B 278 10.22 19.01 95.77
N PHE B 279 11.15 18.11 95.45
CA PHE B 279 12.56 18.43 95.53
C PHE B 279 12.90 19.64 94.67
N LEU B 280 12.46 19.61 93.42
CA LEU B 280 12.79 20.70 92.50
C LEU B 280 11.94 21.94 92.80
N GLU B 281 10.68 21.73 93.14
CA GLU B 281 9.72 22.82 93.34
C GLU B 281 10.03 23.72 94.53
N ASN B 282 10.27 23.12 95.69
CA ASN B 282 10.40 23.92 96.91
C ASN B 282 11.80 23.94 97.51
N TYR B 283 12.78 23.40 96.81
CA TYR B 283 14.14 23.39 97.35
C TYR B 283 15.14 23.90 96.34
N LEU B 284 15.20 23.26 95.17
CA LEU B 284 16.18 23.70 94.18
C LEU B 284 15.81 25.02 93.53
N LEU B 285 14.56 25.18 93.09
CA LEU B 285 14.19 26.44 92.47
C LEU B 285 13.77 27.45 93.51
N THR B 286 14.71 27.75 94.39
CA THR B 286 14.58 28.74 95.44
C THR B 286 15.86 29.55 95.44
N ASP B 287 15.88 30.65 96.16
CA ASP B 287 17.07 31.48 96.12
C ASP B 287 18.21 30.82 96.89
N GLU B 288 17.86 30.12 97.97
CA GLU B 288 18.84 29.42 98.78
C GLU B 288 19.45 28.26 98.01
N GLY B 289 18.58 27.52 97.30
CA GLY B 289 19.02 26.37 96.53
C GLY B 289 19.90 26.78 95.37
N LEU B 290 19.53 27.87 94.71
CA LEU B 290 20.28 28.34 93.57
C LEU B 290 21.63 28.90 93.97
N GLU B 291 21.71 29.54 95.14
CA GLU B 291 22.99 30.00 95.66
C GLU B 291 23.86 28.79 96.00
N ALA B 292 23.24 27.73 96.54
CA ALA B 292 23.98 26.52 96.87
C ALA B 292 24.65 25.95 95.64
N VAL B 293 23.99 26.09 94.48
CA VAL B 293 24.54 25.62 93.23
C VAL B 293 25.60 26.59 92.69
N ASN B 294 25.23 27.86 92.64
CA ASN B 294 26.03 28.92 92.07
C ASN B 294 27.38 29.10 92.78
N LYS B 295 27.41 28.83 94.09
CA LYS B 295 28.64 29.01 94.85
C LYS B 295 29.76 28.12 94.35
N ASP B 296 29.43 26.99 93.74
CA ASP B 296 30.48 26.08 93.27
C ASP B 296 30.83 26.40 91.84
N LYS B 297 29.83 26.77 91.06
CA LYS B 297 30.03 27.12 89.67
C LYS B 297 28.92 28.07 89.21
N PRO B 298 29.27 29.28 88.76
CA PRO B 298 28.33 30.30 88.33
C PRO B 298 27.37 29.77 87.28
N LEU B 299 26.10 30.05 87.45
CA LEU B 299 25.07 29.60 86.51
C LEU B 299 24.78 30.65 85.45
N GLY B 300 25.40 31.83 85.57
CA GLY B 300 25.09 32.92 84.67
C GLY B 300 23.67 33.41 84.95
N ALA B 301 22.84 33.49 83.91
CA ALA B 301 21.47 33.92 84.12
C ALA B 301 20.62 32.72 84.51
N VAL B 302 19.74 32.91 85.47
CA VAL B 302 18.98 31.80 86.05
C VAL B 302 17.46 31.99 85.91
N ALA B 303 16.76 30.87 85.78
CA ALA B 303 15.31 30.85 85.55
C ALA B 303 14.47 31.51 86.65
N LEU B 304 14.92 31.48 87.90
CA LEU B 304 14.10 32.01 88.98
C LEU B 304 14.10 33.54 89.01
N LYS B 305 12.91 34.14 89.08
CA LYS B 305 12.78 35.60 89.05
C LYS B 305 13.52 36.31 90.18
N SER B 306 13.40 35.81 91.40
CA SER B 306 13.99 36.48 92.55
C SER B 306 15.51 36.40 92.51
N TYR B 307 16.02 35.25 92.09
CA TYR B 307 17.45 35.03 92.09
C TYR B 307 18.14 36.01 91.14
N GLU B 308 17.55 36.22 89.96
CA GLU B 308 18.12 37.15 89.01
C GLU B 308 18.14 38.58 89.53
N GLU B 309 17.13 38.97 90.27
CA GLU B 309 17.13 40.32 90.81
C GLU B 309 18.27 40.48 91.81
N GLU B 310 18.51 39.45 92.61
CA GLU B 310 19.61 39.49 93.57
C GLU B 310 20.96 39.54 92.87
N LEU B 311 21.08 38.86 91.74
CA LEU B 311 22.34 38.81 91.01
C LEU B 311 22.45 39.88 89.93
N VAL B 312 21.53 40.85 89.95
CA VAL B 312 21.54 41.95 88.99
C VAL B 312 22.78 42.80 89.20
N LYS B 313 23.44 42.60 90.34
CA LYS B 313 24.67 43.29 90.70
C LYS B 313 25.76 43.06 89.66
N ASP B 314 25.63 41.99 88.87
CA ASP B 314 26.59 41.68 87.82
C ASP B 314 25.91 41.89 86.46
N PRO B 315 26.21 43.01 85.77
CA PRO B 315 25.63 43.45 84.51
C PRO B 315 25.75 42.40 83.41
N ARG B 316 26.69 41.48 83.55
CA ARG B 316 26.89 40.46 82.54
C ARG B 316 25.72 39.50 82.57
N ILE B 317 25.22 39.25 83.76
CA ILE B 317 24.10 38.35 83.94
C ILE B 317 22.82 39.04 83.54
N ALA B 318 22.70 40.30 83.95
CA ALA B 318 21.52 41.05 83.60
C ALA B 318 21.40 41.18 82.09
N ALA B 319 22.52 41.43 81.41
CA ALA B 319 22.50 41.54 79.96
C ALA B 319 22.10 40.20 79.34
N THR B 320 22.60 39.11 79.91
CA THR B 320 22.30 37.78 79.39
C THR B 320 20.80 37.52 79.44
N MET B 321 20.18 37.81 80.58
CA MET B 321 18.75 37.58 80.70
C MET B 321 17.97 38.53 79.81
N GLU B 322 18.44 39.77 79.67
CA GLU B 322 17.76 40.71 78.80
C GLU B 322 17.80 40.22 77.35
N ASN B 323 18.93 39.65 76.95
CA ASN B 323 19.07 39.09 75.62
C ASN B 323 18.15 37.89 75.46
N ALA B 324 18.07 37.06 76.50
CA ALA B 324 17.22 35.88 76.46
C ALA B 324 15.76 36.26 76.36
N GLN B 325 15.35 37.31 77.05
CA GLN B 325 13.97 37.77 77.01
C GLN B 325 13.61 38.24 75.61
N LYS B 326 14.55 38.89 74.95
CA LYS B 326 14.35 39.39 73.60
C LYS B 326 14.71 38.36 72.54
N GLY B 327 15.34 37.27 72.96
CA GLY B 327 15.83 36.24 72.05
C GLY B 327 14.75 35.24 71.65
N GLU B 328 15.19 34.14 71.06
CA GLU B 328 14.31 33.10 70.55
C GLU B 328 14.58 31.78 71.26
N ILE B 329 13.55 31.15 71.82
CA ILE B 329 13.79 29.86 72.46
C ILE B 329 14.23 28.87 71.40
N MET B 330 15.36 28.20 71.66
CA MET B 330 15.90 27.25 70.71
C MET B 330 14.99 26.02 70.68
N PRO B 331 14.34 25.72 69.55
CA PRO B 331 13.36 24.66 69.41
C PRO B 331 13.94 23.33 69.86
N ASN B 332 13.09 22.52 70.49
CA ASN B 332 13.50 21.23 71.03
C ASN B 332 13.06 20.09 70.15
N ILE B 333 12.68 20.41 68.93
CA ILE B 333 12.23 19.38 68.01
C ILE B 333 13.42 18.80 67.27
N PRO B 334 13.43 17.49 67.03
CA PRO B 334 14.51 16.74 66.43
C PRO B 334 14.86 17.22 65.03
N GLN B 335 13.95 17.98 64.42
CA GLN B 335 14.19 18.52 63.10
C GLN B 335 15.25 19.61 63.13
N MET B 336 15.63 20.05 64.32
CA MET B 336 16.68 21.03 64.43
C MET B 336 17.98 20.50 63.88
N SER B 337 18.18 19.18 63.90
CA SER B 337 19.44 18.67 63.38
C SER B 337 19.54 18.97 61.90
N ALA B 338 18.39 18.94 61.19
CA ALA B 338 18.35 19.27 59.78
C ALA B 338 18.54 20.77 59.62
N PHE B 339 17.92 21.54 60.50
CA PHE B 339 18.03 22.99 60.47
C PHE B 339 19.48 23.42 60.62
N TRP B 340 20.16 22.89 61.63
CA TRP B 340 21.53 23.28 61.87
C TRP B 340 22.37 23.01 60.64
N TYR B 341 22.14 21.87 59.99
CA TYR B 341 22.86 21.59 58.77
C TYR B 341 22.48 22.61 57.70
N ALA B 342 21.19 22.89 57.57
CA ALA B 342 20.69 23.80 56.55
C ALA B 342 21.32 25.19 56.68
N VAL B 343 21.50 25.67 57.90
CA VAL B 343 22.14 26.96 58.07
C VAL B 343 23.66 26.88 57.93
N ARG B 344 24.26 25.79 58.40
CA ARG B 344 25.71 25.63 58.27
C ARG B 344 26.15 25.74 56.81
N THR B 345 25.38 25.16 55.91
CA THR B 345 25.71 25.18 54.50
C THR B 345 25.13 26.39 53.80
N ALA B 346 24.45 27.25 54.56
CA ALA B 346 23.86 28.45 54.01
C ALA B 346 24.81 29.63 54.20
N VAL B 347 25.18 29.87 55.44
CA VAL B 347 25.97 31.03 55.78
C VAL B 347 27.38 30.96 55.21
N ILE B 348 28.00 29.80 55.30
CA ILE B 348 29.37 29.64 54.81
C ILE B 348 29.43 29.84 53.30
N ASN B 349 28.47 29.26 52.58
CA ASN B 349 28.44 29.38 51.13
C ASN B 349 27.94 30.76 50.69
N ALA B 350 27.01 31.34 51.46
CA ALA B 350 26.49 32.66 51.13
C ALA B 350 27.59 33.70 51.23
N ALA B 351 28.49 33.52 52.20
CA ALA B 351 29.60 34.44 52.40
C ALA B 351 30.50 34.50 51.18
N SER B 352 30.70 33.36 50.52
CA SER B 352 31.56 33.31 49.34
C SER B 352 31.25 32.11 48.44
N GLY B 353 31.05 32.38 47.15
CA GLY B 353 30.81 31.32 46.17
C GLY B 353 29.43 31.41 45.51
N ARG B 354 28.52 32.17 46.13
CA ARG B 354 27.18 32.35 45.59
C ARG B 354 26.50 33.54 46.25
N GLN B 355 25.34 33.93 45.72
CA GLN B 355 24.58 35.03 46.31
C GLN B 355 23.59 34.50 47.35
N THR B 356 23.10 35.40 48.21
CA THR B 356 22.14 35.02 49.24
C THR B 356 20.81 34.63 48.65
N VAL B 357 20.50 35.15 47.47
CA VAL B 357 19.29 34.77 46.77
C VAL B 357 19.46 33.39 46.14
N ASP B 358 20.69 33.06 45.77
CA ASP B 358 20.99 31.78 45.15
C ASP B 358 20.94 30.68 46.18
N GLU B 359 21.41 30.98 47.38
CA GLU B 359 21.54 29.99 48.44
C GLU B 359 20.24 29.28 48.76
N ALA B 360 19.15 30.01 48.81
CA ALA B 360 17.87 29.44 49.20
C ALA B 360 17.10 28.87 48.02
N LEU B 361 17.63 29.02 46.81
CA LEU B 361 16.85 28.66 45.64
C LEU B 361 17.04 27.21 45.20
N LYS B 362 16.69 26.29 46.10
CA LYS B 362 16.68 24.85 45.83
C LYS B 362 17.96 24.31 45.19
N ASP B 363 19.09 24.95 45.43
CA ASP B 363 20.33 24.53 44.76
C ASP B 363 20.06 24.38 43.27
N ALA B 364 19.47 25.41 42.67
CA ALA B 364 19.09 25.39 41.27
C ALA B 364 20.27 25.13 40.35
N GLN B 365 21.47 25.44 40.81
CA GLN B 365 22.65 25.22 39.98
C GLN B 365 23.04 23.75 40.01
N THR B 366 22.32 22.97 39.20
CA THR B 366 22.45 21.52 39.11
C THR B 366 23.59 21.12 38.18
N TYR B 367 24.43 22.10 37.88
CA TYR B 367 25.60 21.97 37.02
C TYR B 367 25.23 21.81 35.56
N ARG B 368 24.39 20.84 35.23
CA ARG B 368 24.01 20.66 33.85
C ARG B 368 23.56 21.99 33.25
N LYS B 369 22.68 22.69 33.96
CA LYS B 369 22.20 23.98 33.48
C LYS B 369 23.27 25.05 33.58
N LYS B 370 24.06 24.99 34.65
CA LYS B 370 25.12 25.97 34.87
C LYS B 370 26.08 25.98 33.69
N TYR B 371 26.45 24.79 33.26
CA TYR B 371 27.36 24.64 32.12
C TYR B 371 26.69 25.07 30.83
N ARG B 372 25.45 24.63 30.60
CA ARG B 372 24.76 25.02 29.40
C ARG B 372 24.71 26.55 29.27
N LYS B 373 24.41 27.23 30.38
CA LYS B 373 24.35 28.67 30.37
C LYS B 373 25.74 29.28 30.17
N TYR B 374 26.75 28.69 30.81
CA TYR B 374 28.12 29.15 30.63
C TYR B 374 28.47 29.16 29.15
N VAL B 375 28.14 28.07 28.46
CA VAL B 375 28.36 27.98 27.03
C VAL B 375 27.49 28.97 26.27
N ARG B 376 26.23 29.08 26.65
CA ARG B 376 25.31 29.98 25.97
C ARG B 376 25.86 31.39 25.94
N SER B 377 26.37 31.85 27.08
CA SER B 377 26.93 33.18 27.20
C SER B 377 28.29 33.30 26.50
N ARG B 378 29.18 32.36 26.82
CA ARG B 378 30.53 32.42 26.30
C ARG B 378 30.58 32.44 24.79
N PHE B 379 29.71 31.70 24.13
CA PHE B 379 29.77 31.59 22.68
C PHE B 379 28.83 32.52 21.93
N GLN B 380 28.40 33.62 22.56
CA GLN B 380 27.57 34.60 21.87
C GLN B 380 28.34 35.43 20.84
N CYS B 381 29.65 35.56 21.04
CA CYS B 381 30.51 36.31 20.13
C CYS B 381 31.29 35.36 19.23
N ILE B 382 31.60 35.82 18.03
CA ILE B 382 32.29 34.99 17.03
C ILE B 382 33.73 34.61 17.41
N GLU B 383 34.44 35.50 18.11
CA GLU B 383 35.85 35.25 18.46
C GLU B 383 36.17 35.32 19.95
N ASP B 384 35.37 36.07 20.72
CA ASP B 384 35.64 36.30 22.14
C ASP B 384 37.00 36.91 22.41
N ARG B 385 37.41 37.84 21.57
CA ARG B 385 38.71 38.48 21.74
C ARG B 385 38.85 39.71 20.87
N ASN B 386 40.03 40.32 20.94
CA ASN B 386 40.34 41.57 20.26
C ASN B 386 40.64 41.41 18.77
N ALA B 387 41.25 42.46 18.18
CA ALA B 387 41.44 42.56 16.74
C ALA B 387 40.11 42.64 16.02
N ARG B 388 39.22 43.46 16.54
CA ARG B 388 37.94 43.70 15.90
C ARG B 388 37.61 45.19 15.80
N LEU B 389 38.66 46.01 15.70
CA LEU B 389 38.52 47.47 15.57
C LEU B 389 37.64 48.08 16.67
N GLY B 390 38.02 47.86 17.92
CA GLY B 390 37.25 48.39 19.06
C GLY B 390 36.65 47.26 19.90
N GLU B 391 36.92 46.03 19.50
CA GLU B 391 36.45 44.83 20.21
C GLU B 391 34.95 44.84 20.45
N SER B 392 34.18 45.15 19.41
CA SER B 392 32.73 45.10 19.53
C SER B 392 32.26 43.64 19.40
N VAL B 393 31.03 43.39 19.83
CA VAL B 393 30.47 42.05 19.72
C VAL B 393 29.94 41.81 18.32
N SER B 394 30.38 40.72 17.72
CA SER B 394 30.01 40.38 16.35
C SER B 394 28.55 40.03 16.19
N LEU B 395 27.95 39.50 17.24
CA LEU B 395 26.57 39.05 17.21
C LEU B 395 26.47 37.83 16.31
N ASN B 396 26.55 36.64 16.90
CA ASN B 396 26.60 35.40 16.10
C ASN B 396 25.36 35.15 15.25
N LYS B 397 24.36 36.03 15.34
CA LYS B 397 23.23 35.97 14.41
C LYS B 397 23.75 36.23 13.00
N ARG B 398 24.93 36.82 12.93
CA ARG B 398 25.68 37.13 11.71
C ARG B 398 25.97 35.90 10.88
N TYR B 399 26.03 34.75 11.55
CA TYR B 399 26.39 33.53 10.85
C TYR B 399 25.57 33.33 9.59
N THR B 400 26.28 33.16 8.49
CA THR B 400 25.65 32.87 7.21
C THR B 400 25.86 31.41 6.92
N ARG B 401 24.77 30.73 6.61
CA ARG B 401 24.76 29.28 6.49
C ARG B 401 25.74 28.75 5.47
N LEU B 402 26.53 27.78 5.90
CA LEU B 402 27.49 27.09 5.04
C LEU B 402 26.82 25.85 4.47
N ARG B 403 27.31 25.39 3.33
CA ARG B 403 26.75 24.18 2.75
C ARG B 403 27.35 22.94 3.37
N LEU B 404 26.51 22.05 3.87
CA LEU B 404 27.02 20.81 4.45
C LEU B 404 26.52 19.63 3.66
N ILE B 405 27.44 18.81 3.17
CA ILE B 405 27.03 17.62 2.42
C ILE B 405 27.74 16.38 2.96
N LYS B 406 27.10 15.23 2.80
CA LYS B 406 27.74 13.98 3.14
C LYS B 406 28.81 13.66 2.12
N GLU B 407 29.97 13.22 2.58
CA GLU B 407 31.02 12.87 1.65
C GLU B 407 30.53 11.81 0.66
N SER B 432 22.42 15.48 -1.81
CA SER B 432 21.53 16.33 -1.05
C SER B 432 22.25 16.92 0.17
N PRO B 433 21.91 18.15 0.57
CA PRO B 433 22.44 18.86 1.73
C PRO B 433 21.91 18.24 3.01
N ILE B 434 22.65 18.43 4.10
CA ILE B 434 22.24 17.88 5.39
C ILE B 434 22.10 18.97 6.43
N LYS B 435 21.48 18.63 7.54
CA LYS B 435 21.28 19.54 8.66
C LYS B 435 22.17 19.17 9.82
N MET B 436 22.38 20.10 10.75
CA MET B 436 23.16 19.78 11.95
C MET B 436 22.41 18.82 12.84
N GLU B 437 21.08 18.85 12.76
CA GLU B 437 20.28 17.91 13.52
C GLU B 437 20.24 16.59 12.76
N LEU B 438 20.03 15.50 13.49
CA LEU B 438 20.03 14.15 12.93
C LEU B 438 21.43 13.72 12.48
N LEU B 439 22.42 14.55 12.75
CA LEU B 439 23.78 14.33 12.32
C LEU B 439 24.39 13.04 12.88
N PHE B 440 24.05 12.71 14.11
CA PHE B 440 24.60 11.53 14.76
C PHE B 440 23.65 10.34 14.72
N ASP B 441 22.53 10.50 14.03
CA ASP B 441 21.55 9.43 13.97
C ASP B 441 22.05 8.30 13.09
N PRO B 442 21.52 7.09 13.25
CA PRO B 442 21.71 5.96 12.37
C PRO B 442 21.33 6.34 10.96
N ASP B 443 21.98 5.74 9.99
CA ASP B 443 21.67 6.03 8.59
C ASP B 443 20.42 5.29 8.21
N ASP B 444 20.12 5.25 6.92
CA ASP B 444 18.89 4.64 6.42
C ASP B 444 18.33 3.55 7.34
N GLU B 445 19.17 2.61 7.76
CA GLU B 445 18.67 1.50 8.57
C GLU B 445 19.77 0.77 9.35
N HIS B 446 19.52 -0.50 9.66
CA HIS B 446 20.44 -1.37 10.42
C HIS B 446 20.59 -0.95 11.87
N SER B 447 19.86 0.07 12.28
CA SER B 447 19.94 0.57 13.65
C SER B 447 21.39 0.79 14.07
N GLU B 448 22.21 1.33 13.17
CA GLU B 448 23.61 1.58 13.47
C GLU B 448 23.91 3.07 13.62
N PRO B 449 24.06 3.57 14.86
CA PRO B 449 24.22 4.97 15.23
C PRO B 449 25.61 5.47 14.85
N VAL B 450 25.76 6.78 14.76
CA VAL B 450 27.07 7.33 14.43
C VAL B 450 27.71 8.01 15.63
N HIS B 451 28.79 7.43 16.12
CA HIS B 451 29.48 8.03 17.26
C HIS B 451 30.46 9.10 16.81
N THR B 452 31.06 8.91 15.64
CA THR B 452 32.08 9.84 15.18
C THR B 452 31.70 10.52 13.88
N VAL B 453 31.74 11.84 13.90
CA VAL B 453 31.44 12.65 12.73
C VAL B 453 32.61 13.57 12.43
N VAL B 454 33.06 13.58 11.18
CA VAL B 454 34.20 14.40 10.83
C VAL B 454 33.82 15.46 9.80
N PHE B 455 34.07 16.71 10.15
CA PHE B 455 33.81 17.83 9.26
C PHE B 455 35.08 18.27 8.58
N GLN B 456 35.19 18.00 7.29
CA GLN B 456 36.39 18.34 6.58
C GLN B 456 36.12 19.55 5.73
N GLY B 457 37.08 20.42 5.67
CA GLY B 457 36.95 21.60 4.84
C GLY B 457 38.24 22.37 4.90
N ALA B 458 38.45 23.25 3.95
CA ALA B 458 39.72 23.94 3.86
C ALA B 458 39.82 24.99 4.92
N ALA B 459 41.04 25.34 5.28
CA ALA B 459 41.23 26.39 6.24
C ALA B 459 40.52 27.63 5.73
N GLY B 460 39.76 28.30 6.61
CA GLY B 460 39.06 29.50 6.23
C GLY B 460 37.65 29.22 5.73
N ILE B 461 37.27 27.94 5.71
CA ILE B 461 35.94 27.58 5.23
C ILE B 461 34.88 27.74 6.30
N GLY B 462 35.28 27.84 7.56
CA GLY B 462 34.30 27.99 8.62
C GLY B 462 34.21 26.79 9.55
N LYS B 463 35.29 26.04 9.68
CA LYS B 463 35.27 24.88 10.56
C LYS B 463 34.98 25.28 12.00
N THR B 464 35.63 26.35 12.45
CA THR B 464 35.50 26.77 13.84
C THR B 464 34.21 27.52 14.05
N ILE B 465 33.80 28.25 13.02
CA ILE B 465 32.60 29.04 13.14
C ILE B 465 31.41 28.12 13.26
N LEU B 466 31.42 27.06 12.48
CA LEU B 466 30.35 26.09 12.55
C LEU B 466 30.32 25.42 13.91
N ALA B 467 31.48 25.00 14.42
CA ALA B 467 31.52 24.34 15.72
C ALA B 467 31.02 25.26 16.81
N ARG B 468 31.39 26.53 16.74
CA ARG B 468 30.95 27.49 17.74
C ARG B 468 29.46 27.76 17.63
N LYS B 469 28.96 27.87 16.40
CA LYS B 469 27.53 28.06 16.21
C LYS B 469 26.78 26.87 16.76
N MET B 470 27.32 25.68 16.51
CA MET B 470 26.68 24.46 16.97
C MET B 470 26.54 24.45 18.47
N MET B 471 27.59 24.86 19.18
CA MET B 471 27.53 24.90 20.64
C MET B 471 26.51 25.91 21.14
N LEU B 472 26.47 27.07 20.50
CA LEU B 472 25.55 28.10 20.93
C LEU B 472 24.12 27.62 20.72
N ASP B 473 23.84 27.00 19.58
CA ASP B 473 22.51 26.50 19.29
C ASP B 473 22.11 25.41 20.26
N TRP B 474 23.05 24.54 20.62
CA TRP B 474 22.77 23.53 21.60
C TRP B 474 22.48 24.13 22.96
N ALA B 475 23.31 25.06 23.40
CA ALA B 475 23.14 25.67 24.71
C ALA B 475 21.80 26.37 24.82
N SER B 476 21.34 26.95 23.71
CA SER B 476 20.07 27.66 23.66
C SER B 476 18.87 26.72 23.54
N GLY B 477 19.15 25.42 23.41
CA GLY B 477 18.08 24.42 23.33
C GLY B 477 17.48 24.30 21.93
N THR B 478 18.26 24.61 20.90
CA THR B 478 17.76 24.55 19.54
C THR B 478 18.41 23.43 18.73
N LEU B 479 19.22 22.61 19.38
CA LEU B 479 19.92 21.53 18.69
C LEU B 479 20.39 20.44 19.65
N TYR B 480 20.08 19.18 19.32
CA TYR B 480 20.48 18.02 20.13
C TYR B 480 19.97 18.12 21.55
N GLN B 481 18.76 18.65 21.73
CA GLN B 481 18.22 18.88 23.06
C GLN B 481 18.05 17.58 23.84
N ASP B 482 17.69 16.52 23.14
CA ASP B 482 17.43 15.25 23.79
C ASP B 482 18.65 14.34 23.79
N ARG B 483 19.51 14.51 22.79
CA ARG B 483 20.62 13.59 22.59
C ARG B 483 21.80 13.82 23.54
N PHE B 484 22.18 15.07 23.77
CA PHE B 484 23.36 15.30 24.60
C PHE B 484 23.10 16.20 25.79
N ASP B 485 23.65 15.82 26.94
CA ASP B 485 23.56 16.63 28.14
C ASP B 485 24.71 17.63 28.20
N TYR B 486 25.86 17.26 27.65
CA TYR B 486 27.03 18.14 27.65
C TYR B 486 27.77 18.16 26.32
N LEU B 487 28.27 19.33 25.95
CA LEU B 487 29.20 19.46 24.84
C LEU B 487 30.54 19.96 25.35
N PHE B 488 31.60 19.21 25.10
CA PHE B 488 32.91 19.61 25.58
C PHE B 488 33.79 20.07 24.43
N TYR B 489 34.08 21.35 24.41
CA TYR B 489 34.83 21.93 23.32
C TYR B 489 36.32 21.77 23.53
N ILE B 490 36.97 21.17 22.56
CA ILE B 490 38.40 20.99 22.60
C ILE B 490 39.03 21.86 21.53
N HIS B 491 39.80 22.83 21.95
CA HIS B 491 40.42 23.72 20.98
C HIS B 491 41.82 23.19 20.70
N CYS B 492 42.01 22.63 19.53
CA CYS B 492 43.26 21.95 19.21
C CYS B 492 44.41 22.92 19.10
N ARG B 493 44.07 24.21 19.05
CA ARG B 493 45.06 25.26 19.00
C ARG B 493 45.64 25.50 20.38
N GLU B 494 44.92 25.04 21.40
CA GLU B 494 45.32 25.24 22.79
C GLU B 494 45.93 23.98 23.38
N VAL B 495 45.49 22.82 22.90
CA VAL B 495 45.97 21.56 23.43
C VAL B 495 47.36 21.22 22.91
N SER B 496 48.27 20.96 23.82
CA SER B 496 49.62 20.55 23.47
C SER B 496 49.69 19.04 23.38
N LEU B 497 50.46 18.53 22.44
CA LEU B 497 50.59 17.09 22.27
C LEU B 497 51.64 16.52 23.20
N VAL B 498 52.47 17.37 23.79
CA VAL B 498 53.58 16.90 24.61
C VAL B 498 53.40 17.19 26.09
N THR B 499 52.44 18.04 26.43
CA THR B 499 52.19 18.36 27.83
C THR B 499 51.40 17.23 28.46
N GLN B 500 51.89 16.69 29.57
CA GLN B 500 51.22 15.56 30.22
C GLN B 500 50.01 16.02 31.01
N ARG B 501 48.91 15.29 30.85
CA ARG B 501 47.70 15.58 31.59
C ARG B 501 46.73 14.40 31.57
N SER B 502 45.85 14.34 32.55
CA SER B 502 44.74 13.40 32.54
C SER B 502 43.64 14.05 31.73
N LEU B 503 42.45 13.45 31.69
CA LEU B 503 41.39 14.08 30.91
C LEU B 503 40.82 15.25 31.69
N GLY B 504 41.64 16.29 31.84
CA GLY B 504 41.34 17.48 32.59
C GLY B 504 40.84 18.56 31.65
N ASP B 505 40.71 18.20 30.38
CA ASP B 505 40.19 19.10 29.38
C ASP B 505 38.72 19.34 29.67
N LEU B 506 38.15 18.41 30.43
CA LEU B 506 36.78 18.51 30.89
C LEU B 506 36.64 19.65 31.88
N ILE B 507 37.78 20.08 32.44
CA ILE B 507 37.81 21.17 33.39
C ILE B 507 38.20 22.47 32.68
N MET B 508 39.22 22.39 31.83
CA MET B 508 39.74 23.58 31.18
C MET B 508 38.70 24.27 30.32
N SER B 509 37.79 23.49 29.75
CA SER B 509 36.74 24.02 28.90
C SER B 509 35.41 24.13 29.65
N CYS B 510 35.47 24.06 30.97
CA CYS B 510 34.29 24.11 31.80
C CYS B 510 34.03 25.48 32.39
N CYS B 511 32.91 25.61 33.08
CA CYS B 511 32.56 26.83 33.78
C CYS B 511 33.73 27.20 34.70
N PRO B 512 33.76 28.40 35.27
CA PRO B 512 34.85 28.96 36.06
C PRO B 512 35.23 28.11 37.26
N ASP B 513 34.32 27.25 37.70
CA ASP B 513 34.58 26.43 38.86
C ASP B 513 35.67 25.41 38.54
N PRO B 514 36.84 25.48 39.21
CA PRO B 514 38.03 24.70 38.99
C PRO B 514 37.85 23.26 39.47
N ASN B 515 36.75 23.00 40.15
CA ASN B 515 36.46 21.66 40.64
C ASN B 515 35.04 21.23 40.34
N PRO B 516 34.70 21.06 39.05
CA PRO B 516 33.42 20.63 38.54
C PRO B 516 33.22 19.16 38.86
N PRO B 517 31.99 18.66 38.78
CA PRO B 517 31.58 17.29 39.06
C PRO B 517 32.05 16.32 37.99
N ILE B 518 33.36 16.16 37.91
CA ILE B 518 33.99 15.29 36.94
C ILE B 518 33.62 13.83 37.16
N HIS B 519 33.38 13.46 38.40
CA HIS B 519 33.07 12.07 38.71
C HIS B 519 31.57 11.78 38.69
N LYS B 520 30.77 12.71 38.18
CA LYS B 520 29.33 12.52 38.10
C LYS B 520 28.89 12.06 36.71
N ILE B 521 27.70 12.49 36.29
CA ILE B 521 27.09 12.05 35.04
C ILE B 521 27.96 12.32 33.83
N VAL B 522 28.88 13.26 33.96
CA VAL B 522 29.79 13.57 32.87
C VAL B 522 30.69 12.38 32.53
N ARG B 523 30.70 11.36 33.38
CA ARG B 523 31.44 10.14 33.09
C ARG B 523 30.61 9.17 32.26
N LYS B 524 29.31 9.45 32.17
CA LYS B 524 28.39 8.55 31.49
C LYS B 524 28.36 8.84 29.99
N PRO B 525 28.84 7.92 29.16
CA PRO B 525 28.99 8.05 27.74
C PRO B 525 27.63 7.99 27.07
N SER B 526 27.56 8.48 25.84
CA SER B 526 26.37 8.49 24.99
C SER B 526 25.53 9.72 25.24
N ARG B 527 25.75 10.37 26.37
CA ARG B 527 25.05 11.61 26.70
C ARG B 527 25.98 12.81 26.57
N ILE B 528 27.21 12.55 26.15
CA ILE B 528 28.18 13.61 26.00
C ILE B 528 28.78 13.59 24.60
N LEU B 529 29.04 14.80 24.08
CA LEU B 529 29.69 14.96 22.78
C LEU B 529 30.89 15.88 22.86
N PHE B 530 32.00 15.43 22.31
CA PHE B 530 33.21 16.23 22.26
C PHE B 530 33.35 16.91 20.91
N LEU B 531 33.79 18.17 20.91
CA LEU B 531 34.03 18.86 19.66
C LEU B 531 35.52 19.14 19.49
N MET B 532 36.18 18.32 18.71
CA MET B 532 37.62 18.43 18.55
C MET B 532 37.93 19.33 17.38
N ASP B 533 37.96 20.62 17.68
CA ASP B 533 38.03 21.65 16.65
C ASP B 533 39.46 21.95 16.22
N GLY B 534 39.76 21.69 14.95
CA GLY B 534 41.09 21.97 14.39
C GLY B 534 42.08 20.84 14.57
N PHE B 535 41.72 19.62 14.21
CA PHE B 535 42.66 18.51 14.33
C PHE B 535 44.00 18.88 13.71
N ASP B 536 43.96 19.55 12.56
CA ASP B 536 45.14 19.94 11.83
C ASP B 536 45.98 20.98 12.57
N GLU B 537 45.41 21.63 13.59
CA GLU B 537 46.12 22.65 14.34
C GLU B 537 46.88 22.08 15.52
N LEU B 538 46.79 20.78 15.74
CA LEU B 538 47.54 20.20 16.84
C LEU B 538 49.02 20.44 16.57
N GLN B 539 49.72 20.96 17.56
CA GLN B 539 51.11 21.33 17.37
C GLN B 539 52.08 20.26 17.85
N GLY B 540 52.88 19.77 16.91
CA GLY B 540 53.84 18.71 17.19
C GLY B 540 53.50 17.47 16.38
N ALA B 541 54.41 16.53 16.36
CA ALA B 541 54.18 15.29 15.64
C ALA B 541 53.00 14.56 16.26
N PHE B 542 52.17 13.97 15.44
CA PHE B 542 51.06 13.19 15.95
C PHE B 542 51.16 11.77 15.43
N ASP B 543 51.59 10.87 16.29
CA ASP B 543 51.77 9.49 15.89
C ASP B 543 50.46 8.73 16.04
N GLU B 544 49.92 8.27 14.92
CA GLU B 544 48.66 7.55 14.96
C GLU B 544 48.86 6.14 15.50
N HIS B 545 50.14 5.74 15.59
CA HIS B 545 50.50 4.44 16.11
C HIS B 545 51.24 4.59 17.42
N ILE B 546 50.57 4.23 18.51
CA ILE B 546 51.14 4.33 19.84
C ILE B 546 50.97 3.02 20.59
N GLY B 547 51.79 2.82 21.61
CA GLY B 547 51.71 1.66 22.47
C GLY B 547 50.64 1.82 23.56
N PRO B 548 50.89 2.66 24.57
CA PRO B 548 50.03 2.93 25.69
C PRO B 548 48.85 3.78 25.29
N LEU B 549 47.82 3.14 24.76
CA LEU B 549 46.64 3.88 24.29
C LEU B 549 46.07 4.71 25.42
N CYS B 550 46.13 4.18 26.64
CA CYS B 550 45.68 4.86 27.84
C CYS B 550 44.17 4.94 27.97
N THR B 551 43.61 3.99 28.69
CA THR B 551 42.22 4.03 29.08
C THR B 551 42.19 4.48 30.54
N ASP B 552 41.00 4.78 31.05
CA ASP B 552 40.86 5.32 32.40
C ASP B 552 41.25 6.80 32.41
N TRP B 553 40.25 7.63 32.19
CA TRP B 553 40.40 9.07 32.05
C TRP B 553 41.18 9.77 33.17
N GLN B 554 41.27 9.12 34.32
CA GLN B 554 41.97 9.71 35.46
C GLN B 554 43.49 9.65 35.32
N LYS B 555 43.99 8.85 34.40
CA LYS B 555 45.43 8.68 34.23
C LYS B 555 46.06 9.80 33.41
N ALA B 556 47.13 10.39 33.93
CA ALA B 556 47.81 11.47 33.25
C ALA B 556 48.80 10.96 32.23
N GLU B 557 48.65 11.40 30.99
CA GLU B 557 49.52 10.94 29.91
C GLU B 557 49.74 12.06 28.90
N ARG B 558 50.57 11.81 27.88
CA ARG B 558 50.84 12.84 26.88
C ARG B 558 49.60 13.19 26.07
N GLY B 559 49.55 14.43 25.61
CA GLY B 559 48.41 14.96 24.88
C GLY B 559 48.09 14.18 23.59
N ASP B 560 49.11 13.71 22.89
CA ASP B 560 48.88 12.97 21.66
C ASP B 560 48.17 11.67 21.96
N ILE B 561 48.58 11.04 23.04
CA ILE B 561 47.96 9.81 23.48
C ILE B 561 46.55 10.06 23.96
N LEU B 562 46.35 11.11 24.74
CA LEU B 562 45.04 11.41 25.28
C LEU B 562 44.04 11.65 24.14
N LEU B 563 44.46 12.43 23.15
CA LEU B 563 43.61 12.72 22.02
C LEU B 563 43.36 11.48 21.20
N SER B 564 44.40 10.68 20.98
CA SER B 564 44.26 9.45 20.21
C SER B 564 43.29 8.51 20.86
N SER B 565 43.40 8.38 22.17
CA SER B 565 42.54 7.48 22.93
C SER B 565 41.08 7.91 22.80
N LEU B 566 40.83 9.21 22.84
CA LEU B 566 39.47 9.71 22.65
C LEU B 566 39.01 9.49 21.21
N ILE B 567 39.89 9.77 20.27
CA ILE B 567 39.59 9.63 18.85
C ILE B 567 39.26 8.20 18.48
N ARG B 568 40.04 7.28 19.02
CA ARG B 568 39.92 5.86 18.73
C ARG B 568 38.77 5.22 19.52
N LYS B 569 38.10 6.01 20.33
CA LYS B 569 36.98 5.56 21.16
C LYS B 569 37.38 4.49 22.17
N LYS B 570 38.55 4.66 22.78
CA LYS B 570 38.98 3.77 23.85
C LYS B 570 38.79 4.50 25.17
N LEU B 571 38.91 5.81 25.11
CA LEU B 571 38.69 6.68 26.25
C LEU B 571 37.24 7.14 26.20
N LEU B 572 36.50 6.90 27.27
CA LEU B 572 35.08 7.21 27.29
C LEU B 572 34.39 6.64 26.05
N PRO B 573 34.40 5.33 25.88
CA PRO B 573 33.82 4.63 24.75
C PRO B 573 32.33 4.87 24.78
N GLU B 574 31.72 4.83 23.60
CA GLU B 574 30.29 5.08 23.42
C GLU B 574 29.95 6.57 23.54
N ALA B 575 30.95 7.40 23.84
CA ALA B 575 30.76 8.84 23.80
C ALA B 575 30.79 9.29 22.35
N SER B 576 30.13 10.40 22.04
CA SER B 576 30.16 10.90 20.69
C SER B 576 31.32 11.87 20.51
N LEU B 577 31.86 11.91 19.30
CA LEU B 577 32.97 12.78 18.98
C LEU B 577 32.84 13.41 17.60
N LEU B 578 32.93 14.73 17.55
CA LEU B 578 32.92 15.47 16.30
C LEU B 578 34.31 16.03 16.08
N ILE B 579 34.86 15.83 14.90
CA ILE B 579 36.19 16.35 14.62
C ILE B 579 36.13 17.29 13.43
N THR B 580 36.77 18.45 13.53
CA THR B 580 36.85 19.33 12.38
C THR B 580 38.29 19.30 11.87
N THR B 581 38.47 19.29 10.55
CA THR B 581 39.82 19.19 10.04
C THR B 581 39.98 19.64 8.60
N ARG B 582 41.21 20.01 8.25
CA ARG B 582 41.54 20.25 6.86
C ARG B 582 41.73 18.90 6.17
N PRO B 583 41.20 18.72 4.95
CA PRO B 583 41.27 17.48 4.19
C PRO B 583 42.66 16.89 4.15
N VAL B 584 43.69 17.72 4.10
CA VAL B 584 45.04 17.19 4.06
C VAL B 584 45.37 16.39 5.30
N ALA B 585 44.82 16.77 6.43
CA ALA B 585 45.18 16.14 7.68
C ALA B 585 44.44 14.83 7.86
N LEU B 586 43.56 14.49 6.92
CA LEU B 586 42.88 13.22 7.00
C LEU B 586 43.90 12.11 6.85
N GLU B 587 45.04 12.42 6.23
CA GLU B 587 46.10 11.43 6.08
C GLU B 587 46.49 10.83 7.43
N LYS B 588 46.49 11.66 8.47
CA LYS B 588 46.91 11.21 9.79
C LYS B 588 45.75 11.05 10.75
N LEU B 589 44.53 11.14 10.23
CA LEU B 589 43.34 11.00 11.05
C LEU B 589 42.54 9.76 10.67
N GLN B 590 42.46 9.49 9.36
CA GLN B 590 41.60 8.43 8.85
C GLN B 590 41.88 7.10 9.51
N HIS B 591 43.14 6.84 9.84
CA HIS B 591 43.47 5.60 10.49
C HIS B 591 42.68 5.44 11.78
N LEU B 592 42.65 6.50 12.58
CA LEU B 592 41.98 6.46 13.87
C LEU B 592 40.52 6.89 13.78
N LEU B 593 39.73 6.19 12.98
CA LEU B 593 38.31 6.52 12.91
C LEU B 593 37.45 5.26 12.85
N ASP B 594 37.91 4.28 12.07
CA ASP B 594 37.21 3.01 11.87
C ASP B 594 35.90 3.16 11.11
N HIS B 595 34.91 3.81 11.71
CA HIS B 595 33.62 3.98 11.06
C HIS B 595 33.04 5.38 11.25
N PRO B 596 33.68 6.42 10.69
CA PRO B 596 33.28 7.81 10.77
C PRO B 596 32.19 8.12 9.77
N ARG B 597 31.44 9.18 10.05
CA ARG B 597 30.58 9.76 9.04
C ARG B 597 31.20 11.05 8.54
N HIS B 598 31.77 11.01 7.34
CA HIS B 598 32.44 12.19 6.81
C HIS B 598 31.46 13.19 6.24
N VAL B 599 31.65 14.44 6.61
CA VAL B 599 30.86 15.57 6.13
C VAL B 599 31.79 16.63 5.56
N GLU B 600 31.48 17.14 4.39
CA GLU B 600 32.31 18.16 3.79
C GLU B 600 31.65 19.53 3.92
N ILE B 601 32.45 20.52 4.28
CA ILE B 601 31.96 21.89 4.38
C ILE B 601 32.23 22.64 3.10
N LEU B 602 31.18 23.16 2.49
CA LEU B 602 31.33 23.94 1.27
C LEU B 602 31.07 25.41 1.55
N GLY B 603 31.71 26.25 0.73
CA GLY B 603 31.66 27.69 0.94
C GLY B 603 30.36 28.31 0.50
N PHE B 604 30.37 29.62 0.36
CA PHE B 604 29.17 30.38 0.07
C PHE B 604 28.78 30.30 -1.40
N SER B 605 27.48 30.13 -1.62
CA SER B 605 26.90 30.20 -2.94
C SER B 605 26.71 31.67 -3.28
N GLU B 606 26.36 31.98 -4.52
CA GLU B 606 26.24 33.39 -4.90
C GLU B 606 25.25 34.11 -4.00
N ALA B 607 24.16 33.43 -3.67
CA ALA B 607 23.14 33.99 -2.81
C ALA B 607 23.68 34.28 -1.41
N LYS B 608 24.56 33.41 -0.92
CA LYS B 608 25.07 33.59 0.43
C LYS B 608 26.19 34.61 0.45
N ARG B 609 26.94 34.71 -0.65
CA ARG B 609 27.97 35.73 -0.72
C ARG B 609 27.30 37.09 -0.56
N LYS B 610 26.19 37.27 -1.26
CA LYS B 610 25.45 38.52 -1.21
C LYS B 610 24.94 38.82 0.19
N GLU B 611 24.38 37.80 0.87
CA GLU B 611 23.86 38.03 2.21
C GLU B 611 24.97 38.47 3.14
N TYR B 612 26.14 37.86 3.00
CA TYR B 612 27.27 38.19 3.84
C TYR B 612 27.60 39.67 3.76
N PHE B 613 27.68 40.20 2.54
CA PHE B 613 28.06 41.59 2.35
C PHE B 613 27.07 42.55 2.98
N PHE B 614 25.79 42.27 2.83
CA PHE B 614 24.76 43.13 3.40
C PHE B 614 24.71 43.03 4.92
N LYS B 615 25.04 41.86 5.46
CA LYS B 615 25.11 41.73 6.91
C LYS B 615 26.36 42.41 7.47
N TYR B 616 27.47 42.31 6.74
CA TYR B 616 28.72 42.88 7.21
C TYR B 616 28.67 44.41 7.28
N PHE B 617 28.22 45.03 6.20
CA PHE B 617 28.21 46.49 6.13
C PHE B 617 26.98 47.07 6.81
N SER B 618 27.12 48.26 7.37
CA SER B 618 26.05 48.88 8.14
C SER B 618 24.76 49.08 7.35
N ASP B 619 24.87 49.46 6.09
CA ASP B 619 23.68 49.72 5.31
C ASP B 619 23.88 49.49 3.81
N GLU B 620 22.80 49.65 3.06
CA GLU B 620 22.79 49.40 1.61
C GLU B 620 23.66 50.40 0.87
N ALA B 621 23.84 51.57 1.46
CA ALA B 621 24.65 52.61 0.86
C ALA B 621 26.07 52.11 0.59
N GLN B 622 26.57 51.25 1.48
CA GLN B 622 27.92 50.73 1.32
C GLN B 622 27.92 49.27 0.89
N ALA B 623 26.92 48.50 1.33
CA ALA B 623 26.86 47.08 1.00
C ALA B 623 26.70 46.88 -0.49
N ARG B 624 25.93 47.75 -1.14
CA ARG B 624 25.71 47.61 -2.57
C ARG B 624 26.96 47.99 -3.32
N ALA B 625 27.69 48.97 -2.79
CA ALA B 625 28.92 49.38 -3.43
C ALA B 625 29.93 48.26 -3.33
N ALA B 626 30.02 47.66 -2.15
CA ALA B 626 30.96 46.57 -1.94
C ALA B 626 30.62 45.38 -2.83
N PHE B 627 29.34 45.06 -2.91
CA PHE B 627 28.90 43.93 -3.71
C PHE B 627 29.23 44.15 -5.18
N SER B 628 28.93 45.34 -5.69
CA SER B 628 29.20 45.66 -7.09
C SER B 628 30.69 45.64 -7.37
N LEU B 629 31.47 46.23 -6.47
CA LEU B 629 32.92 46.30 -6.65
C LEU B 629 33.55 44.92 -6.74
N ILE B 630 33.04 44.00 -5.94
CA ILE B 630 33.56 42.64 -5.92
C ILE B 630 32.97 41.79 -7.02
N GLN B 631 31.66 41.89 -7.24
CA GLN B 631 30.98 41.08 -8.24
C GLN B 631 31.55 41.33 -9.63
N GLU B 632 31.94 42.57 -9.90
CA GLU B 632 32.53 42.93 -11.19
C GLU B 632 33.86 42.20 -11.39
N ASN B 633 34.59 42.01 -10.31
CA ASN B 633 35.86 41.29 -10.35
C ASN B 633 35.58 39.80 -10.28
N GLU B 634 35.56 39.14 -11.44
CA GLU B 634 35.15 37.74 -11.49
C GLU B 634 35.96 36.88 -10.54
N VAL B 635 37.25 37.15 -10.48
CA VAL B 635 38.12 36.34 -9.64
C VAL B 635 37.82 36.50 -8.17
N LEU B 636 37.69 37.74 -7.69
CA LEU B 636 37.41 37.91 -6.27
C LEU B 636 36.04 37.37 -5.92
N PHE B 637 35.07 37.55 -6.80
CA PHE B 637 33.75 37.04 -6.50
C PHE B 637 33.82 35.54 -6.33
N THR B 638 34.53 34.88 -7.23
CA THR B 638 34.71 33.45 -7.14
C THR B 638 35.45 33.09 -5.84
N MET B 639 36.52 33.81 -5.54
CA MET B 639 37.33 33.55 -4.36
C MET B 639 36.55 33.73 -3.06
N CYS B 640 35.56 34.64 -3.08
CA CYS B 640 34.75 34.93 -1.90
C CYS B 640 33.93 33.71 -1.47
N PHE B 641 34.06 32.63 -2.23
CA PHE B 641 33.55 31.33 -1.88
C PHE B 641 33.98 30.98 -0.46
N ILE B 642 35.25 31.26 -0.16
CA ILE B 642 35.81 31.01 1.15
C ILE B 642 35.48 32.20 2.06
N PRO B 643 34.73 31.99 3.15
CA PRO B 643 34.29 32.98 4.11
C PRO B 643 35.44 33.85 4.59
N LEU B 644 36.62 33.28 4.73
CA LEU B 644 37.75 34.08 5.13
C LEU B 644 38.09 35.13 4.08
N VAL B 645 37.97 34.77 2.81
CA VAL B 645 38.33 35.71 1.76
C VAL B 645 37.33 36.85 1.70
N CYS B 646 36.04 36.53 1.76
CA CYS B 646 35.07 37.60 1.66
C CYS B 646 35.16 38.49 2.88
N TRP B 647 35.55 37.92 4.02
CA TRP B 647 35.78 38.70 5.22
C TRP B 647 36.97 39.64 5.04
N ILE B 648 38.08 39.11 4.50
CA ILE B 648 39.27 39.94 4.32
C ILE B 648 38.98 41.08 3.37
N VAL B 649 38.28 40.78 2.28
CA VAL B 649 37.95 41.81 1.32
C VAL B 649 37.02 42.85 1.93
N CYS B 650 36.01 42.39 2.67
CA CYS B 650 35.08 43.32 3.32
C CYS B 650 35.80 44.21 4.33
N THR B 651 36.72 43.61 5.08
CA THR B 651 37.47 44.36 6.08
C THR B 651 38.34 45.40 5.38
N GLY B 652 38.97 44.99 4.28
CA GLY B 652 39.78 45.92 3.50
C GLY B 652 38.94 47.07 2.98
N LEU B 653 37.74 46.76 2.49
CA LEU B 653 36.81 47.79 2.03
C LEU B 653 36.38 48.71 3.16
N LYS B 654 36.09 48.14 4.33
CA LYS B 654 35.70 48.97 5.45
C LYS B 654 36.79 50.00 5.75
N GLN B 655 38.04 49.57 5.71
CA GLN B 655 39.16 50.46 5.95
C GLN B 655 39.25 51.54 4.86
N GLN B 656 39.00 51.14 3.62
CA GLN B 656 38.99 52.10 2.51
C GLN B 656 37.84 53.09 2.67
N MET B 657 36.72 52.63 3.21
CA MET B 657 35.56 53.49 3.45
C MET B 657 35.86 54.54 4.51
N GLU B 658 36.57 54.13 5.56
CA GLU B 658 36.92 55.07 6.63
C GLU B 658 37.78 56.21 6.08
N SER B 659 38.71 55.87 5.20
CA SER B 659 39.56 56.88 4.57
C SER B 659 38.86 57.54 3.38
N GLY B 660 37.96 56.81 2.74
CA GLY B 660 37.20 57.31 1.59
C GLY B 660 38.09 57.44 0.34
N LYS B 661 39.04 56.52 0.19
CA LYS B 661 39.99 56.62 -0.91
C LYS B 661 39.45 56.24 -2.30
N SER B 662 38.79 55.10 -2.40
CA SER B 662 38.33 54.61 -3.71
C SER B 662 37.44 53.39 -3.61
N LEU B 663 37.80 52.49 -2.70
CA LEU B 663 37.16 51.18 -2.51
C LEU B 663 37.47 50.24 -3.68
N ALA B 664 38.51 50.53 -4.44
CA ALA B 664 38.87 49.66 -5.55
C ALA B 664 39.31 48.29 -5.06
N GLN B 665 38.85 47.25 -5.73
CA GLN B 665 39.20 45.86 -5.42
C GLN B 665 39.62 45.12 -6.69
N THR B 666 40.91 45.17 -7.01
CA THR B 666 41.42 44.67 -8.28
C THR B 666 42.33 43.46 -8.14
N SER B 667 42.40 42.89 -6.94
CA SER B 667 43.26 41.74 -6.69
C SER B 667 42.84 40.53 -7.53
N LYS B 668 43.82 39.75 -8.00
CA LYS B 668 43.55 38.59 -8.86
C LYS B 668 43.94 37.26 -8.23
N THR B 669 44.59 37.31 -7.08
CA THR B 669 45.09 36.09 -6.44
C THR B 669 44.84 36.13 -4.94
N THR B 670 45.02 34.99 -4.28
CA THR B 670 44.92 34.92 -2.83
C THR B 670 46.02 35.75 -2.21
N THR B 671 47.22 35.65 -2.77
CA THR B 671 48.33 36.44 -2.27
C THR B 671 48.00 37.91 -2.37
N ALA B 672 47.46 38.31 -3.52
CA ALA B 672 47.12 39.71 -3.75
C ALA B 672 46.14 40.22 -2.70
N VAL B 673 45.20 39.37 -2.28
CA VAL B 673 44.24 39.77 -1.27
C VAL B 673 44.92 39.99 0.07
N TYR B 674 45.81 39.07 0.45
CA TYR B 674 46.53 39.21 1.70
C TYR B 674 47.51 40.38 1.68
N VAL B 675 48.19 40.60 0.56
CA VAL B 675 49.10 41.73 0.44
C VAL B 675 48.32 43.02 0.52
N PHE B 676 47.20 43.07 -0.20
CA PHE B 676 46.33 44.23 -0.20
C PHE B 676 45.90 44.58 1.21
N PHE B 677 45.44 43.56 1.93
CA PHE B 677 44.97 43.72 3.29
C PHE B 677 46.02 44.36 4.17
N LEU B 678 47.25 43.88 4.11
CA LEU B 678 48.30 44.46 4.93
C LEU B 678 48.68 45.86 4.45
N SER B 679 48.69 46.08 3.14
CA SER B 679 49.09 47.38 2.62
C SER B 679 48.26 48.49 3.25
N SER B 680 46.95 48.30 3.29
CA SER B 680 46.04 49.30 3.83
C SER B 680 46.04 49.35 5.36
N LEU B 681 46.74 48.41 5.98
CA LEU B 681 46.74 48.29 7.43
C LEU B 681 48.05 48.76 8.05
N LEU B 682 49.18 48.38 7.44
CA LEU B 682 50.49 48.69 7.99
C LEU B 682 51.13 49.96 7.43
N GLN B 683 50.73 50.38 6.23
CA GLN B 683 51.33 51.56 5.63
C GLN B 683 51.20 52.85 6.46
N PRO B 684 50.03 53.15 7.07
CA PRO B 684 49.77 54.36 7.84
C PRO B 684 50.80 54.56 8.94
N LEU B 693 53.54 48.25 12.34
CA LEU B 693 53.55 49.02 11.10
C LEU B 693 54.70 48.55 10.23
N CYS B 694 55.13 49.41 9.30
CA CYS B 694 56.18 49.02 8.37
C CYS B 694 57.47 48.62 9.07
N ALA B 695 57.85 49.38 10.09
CA ALA B 695 59.10 49.15 10.80
C ALA B 695 59.04 47.89 11.65
N HIS B 696 57.86 47.32 11.82
CA HIS B 696 57.68 46.17 12.66
C HIS B 696 57.29 44.94 11.85
N LEU B 697 57.30 45.08 10.52
CA LEU B 697 56.89 43.99 9.67
C LEU B 697 57.83 42.81 9.78
N TRP B 698 59.13 43.09 9.79
CA TRP B 698 60.11 42.02 9.86
C TRP B 698 59.91 41.22 11.13
N GLY B 699 59.71 41.92 12.25
CA GLY B 699 59.53 41.26 13.54
C GLY B 699 58.32 40.33 13.52
N LEU B 700 57.21 40.81 12.98
CA LEU B 700 56.01 40.00 12.91
C LEU B 700 56.21 38.81 11.98
N CYS B 701 56.91 39.05 10.87
CA CYS B 701 57.19 37.99 9.92
C CYS B 701 58.07 36.92 10.57
N SER B 702 59.07 37.37 11.32
CA SER B 702 59.96 36.46 12.02
C SER B 702 59.18 35.62 13.01
N LEU B 703 58.29 36.27 13.76
CA LEU B 703 57.44 35.57 14.72
C LEU B 703 56.64 34.48 14.04
N ALA B 704 56.02 34.83 12.91
CA ALA B 704 55.22 33.84 12.19
C ALA B 704 56.06 32.66 11.76
N ALA B 705 57.22 32.93 11.17
CA ALA B 705 58.08 31.87 10.69
C ALA B 705 58.54 31.01 11.85
N ASP B 706 58.82 31.66 12.97
CA ASP B 706 59.27 30.96 14.15
C ASP B 706 58.21 29.97 14.59
N GLY B 707 56.96 30.43 14.64
CA GLY B 707 55.85 29.58 15.05
C GLY B 707 55.65 28.40 14.12
N ILE B 708 55.81 28.61 12.82
CA ILE B 708 55.61 27.50 11.90
C ILE B 708 56.66 26.42 12.15
N TRP B 709 57.91 26.84 12.32
CA TRP B 709 59.00 25.90 12.54
C TRP B 709 59.08 25.34 13.96
N ASN B 710 58.63 26.11 14.93
CA ASN B 710 58.70 25.69 16.33
C ASN B 710 57.38 25.19 16.86
N GLN B 711 56.46 24.87 15.96
CA GLN B 711 55.16 24.30 16.32
C GLN B 711 54.44 25.15 17.36
N LYS B 712 54.27 26.43 17.06
CA LYS B 712 53.60 27.33 17.97
C LYS B 712 52.63 28.25 17.25
N ILE B 713 51.38 28.23 17.72
CA ILE B 713 50.37 29.17 17.22
C ILE B 713 50.10 30.22 18.27
N LEU B 714 50.07 29.77 19.52
CA LEU B 714 49.81 30.64 20.66
C LEU B 714 51.12 31.08 21.28
N PHE B 715 51.34 32.39 21.28
CA PHE B 715 52.58 33.00 21.72
C PHE B 715 52.41 33.71 23.04
N GLU B 716 53.48 33.73 23.83
CA GLU B 716 53.49 34.48 25.07
C GLU B 716 54.11 35.84 24.86
N GLU B 717 53.87 36.79 25.75
CA GLU B 717 54.47 38.11 25.60
C GLU B 717 55.99 38.00 25.53
N SER B 718 56.55 36.99 26.19
CA SER B 718 57.99 36.77 26.14
C SER B 718 58.43 36.45 24.72
N ASP B 719 57.59 35.76 23.96
CA ASP B 719 57.94 35.36 22.61
C ASP B 719 57.83 36.56 21.69
N LEU B 720 56.88 37.43 21.98
CA LEU B 720 56.71 38.63 21.17
C LEU B 720 57.90 39.55 21.34
N ARG B 721 58.30 39.74 22.60
CA ARG B 721 59.42 40.61 22.90
C ARG B 721 60.70 40.10 22.26
N ASN B 722 60.87 38.79 22.26
CA ASN B 722 62.07 38.18 21.72
C ASN B 722 62.13 38.27 20.19
N HIS B 723 61.04 38.69 19.57
CA HIS B 723 60.98 38.81 18.12
C HIS B 723 60.85 40.25 17.69
N GLY B 724 61.06 41.19 18.62
CA GLY B 724 61.05 42.61 18.30
C GLY B 724 59.68 43.28 18.42
N LEU B 725 58.71 42.63 19.06
CA LEU B 725 57.39 43.24 19.23
C LEU B 725 57.09 43.40 20.72
N GLN B 726 56.88 44.64 21.18
CA GLN B 726 56.67 44.83 22.61
C GLN B 726 55.64 45.90 22.95
N LYS B 727 54.46 45.44 23.34
CA LYS B 727 53.34 46.27 23.81
C LYS B 727 52.86 47.34 22.83
N ALA B 728 53.68 48.35 22.60
CA ALA B 728 53.23 49.54 21.88
C ALA B 728 52.94 49.23 20.41
N ASP B 729 53.82 48.49 19.76
CA ASP B 729 53.62 48.14 18.36
C ASP B 729 52.62 47.01 18.25
N VAL B 730 52.57 46.21 19.30
CA VAL B 730 51.65 45.09 19.35
C VAL B 730 50.24 45.61 19.37
N SER B 731 50.02 46.67 20.14
CA SER B 731 48.70 47.27 20.26
C SER B 731 48.20 47.75 18.91
N ALA B 732 49.11 48.13 18.02
CA ALA B 732 48.71 48.57 16.68
C ALA B 732 48.08 47.42 15.92
N PHE B 733 48.63 46.22 16.12
CA PHE B 733 48.13 45.03 15.46
C PHE B 733 46.82 44.58 16.10
N LEU B 734 46.66 44.89 17.38
CA LEU B 734 45.45 44.51 18.10
C LEU B 734 44.31 45.48 17.75
N ARG B 735 44.64 46.76 17.56
CA ARG B 735 43.63 47.75 17.18
C ARG B 735 43.20 47.57 15.73
N MET B 736 44.19 47.41 14.86
CA MET B 736 43.93 47.20 13.44
C MET B 736 43.96 45.71 13.16
N ASN B 737 42.77 45.15 13.00
CA ASN B 737 42.57 43.71 12.92
C ASN B 737 43.67 43.00 12.16
N LEU B 738 44.66 42.50 12.89
CA LEU B 738 45.71 41.68 12.31
C LEU B 738 46.15 40.57 13.25
N PHE B 739 46.39 40.95 14.50
CA PHE B 739 46.97 40.04 15.48
C PHE B 739 46.08 40.05 16.73
N GLN B 740 45.94 38.91 17.40
CA GLN B 740 45.07 38.79 18.57
C GLN B 740 45.82 38.41 19.84
N LYS B 741 45.23 38.74 20.98
CA LYS B 741 45.80 38.42 22.29
C LYS B 741 45.13 37.24 22.99
N GLU B 742 43.96 36.82 22.50
CA GLU B 742 43.19 35.77 23.20
C GLU B 742 42.95 36.16 24.64
N VAL B 743 42.03 37.09 24.85
CA VAL B 743 41.78 37.62 26.18
C VAL B 743 40.64 36.90 26.89
N ASP B 744 40.26 35.75 26.36
CA ASP B 744 39.21 34.95 26.99
C ASP B 744 39.79 34.22 28.19
N CYS B 745 40.08 34.98 29.24
CA CYS B 745 40.71 34.49 30.46
C CYS B 745 42.12 33.98 30.20
N GLU B 746 42.75 34.50 29.15
CA GLU B 746 44.11 34.10 28.78
C GLU B 746 44.96 35.29 28.35
N LYS B 747 46.22 35.01 28.04
CA LYS B 747 47.17 36.00 27.55
C LYS B 747 48.04 35.42 26.43
N PHE B 748 47.40 34.71 25.49
CA PHE B 748 48.14 34.08 24.39
C PHE B 748 47.92 34.75 23.05
N TYR B 749 49.00 35.25 22.49
CA TYR B 749 48.93 35.97 21.23
C TYR B 749 48.90 35.03 20.05
N SER B 750 48.17 35.41 19.02
CA SER B 750 48.06 34.60 17.82
C SER B 750 47.63 35.43 16.63
N PHE B 751 47.67 34.83 15.46
CA PHE B 751 47.20 35.51 14.26
C PHE B 751 45.70 35.34 14.18
N ILE B 752 45.03 36.30 13.53
CA ILE B 752 43.57 36.21 13.39
C ILE B 752 43.12 34.98 12.63
N HIS B 753 44.01 34.39 11.85
CA HIS B 753 43.72 33.15 11.17
C HIS B 753 45.02 32.45 10.81
N MET B 754 45.02 31.12 10.85
CA MET B 754 46.22 30.35 10.57
C MET B 754 46.79 30.68 9.19
N THR B 755 45.92 31.03 8.26
CA THR B 755 46.35 31.37 6.92
C THR B 755 47.26 32.60 6.94
N PHE B 756 46.96 33.56 7.82
CA PHE B 756 47.78 34.76 7.90
C PHE B 756 49.14 34.42 8.47
N GLN B 757 49.16 33.57 9.49
CA GLN B 757 50.45 33.18 10.05
C GLN B 757 51.32 32.57 8.97
N GLU B 758 50.72 31.73 8.13
CA GLU B 758 51.46 31.12 7.05
C GLU B 758 51.91 32.17 6.03
N PHE B 759 51.06 33.16 5.77
CA PHE B 759 51.38 34.27 4.87
C PHE B 759 52.62 35.01 5.33
N PHE B 760 52.64 35.36 6.61
CA PHE B 760 53.75 36.09 7.18
C PHE B 760 55.02 35.26 7.14
N ALA B 761 54.89 33.96 7.41
CA ALA B 761 56.05 33.08 7.37
C ALA B 761 56.63 33.08 5.97
N ALA B 762 55.76 33.09 4.96
CA ALA B 762 56.20 33.10 3.59
C ALA B 762 56.97 34.38 3.26
N MET B 763 56.48 35.53 3.75
CA MET B 763 57.18 36.79 3.49
C MET B 763 58.55 36.78 4.14
N TYR B 764 58.63 36.18 5.33
CA TYR B 764 59.90 36.15 6.06
C TYR B 764 61.03 35.66 5.18
N TYR B 765 60.78 34.58 4.45
CA TYR B 765 61.82 33.99 3.58
C TYR B 765 62.26 34.95 2.47
N LEU B 766 61.44 35.94 2.17
CA LEU B 766 61.71 36.85 1.07
C LEU B 766 62.06 38.27 1.51
N LEU B 767 62.30 38.51 2.79
CA LEU B 767 62.64 39.87 3.26
C LEU B 767 64.13 40.13 3.26
N GLU B 768 64.49 41.42 3.11
CA GLU B 768 65.86 41.94 3.22
C GLU B 768 66.47 42.18 1.84
N LEU B 784 63.91 32.88 13.60
CA LEU B 784 65.16 32.67 12.87
C LEU B 784 65.47 31.20 12.68
N PRO B 785 64.53 30.45 12.09
CA PRO B 785 64.61 29.03 11.83
C PRO B 785 65.75 28.65 10.91
N SER B 786 65.80 29.28 9.73
CA SER B 786 66.83 28.93 8.74
C SER B 786 66.86 29.90 7.57
N ARG B 787 65.68 30.24 7.07
CA ARG B 787 65.49 31.05 5.86
C ARG B 787 65.90 30.27 4.61
N ASP B 788 66.02 28.95 4.77
CA ASP B 788 66.34 28.05 3.68
C ASP B 788 65.07 27.45 3.07
N VAL B 789 64.67 27.97 1.92
CA VAL B 789 63.44 27.52 1.28
C VAL B 789 63.53 26.07 0.85
N THR B 790 64.68 25.66 0.35
CA THR B 790 64.82 24.28 -0.07
C THR B 790 64.46 23.35 1.08
N VAL B 791 64.98 23.65 2.27
CA VAL B 791 64.68 22.86 3.44
C VAL B 791 63.20 22.97 3.81
N LEU B 792 62.64 24.16 3.69
CA LEU B 792 61.21 24.34 3.94
C LEU B 792 60.40 23.38 3.08
N LEU B 793 60.70 23.38 1.79
CA LEU B 793 59.96 22.59 0.81
C LEU B 793 60.11 21.10 1.04
N GLU B 794 61.28 20.67 1.49
CA GLU B 794 61.56 19.27 1.74
C GLU B 794 60.65 18.69 2.82
N ASN B 795 60.10 19.56 3.65
CA ASN B 795 59.27 19.13 4.77
C ASN B 795 57.81 19.53 4.55
N TYR B 796 57.46 19.79 3.30
CA TYR B 796 56.11 20.22 2.94
C TYR B 796 55.04 19.20 3.31
N GLY B 797 55.18 17.97 2.84
CA GLY B 797 54.14 16.97 3.02
C GLY B 797 54.19 16.33 4.40
N LYS B 798 54.12 17.16 5.44
CA LYS B 798 54.24 16.65 6.80
C LYS B 798 53.31 17.35 7.79
N PHE B 799 52.68 16.54 8.63
CA PHE B 799 51.78 17.02 9.69
C PHE B 799 52.51 17.95 10.63
N GLU B 800 53.75 17.58 10.95
CA GLU B 800 54.57 18.30 11.92
C GLU B 800 54.64 19.80 11.67
N LYS B 801 54.61 20.22 10.40
CA LYS B 801 54.77 21.63 10.11
C LYS B 801 53.46 22.26 9.67
N GLY B 802 52.37 21.52 9.79
CA GLY B 802 51.06 22.01 9.36
C GLY B 802 50.91 21.90 7.85
N TYR B 803 51.73 21.03 7.24
CA TYR B 803 51.77 20.78 5.80
C TYR B 803 52.25 21.97 4.95
N LEU B 804 52.46 23.11 5.58
CA LEU B 804 53.01 24.28 4.91
C LEU B 804 52.29 24.60 3.61
N ILE B 805 51.00 24.34 3.55
CA ILE B 805 50.27 24.52 2.32
C ILE B 805 50.20 25.98 1.94
N PHE B 806 49.87 26.83 2.89
CA PHE B 806 49.76 28.23 2.58
C PHE B 806 51.09 28.92 2.57
N VAL B 807 52.05 28.34 3.27
CA VAL B 807 53.37 28.93 3.26
C VAL B 807 53.89 28.90 1.83
N VAL B 808 53.73 27.76 1.15
CA VAL B 808 54.19 27.65 -0.22
C VAL B 808 53.29 28.38 -1.21
N ARG B 809 51.98 28.25 -1.07
CA ARG B 809 51.09 28.94 -1.99
C ARG B 809 51.39 30.42 -2.00
N PHE B 810 51.62 30.99 -0.82
CA PHE B 810 51.95 32.40 -0.74
C PHE B 810 53.36 32.66 -1.23
N LEU B 811 54.29 31.76 -0.91
CA LEU B 811 55.66 31.92 -1.36
C LEU B 811 55.67 32.07 -2.88
N PHE B 812 54.86 31.26 -3.57
CA PHE B 812 54.77 31.35 -5.02
C PHE B 812 54.19 32.68 -5.48
N GLY B 813 53.10 33.11 -4.85
CA GLY B 813 52.46 34.37 -5.24
C GLY B 813 53.39 35.56 -5.02
N LEU B 814 54.12 35.53 -3.90
CA LEU B 814 55.03 36.61 -3.53
C LEU B 814 56.26 36.67 -4.41
N VAL B 815 56.78 35.52 -4.82
CA VAL B 815 57.94 35.51 -5.70
C VAL B 815 57.53 35.85 -7.11
N ASN B 816 57.53 37.13 -7.41
CA ASN B 816 57.13 37.62 -8.72
C ASN B 816 57.95 38.84 -9.09
N GLN B 817 57.94 39.19 -10.36
CA GLN B 817 58.59 40.42 -10.81
C GLN B 817 57.57 41.52 -10.96
N GLU B 818 56.32 41.13 -11.19
CA GLU B 818 55.25 42.09 -11.37
C GLU B 818 54.76 42.60 -10.02
N ARG B 819 55.62 43.38 -9.37
CA ARG B 819 55.37 43.90 -8.03
C ARG B 819 55.31 45.41 -8.02
N THR B 820 54.77 45.98 -6.94
CA THR B 820 54.64 47.41 -6.79
C THR B 820 55.14 47.89 -5.44
N SER B 821 54.65 49.05 -5.00
CA SER B 821 55.08 49.63 -3.72
C SER B 821 54.13 49.20 -2.60
N TYR B 822 54.21 49.88 -1.47
CA TYR B 822 53.39 49.57 -0.31
C TYR B 822 53.69 48.19 0.25
N LEU B 823 54.80 48.11 1.00
CA LEU B 823 55.29 46.89 1.64
C LEU B 823 55.97 45.95 0.65
N GLU B 824 55.40 45.80 -0.54
CA GLU B 824 55.95 44.90 -1.54
C GLU B 824 57.38 45.27 -1.93
N LYS B 825 57.69 46.56 -1.96
CA LYS B 825 59.02 47.03 -2.35
C LYS B 825 60.07 46.69 -1.29
N LYS B 826 59.61 46.29 -0.10
CA LYS B 826 60.52 45.97 0.99
C LYS B 826 60.88 44.49 0.90
N LEU B 827 60.21 43.79 0.00
CA LEU B 827 60.46 42.39 -0.25
C LEU B 827 61.72 42.31 -1.11
N SER B 828 62.56 41.32 -0.88
CA SER B 828 63.82 41.23 -1.58
C SER B 828 63.69 40.69 -2.99
N CYS B 829 64.06 41.52 -3.95
CA CYS B 829 64.00 41.13 -5.36
C CYS B 829 65.09 40.12 -5.67
N LYS B 830 66.25 40.30 -5.05
CA LYS B 830 67.38 39.41 -5.29
C LYS B 830 67.07 38.01 -4.79
N ILE B 831 66.44 37.93 -3.63
CA ILE B 831 66.08 36.64 -3.08
C ILE B 831 65.01 36.00 -3.94
N SER B 832 64.01 36.78 -4.34
CA SER B 832 62.92 36.25 -5.15
C SER B 832 63.45 35.56 -6.41
N GLN B 833 64.47 36.15 -7.03
CA GLN B 833 65.06 35.54 -8.22
C GLN B 833 65.76 34.23 -7.89
N GLN B 834 66.39 34.16 -6.72
CA GLN B 834 67.09 32.95 -6.28
C GLN B 834 66.09 31.84 -5.91
N ILE B 835 64.98 32.24 -5.33
CA ILE B 835 63.95 31.31 -4.88
C ILE B 835 63.13 30.79 -6.05
N ARG B 836 62.82 31.66 -6.99
CA ARG B 836 62.05 31.27 -8.16
C ARG B 836 62.62 30.01 -8.80
N LEU B 837 63.93 29.97 -8.93
CA LEU B 837 64.59 28.83 -9.55
C LEU B 837 64.33 27.55 -8.79
N GLU B 838 64.46 27.60 -7.47
CA GLU B 838 64.27 26.42 -6.66
C GLU B 838 62.81 25.98 -6.67
N LEU B 839 61.90 26.95 -6.75
CA LEU B 839 60.48 26.62 -6.83
C LEU B 839 60.17 25.87 -8.11
N LEU B 840 60.80 26.27 -9.21
CA LEU B 840 60.54 25.61 -10.48
C LEU B 840 61.06 24.18 -10.43
N LYS B 841 62.22 23.98 -9.82
CA LYS B 841 62.77 22.65 -9.66
C LYS B 841 61.83 21.80 -8.82
N TRP B 842 61.29 22.40 -7.77
CA TRP B 842 60.37 21.72 -6.87
C TRP B 842 59.16 21.23 -7.63
N ILE B 843 58.59 22.09 -8.48
CA ILE B 843 57.44 21.67 -9.27
C ILE B 843 57.78 20.51 -10.16
N GLU B 844 58.91 20.56 -10.85
CA GLU B 844 59.27 19.46 -11.74
C GLU B 844 59.36 18.16 -10.97
N VAL B 845 60.03 18.19 -9.83
CA VAL B 845 60.23 17.00 -9.03
C VAL B 845 58.92 16.42 -8.53
N LYS B 846 58.03 17.28 -8.05
CA LYS B 846 56.77 16.81 -7.50
C LYS B 846 55.76 16.45 -8.59
N ALA B 847 55.75 17.20 -9.70
CA ALA B 847 54.82 16.93 -10.79
C ALA B 847 55.07 15.55 -11.35
N LYS B 848 56.34 15.15 -11.35
CA LYS B 848 56.77 13.84 -11.82
C LYS B 848 56.09 12.69 -11.08
N ALA B 849 55.71 12.91 -9.83
CA ALA B 849 55.11 11.83 -9.04
C ALA B 849 53.75 11.44 -9.59
N LYS B 850 53.47 10.14 -9.58
CA LYS B 850 52.18 9.63 -10.04
C LYS B 850 51.44 8.93 -8.91
N LYS B 851 51.80 9.26 -7.68
CA LYS B 851 51.19 8.64 -6.51
C LYS B 851 49.95 9.38 -6.05
N LEU B 852 49.09 8.70 -5.34
CA LEU B 852 47.89 9.29 -4.75
C LEU B 852 48.09 9.49 -3.26
N GLN B 853 47.29 10.38 -2.67
CA GLN B 853 47.42 10.71 -1.24
C GLN B 853 48.85 11.13 -0.96
N ILE B 854 49.38 11.94 -1.85
CA ILE B 854 50.73 12.46 -1.77
C ILE B 854 50.69 13.97 -1.86
N GLN B 855 51.71 14.62 -1.34
CA GLN B 855 51.85 16.06 -1.44
C GLN B 855 51.70 16.46 -2.92
N PRO B 856 51.80 17.74 -3.27
CA PRO B 856 50.98 18.38 -4.28
C PRO B 856 50.41 17.45 -5.33
N SER B 857 49.15 17.08 -5.15
CA SER B 857 48.46 16.18 -6.08
C SER B 857 47.95 16.90 -7.31
N GLN B 858 48.87 17.40 -8.12
CA GLN B 858 48.57 18.07 -9.39
C GLN B 858 47.82 19.37 -9.23
N LEU B 859 46.59 19.29 -8.77
CA LEU B 859 45.77 20.48 -8.65
C LEU B 859 46.39 21.47 -7.69
N GLU B 860 47.09 20.96 -6.69
CA GLU B 860 47.77 21.82 -5.74
C GLU B 860 48.86 22.61 -6.44
N LEU B 861 49.56 21.98 -7.38
CA LEU B 861 50.60 22.67 -8.10
C LEU B 861 49.99 23.70 -9.03
N PHE B 862 48.84 23.35 -9.61
CA PHE B 862 48.18 24.28 -10.52
C PHE B 862 47.77 25.52 -9.76
N TYR B 863 47.25 25.33 -8.56
CA TYR B 863 46.88 26.46 -7.74
C TYR B 863 48.10 27.33 -7.46
N CYS B 864 49.20 26.71 -7.09
CA CYS B 864 50.41 27.47 -6.81
C CYS B 864 50.79 28.31 -8.03
N LEU B 865 50.68 27.71 -9.21
CA LEU B 865 50.96 28.43 -10.44
C LEU B 865 49.93 29.52 -10.69
N TYR B 866 48.67 29.27 -10.32
CA TYR B 866 47.65 30.30 -10.47
C TYR B 866 48.06 31.53 -9.70
N GLU B 867 48.53 31.34 -8.47
CA GLU B 867 48.94 32.47 -7.65
C GLU B 867 50.10 33.23 -8.29
N MET B 868 51.05 32.51 -8.83
CA MET B 868 52.17 33.16 -9.48
C MET B 868 51.82 33.48 -10.93
N GLN B 869 51.03 34.54 -11.12
CA GLN B 869 50.50 34.84 -12.44
C GLN B 869 51.51 35.47 -13.38
N GLU B 870 52.52 34.70 -13.72
CA GLU B 870 53.54 35.11 -14.68
C GLU B 870 53.75 34.00 -15.69
N GLU B 871 53.38 34.27 -16.93
CA GLU B 871 53.36 33.26 -17.97
C GLU B 871 54.71 32.60 -18.19
N ASP B 872 55.79 33.36 -18.09
CA ASP B 872 57.10 32.77 -18.34
C ASP B 872 57.33 31.60 -17.40
N PHE B 873 57.05 31.82 -16.13
CA PHE B 873 57.24 30.78 -15.12
C PHE B 873 56.22 29.67 -15.29
N VAL B 874 54.96 30.06 -15.43
CA VAL B 874 53.89 29.07 -15.46
C VAL B 874 54.03 28.13 -16.64
N GLN B 875 54.33 28.67 -17.81
CA GLN B 875 54.44 27.81 -18.97
C GLN B 875 55.63 26.87 -18.83
N ARG B 876 56.74 27.37 -18.31
CA ARG B 876 57.88 26.49 -18.11
C ARG B 876 57.54 25.39 -17.12
N ALA B 877 56.81 25.76 -16.06
CA ALA B 877 56.42 24.79 -15.05
C ALA B 877 55.43 23.77 -15.62
N MET B 878 54.50 24.25 -16.42
CA MET B 878 53.47 23.39 -16.99
C MET B 878 54.01 22.37 -17.98
N ASP B 879 55.18 22.64 -18.53
CA ASP B 879 55.76 21.72 -19.48
C ASP B 879 56.21 20.43 -18.79
N TYR B 880 56.17 20.41 -17.46
CA TYR B 880 56.56 19.23 -16.71
C TYR B 880 55.35 18.38 -16.34
N PHE B 881 54.20 18.66 -16.96
CA PHE B 881 52.98 17.91 -16.71
C PHE B 881 52.44 17.24 -17.98
N PRO B 882 53.10 16.19 -18.49
CA PRO B 882 52.75 15.48 -19.71
C PRO B 882 51.39 14.82 -19.58
N LYS B 883 51.00 14.56 -18.35
CA LYS B 883 49.70 13.96 -18.05
C LYS B 883 49.08 14.68 -16.87
N ILE B 884 47.84 15.13 -17.02
CA ILE B 884 47.17 15.85 -15.96
C ILE B 884 45.97 15.10 -15.43
N GLU B 885 46.00 14.76 -14.16
CA GLU B 885 44.89 14.06 -13.51
C GLU B 885 44.33 14.88 -12.36
N ILE B 886 43.18 15.51 -12.60
CA ILE B 886 42.61 16.39 -11.58
C ILE B 886 41.13 16.11 -11.32
N ASN B 887 40.66 16.54 -10.16
CA ASN B 887 39.26 16.41 -9.78
C ASN B 887 38.71 17.72 -9.28
N LEU B 888 37.89 18.37 -10.09
CA LEU B 888 37.38 19.70 -9.80
C LEU B 888 36.13 19.63 -8.93
N SER B 889 36.09 20.49 -7.90
CA SER B 889 34.93 20.52 -7.02
C SER B 889 34.13 21.80 -7.16
N THR B 890 34.83 22.93 -7.07
CA THR B 890 34.16 24.23 -7.08
C THR B 890 34.62 25.15 -8.19
N ARG B 891 34.02 26.32 -8.23
CA ARG B 891 34.29 27.28 -9.30
C ARG B 891 35.75 27.74 -9.26
N MET B 892 36.28 27.86 -8.06
CA MET B 892 37.67 28.27 -7.90
C MET B 892 38.59 27.26 -8.57
N ASP B 893 38.24 25.98 -8.45
CA ASP B 893 39.08 24.93 -9.00
C ASP B 893 39.03 24.99 -10.50
N HIS B 894 37.86 25.31 -11.02
CA HIS B 894 37.65 25.30 -12.46
C HIS B 894 38.54 26.34 -13.14
N MET B 895 38.54 27.58 -12.64
CA MET B 895 39.33 28.60 -13.30
C MET B 895 40.83 28.43 -13.06
N VAL B 896 41.20 27.84 -11.93
CA VAL B 896 42.59 27.55 -11.67
C VAL B 896 43.12 26.53 -12.67
N SER B 897 42.33 25.48 -12.89
CA SER B 897 42.70 24.47 -13.86
C SER B 897 42.77 25.07 -15.25
N SER B 898 41.78 25.90 -15.60
CA SER B 898 41.74 26.51 -16.91
C SER B 898 43.01 27.32 -17.17
N PHE B 899 43.39 28.13 -16.20
CA PHE B 899 44.59 28.96 -16.34
C PHE B 899 45.83 28.12 -16.64
N CYS B 900 46.04 27.09 -15.84
CA CYS B 900 47.23 26.27 -16.00
C CYS B 900 47.23 25.46 -17.29
N ILE B 901 46.09 24.90 -17.65
CA ILE B 901 46.02 24.09 -18.86
C ILE B 901 46.20 24.96 -20.10
N GLU B 902 45.59 26.14 -20.11
CA GLU B 902 45.74 27.05 -21.24
C GLU B 902 47.21 27.39 -21.44
N ASN B 903 47.92 27.62 -20.33
CA ASN B 903 49.34 27.94 -20.39
C ASN B 903 50.19 26.69 -20.30
N CYS B 904 49.90 25.72 -21.15
CA CYS B 904 50.65 24.47 -21.19
C CYS B 904 50.80 24.01 -22.63
N HIS B 905 52.04 23.85 -23.07
CA HIS B 905 52.26 23.47 -24.44
C HIS B 905 52.77 22.05 -24.58
N ARG B 906 52.76 21.30 -23.48
CA ARG B 906 53.22 19.92 -23.54
C ARG B 906 52.42 19.01 -22.63
N VAL B 907 51.12 18.94 -22.84
CA VAL B 907 50.29 17.98 -22.13
C VAL B 907 49.66 17.05 -23.13
N GLU B 908 49.96 15.75 -23.02
CA GLU B 908 49.46 14.80 -23.98
C GLU B 908 48.11 14.25 -23.57
N SER B 909 47.93 14.04 -22.27
CA SER B 909 46.72 13.42 -21.79
C SER B 909 46.13 14.12 -20.58
N LEU B 910 44.85 14.43 -20.66
CA LEU B 910 44.14 15.10 -19.59
C LEU B 910 42.97 14.27 -19.10
N SER B 911 42.89 14.09 -17.79
CA SER B 911 41.80 13.36 -17.18
C SER B 911 41.07 14.23 -16.18
N LEU B 912 39.79 14.45 -16.44
CA LEU B 912 38.98 15.28 -15.57
C LEU B 912 38.01 14.42 -14.79
N GLY B 913 37.56 14.94 -13.68
CA GLY B 913 36.61 14.24 -12.83
C GLY B 913 35.74 15.26 -12.11
N PHE B 914 34.70 15.72 -12.78
CA PHE B 914 33.84 16.71 -12.16
C PHE B 914 33.13 16.07 -10.98
N LEU B 915 33.18 16.72 -9.84
CA LEU B 915 32.59 16.16 -8.63
C LEU B 915 31.24 16.80 -8.36
N HIS B 916 30.90 16.97 -7.09
CA HIS B 916 29.59 17.50 -6.74
C HIS B 916 29.56 19.00 -6.90
N ASN B 917 29.54 19.45 -8.15
CA ASN B 917 29.57 20.87 -8.47
C ASN B 917 28.41 21.59 -7.81
N LEU B 956 27.44 17.50 -12.58
CA LEU B 956 27.48 18.73 -13.37
C LEU B 956 26.13 19.02 -14.02
N THR B 957 25.88 18.39 -15.17
CA THR B 957 24.63 18.58 -15.91
C THR B 957 24.31 20.07 -16.08
N SER B 958 25.30 20.86 -16.45
CA SER B 958 25.11 22.28 -16.62
C SER B 958 26.25 22.91 -17.42
N SER B 959 26.15 24.20 -17.67
CA SER B 959 27.18 24.97 -18.35
C SER B 959 28.19 25.52 -17.35
N PHE B 960 28.03 25.14 -16.08
CA PHE B 960 28.91 25.58 -15.00
C PHE B 960 30.37 25.31 -15.34
N CYS B 961 30.64 24.10 -15.81
CA CYS B 961 31.99 23.74 -16.21
C CYS B 961 32.14 23.79 -17.72
N ARG B 962 32.10 24.99 -18.27
CA ARG B 962 32.22 25.21 -19.70
C ARG B 962 33.54 25.87 -20.08
N GLY B 963 34.05 26.72 -19.20
CA GLY B 963 35.23 27.52 -19.52
C GLY B 963 36.42 26.65 -19.87
N LEU B 964 36.61 25.56 -19.13
CA LEU B 964 37.72 24.67 -19.41
C LEU B 964 37.64 24.03 -20.78
N PHE B 965 36.44 23.67 -21.22
CA PHE B 965 36.32 22.98 -22.49
C PHE B 965 36.76 23.88 -23.63
N SER B 966 36.52 25.18 -23.48
CA SER B 966 36.94 26.16 -24.47
C SER B 966 38.45 26.29 -24.53
N VAL B 967 39.14 25.77 -23.52
CA VAL B 967 40.59 25.80 -23.49
C VAL B 967 41.14 24.56 -24.14
N LEU B 968 40.49 23.44 -23.90
CA LEU B 968 40.97 22.18 -24.42
C LEU B 968 41.00 22.24 -25.94
N SER B 969 40.04 22.96 -26.51
CA SER B 969 39.90 23.11 -27.95
C SER B 969 41.07 23.83 -28.60
N THR B 970 41.88 24.51 -27.80
CA THR B 970 43.01 25.24 -28.35
C THR B 970 44.34 24.65 -27.93
N SER B 971 44.33 23.50 -27.27
CA SER B 971 45.58 22.90 -26.83
C SER B 971 46.15 21.98 -27.90
N GLN B 972 47.16 22.47 -28.60
CA GLN B 972 47.69 21.77 -29.77
C GLN B 972 48.42 20.50 -29.41
N SER B 973 48.77 20.35 -28.14
CA SER B 973 49.54 19.18 -27.70
C SER B 973 48.67 18.13 -27.05
N LEU B 974 47.39 18.42 -26.88
CA LEU B 974 46.52 17.49 -26.16
C LEU B 974 45.98 16.45 -27.12
N THR B 975 46.27 15.19 -26.86
CA THR B 975 45.80 14.14 -27.76
C THR B 975 44.72 13.30 -27.12
N GLU B 976 44.79 13.14 -25.80
CA GLU B 976 43.84 12.28 -25.10
C GLU B 976 43.05 13.00 -24.03
N LEU B 977 41.73 12.94 -24.15
CA LEU B 977 40.84 13.55 -23.16
C LEU B 977 39.95 12.51 -22.51
N ASP B 978 40.10 12.32 -21.20
CA ASP B 978 39.34 11.32 -20.47
C ASP B 978 38.33 11.96 -19.53
N LEU B 979 37.05 11.80 -19.85
CA LEU B 979 35.98 12.37 -19.05
C LEU B 979 35.16 11.28 -18.40
N SER B 980 35.76 10.11 -18.23
CA SER B 980 35.05 8.95 -17.72
C SER B 980 34.70 9.03 -16.24
N ASP B 981 33.70 8.25 -15.87
CA ASP B 981 33.31 8.04 -14.49
C ASP B 981 33.01 9.32 -13.73
N ASN B 982 32.31 10.22 -14.39
CA ASN B 982 31.80 11.43 -13.74
C ASN B 982 30.55 11.82 -14.48
N SER B 983 29.65 12.54 -13.83
CA SER B 983 28.39 12.87 -14.48
C SER B 983 28.55 13.98 -15.49
N LEU B 984 28.42 13.62 -16.75
CA LEU B 984 28.50 14.56 -17.84
C LEU B 984 27.19 14.52 -18.58
N GLY B 985 26.22 15.27 -18.09
CA GLY B 985 24.88 15.17 -18.62
C GLY B 985 24.87 15.54 -20.08
N ASP B 986 23.87 15.06 -20.81
CA ASP B 986 23.78 15.31 -22.23
C ASP B 986 24.12 16.75 -22.61
N PRO B 987 23.56 17.80 -21.96
CA PRO B 987 23.86 19.19 -22.22
C PRO B 987 25.37 19.44 -22.17
N GLY B 988 26.05 18.73 -21.28
CA GLY B 988 27.48 18.87 -21.12
C GLY B 988 28.18 18.25 -22.31
N MET B 989 27.63 17.15 -22.82
CA MET B 989 28.22 16.47 -23.96
C MET B 989 28.06 17.35 -25.19
N ARG B 990 26.97 18.10 -25.24
CA ARG B 990 26.75 19.02 -26.34
C ARG B 990 27.81 20.10 -26.34
N VAL B 991 28.10 20.65 -25.15
CA VAL B 991 29.11 21.68 -25.03
C VAL B 991 30.46 21.14 -25.47
N LEU B 992 30.79 19.94 -25.03
CA LEU B 992 32.03 19.33 -25.43
C LEU B 992 32.07 19.14 -26.95
N CYS B 993 30.99 18.62 -27.51
CA CYS B 993 30.98 18.36 -28.93
C CYS B 993 31.25 19.63 -29.71
N GLU B 994 30.66 20.73 -29.28
CA GLU B 994 30.90 21.99 -29.97
C GLU B 994 32.39 22.35 -29.95
N THR B 995 33.06 22.08 -28.84
CA THR B 995 34.48 22.41 -28.73
C THR B 995 35.35 21.40 -29.48
N LEU B 996 34.77 20.27 -29.88
CA LEU B 996 35.51 19.27 -30.64
C LEU B 996 35.37 19.52 -32.13
N GLN B 997 34.59 20.54 -32.49
CA GLN B 997 34.41 20.88 -33.90
C GLN B 997 35.35 22.02 -34.27
N HIS B 998 36.14 22.46 -33.29
CA HIS B 998 37.10 23.53 -33.48
C HIS B 998 38.19 23.09 -34.44
N PRO B 999 38.56 23.90 -35.43
CA PRO B 999 39.60 23.64 -36.42
C PRO B 999 40.93 23.18 -35.81
N GLY B 1000 41.24 23.62 -34.60
CA GLY B 1000 42.50 23.29 -33.97
C GLY B 1000 42.37 22.27 -32.83
N CYS B 1001 41.23 21.58 -32.74
CA CYS B 1001 40.98 20.68 -31.63
C CYS B 1001 42.13 19.69 -31.41
N ASN B 1002 42.44 18.89 -32.43
CA ASN B 1002 43.56 17.95 -32.40
C ASN B 1002 43.47 16.85 -31.34
N ILE B 1003 42.31 16.63 -30.76
CA ILE B 1003 42.16 15.52 -29.83
C ILE B 1003 41.96 14.23 -30.60
N ARG B 1004 42.76 13.22 -30.30
CA ARG B 1004 42.73 11.95 -31.02
C ARG B 1004 41.99 10.88 -30.25
N ARG B 1005 42.05 10.94 -28.93
CA ARG B 1005 41.39 9.94 -28.11
C ARG B 1005 40.40 10.59 -27.17
N LEU B 1006 39.16 10.10 -27.18
CA LEU B 1006 38.14 10.63 -26.30
C LEU B 1006 37.47 9.50 -25.53
N TRP B 1007 37.66 9.49 -24.22
CA TRP B 1007 37.13 8.43 -23.40
C TRP B 1007 35.93 8.91 -22.60
N LEU B 1008 34.78 8.28 -22.82
CA LEU B 1008 33.54 8.67 -22.19
C LEU B 1008 32.85 7.48 -21.55
N GLY B 1009 33.43 6.96 -20.46
CA GLY B 1009 32.92 5.76 -19.83
C GLY B 1009 31.59 6.01 -19.14
N ARG B 1010 31.51 5.73 -17.84
CA ARG B 1010 30.23 5.90 -17.14
C ARG B 1010 29.89 7.37 -16.99
N CYS B 1011 29.53 8.01 -18.09
CA CYS B 1011 29.26 9.44 -18.09
C CYS B 1011 27.78 9.74 -17.89
N GLY B 1012 26.96 8.71 -17.99
CA GLY B 1012 25.52 8.86 -17.83
C GLY B 1012 24.88 9.49 -19.06
N LEU B 1013 25.47 9.26 -20.22
CA LEU B 1013 24.96 9.84 -21.45
C LEU B 1013 23.77 9.05 -21.94
N SER B 1014 22.86 9.71 -22.65
CA SER B 1014 21.74 9.02 -23.27
C SER B 1014 21.83 9.13 -24.78
N HIS B 1015 20.87 8.54 -25.47
CA HIS B 1015 20.86 8.57 -26.93
C HIS B 1015 20.85 9.98 -27.47
N GLU B 1016 20.38 10.93 -26.66
CA GLU B 1016 20.29 12.32 -27.08
C GLU B 1016 21.64 12.87 -27.51
N CYS B 1017 22.70 12.43 -26.85
CA CYS B 1017 24.02 12.96 -27.16
C CYS B 1017 24.60 12.36 -28.42
N CYS B 1018 24.01 11.27 -28.90
CA CYS B 1018 24.60 10.61 -30.05
C CYS B 1018 24.50 11.50 -31.26
N PHE B 1019 23.48 12.34 -31.31
CA PHE B 1019 23.35 13.27 -32.42
C PHE B 1019 24.56 14.19 -32.46
N ASP B 1020 24.92 14.74 -31.30
CA ASP B 1020 26.03 15.67 -31.24
C ASP B 1020 27.37 14.97 -31.48
N ILE B 1021 27.49 13.73 -31.04
CA ILE B 1021 28.71 12.97 -31.29
C ILE B 1021 28.86 12.76 -32.78
N SER B 1022 27.75 12.42 -33.43
CA SER B 1022 27.75 12.20 -34.87
C SER B 1022 28.24 13.43 -35.61
N LEU B 1023 27.79 14.60 -35.18
CA LEU B 1023 28.22 15.83 -35.84
C LEU B 1023 29.73 15.99 -35.73
N VAL B 1024 30.29 15.64 -34.57
CA VAL B 1024 31.73 15.72 -34.40
C VAL B 1024 32.44 14.76 -35.32
N LEU B 1025 31.95 13.54 -35.41
CA LEU B 1025 32.60 12.54 -36.26
C LEU B 1025 32.61 13.00 -37.71
N SER B 1026 31.56 13.69 -38.13
CA SER B 1026 31.42 14.12 -39.50
C SER B 1026 32.41 15.20 -39.93
N SER B 1027 33.05 15.88 -38.98
CA SER B 1027 33.95 16.98 -39.34
C SER B 1027 35.32 16.90 -38.68
N ASN B 1028 35.40 16.24 -37.52
CA ASN B 1028 36.66 16.14 -36.80
C ASN B 1028 37.45 14.96 -37.34
N GLN B 1029 38.47 15.27 -38.11
CA GLN B 1029 39.25 14.25 -38.80
C GLN B 1029 40.42 13.77 -37.97
N LYS B 1030 40.50 14.25 -36.74
CA LYS B 1030 41.60 13.89 -35.86
C LYS B 1030 41.21 12.81 -34.87
N LEU B 1031 39.93 12.75 -34.53
CA LEU B 1031 39.48 11.77 -33.55
C LEU B 1031 39.63 10.36 -34.08
N VAL B 1032 40.37 9.53 -33.34
CA VAL B 1032 40.67 8.17 -33.72
C VAL B 1032 40.02 7.14 -32.80
N GLU B 1033 40.07 7.39 -31.50
CA GLU B 1033 39.57 6.42 -30.55
C GLU B 1033 38.44 7.02 -29.72
N LEU B 1034 37.28 6.38 -29.73
CA LEU B 1034 36.13 6.88 -28.98
C LEU B 1034 35.51 5.80 -28.13
N ASP B 1035 35.48 6.03 -26.82
CA ASP B 1035 34.92 5.05 -25.89
C ASP B 1035 33.63 5.52 -25.28
N LEU B 1036 32.52 4.92 -25.71
CA LEU B 1036 31.19 5.30 -25.24
C LEU B 1036 30.59 4.24 -24.34
N SER B 1037 31.44 3.44 -23.72
CA SER B 1037 30.97 2.34 -22.88
C SER B 1037 30.18 2.84 -21.69
N ASP B 1038 29.27 1.99 -21.22
CA ASP B 1038 28.48 2.25 -20.03
C ASP B 1038 27.64 3.54 -20.08
N ASN B 1039 27.02 3.79 -21.22
CA ASN B 1039 26.08 4.89 -21.38
C ASN B 1039 24.78 4.34 -21.95
N ALA B 1040 23.68 5.02 -21.72
CA ALA B 1040 22.40 4.51 -22.22
C ALA B 1040 22.18 4.93 -23.67
N LEU B 1041 23.10 4.54 -24.53
CA LEU B 1041 23.00 4.87 -25.93
C LEU B 1041 22.27 3.75 -26.62
N GLY B 1042 20.97 3.68 -26.40
CA GLY B 1042 20.19 2.54 -26.87
C GLY B 1042 20.20 2.46 -28.39
N ASP B 1043 19.51 1.47 -28.92
CA ASP B 1043 19.54 1.19 -30.35
C ASP B 1043 19.36 2.44 -31.18
N PHE B 1044 18.47 3.32 -30.73
CA PHE B 1044 18.25 4.55 -31.43
C PHE B 1044 19.54 5.37 -31.50
N GLY B 1045 20.25 5.42 -30.39
CA GLY B 1045 21.47 6.20 -30.30
C GLY B 1045 22.48 5.69 -31.31
N ILE B 1046 22.52 4.38 -31.49
CA ILE B 1046 23.43 3.79 -32.45
C ILE B 1046 23.06 4.22 -33.85
N ARG B 1047 21.76 4.20 -34.15
CA ARG B 1047 21.30 4.63 -35.45
C ARG B 1047 21.87 6.00 -35.78
N LEU B 1048 21.91 6.88 -34.78
CA LEU B 1048 22.45 8.22 -34.99
C LEU B 1048 23.97 8.22 -35.11
N LEU B 1049 24.67 7.45 -34.26
CA LEU B 1049 26.12 7.46 -34.35
C LEU B 1049 26.57 6.95 -35.70
N CYS B 1050 25.81 5.99 -36.23
CA CYS B 1050 26.16 5.40 -37.51
C CYS B 1050 26.09 6.40 -38.64
N VAL B 1051 25.40 7.52 -38.44
CA VAL B 1051 25.33 8.52 -39.47
C VAL B 1051 26.70 9.13 -39.65
N GLY B 1052 27.36 9.41 -38.53
CA GLY B 1052 28.69 9.95 -38.55
C GLY B 1052 29.69 8.89 -38.98
N LEU B 1053 29.52 7.67 -38.48
CA LEU B 1053 30.47 6.60 -38.76
C LEU B 1053 30.52 6.23 -40.24
N LYS B 1054 29.37 6.32 -40.91
CA LYS B 1054 29.31 5.98 -42.33
C LYS B 1054 29.73 7.15 -43.21
N HIS B 1055 30.03 8.28 -42.59
CA HIS B 1055 30.34 9.49 -43.32
C HIS B 1055 31.82 9.56 -43.66
N LEU B 1056 32.11 10.07 -44.85
CA LEU B 1056 33.50 10.27 -45.21
C LEU B 1056 34.09 11.29 -44.27
N LEU B 1057 35.41 11.29 -44.16
CA LEU B 1057 36.14 12.16 -43.25
C LEU B 1057 36.13 11.64 -41.81
N CYS B 1058 35.32 10.63 -41.53
CA CYS B 1058 35.37 10.05 -40.21
C CYS B 1058 36.50 9.05 -40.15
N ASN B 1059 37.52 9.36 -39.38
CA ASN B 1059 38.71 8.54 -39.32
C ASN B 1059 38.73 7.68 -38.08
N LEU B 1060 37.58 7.53 -37.44
CA LEU B 1060 37.53 6.78 -36.20
C LEU B 1060 37.99 5.35 -36.44
N LYS B 1061 38.92 4.88 -35.63
CA LYS B 1061 39.44 3.53 -35.77
C LYS B 1061 38.96 2.62 -34.65
N LYS B 1062 38.81 3.17 -33.46
CA LYS B 1062 38.41 2.35 -32.31
C LYS B 1062 37.13 2.85 -31.69
N LEU B 1063 36.15 1.97 -31.59
CA LEU B 1063 34.87 2.33 -31.00
C LEU B 1063 34.41 1.32 -29.96
N TRP B 1064 34.21 1.79 -28.74
CA TRP B 1064 33.69 0.92 -27.69
C TRP B 1064 32.24 1.26 -27.38
N LEU B 1065 31.37 0.29 -27.52
CA LEU B 1065 29.95 0.44 -27.21
C LEU B 1065 29.54 -0.60 -26.20
N VAL B 1066 30.46 -0.93 -25.32
CA VAL B 1066 30.24 -1.94 -24.31
C VAL B 1066 29.21 -1.48 -23.28
N SER B 1067 28.28 -2.37 -22.96
CA SER B 1067 27.26 -2.07 -21.96
C SER B 1067 26.50 -0.79 -22.28
N CYS B 1068 25.86 -0.76 -23.45
CA CYS B 1068 25.15 0.44 -23.85
C CYS B 1068 23.68 0.18 -24.07
N CYS B 1069 23.15 -0.82 -23.39
CA CYS B 1069 21.74 -1.14 -23.49
C CYS B 1069 21.33 -1.38 -24.93
N LEU B 1070 22.16 -2.09 -25.68
CA LEU B 1070 21.86 -2.37 -27.08
C LEU B 1070 21.18 -3.70 -27.25
N THR B 1071 20.38 -3.83 -28.30
CA THR B 1071 19.80 -5.11 -28.66
C THR B 1071 20.17 -5.45 -30.09
N SER B 1072 19.69 -6.60 -30.54
CA SER B 1072 20.01 -7.08 -31.88
C SER B 1072 19.56 -6.12 -32.97
N ALA B 1073 18.57 -5.29 -32.68
CA ALA B 1073 18.04 -4.37 -33.67
C ALA B 1073 19.11 -3.42 -34.18
N CYS B 1074 20.04 -3.03 -33.31
CA CYS B 1074 21.04 -2.03 -33.67
C CYS B 1074 22.07 -2.58 -34.64
N CYS B 1075 22.13 -3.89 -34.76
CA CYS B 1075 23.15 -4.50 -35.60
C CYS B 1075 22.89 -4.18 -37.05
N GLN B 1076 21.67 -3.81 -37.38
CA GLN B 1076 21.37 -3.51 -38.75
C GLN B 1076 22.15 -2.29 -39.20
N ASP B 1077 22.40 -1.35 -38.27
CA ASP B 1077 23.14 -0.15 -38.60
C ASP B 1077 24.63 -0.33 -38.38
N LEU B 1078 25.01 -1.07 -37.34
CA LEU B 1078 26.43 -1.29 -37.08
C LEU B 1078 27.04 -2.08 -38.22
N ALA B 1079 26.28 -3.01 -38.76
CA ALA B 1079 26.76 -3.84 -39.85
C ALA B 1079 27.06 -2.99 -41.07
N SER B 1080 26.27 -1.95 -41.28
CA SER B 1080 26.48 -1.07 -42.42
C SER B 1080 27.76 -0.28 -42.24
N VAL B 1081 28.05 0.08 -40.99
CA VAL B 1081 29.29 0.78 -40.71
C VAL B 1081 30.47 -0.12 -41.02
N LEU B 1082 30.38 -1.38 -40.59
CA LEU B 1082 31.47 -2.30 -40.85
C LEU B 1082 31.67 -2.48 -42.34
N SER B 1083 30.56 -2.53 -43.08
CA SER B 1083 30.63 -2.71 -44.53
C SER B 1083 31.30 -1.55 -45.25
N THR B 1084 30.92 -0.32 -44.92
CA THR B 1084 31.41 0.81 -45.70
C THR B 1084 32.58 1.58 -45.09
N SER B 1085 32.78 1.48 -43.78
CA SER B 1085 33.84 2.27 -43.17
C SER B 1085 35.20 1.83 -43.66
N HIS B 1086 36.03 2.81 -44.03
CA HIS B 1086 37.38 2.55 -44.47
C HIS B 1086 38.33 2.57 -43.30
N SER B 1087 37.83 2.99 -42.14
CA SER B 1087 38.69 3.26 -41.00
C SER B 1087 38.39 2.47 -39.73
N LEU B 1088 37.15 2.00 -39.55
CA LEU B 1088 36.84 1.35 -38.29
C LEU B 1088 37.45 -0.04 -38.25
N THR B 1089 38.33 -0.28 -37.29
CA THR B 1089 39.00 -1.57 -37.16
C THR B 1089 38.69 -2.25 -35.84
N ARG B 1090 38.37 -1.46 -34.83
CA ARG B 1090 38.12 -1.99 -33.50
C ARG B 1090 36.70 -1.76 -33.06
N LEU B 1091 35.92 -2.82 -32.92
CA LEU B 1091 34.55 -2.67 -32.50
C LEU B 1091 34.22 -3.55 -31.31
N TYR B 1092 33.91 -2.93 -30.18
CA TYR B 1092 33.58 -3.68 -28.98
C TYR B 1092 32.13 -3.45 -28.60
N VAL B 1093 31.32 -4.49 -28.71
CA VAL B 1093 29.89 -4.35 -28.43
C VAL B 1093 29.40 -5.37 -27.41
N GLY B 1094 30.28 -5.80 -26.52
CA GLY B 1094 29.91 -6.79 -25.53
C GLY B 1094 29.06 -6.19 -24.42
N GLU B 1095 28.62 -7.04 -23.49
CA GLU B 1095 27.75 -6.64 -22.39
C GLU B 1095 26.47 -5.99 -22.89
N ASN B 1096 25.90 -6.57 -23.94
CA ASN B 1096 24.67 -6.09 -24.55
C ASN B 1096 23.78 -7.28 -24.90
N ALA B 1097 22.61 -7.02 -25.48
CA ALA B 1097 21.69 -8.09 -25.84
C ALA B 1097 21.79 -8.41 -27.33
N LEU B 1098 23.00 -8.30 -27.88
CA LEU B 1098 23.24 -8.61 -29.28
C LEU B 1098 23.35 -10.10 -29.45
N GLY B 1099 22.23 -10.78 -29.29
CA GLY B 1099 22.21 -12.24 -29.26
C GLY B 1099 22.44 -12.85 -30.63
N ASP B 1100 22.08 -14.11 -30.78
CA ASP B 1100 22.35 -14.83 -32.00
C ASP B 1100 21.97 -14.07 -33.26
N SER B 1101 20.76 -13.52 -33.28
CA SER B 1101 20.29 -12.81 -34.45
C SER B 1101 21.09 -11.53 -34.68
N GLY B 1102 21.54 -10.92 -33.60
CA GLY B 1102 22.30 -9.69 -33.68
C GLY B 1102 23.64 -9.92 -34.33
N VAL B 1103 24.39 -10.88 -33.83
CA VAL B 1103 25.72 -11.12 -34.34
C VAL B 1103 25.63 -11.63 -35.77
N ALA B 1104 24.58 -12.39 -36.07
CA ALA B 1104 24.42 -12.91 -37.41
C ALA B 1104 24.37 -11.76 -38.42
N ILE B 1105 23.73 -10.67 -38.03
CA ILE B 1105 23.65 -9.50 -38.90
C ILE B 1105 25.02 -8.88 -39.06
N LEU B 1106 25.74 -8.72 -37.95
CA LEU B 1106 27.07 -8.13 -38.02
C LEU B 1106 27.98 -9.00 -38.86
N CYS B 1107 27.84 -10.32 -38.71
CA CYS B 1107 28.67 -11.26 -39.43
C CYS B 1107 28.42 -11.19 -40.91
N GLU B 1108 27.16 -11.09 -41.31
CA GLU B 1108 26.85 -11.06 -42.73
C GLU B 1108 27.66 -9.99 -43.45
N LYS B 1109 27.84 -8.85 -42.80
CA LYS B 1109 28.64 -7.80 -43.43
C LYS B 1109 30.13 -7.93 -43.10
N ALA B 1110 30.44 -8.42 -41.90
CA ALA B 1110 31.84 -8.59 -41.49
C ALA B 1110 32.49 -9.68 -42.33
N LYS B 1111 31.66 -10.54 -42.91
CA LYS B 1111 32.07 -11.61 -43.79
C LYS B 1111 32.78 -11.08 -45.03
N ASN B 1112 32.40 -9.89 -45.46
CA ASN B 1112 32.92 -9.33 -46.70
C ASN B 1112 34.44 -9.18 -46.62
N PRO B 1113 35.21 -9.72 -47.57
CA PRO B 1113 36.65 -9.68 -47.67
C PRO B 1113 37.21 -8.26 -47.57
N GLN B 1114 36.39 -7.26 -47.87
CA GLN B 1114 36.84 -5.88 -47.85
C GLN B 1114 36.56 -5.16 -46.54
N CYS B 1115 35.96 -5.85 -45.58
CA CYS B 1115 35.69 -5.25 -44.28
C CYS B 1115 37.01 -5.04 -43.54
N ASN B 1116 37.16 -3.90 -42.89
CA ASN B 1116 38.41 -3.54 -42.24
C ASN B 1116 38.44 -3.90 -40.78
N LEU B 1117 37.45 -4.66 -40.33
CA LEU B 1117 37.38 -5.04 -38.93
C LEU B 1117 38.56 -5.93 -38.54
N GLN B 1118 39.26 -5.53 -37.48
CA GLN B 1118 40.42 -6.27 -36.99
C GLN B 1118 40.18 -6.91 -35.64
N LYS B 1119 39.48 -6.19 -34.75
CA LYS B 1119 39.24 -6.71 -33.41
C LYS B 1119 37.75 -6.66 -33.10
N LEU B 1120 37.16 -7.81 -32.82
CA LEU B 1120 35.74 -7.87 -32.57
C LEU B 1120 35.43 -8.29 -31.13
N GLY B 1121 34.91 -7.35 -30.36
CA GLY B 1121 34.67 -7.54 -28.94
C GLY B 1121 33.25 -7.97 -28.58
N LEU B 1122 32.82 -9.11 -29.10
CA LEU B 1122 31.53 -9.66 -28.73
C LEU B 1122 31.65 -10.39 -27.43
N VAL B 1123 32.02 -9.67 -26.38
CA VAL B 1123 32.41 -10.31 -25.14
C VAL B 1123 31.27 -11.04 -24.45
N ASN B 1124 30.24 -10.32 -24.06
CA ASN B 1124 29.15 -10.95 -23.36
C ASN B 1124 27.83 -10.53 -23.95
N SER B 1125 27.46 -11.16 -25.04
CA SER B 1125 26.26 -10.78 -25.76
C SER B 1125 25.20 -11.86 -25.72
N GLY B 1126 25.41 -12.84 -24.86
CA GLY B 1126 24.44 -13.92 -24.73
C GLY B 1126 24.45 -14.78 -25.98
N LEU B 1127 25.62 -14.92 -26.59
CA LEU B 1127 25.70 -15.68 -27.81
C LEU B 1127 25.62 -17.15 -27.50
N THR B 1128 25.07 -17.91 -28.42
CA THR B 1128 24.93 -19.35 -28.26
C THR B 1128 25.48 -20.10 -29.45
N SER B 1129 25.44 -21.43 -29.37
CA SER B 1129 26.01 -22.29 -30.40
C SER B 1129 25.38 -22.05 -31.76
N VAL B 1130 24.13 -21.61 -31.76
CA VAL B 1130 23.39 -21.37 -32.99
C VAL B 1130 24.09 -20.37 -33.89
N CYS B 1131 24.68 -19.34 -33.29
CA CYS B 1131 25.26 -18.26 -34.07
C CYS B 1131 26.72 -18.49 -34.41
N CYS B 1132 27.29 -19.58 -33.93
CA CYS B 1132 28.71 -19.80 -34.13
C CYS B 1132 29.03 -20.08 -35.58
N SER B 1133 28.02 -20.50 -36.35
CA SER B 1133 28.24 -20.71 -37.77
C SER B 1133 28.42 -19.37 -38.49
N ALA B 1134 27.86 -18.31 -37.91
CA ALA B 1134 27.99 -16.99 -38.53
C ALA B 1134 29.38 -16.45 -38.26
N LEU B 1135 29.85 -16.68 -37.04
CA LEU B 1135 31.20 -16.27 -36.68
C LEU B 1135 32.21 -17.08 -37.47
N SER B 1136 31.89 -18.36 -37.67
CA SER B 1136 32.75 -19.25 -38.43
C SER B 1136 32.92 -18.72 -39.84
N SER B 1137 31.81 -18.31 -40.44
CA SER B 1137 31.83 -17.78 -41.79
C SER B 1137 32.75 -16.57 -41.86
N VAL B 1138 32.66 -15.67 -40.89
CA VAL B 1138 33.50 -14.49 -40.89
C VAL B 1138 34.97 -14.88 -40.78
N LEU B 1139 35.27 -15.79 -39.87
CA LEU B 1139 36.65 -16.21 -39.66
C LEU B 1139 37.25 -16.82 -40.92
N SER B 1140 36.45 -17.58 -41.66
CA SER B 1140 36.91 -18.22 -42.88
C SER B 1140 37.19 -17.24 -44.01
N THR B 1141 36.39 -16.16 -44.08
CA THR B 1141 36.51 -15.26 -45.24
C THR B 1141 37.24 -13.95 -44.95
N ASN B 1142 37.02 -13.37 -43.78
CA ASN B 1142 37.59 -12.07 -43.47
C ASN B 1142 39.01 -12.21 -42.93
N GLN B 1143 39.98 -11.91 -43.77
CA GLN B 1143 41.38 -12.14 -43.44
C GLN B 1143 41.97 -10.99 -42.63
N ASN B 1144 41.15 -10.00 -42.33
CA ASN B 1144 41.64 -8.87 -41.57
C ASN B 1144 41.33 -9.01 -40.10
N LEU B 1145 40.59 -10.04 -39.72
CA LEU B 1145 40.17 -10.19 -38.35
C LEU B 1145 41.24 -10.92 -37.56
N THR B 1146 41.84 -10.23 -36.59
CA THR B 1146 42.98 -10.78 -35.87
C THR B 1146 42.67 -11.08 -34.41
N HIS B 1147 41.66 -10.43 -33.85
CA HIS B 1147 41.31 -10.66 -32.46
C HIS B 1147 39.81 -10.85 -32.27
N LEU B 1148 39.43 -11.93 -31.61
CA LEU B 1148 38.02 -12.19 -31.36
C LEU B 1148 37.81 -12.55 -29.90
N TYR B 1149 36.98 -11.77 -29.22
CA TYR B 1149 36.76 -11.98 -27.79
C TYR B 1149 35.33 -12.43 -27.53
N LEU B 1150 35.14 -13.68 -27.13
CA LEU B 1150 33.79 -14.20 -26.92
C LEU B 1150 33.50 -14.55 -25.46
N ARG B 1151 34.39 -14.15 -24.56
CA ARG B 1151 34.27 -14.61 -23.19
C ARG B 1151 33.00 -14.14 -22.48
N GLY B 1152 32.29 -15.11 -21.90
CA GLY B 1152 31.05 -14.84 -21.17
C GLY B 1152 29.84 -15.35 -21.94
N ASN B 1153 30.02 -15.62 -23.22
CA ASN B 1153 28.94 -16.16 -24.03
C ASN B 1153 28.82 -17.64 -23.81
N THR B 1154 27.62 -18.12 -23.55
CA THR B 1154 27.42 -19.55 -23.30
C THR B 1154 27.41 -20.32 -24.61
N LEU B 1155 28.57 -20.34 -25.26
CA LEU B 1155 28.75 -20.95 -26.57
C LEU B 1155 28.53 -22.45 -26.48
N GLY B 1156 29.03 -23.04 -25.41
CA GLY B 1156 28.92 -24.48 -25.21
C GLY B 1156 29.95 -25.22 -26.04
N ASP B 1157 29.87 -26.55 -26.01
CA ASP B 1157 30.79 -27.38 -26.73
C ASP B 1157 30.48 -27.35 -28.22
N LYS B 1158 29.21 -27.37 -28.55
CA LYS B 1158 28.78 -27.30 -29.94
C LYS B 1158 29.28 -26.01 -30.56
N GLY B 1159 29.25 -24.94 -29.78
CA GLY B 1159 29.69 -23.65 -30.25
C GLY B 1159 31.16 -23.70 -30.66
N ILE B 1160 31.99 -24.25 -29.78
CA ILE B 1160 33.40 -24.35 -30.10
C ILE B 1160 33.62 -25.20 -31.35
N LYS B 1161 32.90 -26.31 -31.45
CA LYS B 1161 33.04 -27.16 -32.63
C LYS B 1161 32.82 -26.35 -33.90
N LEU B 1162 31.73 -25.58 -33.95
CA LEU B 1162 31.42 -24.78 -35.11
C LEU B 1162 32.46 -23.68 -35.36
N LEU B 1163 32.92 -23.05 -34.28
CA LEU B 1163 33.91 -22.00 -34.45
C LEU B 1163 35.20 -22.59 -34.99
N CYS B 1164 35.53 -23.79 -34.53
CA CYS B 1164 36.76 -24.43 -34.97
C CYS B 1164 36.72 -24.69 -36.46
N GLU B 1165 35.57 -25.11 -36.98
CA GLU B 1165 35.49 -25.35 -38.42
C GLU B 1165 35.95 -24.10 -39.16
N GLY B 1166 35.53 -22.94 -38.68
CA GLY B 1166 35.98 -21.68 -39.25
C GLY B 1166 37.47 -21.45 -39.01
N LEU B 1167 37.91 -21.63 -37.78
CA LEU B 1167 39.29 -21.37 -37.39
C LEU B 1167 40.29 -22.27 -38.10
N LEU B 1168 39.83 -23.45 -38.51
CA LEU B 1168 40.68 -24.43 -39.16
C LEU B 1168 40.78 -24.18 -40.66
N HIS B 1169 40.02 -23.20 -41.15
CA HIS B 1169 40.07 -22.85 -42.56
C HIS B 1169 41.44 -22.23 -42.84
N PRO B 1170 42.12 -22.63 -43.91
CA PRO B 1170 43.48 -22.23 -44.25
C PRO B 1170 43.66 -20.72 -44.42
N ASP B 1171 42.59 -20.00 -44.70
CA ASP B 1171 42.72 -18.55 -44.89
C ASP B 1171 42.46 -17.76 -43.61
N CYS B 1172 42.11 -18.42 -42.52
CA CYS B 1172 41.81 -17.71 -41.30
C CYS B 1172 43.08 -17.12 -40.71
N LYS B 1173 43.04 -15.84 -40.37
CA LYS B 1173 44.22 -15.15 -39.85
C LYS B 1173 44.08 -14.76 -38.39
N LEU B 1174 43.07 -15.29 -37.72
CA LEU B 1174 42.85 -14.90 -36.34
C LEU B 1174 44.08 -15.22 -35.50
N GLN B 1175 44.55 -14.23 -34.74
CA GLN B 1175 45.73 -14.42 -33.92
C GLN B 1175 45.33 -14.69 -32.48
N VAL B 1176 44.34 -13.94 -31.99
CA VAL B 1176 43.94 -14.06 -30.61
C VAL B 1176 42.49 -14.46 -30.45
N LEU B 1177 42.27 -15.56 -29.74
CA LEU B 1177 40.93 -15.99 -29.43
C LEU B 1177 40.76 -16.10 -27.92
N GLU B 1178 39.84 -15.32 -27.37
CA GLU B 1178 39.63 -15.33 -25.93
C GLU B 1178 38.31 -16.01 -25.56
N LEU B 1179 38.41 -17.07 -24.77
CA LEU B 1179 37.27 -17.89 -24.38
C LEU B 1179 37.26 -18.19 -22.89
N ASP B 1180 36.83 -17.22 -22.11
CA ASP B 1180 36.75 -17.43 -20.67
C ASP B 1180 35.48 -18.21 -20.41
N ASN B 1181 34.82 -17.97 -19.29
CA ASN B 1181 33.62 -18.76 -19.04
C ASN B 1181 32.71 -18.70 -20.26
N CYS B 1182 32.65 -19.82 -20.98
CA CYS B 1182 31.77 -19.94 -22.13
C CYS B 1182 30.95 -21.21 -22.00
N ASN B 1183 30.73 -21.64 -20.76
CA ASN B 1183 30.00 -22.87 -20.49
C ASN B 1183 30.61 -24.06 -21.21
N LEU B 1184 31.93 -24.20 -21.14
CA LEU B 1184 32.60 -25.29 -21.82
C LEU B 1184 32.73 -26.51 -20.92
N THR B 1185 32.94 -27.66 -21.55
CA THR B 1185 33.08 -28.93 -20.85
C THR B 1185 34.22 -29.76 -21.43
N SER B 1186 34.29 -31.03 -21.05
CA SER B 1186 35.39 -31.89 -21.43
C SER B 1186 35.47 -32.15 -22.92
N HIS B 1187 34.31 -32.27 -23.57
CA HIS B 1187 34.27 -32.63 -24.97
C HIS B 1187 35.05 -31.68 -25.85
N CYS B 1188 34.91 -30.39 -25.60
CA CYS B 1188 35.48 -29.37 -26.47
C CYS B 1188 37.01 -29.41 -26.53
N CYS B 1189 37.64 -30.13 -25.61
CA CYS B 1189 39.10 -30.14 -25.62
C CYS B 1189 39.63 -30.80 -26.88
N TRP B 1190 38.85 -31.70 -27.48
CA TRP B 1190 39.29 -32.33 -28.71
C TRP B 1190 39.40 -31.30 -29.82
N ASP B 1191 38.38 -30.47 -29.92
CA ASP B 1191 38.32 -29.48 -30.98
C ASP B 1191 39.33 -28.38 -30.70
N LEU B 1192 39.50 -28.04 -29.43
CA LEU B 1192 40.48 -27.05 -29.06
C LEU B 1192 41.89 -27.58 -29.30
N SER B 1193 42.09 -28.86 -29.03
CA SER B 1193 43.39 -29.48 -29.28
C SER B 1193 43.69 -29.43 -30.77
N THR B 1194 42.67 -29.74 -31.56
CA THR B 1194 42.81 -29.67 -33.01
C THR B 1194 43.20 -28.26 -33.40
N LEU B 1195 42.51 -27.29 -32.83
CA LEU B 1195 42.80 -25.88 -33.09
C LEU B 1195 44.24 -25.54 -32.75
N LEU B 1196 44.71 -26.01 -31.60
CA LEU B 1196 46.06 -25.68 -31.15
C LEU B 1196 47.14 -26.14 -32.11
N THR B 1197 46.95 -27.30 -32.74
CA THR B 1197 48.01 -27.82 -33.61
C THR B 1197 47.74 -27.55 -35.08
N SER B 1198 46.49 -27.32 -35.45
CA SER B 1198 46.13 -27.13 -36.85
C SER B 1198 46.31 -25.70 -37.32
N SER B 1199 45.81 -24.73 -36.57
CA SER B 1199 45.87 -23.37 -37.03
C SER B 1199 47.29 -22.87 -37.07
N GLN B 1200 47.65 -22.21 -38.15
CA GLN B 1200 48.99 -21.67 -38.28
C GLN B 1200 49.00 -20.19 -37.97
N SER B 1201 47.81 -19.65 -37.70
CA SER B 1201 47.64 -18.22 -37.48
C SER B 1201 47.46 -17.90 -36.00
N LEU B 1202 46.89 -18.83 -35.25
CA LEU B 1202 46.57 -18.57 -33.86
C LEU B 1202 47.85 -18.42 -33.05
N ARG B 1203 47.91 -17.40 -32.21
CA ARG B 1203 49.09 -17.14 -31.39
C ARG B 1203 48.73 -17.18 -29.91
N LYS B 1204 47.49 -16.85 -29.60
CA LYS B 1204 47.01 -16.76 -28.23
C LYS B 1204 45.64 -17.40 -28.10
N LEU B 1205 45.45 -18.22 -27.08
CA LEU B 1205 44.15 -18.85 -26.85
C LEU B 1205 43.81 -18.80 -25.38
N SER B 1206 43.07 -17.79 -24.98
CA SER B 1206 42.84 -17.55 -23.56
C SER B 1206 41.65 -18.29 -23.01
N LEU B 1207 41.78 -19.60 -22.87
CA LEU B 1207 40.74 -20.38 -22.22
C LEU B 1207 40.69 -19.95 -20.76
N GLY B 1208 39.50 -19.70 -20.25
CA GLY B 1208 39.39 -19.18 -18.88
C GLY B 1208 38.53 -20.01 -17.94
N ASN B 1209 37.63 -19.34 -17.22
CA ASN B 1209 36.89 -19.95 -16.14
C ASN B 1209 35.80 -20.87 -16.64
N ASN B 1210 36.21 -22.04 -17.07
CA ASN B 1210 35.29 -23.04 -17.57
C ASN B 1210 35.77 -24.43 -17.19
N ASP B 1211 34.87 -25.40 -17.16
CA ASP B 1211 35.26 -26.74 -16.75
C ASP B 1211 35.89 -27.49 -17.91
N LEU B 1212 37.10 -27.09 -18.26
CA LEU B 1212 37.84 -27.70 -19.35
C LEU B 1212 38.00 -29.19 -19.11
N GLY B 1213 38.16 -29.56 -17.85
CA GLY B 1213 38.33 -30.95 -17.47
C GLY B 1213 39.75 -31.23 -17.03
N ASP B 1214 39.92 -32.32 -16.30
CA ASP B 1214 41.22 -32.70 -15.75
C ASP B 1214 42.08 -33.36 -16.80
N LEU B 1215 41.44 -34.07 -17.72
CA LEU B 1215 42.19 -34.80 -18.70
C LEU B 1215 42.33 -33.99 -19.99
N GLY B 1216 41.35 -33.12 -20.25
CA GLY B 1216 41.37 -32.32 -21.47
C GLY B 1216 42.61 -31.43 -21.52
N VAL B 1217 42.98 -30.90 -20.36
CA VAL B 1217 44.18 -30.08 -20.24
C VAL B 1217 45.44 -30.90 -20.44
N MET B 1218 45.39 -32.18 -20.06
CA MET B 1218 46.56 -33.03 -20.24
C MET B 1218 46.82 -33.26 -21.72
N MET B 1219 45.75 -33.27 -22.51
CA MET B 1219 45.92 -33.41 -23.94
C MET B 1219 46.69 -32.20 -24.46
N PHE B 1220 46.30 -31.01 -24.01
CA PHE B 1220 47.01 -29.80 -24.44
C PHE B 1220 48.47 -29.90 -24.09
N CYS B 1221 48.74 -30.38 -22.88
CA CYS B 1221 50.11 -30.52 -22.42
C CYS B 1221 50.91 -31.38 -23.37
N GLU B 1222 50.32 -32.46 -23.85
CA GLU B 1222 51.01 -33.41 -24.72
C GLU B 1222 51.20 -32.90 -26.15
N VAL B 1223 50.18 -32.24 -26.69
CA VAL B 1223 50.22 -31.83 -28.09
C VAL B 1223 51.04 -30.57 -28.30
N LEU B 1224 51.05 -29.68 -27.32
CA LEU B 1224 51.78 -28.41 -27.43
C LEU B 1224 53.29 -28.59 -27.34
N LYS B 1225 53.77 -29.71 -27.83
CA LYS B 1225 55.18 -29.99 -27.88
C LYS B 1225 55.66 -30.06 -29.34
N GLN B 1226 54.73 -30.34 -30.24
CA GLN B 1226 55.09 -30.59 -31.64
C GLN B 1226 55.15 -29.33 -32.47
N GLN B 1227 56.10 -28.46 -32.15
CA GLN B 1227 56.31 -27.22 -32.88
C GLN B 1227 55.04 -26.40 -33.05
N SER B 1228 54.30 -26.21 -31.97
CA SER B 1228 53.08 -25.42 -32.01
C SER B 1228 53.39 -23.96 -32.25
N CYS B 1229 52.48 -23.28 -32.95
CA CYS B 1229 52.65 -21.87 -33.24
C CYS B 1229 52.09 -20.97 -32.14
N LEU B 1230 51.50 -21.58 -31.13
CA LEU B 1230 50.94 -20.78 -30.05
C LEU B 1230 52.07 -20.32 -29.14
N LEU B 1231 52.19 -19.01 -28.98
CA LEU B 1231 53.30 -18.43 -28.24
C LEU B 1231 52.85 -17.65 -27.02
N GLN B 1232 51.58 -17.30 -26.99
CA GLN B 1232 51.05 -16.44 -25.95
C GLN B 1232 50.22 -17.20 -24.95
N ASN B 1233 49.69 -16.47 -24.00
CA ASN B 1233 48.89 -17.02 -22.91
C ASN B 1233 48.00 -18.17 -23.39
N LEU B 1234 48.19 -19.34 -22.77
CA LEU B 1234 47.38 -20.51 -23.05
C LEU B 1234 46.11 -20.51 -22.19
N GLY B 1235 46.05 -19.57 -21.26
CA GLY B 1235 44.92 -19.45 -20.34
C GLY B 1235 44.93 -20.54 -19.28
N LEU B 1236 43.79 -21.20 -19.12
CA LEU B 1236 43.61 -22.23 -18.09
C LEU B 1236 43.57 -21.63 -16.69
N SER B 1237 43.28 -20.33 -16.60
CA SER B 1237 43.13 -19.66 -15.31
C SER B 1237 41.78 -19.95 -14.70
N GLU B 1238 41.63 -19.65 -13.42
CA GLU B 1238 40.36 -19.84 -12.73
C GLU B 1238 39.82 -21.24 -12.95
N MET B 1239 40.71 -22.20 -12.97
CA MET B 1239 40.39 -23.59 -13.20
C MET B 1239 41.24 -24.46 -12.31
N TYR B 1240 40.60 -25.35 -11.57
CA TYR B 1240 41.35 -26.20 -10.68
C TYR B 1240 41.94 -27.40 -11.42
N PHE B 1241 43.16 -27.75 -11.03
CA PHE B 1241 43.84 -28.90 -11.61
C PHE B 1241 44.46 -29.76 -10.51
N ASN B 1242 44.68 -31.03 -10.82
CA ASN B 1242 45.32 -31.92 -9.86
C ASN B 1242 46.84 -31.79 -9.91
N TYR B 1243 47.53 -32.55 -9.07
CA TYR B 1243 48.98 -32.45 -8.94
C TYR B 1243 49.71 -32.79 -10.22
N GLU B 1244 49.37 -33.92 -10.83
CA GLU B 1244 50.05 -34.38 -12.02
C GLU B 1244 49.89 -33.38 -13.15
N THR B 1245 48.71 -32.77 -13.23
CA THR B 1245 48.44 -31.77 -14.25
C THR B 1245 49.33 -30.56 -14.08
N LYS B 1246 49.43 -30.08 -12.85
CA LYS B 1246 50.25 -28.91 -12.60
C LYS B 1246 51.70 -29.20 -12.96
N SER B 1247 52.16 -30.39 -12.63
CA SER B 1247 53.52 -30.76 -12.94
C SER B 1247 53.75 -30.75 -14.45
N ALA B 1248 52.79 -31.30 -15.19
CA ALA B 1248 52.89 -31.33 -16.64
C ALA B 1248 52.89 -29.92 -17.22
N LEU B 1249 52.06 -29.04 -16.67
CA LEU B 1249 52.00 -27.67 -17.16
C LEU B 1249 53.29 -26.91 -16.84
N GLU B 1250 53.84 -27.15 -15.66
CA GLU B 1250 55.11 -26.54 -15.29
C GLU B 1250 56.22 -27.07 -16.19
N THR B 1251 56.17 -28.36 -16.48
CA THR B 1251 57.15 -28.98 -17.36
C THR B 1251 57.08 -28.36 -18.73
N LEU B 1252 55.86 -28.17 -19.23
CA LEU B 1252 55.66 -27.56 -20.54
C LEU B 1252 56.26 -26.17 -20.57
N GLN B 1253 56.02 -25.40 -19.51
CA GLN B 1253 56.51 -24.03 -19.44
C GLN B 1253 58.03 -23.97 -19.50
N GLU B 1254 58.70 -24.92 -18.85
CA GLU B 1254 60.15 -24.92 -18.82
C GLU B 1254 60.76 -25.45 -20.12
N GLU B 1255 60.17 -26.52 -20.66
CA GLU B 1255 60.73 -27.14 -21.85
C GLU B 1255 60.51 -26.30 -23.11
N LYS B 1256 59.41 -25.54 -23.14
CA LYS B 1256 59.08 -24.74 -24.30
C LYS B 1256 58.96 -23.25 -23.96
N PRO B 1257 60.09 -22.55 -23.78
CA PRO B 1257 60.22 -21.18 -23.32
C PRO B 1257 59.65 -20.19 -24.32
N GLU B 1258 59.43 -20.64 -25.56
CA GLU B 1258 58.85 -19.79 -26.58
C GLU B 1258 57.40 -19.48 -26.23
N LEU B 1259 56.85 -20.25 -25.30
CA LEU B 1259 55.51 -20.00 -24.82
C LEU B 1259 55.61 -19.04 -23.66
N THR B 1260 55.15 -17.81 -23.87
CA THR B 1260 55.33 -16.75 -22.91
C THR B 1260 54.83 -17.16 -21.56
N VAL B 1261 53.63 -17.74 -21.52
CA VAL B 1261 53.09 -18.15 -20.25
C VAL B 1261 51.98 -19.17 -20.42
N VAL B 1262 52.03 -20.21 -19.60
CA VAL B 1262 50.92 -21.15 -19.53
C VAL B 1262 49.80 -20.51 -18.74
N PHE B 1263 50.16 -19.92 -17.60
CA PHE B 1263 49.24 -19.14 -16.79
C PHE B 1263 48.18 -19.96 -16.07
N GLU B 1264 48.61 -21.07 -15.48
CA GLU B 1264 47.73 -21.86 -14.64
C GLU B 1264 47.52 -21.07 -13.34
N PRO B 1265 46.67 -21.53 -12.40
CA PRO B 1265 46.28 -20.84 -11.17
C PRO B 1265 47.43 -20.62 -10.18
N SER B 1266 48.48 -21.43 -10.30
CA SER B 1266 49.64 -21.43 -9.41
C SER B 1266 50.12 -22.84 -9.15
N LYS C 1 -75.68 -36.55 24.75
CA LYS C 1 -76.94 -37.28 24.82
C LYS C 1 -76.74 -38.76 24.51
N ILE C 2 -76.99 -39.61 25.49
CA ILE C 2 -76.86 -41.04 25.34
C ILE C 2 -78.21 -41.73 25.26
N GLU C 3 -78.39 -42.53 24.22
CA GLU C 3 -79.67 -43.20 23.99
C GLU C 3 -79.80 -44.45 24.85
N GLU C 4 -79.87 -44.26 26.16
CA GLU C 4 -79.93 -45.37 27.08
C GLU C 4 -81.25 -46.11 26.96
N GLY C 5 -81.20 -47.44 27.07
CA GLY C 5 -82.39 -48.27 27.07
C GLY C 5 -82.67 -48.92 25.71
N LYS C 6 -82.01 -48.45 24.66
CA LYS C 6 -82.24 -49.02 23.34
C LYS C 6 -80.94 -49.14 22.54
N LEU C 7 -80.89 -50.11 21.63
CA LEU C 7 -79.72 -50.26 20.77
C LEU C 7 -80.01 -49.68 19.39
N VAL C 8 -79.18 -48.73 18.95
CA VAL C 8 -79.39 -48.06 17.67
C VAL C 8 -78.27 -48.36 16.68
N ILE C 9 -78.64 -48.80 15.48
CA ILE C 9 -77.68 -49.17 14.47
C ILE C 9 -77.77 -48.30 13.22
N TRP C 10 -76.63 -47.77 12.78
CA TRP C 10 -76.57 -47.05 11.51
C TRP C 10 -75.85 -47.87 10.45
N ILE C 11 -76.48 -48.03 9.30
CA ILE C 11 -75.93 -48.82 8.20
C ILE C 11 -76.23 -48.19 6.84
N ASN C 12 -75.30 -48.35 5.89
CA ASN C 12 -75.52 -47.87 4.54
C ASN C 12 -76.75 -48.56 3.92
N GLY C 13 -77.62 -47.77 3.31
CA GLY C 13 -78.89 -48.25 2.75
C GLY C 13 -78.72 -49.25 1.60
N ASP C 14 -77.50 -49.37 1.09
CA ASP C 14 -77.22 -50.30 0.00
C ASP C 14 -76.85 -51.69 0.53
N LYS C 15 -76.90 -51.84 1.85
CA LYS C 15 -76.59 -53.11 2.51
C LYS C 15 -77.90 -53.81 2.89
N GLY C 16 -77.80 -55.00 3.46
CA GLY C 16 -79.00 -55.76 3.85
C GLY C 16 -79.69 -55.14 5.08
N TYR C 17 -80.18 -53.92 4.90
CA TYR C 17 -80.84 -53.13 5.95
C TYR C 17 -82.03 -53.84 6.54
N ASN C 18 -82.93 -54.34 5.69
CA ASN C 18 -84.14 -54.94 6.20
C ASN C 18 -83.81 -56.21 6.95
N GLY C 19 -82.80 -56.91 6.46
CA GLY C 19 -82.37 -58.14 7.09
C GLY C 19 -81.81 -57.86 8.48
N LEU C 20 -80.96 -56.86 8.58
CA LEU C 20 -80.37 -56.50 9.85
C LEU C 20 -81.46 -56.09 10.83
N ALA C 21 -82.50 -55.43 10.34
CA ALA C 21 -83.64 -55.08 11.16
C ALA C 21 -84.35 -56.35 11.64
N GLU C 22 -84.37 -57.39 10.80
CA GLU C 22 -85.00 -58.66 11.20
C GLU C 22 -84.20 -59.31 12.32
N VAL C 23 -82.89 -59.19 12.25
CA VAL C 23 -82.02 -59.72 13.31
C VAL C 23 -82.31 -58.96 14.58
N GLY C 24 -82.47 -57.65 14.45
CA GLY C 24 -82.81 -56.77 15.55
C GLY C 24 -84.13 -57.19 16.20
N LYS C 25 -85.16 -57.36 15.37
CA LYS C 25 -86.48 -57.77 15.86
C LYS C 25 -86.43 -59.14 16.53
N LYS C 26 -85.67 -60.08 15.96
CA LYS C 26 -85.53 -61.38 16.58
C LYS C 26 -84.84 -61.25 17.93
N PHE C 27 -83.79 -60.43 17.96
CA PHE C 27 -83.07 -60.17 19.18
C PHE C 27 -84.05 -59.64 20.23
N GLU C 28 -84.85 -58.66 19.84
CA GLU C 28 -85.83 -58.09 20.76
C GLU C 28 -86.75 -59.16 21.33
N LYS C 29 -87.27 -60.04 20.47
CA LYS C 29 -88.17 -61.07 20.97
C LYS C 29 -87.45 -62.05 21.89
N ASP C 30 -86.18 -62.32 21.62
CA ASP C 30 -85.42 -63.26 22.43
C ASP C 30 -84.92 -62.67 23.76
N THR C 31 -84.53 -61.38 23.74
CA THR C 31 -83.93 -60.76 24.93
C THR C 31 -84.84 -59.74 25.61
N GLY C 32 -85.81 -59.21 24.88
CA GLY C 32 -86.70 -58.17 25.38
C GLY C 32 -86.18 -56.75 25.14
N ILE C 33 -85.00 -56.62 24.52
CA ILE C 33 -84.41 -55.32 24.27
C ILE C 33 -84.50 -54.94 22.80
N LYS C 34 -85.19 -53.84 22.51
CA LYS C 34 -85.42 -53.41 21.14
C LYS C 34 -84.17 -52.90 20.44
N VAL C 35 -84.04 -53.25 19.16
CA VAL C 35 -82.94 -52.78 18.32
C VAL C 35 -83.50 -51.99 17.13
N THR C 36 -83.04 -50.75 16.98
CA THR C 36 -83.49 -49.88 15.91
C THR C 36 -82.41 -49.72 14.85
N VAL C 37 -82.77 -49.93 13.59
CA VAL C 37 -81.81 -49.80 12.50
C VAL C 37 -82.20 -48.66 11.59
N GLU C 38 -81.28 -47.75 11.33
CA GLU C 38 -81.51 -46.59 10.47
C GLU C 38 -80.46 -46.50 9.37
N HIS C 39 -80.80 -45.88 8.24
CA HIS C 39 -79.84 -45.76 7.15
C HIS C 39 -79.78 -44.35 6.56
N PRO C 40 -79.25 -43.38 7.29
CA PRO C 40 -79.10 -42.00 6.88
C PRO C 40 -78.05 -41.92 5.78
N ASP C 41 -78.19 -40.95 4.88
CA ASP C 41 -77.23 -40.76 3.82
C ASP C 41 -75.96 -40.11 4.37
N LYS C 42 -74.82 -40.45 3.80
CA LYS C 42 -73.54 -39.90 4.23
C LYS C 42 -73.32 -40.14 5.71
N LEU C 43 -73.63 -41.35 6.17
CA LEU C 43 -73.45 -41.68 7.57
C LEU C 43 -71.98 -41.67 7.93
N GLU C 44 -71.12 -41.83 6.91
CA GLU C 44 -69.68 -41.78 7.09
C GLU C 44 -69.19 -40.35 7.31
N GLU C 45 -70.05 -39.38 7.07
CA GLU C 45 -69.69 -37.98 7.27
C GLU C 45 -70.33 -37.45 8.55
N LYS C 46 -71.52 -37.94 8.87
CA LYS C 46 -72.24 -37.50 10.06
C LYS C 46 -71.84 -38.28 11.32
N PHE C 47 -71.56 -39.57 11.15
CA PHE C 47 -71.24 -40.40 12.31
C PHE C 47 -70.10 -39.82 13.16
N PRO C 48 -68.98 -39.36 12.58
CA PRO C 48 -67.83 -38.81 13.27
C PRO C 48 -68.18 -37.60 14.13
N GLN C 49 -69.28 -36.93 13.80
CA GLN C 49 -69.66 -35.73 14.53
C GLN C 49 -70.53 -36.07 15.72
N VAL C 50 -71.39 -37.06 15.55
CA VAL C 50 -72.25 -37.48 16.65
C VAL C 50 -71.46 -38.36 17.61
N ALA C 51 -70.60 -39.21 17.04
CA ALA C 51 -69.72 -40.06 17.84
C ALA C 51 -68.84 -39.20 18.74
N ALA C 52 -68.45 -38.04 18.24
CA ALA C 52 -67.60 -37.10 18.98
C ALA C 52 -68.43 -36.32 19.99
N THR C 53 -69.74 -36.50 19.95
CA THR C 53 -70.67 -35.82 20.83
C THR C 53 -71.24 -36.78 21.88
N GLY C 54 -71.33 -38.05 21.51
CA GLY C 54 -71.94 -39.08 22.34
C GLY C 54 -73.31 -39.46 21.80
N ASP C 55 -73.82 -38.63 20.91
CA ASP C 55 -75.11 -38.86 20.25
C ASP C 55 -74.90 -39.81 19.09
N GLY C 56 -75.96 -40.14 18.38
CA GLY C 56 -75.82 -41.06 17.26
C GLY C 56 -76.04 -42.50 17.72
N PRO C 57 -75.67 -43.45 16.87
CA PRO C 57 -75.89 -44.88 16.98
C PRO C 57 -74.93 -45.52 17.96
N ASP C 58 -75.26 -46.74 18.38
CA ASP C 58 -74.36 -47.53 19.20
C ASP C 58 -73.43 -48.34 18.30
N ILE C 59 -74.00 -48.82 17.19
CA ILE C 59 -73.26 -49.66 16.26
C ILE C 59 -73.22 -49.04 14.87
N ILE C 60 -72.02 -49.02 14.28
CA ILE C 60 -71.81 -48.45 12.97
C ILE C 60 -71.36 -49.50 11.94
N PHE C 61 -72.13 -49.62 10.87
CA PHE C 61 -71.76 -50.53 9.78
C PHE C 61 -71.19 -49.78 8.59
N TRP C 62 -69.91 -50.02 8.32
CA TRP C 62 -69.20 -49.35 7.24
C TRP C 62 -67.92 -50.12 6.91
N ALA C 63 -67.17 -49.64 5.94
CA ALA C 63 -65.88 -50.24 5.63
C ALA C 63 -64.90 -50.07 6.80
N HIS C 64 -64.11 -51.11 7.04
CA HIS C 64 -63.13 -51.15 8.11
C HIS C 64 -61.97 -50.16 7.95
N ASP C 65 -61.80 -49.61 6.74
CA ASP C 65 -60.68 -48.70 6.54
C ASP C 65 -60.96 -47.37 7.20
N ARG C 66 -62.17 -46.87 7.00
CA ARG C 66 -62.56 -45.61 7.58
C ARG C 66 -62.52 -45.69 9.10
N PHE C 67 -62.86 -46.86 9.64
CA PHE C 67 -62.87 -47.07 11.08
C PHE C 67 -61.52 -46.83 11.73
N GLY C 68 -60.45 -46.97 10.96
CA GLY C 68 -59.14 -46.71 11.51
C GLY C 68 -59.00 -45.23 11.85
N GLY C 69 -59.63 -44.38 11.05
CA GLY C 69 -59.60 -42.95 11.29
C GLY C 69 -60.34 -42.62 12.57
N TYR C 70 -61.47 -43.29 12.77
CA TYR C 70 -62.25 -43.09 13.98
C TYR C 70 -61.44 -43.55 15.18
N ALA C 71 -60.73 -44.67 15.02
CA ALA C 71 -59.95 -45.22 16.11
C ALA C 71 -58.83 -44.27 16.51
N GLN C 72 -58.23 -43.60 15.52
CA GLN C 72 -57.20 -42.61 15.79
C GLN C 72 -57.78 -41.42 16.55
N SER C 73 -59.01 -41.07 16.22
CA SER C 73 -59.71 -39.98 16.90
C SER C 73 -60.30 -40.44 18.22
N GLY C 74 -60.38 -41.76 18.41
CA GLY C 74 -60.91 -42.34 19.65
C GLY C 74 -62.44 -42.34 19.68
N LEU C 75 -63.06 -42.45 18.51
CA LEU C 75 -64.52 -42.39 18.42
C LEU C 75 -65.17 -43.77 18.50
N LEU C 76 -64.36 -44.82 18.54
CA LEU C 76 -64.90 -46.18 18.63
C LEU C 76 -64.53 -46.84 19.94
N ALA C 77 -65.47 -47.62 20.47
CA ALA C 77 -65.26 -48.44 21.65
C ALA C 77 -64.43 -49.65 21.29
N GLU C 78 -63.66 -50.15 22.24
CA GLU C 78 -62.93 -51.39 22.01
C GLU C 78 -63.91 -52.55 22.07
N ILE C 79 -63.70 -53.56 21.24
CA ILE C 79 -64.54 -54.75 21.30
C ILE C 79 -63.82 -55.84 22.06
N THR C 80 -64.55 -56.64 22.81
CA THR C 80 -63.92 -57.68 23.62
C THR C 80 -64.53 -59.06 23.45
N PRO C 81 -64.37 -59.68 22.27
CA PRO C 81 -64.71 -61.06 21.98
C PRO C 81 -63.71 -61.98 22.65
N ASP C 82 -64.17 -63.14 23.11
CA ASP C 82 -63.25 -64.16 23.59
C ASP C 82 -62.83 -65.02 22.41
N LYS C 83 -61.96 -66.00 22.65
CA LYS C 83 -61.49 -66.85 21.56
C LYS C 83 -62.63 -67.71 21.03
N ALA C 84 -63.60 -67.99 21.90
CA ALA C 84 -64.79 -68.73 21.52
C ALA C 84 -65.55 -68.03 20.40
N PHE C 85 -65.34 -66.72 20.29
CA PHE C 85 -66.02 -65.91 19.30
C PHE C 85 -65.08 -65.54 18.17
N GLN C 86 -63.81 -65.31 18.51
CA GLN C 86 -62.85 -64.91 17.49
C GLN C 86 -62.66 -66.02 16.47
N ASP C 87 -62.77 -67.27 16.92
CA ASP C 87 -62.57 -68.42 16.06
C ASP C 87 -63.79 -68.72 15.19
N LYS C 88 -64.83 -67.89 15.29
CA LYS C 88 -66.01 -68.07 14.45
C LYS C 88 -65.83 -67.42 13.08
N LEU C 89 -64.96 -66.42 13.00
CA LEU C 89 -64.77 -65.69 11.75
C LEU C 89 -63.43 -66.07 11.12
N TYR C 90 -63.31 -65.88 9.81
CA TYR C 90 -62.07 -66.22 9.13
C TYR C 90 -60.87 -65.59 9.84
N PRO C 91 -59.77 -66.34 9.96
CA PRO C 91 -58.57 -66.05 10.72
C PRO C 91 -57.77 -64.86 10.20
N PHE C 92 -58.10 -64.38 9.02
CA PHE C 92 -57.34 -63.29 8.43
C PHE C 92 -58.11 -61.98 8.45
N THR C 93 -59.40 -62.04 8.82
CA THR C 93 -60.23 -60.85 8.77
C THR C 93 -60.13 -60.05 10.06
N TRP C 94 -59.55 -60.66 11.10
CA TRP C 94 -59.42 -59.96 12.38
C TRP C 94 -58.37 -58.86 12.31
N ASP C 95 -57.57 -58.86 11.28
CA ASP C 95 -56.58 -57.81 11.10
C ASP C 95 -57.24 -56.59 10.47
N ALA C 96 -58.36 -56.79 9.81
CA ALA C 96 -59.06 -55.72 9.12
C ALA C 96 -59.55 -54.69 10.11
N VAL C 97 -59.83 -55.14 11.33
CA VAL C 97 -60.40 -54.30 12.36
C VAL C 97 -59.43 -54.09 13.50
N ARG C 98 -58.14 -54.33 13.26
CA ARG C 98 -57.15 -54.18 14.30
C ARG C 98 -56.39 -52.86 14.16
N TYR C 99 -56.51 -52.00 15.17
CA TYR C 99 -55.84 -50.71 15.17
C TYR C 99 -54.82 -50.63 16.29
N ASN C 100 -53.54 -50.64 15.94
CA ASN C 100 -52.46 -50.61 16.92
C ASN C 100 -52.62 -51.68 17.99
N GLY C 101 -53.05 -52.86 17.58
CA GLY C 101 -53.21 -54.00 18.48
C GLY C 101 -54.61 -54.14 19.07
N LYS C 102 -55.44 -53.10 18.95
CA LYS C 102 -56.79 -53.15 19.50
C LYS C 102 -57.81 -53.57 18.45
N LEU C 103 -58.84 -54.29 18.88
CA LEU C 103 -59.92 -54.62 17.96
C LEU C 103 -61.04 -53.60 18.12
N ILE C 104 -61.41 -52.96 17.00
CA ILE C 104 -62.36 -51.85 17.05
C ILE C 104 -63.71 -52.15 16.41
N ALA C 105 -63.82 -53.27 15.69
CA ALA C 105 -65.07 -53.60 15.01
C ALA C 105 -65.16 -55.10 14.74
N TYR C 106 -66.38 -55.58 14.51
CA TYR C 106 -66.60 -56.98 14.15
C TYR C 106 -66.71 -57.13 12.64
N PRO C 107 -65.85 -57.92 12.00
CA PRO C 107 -65.89 -58.20 10.58
C PRO C 107 -67.25 -58.83 10.23
N ILE C 108 -67.86 -58.34 9.15
CA ILE C 108 -69.13 -58.85 8.67
C ILE C 108 -68.99 -59.56 7.34
N ALA C 109 -68.38 -58.87 6.37
CA ALA C 109 -68.30 -59.40 5.01
C ALA C 109 -67.01 -58.98 4.33
N VAL C 110 -66.56 -59.80 3.37
CA VAL C 110 -65.26 -59.58 2.76
C VAL C 110 -65.31 -59.46 1.23
N GLU C 111 -64.91 -58.30 0.73
CA GLU C 111 -64.89 -58.07 -0.71
C GLU C 111 -63.47 -58.21 -1.26
N ALA C 112 -63.38 -58.61 -2.53
CA ALA C 112 -62.10 -58.77 -3.22
C ALA C 112 -62.32 -58.55 -4.70
N LEU C 113 -61.25 -58.29 -5.43
CA LEU C 113 -61.37 -58.15 -6.87
C LEU C 113 -61.06 -59.48 -7.56
N SER C 114 -62.11 -60.13 -8.05
CA SER C 114 -62.00 -61.44 -8.65
C SER C 114 -61.95 -61.31 -10.15
N LEU C 115 -61.64 -62.40 -10.84
CA LEU C 115 -61.58 -62.36 -12.29
C LEU C 115 -62.92 -62.75 -12.87
N ILE C 116 -63.53 -61.85 -13.62
CA ILE C 116 -64.84 -62.10 -14.23
C ILE C 116 -64.64 -62.39 -15.71
N TYR C 117 -65.13 -63.53 -16.16
CA TYR C 117 -64.84 -63.95 -17.54
C TYR C 117 -66.07 -64.44 -18.28
N ASN C 118 -66.01 -64.35 -19.61
CA ASN C 118 -67.08 -64.75 -20.51
C ASN C 118 -66.84 -66.14 -21.06
N LYS C 119 -67.61 -67.11 -20.60
CA LYS C 119 -67.44 -68.52 -20.96
C LYS C 119 -67.65 -68.77 -22.45
N ASP C 120 -68.32 -67.83 -23.11
CA ASP C 120 -68.60 -67.97 -24.52
C ASP C 120 -67.36 -67.69 -25.36
N LEU C 121 -66.45 -66.88 -24.82
CA LEU C 121 -65.23 -66.52 -25.53
C LEU C 121 -64.03 -67.24 -24.92
N LEU C 122 -64.10 -67.48 -23.61
CA LEU C 122 -63.00 -68.06 -22.86
C LEU C 122 -63.49 -68.89 -21.68
N PRO C 123 -63.87 -70.14 -21.92
CA PRO C 123 -64.35 -71.10 -20.92
C PRO C 123 -63.22 -71.55 -20.01
N ASN C 124 -61.98 -71.29 -20.42
CA ASN C 124 -60.80 -71.69 -19.67
C ASN C 124 -59.78 -70.55 -19.56
N PRO C 125 -59.94 -69.66 -18.59
CA PRO C 125 -59.08 -68.51 -18.31
C PRO C 125 -57.67 -69.01 -18.02
N PRO C 126 -56.65 -68.19 -18.26
CA PRO C 126 -55.24 -68.45 -18.02
C PRO C 126 -54.97 -68.48 -16.52
N LYS C 127 -53.97 -69.25 -16.12
CA LYS C 127 -53.60 -69.32 -14.71
C LYS C 127 -52.38 -68.47 -14.41
N THR C 128 -51.72 -68.00 -15.46
CA THR C 128 -50.50 -67.22 -15.33
C THR C 128 -50.63 -65.92 -16.13
N TRP C 129 -50.22 -64.80 -15.54
CA TRP C 129 -50.34 -63.49 -16.21
C TRP C 129 -49.57 -63.47 -17.52
N GLU C 130 -48.48 -64.22 -17.56
CA GLU C 130 -47.59 -64.29 -18.71
C GLU C 130 -48.27 -64.92 -19.92
N GLU C 131 -49.37 -65.64 -19.69
CA GLU C 131 -50.07 -66.31 -20.78
C GLU C 131 -51.06 -65.39 -21.48
N ILE C 132 -51.37 -64.25 -20.87
CA ILE C 132 -52.36 -63.34 -21.42
C ILE C 132 -51.97 -62.77 -22.79
N PRO C 133 -50.72 -62.29 -22.98
CA PRO C 133 -50.21 -61.83 -24.26
C PRO C 133 -50.49 -62.84 -25.37
N ALA C 134 -50.15 -64.10 -25.13
CA ALA C 134 -50.37 -65.15 -26.11
C ALA C 134 -51.86 -65.36 -26.35
N LEU C 135 -52.63 -65.32 -25.28
CA LEU C 135 -54.08 -65.45 -25.37
C LEU C 135 -54.66 -64.33 -26.19
N ASP C 136 -54.14 -63.12 -25.97
CA ASP C 136 -54.63 -61.95 -26.67
C ASP C 136 -54.31 -62.03 -28.14
N LYS C 137 -53.13 -62.53 -28.49
CA LYS C 137 -52.80 -62.68 -29.90
C LYS C 137 -53.73 -63.67 -30.57
N GLU C 138 -54.02 -64.78 -29.88
CA GLU C 138 -54.93 -65.77 -30.44
C GLU C 138 -56.34 -65.21 -30.58
N LEU C 139 -56.79 -64.46 -29.58
CA LEU C 139 -58.10 -63.86 -29.63
C LEU C 139 -58.16 -62.75 -30.68
N LYS C 140 -57.09 -61.99 -30.83
CA LYS C 140 -57.07 -60.93 -31.83
C LYS C 140 -57.31 -61.52 -33.21
N ALA C 141 -56.75 -62.71 -33.45
CA ALA C 141 -57.02 -63.40 -34.72
C ALA C 141 -58.53 -63.64 -34.87
N LYS C 142 -59.20 -63.90 -33.74
CA LYS C 142 -60.65 -64.09 -33.72
C LYS C 142 -61.38 -62.75 -33.62
N GLY C 143 -60.62 -61.69 -33.34
CA GLY C 143 -61.16 -60.33 -33.23
C GLY C 143 -61.55 -59.91 -31.82
N LYS C 144 -61.07 -60.63 -30.80
CA LYS C 144 -61.42 -60.33 -29.42
C LYS C 144 -60.17 -60.01 -28.59
N SER C 145 -60.37 -59.32 -27.47
CA SER C 145 -59.27 -59.01 -26.56
C SER C 145 -59.23 -60.00 -25.40
N ALA C 146 -58.03 -60.30 -24.90
CA ALA C 146 -57.90 -61.23 -23.78
C ALA C 146 -58.27 -60.59 -22.46
N LEU C 147 -57.88 -59.34 -22.25
CA LEU C 147 -58.15 -58.70 -20.97
C LEU C 147 -58.27 -57.19 -21.08
N MET C 148 -59.36 -56.66 -20.54
CA MET C 148 -59.56 -55.22 -20.45
C MET C 148 -60.10 -54.87 -19.07
N PHE C 149 -59.50 -53.87 -18.42
CA PHE C 149 -59.97 -53.45 -17.10
C PHE C 149 -59.59 -52.00 -16.86
N ASN C 150 -60.10 -51.44 -15.77
CA ASN C 150 -59.87 -50.03 -15.44
C ASN C 150 -58.43 -49.81 -14.99
N LEU C 151 -57.67 -49.07 -15.79
CA LEU C 151 -56.27 -48.83 -15.46
C LEU C 151 -56.05 -47.41 -14.94
N GLN C 152 -57.15 -46.66 -14.83
CA GLN C 152 -57.09 -45.29 -14.33
C GLN C 152 -57.37 -45.25 -12.83
N GLU C 153 -57.74 -46.41 -12.29
CA GLU C 153 -58.02 -46.61 -10.88
C GLU C 153 -57.14 -47.73 -10.34
N PRO C 154 -56.05 -47.39 -9.62
CA PRO C 154 -55.02 -48.27 -9.10
C PRO C 154 -55.59 -49.46 -8.34
N TYR C 155 -56.80 -49.31 -7.84
CA TYR C 155 -57.46 -50.37 -7.09
C TYR C 155 -57.43 -51.67 -7.87
N PHE C 156 -57.54 -51.58 -9.19
CA PHE C 156 -57.63 -52.77 -10.04
C PHE C 156 -56.28 -53.20 -10.61
N THR C 157 -55.23 -52.41 -10.42
CA THR C 157 -53.94 -52.76 -10.98
C THR C 157 -53.05 -53.35 -9.90
N TRP C 158 -53.36 -52.99 -8.67
CA TRP C 158 -52.64 -53.45 -7.51
C TRP C 158 -52.44 -54.95 -7.44
N PRO C 159 -53.47 -55.78 -7.70
CA PRO C 159 -53.38 -57.23 -7.62
C PRO C 159 -52.15 -57.76 -8.35
N LEU C 160 -51.81 -57.10 -9.46
CA LEU C 160 -50.65 -57.48 -10.25
C LEU C 160 -49.37 -56.85 -9.71
N ILE C 161 -49.45 -55.59 -9.33
CA ILE C 161 -48.27 -54.88 -8.85
C ILE C 161 -47.69 -55.54 -7.61
N ALA C 162 -48.57 -55.91 -6.68
CA ALA C 162 -48.15 -56.53 -5.42
C ALA C 162 -47.84 -58.01 -5.60
N ALA C 163 -48.07 -58.54 -6.79
CA ALA C 163 -47.93 -59.97 -7.00
C ALA C 163 -46.51 -60.46 -6.74
N ASP C 164 -45.51 -59.62 -7.01
CA ASP C 164 -44.12 -60.07 -6.89
C ASP C 164 -43.44 -59.60 -5.61
N GLY C 165 -44.20 -59.38 -4.55
CA GLY C 165 -43.58 -59.05 -3.27
C GLY C 165 -43.82 -57.60 -2.89
N GLY C 166 -44.49 -56.86 -3.75
CA GLY C 166 -44.84 -55.49 -3.46
C GLY C 166 -45.92 -55.48 -2.38
N TYR C 167 -46.00 -54.38 -1.65
CA TYR C 167 -47.00 -54.24 -0.60
C TYR C 167 -47.26 -52.77 -0.33
N ALA C 168 -48.33 -52.46 0.40
CA ALA C 168 -48.57 -51.06 0.74
C ALA C 168 -47.77 -50.71 1.98
N PHE C 169 -48.39 -50.84 3.15
CA PHE C 169 -47.71 -50.58 4.39
C PHE C 169 -47.42 -51.89 5.11
N LYS C 170 -46.18 -52.07 5.53
CA LYS C 170 -45.81 -53.33 6.17
C LYS C 170 -46.67 -53.59 7.40
N TYR C 171 -47.20 -54.80 7.49
CA TYR C 171 -48.03 -55.19 8.62
C TYR C 171 -47.34 -56.29 9.40
N GLU C 172 -46.67 -55.90 10.49
CA GLU C 172 -45.81 -56.83 11.21
C GLU C 172 -46.43 -57.41 12.49
N ASN C 173 -46.74 -56.56 13.45
CA ASN C 173 -47.15 -57.01 14.77
C ASN C 173 -48.56 -56.57 15.13
N GLY C 174 -49.38 -56.35 14.13
CA GLY C 174 -50.74 -55.88 14.34
C GLY C 174 -50.82 -54.38 14.09
N LYS C 175 -49.67 -53.73 14.05
CA LYS C 175 -49.59 -52.32 13.75
C LYS C 175 -48.94 -52.12 12.40
N TYR C 176 -49.50 -51.24 11.59
CA TYR C 176 -48.90 -50.93 10.31
C TYR C 176 -47.69 -50.04 10.50
N ASP C 177 -46.61 -50.35 9.79
CA ASP C 177 -45.43 -49.53 9.85
C ASP C 177 -45.54 -48.40 8.84
N ILE C 178 -45.86 -47.23 9.33
CA ILE C 178 -46.16 -46.08 8.50
C ILE C 178 -44.99 -45.68 7.61
N LYS C 179 -43.77 -45.84 8.13
CA LYS C 179 -42.59 -45.42 7.40
C LYS C 179 -42.05 -46.48 6.44
N ASP C 180 -42.70 -47.64 6.39
CA ASP C 180 -42.23 -48.71 5.52
C ASP C 180 -43.21 -49.00 4.39
N VAL C 181 -42.93 -48.42 3.23
CA VAL C 181 -43.85 -48.51 2.10
C VAL C 181 -43.26 -49.37 0.99
N GLY C 182 -44.02 -50.37 0.56
CA GLY C 182 -43.57 -51.38 -0.38
C GLY C 182 -43.95 -51.14 -1.84
N VAL C 183 -44.24 -49.89 -2.20
CA VAL C 183 -44.62 -49.59 -3.58
C VAL C 183 -43.39 -49.31 -4.42
N ASP C 184 -42.26 -49.11 -3.75
CA ASP C 184 -40.99 -48.75 -4.38
C ASP C 184 -40.07 -49.93 -4.71
N ASN C 185 -40.16 -51.03 -3.97
CA ASN C 185 -39.16 -52.07 -4.13
C ASN C 185 -39.39 -52.91 -5.38
N ALA C 186 -38.47 -53.86 -5.61
CA ALA C 186 -38.46 -54.67 -6.83
C ALA C 186 -39.77 -55.39 -7.04
N GLY C 187 -40.40 -55.80 -5.96
CA GLY C 187 -41.64 -56.55 -6.06
C GLY C 187 -42.72 -55.72 -6.75
N ALA C 188 -42.70 -54.41 -6.51
CA ALA C 188 -43.68 -53.52 -7.13
C ALA C 188 -43.23 -53.11 -8.52
N LYS C 189 -41.93 -52.87 -8.67
CA LYS C 189 -41.40 -52.41 -9.93
C LYS C 189 -41.58 -53.45 -11.03
N ALA C 190 -41.34 -54.72 -10.68
CA ALA C 190 -41.47 -55.80 -11.65
C ALA C 190 -42.90 -55.93 -12.13
N GLY C 191 -43.84 -55.80 -11.20
CA GLY C 191 -45.25 -55.91 -11.51
C GLY C 191 -45.69 -54.78 -12.42
N LEU C 192 -45.34 -53.55 -12.04
CA LEU C 192 -45.72 -52.39 -12.82
C LEU C 192 -45.05 -52.41 -14.18
N THR C 193 -43.79 -52.82 -14.24
CA THR C 193 -43.08 -52.87 -15.51
C THR C 193 -43.79 -53.81 -16.47
N PHE C 194 -44.17 -54.97 -15.96
CA PHE C 194 -44.90 -55.95 -16.75
C PHE C 194 -46.20 -55.34 -17.27
N LEU C 195 -46.96 -54.69 -16.40
CA LEU C 195 -48.21 -54.07 -16.80
C LEU C 195 -48.01 -53.04 -17.91
N VAL C 196 -47.00 -52.19 -17.75
CA VAL C 196 -46.73 -51.17 -18.75
C VAL C 196 -46.36 -51.80 -20.07
N ASP C 197 -45.58 -52.87 -20.03
CA ASP C 197 -45.21 -53.59 -21.25
C ASP C 197 -46.45 -54.14 -21.96
N LEU C 198 -47.45 -54.58 -21.18
CA LEU C 198 -48.69 -55.11 -21.78
C LEU C 198 -49.41 -54.01 -22.54
N ILE C 199 -49.31 -52.77 -22.05
CA ILE C 199 -49.94 -51.64 -22.71
C ILE C 199 -49.20 -51.33 -24.01
N LYS C 200 -47.87 -51.29 -23.93
CA LYS C 200 -47.04 -50.99 -25.10
C LYS C 200 -47.23 -52.03 -26.20
N ASN C 201 -47.48 -53.28 -25.81
CA ASN C 201 -47.67 -54.39 -26.74
C ASN C 201 -49.08 -54.41 -27.31
N LYS C 202 -49.88 -53.41 -26.94
CA LYS C 202 -51.25 -53.26 -27.42
C LYS C 202 -52.18 -54.38 -27.00
N HIS C 203 -51.97 -54.93 -25.82
CA HIS C 203 -52.93 -55.91 -25.32
C HIS C 203 -54.00 -55.13 -24.57
N MET C 204 -53.58 -54.01 -24.00
CA MET C 204 -54.45 -53.06 -23.31
C MET C 204 -54.06 -51.64 -23.67
N ASN C 205 -55.02 -50.73 -23.65
CA ASN C 205 -54.67 -49.32 -23.82
C ASN C 205 -54.36 -48.74 -22.45
N ALA C 206 -54.04 -47.46 -22.39
CA ALA C 206 -53.73 -46.84 -21.11
C ALA C 206 -54.94 -46.14 -20.51
N ASP C 207 -55.88 -45.73 -21.35
CA ASP C 207 -56.99 -44.90 -20.94
C ASP C 207 -58.32 -45.61 -20.65
N THR C 208 -58.33 -46.94 -20.58
CA THR C 208 -59.56 -47.63 -20.21
C THR C 208 -59.99 -47.21 -18.81
N ASP C 209 -61.24 -46.79 -18.70
CA ASP C 209 -61.83 -46.46 -17.42
C ASP C 209 -62.84 -47.54 -17.02
N TYR C 210 -63.55 -47.30 -15.92
CA TYR C 210 -64.49 -48.30 -15.42
C TYR C 210 -65.61 -48.58 -16.42
N SER C 211 -66.19 -47.53 -16.98
CA SER C 211 -67.32 -47.67 -17.89
C SER C 211 -66.96 -48.42 -19.15
N ILE C 212 -65.78 -48.14 -19.69
CA ILE C 212 -65.34 -48.79 -20.92
C ILE C 212 -65.13 -50.27 -20.69
N ALA C 213 -64.44 -50.63 -19.62
CA ALA C 213 -64.16 -52.03 -19.35
C ALA C 213 -65.43 -52.81 -19.15
N GLU C 214 -66.40 -52.24 -18.44
CA GLU C 214 -67.66 -52.93 -18.19
C GLU C 214 -68.48 -53.03 -19.46
N ALA C 215 -68.51 -51.96 -20.25
CA ALA C 215 -69.26 -51.97 -21.48
C ALA C 215 -68.70 -52.99 -22.46
N ALA C 216 -67.38 -53.07 -22.56
CA ALA C 216 -66.77 -54.01 -23.46
C ALA C 216 -67.06 -55.44 -23.04
N PHE C 217 -67.03 -55.70 -21.74
CA PHE C 217 -67.30 -57.05 -21.24
C PHE C 217 -68.75 -57.45 -21.46
N ASN C 218 -69.67 -56.56 -21.11
CA ASN C 218 -71.09 -56.86 -21.22
C ASN C 218 -71.54 -56.88 -22.68
N LYS C 219 -70.72 -56.32 -23.56
CA LYS C 219 -71.00 -56.29 -24.98
C LYS C 219 -70.50 -57.57 -25.67
N GLY C 220 -69.39 -58.12 -25.18
CA GLY C 220 -68.83 -59.32 -25.78
C GLY C 220 -67.59 -59.05 -26.63
N GLU C 221 -66.87 -57.97 -26.34
CA GLU C 221 -65.64 -57.65 -27.07
C GLU C 221 -64.41 -58.20 -26.37
N THR C 222 -64.56 -58.56 -25.11
CA THR C 222 -63.44 -59.01 -24.30
C THR C 222 -63.73 -60.35 -23.65
N ALA C 223 -62.69 -61.15 -23.48
CA ALA C 223 -62.82 -62.43 -22.83
C ALA C 223 -63.08 -62.27 -21.34
N MET C 224 -62.50 -61.23 -20.75
CA MET C 224 -62.58 -61.04 -19.31
C MET C 224 -62.15 -59.66 -18.86
N THR C 225 -62.61 -59.29 -17.67
CA THR C 225 -62.19 -58.07 -16.98
C THR C 225 -62.01 -58.37 -15.50
N ILE C 226 -61.65 -57.35 -14.73
CA ILE C 226 -61.43 -57.53 -13.30
C ILE C 226 -62.35 -56.61 -12.51
N ASN C 227 -63.06 -57.17 -11.55
CA ASN C 227 -63.97 -56.36 -10.75
C ASN C 227 -64.27 -57.01 -9.40
N GLY C 228 -65.06 -56.33 -8.58
CA GLY C 228 -65.46 -56.86 -7.29
C GLY C 228 -66.94 -57.22 -7.31
N PRO C 229 -67.41 -57.87 -6.25
CA PRO C 229 -68.76 -58.37 -6.07
C PRO C 229 -69.80 -57.26 -6.10
N TRP C 230 -69.37 -56.06 -5.79
CA TRP C 230 -70.26 -54.89 -5.77
C TRP C 230 -70.79 -54.57 -7.15
N ALA C 231 -70.10 -55.04 -8.18
CA ALA C 231 -70.48 -54.76 -9.55
C ALA C 231 -71.27 -55.90 -10.19
N TRP C 232 -71.44 -57.02 -9.48
CA TRP C 232 -72.04 -58.19 -10.10
C TRP C 232 -73.47 -57.94 -10.55
N SER C 233 -74.17 -57.07 -9.85
CA SER C 233 -75.58 -56.80 -10.16
C SER C 233 -75.78 -56.17 -11.53
N ASN C 234 -74.71 -55.61 -12.09
CA ASN C 234 -74.81 -54.97 -13.40
C ASN C 234 -74.22 -55.85 -14.50
N ILE C 235 -73.90 -57.10 -14.15
CA ILE C 235 -73.31 -58.03 -15.09
C ILE C 235 -74.32 -59.08 -15.55
N ASP C 236 -75.50 -59.08 -14.94
CA ASP C 236 -76.55 -60.03 -15.29
C ASP C 236 -77.37 -59.58 -16.48
N THR C 237 -77.44 -58.27 -16.70
CA THR C 237 -78.30 -57.71 -17.72
C THR C 237 -77.78 -58.01 -19.13
N SER C 238 -76.52 -58.40 -19.22
CA SER C 238 -75.90 -58.73 -20.50
C SER C 238 -76.30 -60.12 -20.97
N LYS C 239 -76.79 -60.94 -20.04
CA LYS C 239 -77.16 -62.32 -20.32
C LYS C 239 -75.98 -63.11 -20.89
N VAL C 240 -74.78 -62.74 -20.47
CA VAL C 240 -73.55 -63.43 -20.83
C VAL C 240 -73.29 -64.59 -19.88
N ASN C 241 -72.81 -65.70 -20.41
CA ASN C 241 -72.49 -66.81 -19.54
C ASN C 241 -71.18 -66.52 -18.84
N TYR C 242 -71.26 -65.76 -17.76
CA TYR C 242 -70.06 -65.31 -17.07
C TYR C 242 -69.74 -66.21 -15.90
N GLY C 243 -68.47 -66.21 -15.53
CA GLY C 243 -68.01 -66.93 -14.34
C GLY C 243 -67.03 -66.07 -13.57
N VAL C 244 -66.77 -66.45 -12.32
CA VAL C 244 -65.83 -65.72 -11.48
C VAL C 244 -64.77 -66.65 -10.92
N THR C 245 -63.51 -66.27 -11.07
CA THR C 245 -62.43 -67.11 -10.59
C THR C 245 -61.27 -66.35 -9.97
N VAL C 246 -60.25 -67.10 -9.57
CA VAL C 246 -59.03 -66.58 -8.97
C VAL C 246 -58.10 -66.02 -10.04
N LEU C 247 -57.55 -64.84 -9.78
CA LEU C 247 -56.69 -64.17 -10.74
C LEU C 247 -55.41 -64.97 -11.01
N PRO C 248 -54.75 -64.77 -12.16
CA PRO C 248 -53.53 -65.42 -12.58
C PRO C 248 -52.35 -65.15 -11.65
N THR C 249 -51.37 -66.04 -11.67
CA THR C 249 -50.16 -65.88 -10.87
C THR C 249 -49.07 -65.16 -11.66
N PHE C 250 -48.07 -64.67 -10.94
CA PHE C 250 -46.95 -63.97 -11.54
C PHE C 250 -45.65 -64.47 -10.94
N LYS C 251 -44.82 -65.11 -11.74
CA LYS C 251 -43.57 -65.68 -11.27
C LYS C 251 -43.79 -66.61 -10.08
N GLY C 252 -44.88 -67.37 -10.12
CA GLY C 252 -45.18 -68.34 -9.09
C GLY C 252 -46.08 -67.81 -7.95
N GLN C 253 -46.23 -66.50 -7.86
CA GLN C 253 -47.04 -65.94 -6.78
C GLN C 253 -48.44 -65.54 -7.26
N PRO C 254 -49.45 -65.67 -6.41
CA PRO C 254 -50.83 -65.29 -6.65
C PRO C 254 -50.94 -63.78 -6.66
N SER C 255 -51.98 -63.26 -7.28
CA SER C 255 -52.20 -61.83 -7.24
C SER C 255 -52.60 -61.46 -5.83
N LYS C 256 -52.45 -60.20 -5.47
CA LYS C 256 -52.84 -59.78 -4.13
C LYS C 256 -53.69 -58.50 -4.12
N PRO C 257 -54.99 -58.60 -4.42
CA PRO C 257 -55.94 -57.53 -4.46
C PRO C 257 -56.14 -56.93 -3.09
N PHE C 258 -56.55 -55.66 -3.04
CA PHE C 258 -56.89 -55.08 -1.76
C PHE C 258 -58.14 -55.75 -1.26
N VAL C 259 -58.14 -56.14 0.01
CA VAL C 259 -59.31 -56.78 0.57
C VAL C 259 -60.08 -55.80 1.42
N GLY C 260 -61.33 -55.57 1.03
CA GLY C 260 -62.19 -54.60 1.70
C GLY C 260 -63.18 -55.31 2.60
N VAL C 261 -63.00 -55.14 3.89
CA VAL C 261 -63.83 -55.83 4.86
C VAL C 261 -64.87 -54.93 5.50
N LEU C 262 -66.12 -55.32 5.36
CA LEU C 262 -67.21 -54.62 5.99
C LEU C 262 -67.22 -55.01 7.45
N SER C 263 -67.35 -54.05 8.35
CA SER C 263 -67.36 -54.38 9.78
C SER C 263 -68.34 -53.53 10.60
N ALA C 264 -68.73 -54.05 11.75
CA ALA C 264 -69.62 -53.37 12.68
C ALA C 264 -68.84 -52.82 13.87
N GLY C 265 -68.70 -51.50 13.91
CA GLY C 265 -67.97 -50.85 14.98
C GLY C 265 -68.92 -50.44 16.10
N ILE C 266 -68.37 -50.08 17.26
CA ILE C 266 -69.20 -49.63 18.36
C ILE C 266 -68.80 -48.24 18.83
N ASN C 267 -69.78 -47.39 19.10
CA ASN C 267 -69.57 -46.02 19.54
C ASN C 267 -68.87 -45.95 20.89
N ALA C 268 -67.79 -45.17 20.96
CA ALA C 268 -66.98 -45.07 22.17
C ALA C 268 -67.77 -44.59 23.38
N ALA C 269 -68.74 -43.71 23.16
CA ALA C 269 -69.45 -43.13 24.29
C ALA C 269 -70.65 -43.96 24.74
N SER C 270 -70.96 -45.03 24.02
CA SER C 270 -72.14 -45.80 24.38
C SER C 270 -71.86 -46.76 25.54
N PRO C 271 -72.79 -46.84 26.51
CA PRO C 271 -72.79 -47.74 27.64
C PRO C 271 -73.28 -49.13 27.25
N ASN C 272 -73.79 -49.24 26.03
CA ASN C 272 -74.40 -50.48 25.58
C ASN C 272 -73.32 -51.39 25.01
N LYS C 273 -72.28 -51.60 25.79
CA LYS C 273 -71.14 -52.39 25.35
C LYS C 273 -71.46 -53.87 25.40
N GLU C 274 -72.07 -54.32 26.49
CA GLU C 274 -72.46 -55.70 26.64
C GLU C 274 -73.62 -56.00 25.71
N LEU C 275 -74.51 -55.03 25.56
CA LEU C 275 -75.67 -55.16 24.70
C LEU C 275 -75.27 -55.24 23.24
N ALA C 276 -74.41 -54.32 22.80
CA ALA C 276 -73.94 -54.34 21.43
C ALA C 276 -73.12 -55.59 21.17
N LYS C 277 -72.30 -55.99 22.14
CA LYS C 277 -71.47 -57.17 22.00
C LYS C 277 -72.32 -58.41 21.83
N GLU C 278 -73.31 -58.62 22.70
CA GLU C 278 -74.13 -59.82 22.60
C GLU C 278 -74.96 -59.80 21.32
N PHE C 279 -75.48 -58.64 20.97
CA PHE C 279 -76.25 -58.53 19.73
C PHE C 279 -75.45 -59.02 18.54
N LEU C 280 -74.23 -58.49 18.40
CA LEU C 280 -73.41 -58.85 17.28
C LEU C 280 -72.86 -60.27 17.38
N GLU C 281 -72.42 -60.66 18.58
CA GLU C 281 -71.75 -61.94 18.76
C GLU C 281 -72.64 -63.17 18.67
N ASN C 282 -73.81 -63.14 19.30
CA ASN C 282 -74.63 -64.34 19.37
C ASN C 282 -75.90 -64.29 18.55
N TYR C 283 -76.08 -63.24 17.76
CA TYR C 283 -77.28 -63.12 16.94
C TYR C 283 -76.92 -62.79 15.51
N LEU C 284 -76.26 -61.65 15.29
CA LEU C 284 -75.91 -61.29 13.93
C LEU C 284 -74.83 -62.19 13.36
N LEU C 285 -73.75 -62.43 14.11
CA LEU C 285 -72.68 -63.28 13.61
C LEU C 285 -73.00 -64.76 13.80
N THR C 286 -74.11 -65.16 13.21
CA THR C 286 -74.56 -66.54 13.19
C THR C 286 -75.01 -66.86 11.78
N ASP C 287 -75.24 -68.13 11.48
CA ASP C 287 -75.69 -68.48 10.15
C ASP C 287 -77.08 -67.93 9.89
N GLU C 288 -77.92 -67.95 10.91
CA GLU C 288 -79.29 -67.46 10.81
C GLU C 288 -79.30 -65.94 10.65
N GLY C 289 -78.44 -65.27 11.41
CA GLY C 289 -78.35 -63.82 11.36
C GLY C 289 -77.90 -63.35 10.00
N LEU C 290 -76.91 -64.04 9.44
CA LEU C 290 -76.36 -63.67 8.15
C LEU C 290 -77.32 -64.00 7.03
N GLU C 291 -78.10 -65.07 7.20
CA GLU C 291 -79.10 -65.39 6.19
C GLU C 291 -80.15 -64.28 6.14
N ALA C 292 -80.54 -63.77 7.31
CA ALA C 292 -81.53 -62.70 7.34
C ALA C 292 -81.03 -61.49 6.57
N VAL C 293 -79.73 -61.21 6.68
CA VAL C 293 -79.13 -60.08 5.99
C VAL C 293 -78.99 -60.35 4.49
N ASN C 294 -78.42 -61.50 4.17
CA ASN C 294 -78.16 -61.91 2.79
C ASN C 294 -79.46 -62.04 1.99
N LYS C 295 -80.54 -62.43 2.69
CA LYS C 295 -81.85 -62.57 2.07
C LYS C 295 -82.33 -61.28 1.42
N ASP C 296 -82.01 -60.13 2.03
CA ASP C 296 -82.45 -58.85 1.50
C ASP C 296 -81.53 -58.42 0.37
N LYS C 297 -80.23 -58.43 0.65
CA LYS C 297 -79.22 -58.05 -0.33
C LYS C 297 -77.97 -58.91 -0.16
N PRO C 298 -77.60 -59.70 -1.18
CA PRO C 298 -76.47 -60.60 -1.17
C PRO C 298 -75.21 -59.90 -0.68
N LEU C 299 -74.51 -60.53 0.25
CA LEU C 299 -73.30 -59.98 0.83
C LEU C 299 -72.04 -60.44 0.13
N GLY C 300 -72.20 -61.32 -0.85
CA GLY C 300 -71.06 -61.92 -1.50
C GLY C 300 -70.35 -62.83 -0.51
N ALA C 301 -69.05 -62.61 -0.31
CA ALA C 301 -68.32 -63.43 0.64
C ALA C 301 -68.47 -62.83 2.03
N VAL C 302 -68.67 -63.69 3.01
CA VAL C 302 -68.97 -63.28 4.37
C VAL C 302 -67.90 -63.73 5.36
N ALA C 303 -67.70 -62.95 6.42
CA ALA C 303 -66.67 -63.20 7.42
C ALA C 303 -66.89 -64.51 8.20
N LEU C 304 -68.13 -64.99 8.24
CA LEU C 304 -68.47 -66.20 9.00
C LEU C 304 -67.95 -67.47 8.34
N LYS C 305 -67.24 -68.30 9.12
CA LYS C 305 -66.70 -69.54 8.59
C LYS C 305 -67.77 -70.51 8.12
N SER C 306 -68.81 -70.68 8.94
CA SER C 306 -69.85 -71.65 8.63
C SER C 306 -70.75 -71.17 7.50
N TYR C 307 -71.00 -69.87 7.47
CA TYR C 307 -71.91 -69.32 6.48
C TYR C 307 -71.30 -69.43 5.09
N GLU C 308 -69.99 -69.19 4.98
CA GLU C 308 -69.32 -69.33 3.69
C GLU C 308 -69.35 -70.75 3.18
N GLU C 309 -69.24 -71.72 4.08
CA GLU C 309 -69.33 -73.11 3.64
C GLU C 309 -70.71 -73.37 3.09
N GLU C 310 -71.73 -72.80 3.73
CA GLU C 310 -73.10 -72.95 3.26
C GLU C 310 -73.30 -72.30 1.89
N LEU C 311 -72.58 -71.19 1.65
CA LEU C 311 -72.68 -70.47 0.38
C LEU C 311 -71.69 -70.97 -0.67
N VAL C 312 -70.95 -72.04 -0.37
CA VAL C 312 -69.95 -72.56 -1.31
C VAL C 312 -70.62 -73.03 -2.60
N LYS C 313 -71.94 -73.20 -2.53
CA LYS C 313 -72.76 -73.60 -3.67
C LYS C 313 -72.62 -72.62 -4.82
N ASP C 314 -72.19 -71.40 -4.53
CA ASP C 314 -71.98 -70.38 -5.54
C ASP C 314 -70.49 -70.06 -5.68
N PRO C 315 -69.82 -70.57 -6.72
CA PRO C 315 -68.39 -70.45 -7.00
C PRO C 315 -67.90 -69.01 -7.02
N ARG C 316 -68.82 -68.07 -7.24
CA ARG C 316 -68.43 -66.68 -7.31
C ARG C 316 -68.03 -66.20 -5.92
N ILE C 317 -68.73 -66.71 -4.93
CA ILE C 317 -68.50 -66.34 -3.55
C ILE C 317 -67.27 -67.05 -3.06
N ALA C 318 -67.15 -68.32 -3.42
CA ALA C 318 -66.00 -69.10 -3.00
C ALA C 318 -64.73 -68.49 -3.58
N ALA C 319 -64.77 -68.08 -4.85
CA ALA C 319 -63.61 -67.46 -5.49
C ALA C 319 -63.26 -66.16 -4.79
N THR C 320 -64.28 -65.40 -4.40
CA THR C 320 -64.05 -64.12 -3.74
C THR C 320 -63.31 -64.32 -2.42
N MET C 321 -63.75 -65.28 -1.63
CA MET C 321 -63.09 -65.54 -0.36
C MET C 321 -61.70 -66.11 -0.58
N GLU C 322 -61.53 -66.94 -1.60
CA GLU C 322 -60.20 -67.48 -1.89
C GLU C 322 -59.24 -66.36 -2.26
N ASN C 323 -59.74 -65.38 -3.02
CA ASN C 323 -58.93 -64.23 -3.38
C ASN C 323 -58.61 -63.39 -2.15
N ALA C 324 -59.59 -63.25 -1.26
CA ALA C 324 -59.41 -62.47 -0.05
C ALA C 324 -58.38 -63.13 0.86
N GLN C 325 -58.41 -64.45 0.93
CA GLN C 325 -57.45 -65.19 1.76
C GLN C 325 -56.03 -64.99 1.25
N LYS C 326 -55.88 -64.94 -0.07
CA LYS C 326 -54.59 -64.76 -0.69
C LYS C 326 -54.25 -63.28 -0.89
N GLY C 327 -55.21 -62.41 -0.67
CA GLY C 327 -55.05 -60.98 -0.91
C GLY C 327 -54.40 -60.25 0.26
N GLU C 328 -54.48 -58.92 0.21
CA GLU C 328 -53.86 -58.04 1.20
C GLU C 328 -54.93 -57.22 1.92
N ILE C 329 -54.95 -57.25 3.24
CA ILE C 329 -55.94 -56.43 3.95
C ILE C 329 -55.65 -54.97 3.67
N MET C 330 -56.67 -54.25 3.23
CA MET C 330 -56.50 -52.84 2.90
C MET C 330 -56.29 -52.03 4.19
N PRO C 331 -55.13 -51.41 4.39
CA PRO C 331 -54.75 -50.72 5.61
C PRO C 331 -55.80 -49.67 5.99
N ASN C 332 -56.00 -49.53 7.29
CA ASN C 332 -57.00 -48.60 7.81
C ASN C 332 -56.37 -47.33 8.35
N ILE C 333 -55.13 -47.10 7.98
CA ILE C 333 -54.43 -45.92 8.45
C ILE C 333 -54.68 -44.78 7.47
N PRO C 334 -54.88 -43.56 7.95
CA PRO C 334 -55.23 -42.37 7.19
C PRO C 334 -54.17 -42.04 6.15
N GLN C 335 -52.98 -42.61 6.32
CA GLN C 335 -51.90 -42.43 5.36
C GLN C 335 -52.25 -43.04 4.02
N MET C 336 -53.29 -43.86 3.99
CA MET C 336 -53.73 -44.44 2.74
C MET C 336 -54.22 -43.37 1.78
N SER C 337 -54.70 -42.25 2.30
CA SER C 337 -55.16 -41.21 1.39
C SER C 337 -54.00 -40.71 0.56
N ALA C 338 -52.81 -40.67 1.17
CA ALA C 338 -51.61 -40.27 0.46
C ALA C 338 -51.19 -41.36 -0.49
N PHE C 339 -51.32 -42.61 -0.03
CA PHE C 339 -50.96 -43.76 -0.85
C PHE C 339 -51.78 -43.78 -2.12
N TRP C 340 -53.10 -43.66 -1.98
CA TRP C 340 -53.96 -43.73 -3.13
C TRP C 340 -53.56 -42.68 -4.16
N TYR C 341 -53.23 -41.49 -3.69
CA TYR C 341 -52.77 -40.45 -4.59
C TYR C 341 -51.45 -40.88 -5.24
N ALA C 342 -50.54 -41.38 -4.42
CA ALA C 342 -49.21 -41.78 -4.88
C ALA C 342 -49.29 -42.83 -5.99
N VAL C 343 -50.22 -43.77 -5.87
CA VAL C 343 -50.35 -44.76 -6.93
C VAL C 343 -51.13 -44.21 -8.13
N ARG C 344 -52.12 -43.37 -7.88
CA ARG C 344 -52.89 -42.78 -8.98
C ARG C 344 -51.99 -42.04 -9.96
N THR C 345 -51.00 -41.33 -9.43
CA THR C 345 -50.09 -40.57 -10.26
C THR C 345 -48.89 -41.40 -10.69
N ALA C 346 -48.86 -42.66 -10.27
CA ALA C 346 -47.78 -43.56 -10.62
C ALA C 346 -48.16 -44.37 -11.83
N VAL C 347 -49.27 -45.08 -11.74
CA VAL C 347 -49.67 -46.00 -12.79
C VAL C 347 -50.05 -45.27 -14.07
N ILE C 348 -50.78 -44.17 -13.95
CA ILE C 348 -51.22 -43.44 -15.13
C ILE C 348 -50.05 -42.84 -15.89
N ASN C 349 -49.09 -42.27 -15.16
CA ASN C 349 -47.93 -41.68 -15.81
C ASN C 349 -46.93 -42.74 -16.26
N ALA C 350 -46.85 -43.85 -15.51
CA ALA C 350 -45.95 -44.93 -15.89
C ALA C 350 -46.41 -45.56 -17.20
N ALA C 351 -47.71 -45.62 -17.40
CA ALA C 351 -48.29 -46.18 -18.61
C ALA C 351 -47.86 -45.40 -19.83
N SER C 352 -47.76 -44.08 -19.70
CA SER C 352 -47.37 -43.23 -20.82
C SER C 352 -46.82 -41.88 -20.36
N GLY C 353 -45.63 -41.53 -20.84
CA GLY C 353 -45.01 -40.23 -20.54
C GLY C 353 -43.66 -40.38 -19.84
N ARG C 354 -43.43 -41.51 -19.20
CA ARG C 354 -42.16 -41.78 -18.53
C ARG C 354 -42.00 -43.26 -18.23
N GLN C 355 -40.82 -43.65 -17.75
CA GLN C 355 -40.57 -45.07 -17.43
C GLN C 355 -40.94 -45.40 -16.00
N THR C 356 -41.05 -46.70 -15.70
CA THR C 356 -41.39 -47.16 -14.37
C THR C 356 -40.26 -46.91 -13.40
N VAL C 357 -39.03 -46.85 -13.90
CA VAL C 357 -37.90 -46.50 -13.07
C VAL C 357 -37.90 -45.00 -12.78
N ASP C 358 -38.43 -44.22 -13.72
CA ASP C 358 -38.50 -42.77 -13.57
C ASP C 358 -39.57 -42.39 -12.57
N GLU C 359 -40.66 -43.13 -12.60
CA GLU C 359 -41.82 -42.83 -11.78
C GLU C 359 -41.53 -42.75 -10.30
N ALA C 360 -40.70 -43.65 -9.80
CA ALA C 360 -40.42 -43.69 -8.37
C ALA C 360 -39.24 -42.82 -7.98
N LEU C 361 -38.58 -42.20 -8.96
CA LEU C 361 -37.35 -41.50 -8.65
C LEU C 361 -37.56 -40.03 -8.30
N LYS C 362 -38.30 -39.78 -7.22
CA LYS C 362 -38.48 -38.45 -6.63
C LYS C 362 -38.82 -37.33 -7.62
N ASP C 363 -39.48 -37.64 -8.73
CA ASP C 363 -39.67 -36.61 -9.75
C ASP C 363 -38.35 -35.91 -10.03
N ALA C 364 -37.29 -36.70 -10.23
CA ALA C 364 -35.94 -36.18 -10.44
C ALA C 364 -35.90 -35.20 -11.61
N GLN C 365 -36.87 -35.31 -12.51
CA GLN C 365 -36.94 -34.38 -13.63
C GLN C 365 -37.65 -33.12 -13.16
N THR C 366 -36.85 -32.12 -12.81
CA THR C 366 -37.31 -30.88 -12.21
C THR C 366 -37.42 -29.79 -13.26
N TYR C 367 -37.40 -30.23 -14.52
CA TYR C 367 -37.44 -29.39 -15.70
C TYR C 367 -36.14 -28.64 -15.93
N ARG C 368 -35.68 -27.91 -14.93
CA ARG C 368 -34.43 -27.18 -15.09
C ARG C 368 -33.35 -28.10 -15.62
N LYS C 369 -33.18 -29.26 -14.99
CA LYS C 369 -32.18 -30.22 -15.43
C LYS C 369 -32.57 -30.89 -16.73
N LYS C 370 -33.87 -31.16 -16.89
CA LYS C 370 -34.36 -31.82 -18.08
C LYS C 370 -34.01 -31.00 -19.32
N TYR C 371 -34.23 -29.69 -19.22
CA TYR C 371 -33.91 -28.79 -20.30
C TYR C 371 -32.42 -28.69 -20.52
N ARG C 372 -31.66 -28.55 -19.43
CA ARG C 372 -30.22 -28.46 -19.58
C ARG C 372 -29.68 -29.66 -20.34
N LYS C 373 -30.18 -30.86 -20.00
CA LYS C 373 -29.74 -32.06 -20.68
C LYS C 373 -30.21 -32.10 -22.14
N TYR C 374 -31.45 -31.65 -22.37
CA TYR C 374 -31.96 -31.55 -23.73
C TYR C 374 -31.03 -30.70 -24.58
N VAL C 375 -30.64 -29.55 -24.05
CA VAL C 375 -29.71 -28.67 -24.72
C VAL C 375 -28.35 -29.34 -24.88
N ARG C 376 -27.88 -29.99 -23.82
CA ARG C 376 -26.59 -30.66 -23.86
C ARG C 376 -26.53 -31.65 -25.01
N SER C 377 -27.59 -32.43 -25.17
CA SER C 377 -27.66 -33.43 -26.24
C SER C 377 -27.86 -32.79 -27.61
N ARG C 378 -28.83 -31.89 -27.71
CA ARG C 378 -29.19 -31.29 -28.98
C ARG C 378 -28.03 -30.59 -29.65
N PHE C 379 -27.17 -29.96 -28.86
CA PHE C 379 -26.09 -29.18 -29.43
C PHE C 379 -24.74 -29.88 -29.39
N GLN C 380 -24.73 -31.21 -29.31
CA GLN C 380 -23.46 -31.95 -29.38
C GLN C 380 -22.90 -31.92 -30.80
N CYS C 381 -23.78 -31.85 -31.79
CA CYS C 381 -23.35 -31.79 -33.18
C CYS C 381 -23.33 -30.35 -33.66
N ILE C 382 -22.34 -30.03 -34.48
CA ILE C 382 -22.13 -28.67 -34.98
C ILE C 382 -23.32 -28.14 -35.79
N GLU C 383 -24.03 -29.03 -36.47
CA GLU C 383 -25.19 -28.63 -37.26
C GLU C 383 -26.46 -29.37 -36.82
N ASP C 384 -26.32 -30.64 -36.48
CA ASP C 384 -27.45 -31.50 -36.10
C ASP C 384 -28.55 -31.50 -37.16
N ARG C 385 -28.15 -31.70 -38.40
CA ARG C 385 -29.06 -31.73 -39.53
C ARG C 385 -28.39 -32.48 -40.68
N ASN C 386 -28.97 -32.41 -41.87
CA ASN C 386 -28.45 -33.10 -43.04
C ASN C 386 -27.29 -32.32 -43.68
N ALA C 387 -26.72 -32.85 -44.76
CA ALA C 387 -25.64 -32.23 -45.53
C ALA C 387 -24.26 -32.26 -44.85
N ARG C 388 -23.70 -33.46 -44.69
CA ARG C 388 -22.32 -33.62 -44.19
C ARG C 388 -21.64 -34.86 -44.77
N LEU C 389 -21.85 -35.11 -46.06
CA LEU C 389 -21.22 -36.23 -46.74
C LEU C 389 -21.44 -37.56 -46.02
N GLY C 390 -22.70 -37.86 -45.68
CA GLY C 390 -23.03 -39.09 -44.96
C GLY C 390 -23.70 -38.79 -43.62
N GLU C 391 -23.81 -37.51 -43.30
CA GLU C 391 -24.46 -36.99 -42.08
C GLU C 391 -23.77 -37.44 -40.80
N SER C 392 -22.47 -37.68 -40.84
CA SER C 392 -21.74 -38.06 -39.64
C SER C 392 -21.70 -36.91 -38.66
N VAL C 393 -21.60 -37.21 -37.37
CA VAL C 393 -21.47 -36.16 -36.39
C VAL C 393 -20.06 -35.58 -36.48
N SER C 394 -19.98 -34.27 -36.64
CA SER C 394 -18.70 -33.58 -36.79
C SER C 394 -17.94 -33.53 -35.47
N LEU C 395 -18.69 -33.48 -34.37
CA LEU C 395 -18.14 -33.41 -33.02
C LEU C 395 -17.71 -31.98 -32.74
N ASN C 396 -18.29 -31.37 -31.71
CA ASN C 396 -18.04 -29.96 -31.44
C ASN C 396 -16.67 -29.72 -30.81
N LYS C 397 -15.92 -30.79 -30.58
CA LYS C 397 -14.56 -30.65 -30.10
C LYS C 397 -13.68 -30.07 -31.21
N ARG C 398 -14.23 -30.06 -32.44
CA ARG C 398 -13.55 -29.50 -33.60
C ARG C 398 -13.54 -27.98 -33.54
N TYR C 399 -14.31 -27.41 -32.62
CA TYR C 399 -14.38 -25.97 -32.52
C TYR C 399 -13.00 -25.38 -32.32
N THR C 400 -12.68 -24.40 -33.14
CA THR C 400 -11.41 -23.72 -33.04
C THR C 400 -11.68 -22.33 -32.50
N ARG C 401 -10.98 -21.96 -31.45
CA ARG C 401 -11.25 -20.70 -30.76
C ARG C 401 -11.20 -19.51 -31.69
N LEU C 402 -12.26 -18.71 -31.63
CA LEU C 402 -12.36 -17.47 -32.39
C LEU C 402 -11.89 -16.33 -31.52
N ARG C 403 -11.42 -15.26 -32.14
CA ARG C 403 -10.96 -14.12 -31.36
C ARG C 403 -12.13 -13.22 -30.97
N LEU C 404 -12.27 -12.95 -29.69
CA LEU C 404 -13.33 -12.08 -29.23
C LEU C 404 -12.76 -10.83 -28.59
N ILE C 405 -13.11 -9.67 -29.13
CA ILE C 405 -12.63 -8.41 -28.56
C ILE C 405 -13.78 -7.45 -28.33
N LYS C 406 -13.60 -6.52 -27.40
CA LYS C 406 -14.61 -5.49 -27.20
C LYS C 406 -14.51 -4.44 -28.30
N GLU C 407 -15.64 -3.92 -28.73
CA GLU C 407 -15.63 -2.89 -29.75
C GLU C 407 -14.87 -1.66 -29.28
N SER C 432 -7.23 -5.91 -25.63
CA SER C 432 -7.07 -7.24 -25.06
C SER C 432 -8.27 -8.12 -25.40
N PRO C 433 -8.06 -9.43 -25.62
CA PRO C 433 -9.07 -10.43 -25.89
C PRO C 433 -9.90 -10.70 -24.65
N ILE C 434 -11.12 -11.19 -24.85
CA ILE C 434 -11.99 -11.50 -23.73
C ILE C 434 -12.43 -12.94 -23.72
N LYS C 435 -13.00 -13.36 -22.61
CA LYS C 435 -13.49 -14.72 -22.45
C LYS C 435 -15.01 -14.76 -22.57
N MET C 436 -15.54 -15.94 -22.85
CA MET C 436 -16.98 -16.14 -22.92
C MET C 436 -17.59 -15.99 -21.53
N GLU C 437 -16.80 -16.29 -20.50
CA GLU C 437 -17.21 -16.10 -19.13
C GLU C 437 -16.96 -14.64 -18.74
N LEU C 438 -17.70 -14.15 -17.75
CA LEU C 438 -17.61 -12.76 -17.28
C LEU C 438 -18.19 -11.80 -18.32
N LEU C 439 -18.75 -12.35 -19.38
CA LEU C 439 -19.28 -11.58 -20.50
C LEU C 439 -20.39 -10.62 -20.09
N PHE C 440 -21.21 -11.02 -19.12
CA PHE C 440 -22.33 -10.21 -18.69
C PHE C 440 -22.07 -9.44 -17.41
N ASP C 441 -20.85 -9.53 -16.90
CA ASP C 441 -20.52 -8.87 -15.65
C ASP C 441 -20.40 -7.37 -15.85
N PRO C 442 -20.56 -6.58 -14.79
CA PRO C 442 -20.30 -5.17 -14.74
C PRO C 442 -18.88 -4.87 -15.20
N ASP C 443 -18.68 -3.70 -15.79
CA ASP C 443 -17.37 -3.31 -16.27
C ASP C 443 -16.53 -2.87 -15.08
N ASP C 444 -15.38 -2.27 -15.34
CA ASP C 444 -14.46 -1.86 -14.30
C ASP C 444 -15.14 -1.60 -12.95
N GLU C 445 -16.22 -0.82 -12.95
CA GLU C 445 -16.88 -0.48 -11.69
C GLU C 445 -18.31 0.02 -11.88
N HIS C 446 -18.72 0.97 -11.03
CA HIS C 446 -20.05 1.58 -11.06
C HIS C 446 -21.17 0.61 -10.71
N SER C 447 -20.82 -0.64 -10.41
CA SER C 447 -21.81 -1.68 -10.12
C SER C 447 -22.89 -1.70 -11.19
N GLU C 448 -22.49 -1.56 -12.46
CA GLU C 448 -23.46 -1.54 -13.56
C GLU C 448 -23.32 -2.76 -14.49
N PRO C 449 -24.21 -3.76 -14.34
CA PRO C 449 -24.22 -5.02 -15.08
C PRO C 449 -24.74 -4.79 -16.48
N VAL C 450 -24.46 -5.73 -17.38
CA VAL C 450 -24.99 -5.58 -18.73
C VAL C 450 -25.99 -6.67 -19.05
N HIS C 451 -27.14 -6.25 -19.54
CA HIS C 451 -28.18 -7.19 -19.91
C HIS C 451 -28.03 -7.61 -21.37
N THR C 452 -27.71 -6.65 -22.24
CA THR C 452 -27.64 -6.95 -23.66
C THR C 452 -26.21 -6.96 -24.19
N VAL C 453 -25.84 -8.07 -24.81
CA VAL C 453 -24.53 -8.24 -25.41
C VAL C 453 -24.68 -8.58 -26.88
N VAL C 454 -23.96 -7.86 -27.74
CA VAL C 454 -24.10 -8.09 -29.18
C VAL C 454 -22.81 -8.55 -29.81
N PHE C 455 -22.86 -9.69 -30.47
CA PHE C 455 -21.72 -10.26 -31.18
C PHE C 455 -21.81 -9.97 -32.65
N GLN C 456 -20.93 -9.13 -33.15
CA GLN C 456 -20.98 -8.75 -34.54
C GLN C 456 -19.82 -9.38 -35.28
N GLY C 457 -20.05 -9.71 -36.55
CA GLY C 457 -18.99 -10.23 -37.38
C GLY C 457 -19.53 -10.58 -38.76
N ALA C 458 -18.63 -10.80 -39.69
CA ALA C 458 -19.02 -11.08 -41.06
C ALA C 458 -19.73 -12.40 -41.16
N ALA C 459 -20.56 -12.54 -42.18
CA ALA C 459 -21.20 -13.81 -42.40
C ALA C 459 -20.12 -14.84 -42.64
N GLY C 460 -20.23 -16.00 -42.01
CA GLY C 460 -19.22 -17.04 -42.19
C GLY C 460 -18.10 -16.92 -41.17
N ILE C 461 -18.21 -15.93 -40.27
CA ILE C 461 -17.17 -15.73 -39.27
C ILE C 461 -17.31 -16.69 -38.10
N GLY C 462 -18.49 -17.29 -37.93
CA GLY C 462 -18.69 -18.22 -36.82
C GLY C 462 -19.65 -17.71 -35.74
N LYS C 463 -20.61 -16.89 -36.14
CA LYS C 463 -21.58 -16.37 -35.19
C LYS C 463 -22.44 -17.47 -34.58
N THR C 464 -22.89 -18.39 -35.42
CA THR C 464 -23.81 -19.42 -34.98
C THR C 464 -23.06 -20.50 -34.25
N ILE C 465 -21.84 -20.73 -34.69
CA ILE C 465 -21.03 -21.77 -34.11
C ILE C 465 -20.67 -21.37 -32.69
N LEU C 466 -20.35 -20.10 -32.50
CA LEU C 466 -20.05 -19.62 -31.18
C LEU C 466 -21.27 -19.74 -30.27
N ALA C 467 -22.45 -19.37 -30.79
CA ALA C 467 -23.67 -19.45 -29.99
C ALA C 467 -23.96 -20.90 -29.60
N ARG C 468 -23.78 -21.82 -30.53
CA ARG C 468 -24.03 -23.22 -30.25
C ARG C 468 -23.02 -23.76 -29.24
N LYS C 469 -21.76 -23.36 -29.39
CA LYS C 469 -20.74 -23.79 -28.45
C LYS C 469 -21.06 -23.26 -27.07
N MET C 470 -21.51 -22.00 -27.01
CA MET C 470 -21.83 -21.37 -25.74
C MET C 470 -22.92 -22.14 -25.01
N MET C 471 -23.98 -22.52 -25.72
CA MET C 471 -25.06 -23.26 -25.11
C MET C 471 -24.63 -24.63 -24.66
N LEU C 472 -23.79 -25.28 -25.45
CA LEU C 472 -23.31 -26.60 -25.07
C LEU C 472 -22.47 -26.51 -23.81
N ASP C 473 -21.57 -25.52 -23.76
CA ASP C 473 -20.72 -25.33 -22.59
C ASP C 473 -21.55 -25.02 -21.35
N TRP C 474 -22.58 -24.22 -21.51
CA TRP C 474 -23.46 -23.94 -20.41
C TRP C 474 -24.19 -25.19 -19.93
N ALA C 475 -24.76 -25.93 -20.87
CA ALA C 475 -25.51 -27.13 -20.52
C ALA C 475 -24.64 -28.13 -19.78
N SER C 476 -23.37 -28.19 -20.15
CA SER C 476 -22.41 -29.11 -19.53
C SER C 476 -21.89 -28.59 -18.20
N GLY C 477 -22.30 -27.37 -17.81
CA GLY C 477 -21.90 -26.79 -16.55
C GLY C 477 -20.50 -26.18 -16.58
N THR C 478 -20.07 -25.72 -17.75
CA THR C 478 -18.74 -25.15 -17.87
C THR C 478 -18.76 -23.65 -18.15
N LEU C 479 -19.96 -23.07 -18.16
CA LEU C 479 -20.10 -21.64 -18.46
C LEU C 479 -21.40 -21.06 -17.91
N TYR C 480 -21.30 -19.95 -17.17
CA TYR C 480 -22.47 -19.27 -16.60
C TYR C 480 -23.26 -20.18 -15.67
N GLN C 481 -22.56 -21.04 -14.92
CA GLN C 481 -23.23 -22.01 -14.07
C GLN C 481 -24.07 -21.34 -12.99
N ASP C 482 -23.59 -20.22 -12.48
CA ASP C 482 -24.25 -19.53 -11.40
C ASP C 482 -25.20 -18.44 -11.89
N ARG C 483 -24.89 -17.87 -13.05
CA ARG C 483 -25.61 -16.70 -13.55
C ARG C 483 -26.96 -17.04 -14.18
N PHE C 484 -27.04 -18.10 -14.98
CA PHE C 484 -28.30 -18.37 -15.66
C PHE C 484 -28.84 -19.76 -15.40
N ASP C 485 -30.15 -19.84 -15.17
CA ASP C 485 -30.82 -21.12 -15.03
C ASP C 485 -31.27 -21.64 -16.38
N TYR C 486 -31.58 -20.72 -17.30
CA TYR C 486 -32.04 -21.12 -18.62
C TYR C 486 -31.40 -20.32 -19.74
N LEU C 487 -31.12 -20.99 -20.86
CA LEU C 487 -30.74 -20.34 -22.10
C LEU C 487 -31.76 -20.68 -23.16
N PHE C 488 -32.41 -19.68 -23.73
CA PHE C 488 -33.40 -19.93 -24.75
C PHE C 488 -32.91 -19.50 -26.12
N TYR C 489 -32.72 -20.48 -26.98
CA TYR C 489 -32.18 -20.22 -28.31
C TYR C 489 -33.25 -19.73 -29.25
N ILE C 490 -33.00 -18.59 -29.86
CA ILE C 490 -33.89 -18.05 -30.85
C ILE C 490 -33.19 -18.06 -32.18
N HIS C 491 -33.64 -18.91 -33.09
CA HIS C 491 -32.99 -18.99 -34.38
C HIS C 491 -33.74 -18.07 -35.31
N CYS C 492 -33.12 -16.98 -35.70
CA CYS C 492 -33.79 -15.95 -36.46
C CYS C 492 -34.15 -16.42 -37.85
N ARG C 493 -33.51 -17.52 -38.25
CA ARG C 493 -33.77 -18.16 -39.51
C ARG C 493 -35.14 -18.83 -39.50
N GLU C 494 -35.60 -19.18 -38.31
CA GLU C 494 -36.83 -19.94 -38.14
C GLU C 494 -37.99 -19.03 -37.74
N VAL C 495 -37.68 -17.93 -37.06
CA VAL C 495 -38.71 -17.02 -36.60
C VAL C 495 -39.06 -15.97 -37.65
N SER C 496 -40.29 -16.02 -38.14
CA SER C 496 -40.74 -15.04 -39.12
C SER C 496 -41.18 -13.77 -38.41
N LEU C 497 -41.26 -12.68 -39.13
CA LEU C 497 -41.64 -11.39 -38.55
C LEU C 497 -43.13 -11.09 -38.66
N VAL C 498 -43.83 -11.83 -39.50
CA VAL C 498 -45.22 -11.53 -39.76
C VAL C 498 -46.19 -12.55 -39.17
N THR C 499 -45.66 -13.65 -38.64
CA THR C 499 -46.50 -14.67 -38.05
C THR C 499 -46.89 -14.27 -36.64
N GLN C 500 -48.18 -14.23 -36.35
CA GLN C 500 -48.62 -13.83 -35.03
C GLN C 500 -48.39 -14.94 -34.00
N ARG C 501 -47.82 -14.57 -32.87
CA ARG C 501 -47.60 -15.50 -31.77
C ARG C 501 -47.32 -14.76 -30.47
N SER C 502 -47.56 -15.42 -29.36
CA SER C 502 -47.16 -14.91 -28.05
C SER C 502 -45.72 -15.33 -27.83
N LEU C 503 -45.18 -15.13 -26.65
CA LEU C 503 -43.80 -15.54 -26.44
C LEU C 503 -43.76 -17.05 -26.24
N GLY C 504 -44.12 -17.78 -27.29
CA GLY C 504 -44.20 -19.23 -27.31
C GLY C 504 -42.93 -19.81 -27.86
N ASP C 505 -41.99 -18.95 -28.22
CA ASP C 505 -40.70 -19.37 -28.74
C ASP C 505 -39.97 -20.09 -27.62
N LEU C 506 -40.42 -19.84 -26.39
CA LEU C 506 -39.91 -20.49 -25.21
C LEU C 506 -40.24 -21.97 -25.27
N ILE C 507 -41.34 -22.31 -25.93
CA ILE C 507 -41.76 -23.70 -26.05
C ILE C 507 -41.12 -24.31 -27.27
N MET C 508 -41.15 -23.58 -28.37
CA MET C 508 -40.62 -24.08 -29.64
C MET C 508 -39.16 -24.54 -29.51
N SER C 509 -38.39 -23.81 -28.72
CA SER C 509 -36.97 -24.12 -28.53
C SER C 509 -36.69 -24.94 -27.28
N CYS C 510 -37.74 -25.51 -26.69
CA CYS C 510 -37.61 -26.24 -25.45
C CYS C 510 -37.62 -27.75 -25.67
N CYS C 511 -37.51 -28.49 -24.57
CA CYS C 511 -37.56 -29.95 -24.61
C CYS C 511 -38.84 -30.35 -25.32
N PRO C 512 -39.01 -31.62 -25.70
CA PRO C 512 -40.09 -32.16 -26.52
C PRO C 512 -41.47 -31.93 -25.94
N ASP C 513 -41.54 -31.68 -24.64
CA ASP C 513 -42.82 -31.48 -23.98
C ASP C 513 -43.44 -30.16 -24.45
N PRO C 514 -44.61 -30.21 -25.14
CA PRO C 514 -45.29 -29.10 -25.75
C PRO C 514 -45.91 -28.16 -24.72
N ASN C 515 -45.90 -28.57 -23.45
CA ASN C 515 -46.45 -27.73 -22.40
C ASN C 515 -45.52 -27.66 -21.19
N PRO C 516 -44.34 -27.05 -21.33
CA PRO C 516 -43.32 -26.90 -20.31
C PRO C 516 -43.80 -25.86 -19.29
N PRO C 517 -43.12 -25.72 -18.16
CA PRO C 517 -43.48 -24.86 -17.04
C PRO C 517 -43.24 -23.38 -17.34
N ILE C 518 -43.94 -22.87 -18.33
CA ILE C 518 -43.80 -21.48 -18.74
C ILE C 518 -44.18 -20.52 -17.63
N HIS C 519 -45.18 -20.91 -16.84
CA HIS C 519 -45.69 -20.04 -15.78
C HIS C 519 -44.93 -20.19 -14.47
N LYS C 520 -43.83 -20.92 -14.46
CA LYS C 520 -43.07 -21.07 -13.24
C LYS C 520 -41.85 -20.15 -13.23
N ILE C 521 -40.71 -20.70 -12.82
CA ILE C 521 -39.47 -19.93 -12.74
C ILE C 521 -39.05 -19.38 -14.10
N VAL C 522 -39.61 -19.96 -15.16
CA VAL C 522 -39.34 -19.48 -16.50
C VAL C 522 -39.80 -18.03 -16.67
N ARG C 523 -40.69 -17.58 -15.79
CA ARG C 523 -41.13 -16.19 -15.80
C ARG C 523 -40.22 -15.27 -15.00
N LYS C 524 -39.24 -15.84 -14.30
CA LYS C 524 -38.38 -15.06 -13.43
C LYS C 524 -37.15 -14.55 -14.17
N PRO C 525 -37.02 -13.24 -14.36
CA PRO C 525 -35.99 -12.56 -15.11
C PRO C 525 -34.70 -12.55 -14.32
N SER C 526 -33.60 -12.26 -15.01
CA SER C 526 -32.26 -12.14 -14.46
C SER C 526 -31.57 -13.49 -14.34
N ARG C 527 -32.36 -14.55 -14.43
CA ARG C 527 -31.83 -15.91 -14.40
C ARG C 527 -31.96 -16.54 -15.77
N ILE C 528 -32.41 -15.74 -16.72
CA ILE C 528 -32.67 -16.21 -18.08
C ILE C 528 -31.87 -15.41 -19.09
N LEU C 529 -31.18 -16.11 -19.99
CA LEU C 529 -30.50 -15.47 -21.09
C LEU C 529 -31.02 -15.97 -22.44
N PHE C 530 -31.36 -15.04 -23.30
CA PHE C 530 -31.80 -15.36 -24.65
C PHE C 530 -30.65 -15.28 -25.63
N LEU C 531 -30.66 -16.15 -26.64
CA LEU C 531 -29.64 -16.11 -27.68
C LEU C 531 -30.25 -15.90 -29.05
N MET C 532 -30.34 -14.64 -29.46
CA MET C 532 -31.00 -14.27 -30.69
C MET C 532 -30.00 -14.33 -31.83
N ASP C 533 -29.87 -15.52 -32.38
CA ASP C 533 -28.84 -15.84 -33.34
C ASP C 533 -29.22 -15.48 -34.78
N GLY C 534 -28.49 -14.54 -35.37
CA GLY C 534 -28.73 -14.14 -36.75
C GLY C 534 -29.77 -13.03 -36.91
N PHE C 535 -29.61 -11.94 -36.17
CA PHE C 535 -30.55 -10.83 -36.29
C PHE C 535 -30.77 -10.46 -37.76
N ASP C 536 -29.69 -10.46 -38.53
CA ASP C 536 -29.74 -10.11 -39.94
C ASP C 536 -30.51 -11.11 -40.81
N GLU C 537 -30.79 -12.29 -40.26
CA GLU C 537 -31.53 -13.30 -41.00
C GLU C 537 -33.03 -13.22 -40.76
N LEU C 538 -33.47 -12.24 -39.98
CA LEU C 538 -34.89 -12.08 -39.76
C LEU C 538 -35.57 -11.66 -41.04
N GLN C 539 -35.93 -12.65 -41.86
CA GLN C 539 -36.49 -12.38 -43.17
C GLN C 539 -37.75 -11.56 -43.06
N GLY C 540 -37.82 -10.50 -43.87
CA GLY C 540 -38.96 -9.60 -43.87
C GLY C 540 -38.55 -8.21 -43.39
N ALA C 541 -39.37 -7.22 -43.68
CA ALA C 541 -39.06 -5.88 -43.22
C ALA C 541 -39.08 -5.85 -41.70
N PHE C 542 -38.13 -5.13 -41.12
CA PHE C 542 -38.10 -5.01 -39.67
C PHE C 542 -38.15 -3.54 -39.29
N ASP C 543 -39.27 -3.14 -38.73
CA ASP C 543 -39.47 -1.76 -38.36
C ASP C 543 -39.05 -1.53 -36.92
N GLU C 544 -38.03 -0.71 -36.73
CA GLU C 544 -37.52 -0.43 -35.38
C GLU C 544 -38.46 0.53 -34.66
N HIS C 545 -39.37 1.12 -35.42
CA HIS C 545 -40.37 2.02 -34.87
C HIS C 545 -41.75 1.42 -35.05
N ILE C 546 -42.32 0.99 -33.92
CA ILE C 546 -43.61 0.31 -33.90
C ILE C 546 -44.57 0.99 -32.94
N GLY C 547 -45.86 0.72 -33.10
CA GLY C 547 -46.88 1.31 -32.23
C GLY C 547 -46.83 0.73 -30.82
N PRO C 548 -47.35 -0.49 -30.62
CA PRO C 548 -47.34 -1.24 -29.38
C PRO C 548 -45.96 -1.82 -29.11
N LEU C 549 -45.63 -1.98 -27.84
CA LEU C 549 -44.37 -2.62 -27.46
C LEU C 549 -44.60 -3.98 -26.83
N CYS C 550 -45.67 -4.64 -27.24
CA CYS C 550 -46.02 -5.98 -26.75
C CYS C 550 -45.41 -6.32 -25.40
N THR C 551 -45.93 -5.71 -24.36
CA THR C 551 -45.65 -6.14 -23.01
C THR C 551 -46.61 -7.28 -22.70
N ASP C 552 -46.39 -7.98 -21.58
CA ASP C 552 -47.23 -9.13 -21.23
C ASP C 552 -47.01 -10.27 -22.22
N TRP C 553 -46.00 -11.08 -21.92
CA TRP C 553 -45.52 -12.16 -22.77
C TRP C 553 -46.59 -13.11 -23.29
N GLN C 554 -47.68 -13.24 -22.55
CA GLN C 554 -48.73 -14.17 -22.93
C GLN C 554 -49.57 -13.66 -24.10
N LYS C 555 -49.43 -12.38 -24.43
CA LYS C 555 -50.21 -11.79 -25.52
C LYS C 555 -49.62 -12.07 -26.89
N ALA C 556 -50.47 -12.57 -27.81
CA ALA C 556 -50.02 -12.88 -29.16
C ALA C 556 -49.94 -11.64 -30.04
N GLU C 557 -48.81 -11.48 -30.70
CA GLU C 557 -48.61 -10.33 -31.59
C GLU C 557 -47.66 -10.71 -32.73
N ARG C 558 -47.41 -9.81 -33.66
CA ARG C 558 -46.52 -10.11 -34.78
C ARG C 558 -45.07 -10.31 -34.32
N GLY C 559 -44.35 -11.12 -35.09
CA GLY C 559 -42.97 -11.49 -34.78
C GLY C 559 -42.02 -10.30 -34.67
N ASP C 560 -42.21 -9.29 -35.49
CA ASP C 560 -41.31 -8.14 -35.45
C ASP C 560 -41.50 -7.38 -34.14
N ILE C 561 -42.74 -7.24 -33.75
CA ILE C 561 -43.07 -6.58 -32.50
C ILE C 561 -42.57 -7.40 -31.32
N LEU C 562 -42.80 -8.71 -31.36
CA LEU C 562 -42.38 -9.58 -30.27
C LEU C 562 -40.88 -9.51 -30.07
N LEU C 563 -40.14 -9.59 -31.17
CA LEU C 563 -38.69 -9.53 -31.09
C LEU C 563 -38.23 -8.15 -30.64
N SER C 564 -38.87 -7.11 -31.16
CA SER C 564 -38.51 -5.76 -30.78
C SER C 564 -38.73 -5.53 -29.29
N SER C 565 -39.85 -6.03 -28.78
CA SER C 565 -40.18 -5.88 -27.37
C SER C 565 -39.13 -6.57 -26.51
N LEU C 566 -38.68 -7.76 -26.92
CA LEU C 566 -37.64 -8.45 -26.18
C LEU C 566 -36.31 -7.69 -26.29
N ILE C 567 -36.00 -7.21 -27.49
CA ILE C 567 -34.76 -6.49 -27.75
C ILE C 567 -34.68 -5.21 -26.92
N ARG C 568 -35.79 -4.50 -26.83
CA ARG C 568 -35.84 -3.24 -26.11
C ARG C 568 -35.94 -3.43 -24.60
N LYS C 569 -35.96 -4.68 -24.16
CA LYS C 569 -36.08 -5.01 -22.74
C LYS C 569 -37.39 -4.51 -22.15
N LYS C 570 -38.48 -4.60 -22.91
CA LYS C 570 -39.79 -4.25 -22.40
C LYS C 570 -40.53 -5.53 -22.07
N LEU C 571 -40.20 -6.57 -22.81
CA LEU C 571 -40.72 -7.90 -22.60
C LEU C 571 -39.72 -8.67 -21.77
N LEU C 572 -40.16 -9.22 -20.65
CA LEU C 572 -39.23 -9.90 -19.76
C LEU C 572 -38.04 -9.01 -19.43
N PRO C 573 -38.28 -7.85 -18.83
CA PRO C 573 -37.28 -6.88 -18.45
C PRO C 573 -36.39 -7.49 -17.41
N GLU C 574 -35.16 -7.02 -17.36
CA GLU C 574 -34.13 -7.52 -16.45
C GLU C 574 -33.60 -8.88 -16.87
N ALA C 575 -34.16 -9.46 -17.92
CA ALA C 575 -33.61 -10.69 -18.47
C ALA C 575 -32.42 -10.33 -19.34
N SER C 576 -31.50 -11.26 -19.52
CA SER C 576 -30.34 -11.00 -20.36
C SER C 576 -30.61 -11.40 -21.79
N LEU C 577 -29.99 -10.70 -22.72
CA LEU C 577 -30.16 -10.97 -24.14
C LEU C 577 -28.86 -10.89 -24.91
N LEU C 578 -28.52 -11.98 -25.58
CA LEU C 578 -27.35 -12.02 -26.44
C LEU C 578 -27.83 -11.98 -27.87
N ILE C 579 -27.23 -11.11 -28.68
CA ILE C 579 -27.62 -11.04 -30.08
C ILE C 579 -26.41 -11.25 -30.96
N THR C 580 -26.55 -12.06 -32.00
CA THR C 580 -25.47 -12.19 -32.96
C THR C 580 -25.93 -11.50 -34.24
N THR C 581 -25.02 -10.85 -34.94
CA THR C 581 -25.44 -10.16 -36.15
C THR C 581 -24.30 -9.83 -37.10
N ARG C 582 -24.64 -9.70 -38.37
CA ARG C 582 -23.71 -9.13 -39.33
C ARG C 582 -23.67 -7.63 -39.09
N PRO C 583 -22.49 -7.01 -39.09
CA PRO C 583 -22.26 -5.63 -38.72
C PRO C 583 -23.09 -4.68 -39.57
N VAL C 584 -23.43 -5.10 -40.78
CA VAL C 584 -24.25 -4.25 -41.63
C VAL C 584 -25.62 -4.01 -41.02
N ALA C 585 -26.13 -5.00 -40.30
CA ALA C 585 -27.46 -4.93 -39.76
C ALA C 585 -27.50 -4.12 -38.49
N LEU C 586 -26.35 -3.65 -38.03
CA LEU C 586 -26.34 -2.81 -36.85
C LEU C 586 -27.12 -1.54 -37.15
N GLU C 587 -27.16 -1.14 -38.42
CA GLU C 587 -27.93 0.03 -38.80
C GLU C 587 -29.36 -0.04 -38.29
N LYS C 588 -29.93 -1.25 -38.28
CA LYS C 588 -31.32 -1.42 -37.87
C LYS C 588 -31.45 -2.02 -36.48
N LEU C 589 -30.33 -2.18 -35.79
CA LEU C 589 -30.35 -2.79 -34.46
C LEU C 589 -29.95 -1.80 -33.37
N GLN C 590 -29.03 -0.90 -33.70
CA GLN C 590 -28.48 0.03 -32.71
C GLN C 590 -29.55 0.94 -32.12
N HIS C 591 -30.67 1.06 -32.80
CA HIS C 591 -31.74 1.91 -32.32
C HIS C 591 -32.51 1.26 -31.19
N LEU C 592 -32.30 -0.05 -30.97
CA LEU C 592 -33.06 -0.77 -29.96
C LEU C 592 -32.22 -1.31 -28.79
N LEU C 593 -30.96 -0.89 -28.67
CA LEU C 593 -30.10 -1.47 -27.64
C LEU C 593 -29.92 -0.62 -26.38
N ASP C 594 -29.96 0.70 -26.51
CA ASP C 594 -29.78 1.63 -25.39
C ASP C 594 -28.39 1.57 -24.77
N HIS C 595 -28.08 0.47 -24.07
CA HIS C 595 -26.79 0.34 -23.40
C HIS C 595 -26.18 -1.06 -23.52
N PRO C 596 -25.83 -1.50 -24.73
CA PRO C 596 -25.28 -2.79 -25.07
C PRO C 596 -23.78 -2.88 -24.80
N ARG C 597 -23.29 -4.10 -24.70
CA ARG C 597 -21.86 -4.36 -24.78
C ARG C 597 -21.54 -4.99 -26.13
N HIS C 598 -20.85 -4.25 -26.98
CA HIS C 598 -20.54 -4.75 -28.31
C HIS C 598 -19.25 -5.54 -28.34
N VAL C 599 -19.35 -6.75 -28.87
CA VAL C 599 -18.21 -7.66 -29.01
C VAL C 599 -18.04 -8.02 -30.48
N GLU C 600 -16.82 -7.91 -30.97
CA GLU C 600 -16.56 -8.26 -32.36
C GLU C 600 -15.91 -9.62 -32.46
N ILE C 601 -16.38 -10.42 -33.42
CA ILE C 601 -15.79 -11.73 -33.66
C ILE C 601 -14.76 -11.64 -34.77
N LEU C 602 -13.54 -12.05 -34.46
CA LEU C 602 -12.48 -12.05 -35.44
C LEU C 602 -12.15 -13.47 -35.86
N GLY C 603 -11.68 -13.62 -37.08
CA GLY C 603 -11.42 -14.91 -37.68
C GLY C 603 -10.17 -15.56 -37.12
N PHE C 604 -9.71 -16.58 -37.83
CA PHE C 604 -8.60 -17.39 -37.39
C PHE C 604 -7.26 -16.71 -37.62
N SER C 605 -6.39 -16.81 -36.63
CA SER C 605 -5.02 -16.38 -36.77
C SER C 605 -4.26 -17.48 -37.47
N GLU C 606 -3.03 -17.21 -37.88
CA GLU C 606 -2.27 -18.21 -38.62
C GLU C 606 -2.18 -19.51 -37.85
N ALA C 607 -2.00 -19.41 -36.55
CA ALA C 607 -1.91 -20.56 -35.69
C ALA C 607 -3.21 -21.36 -35.68
N LYS C 608 -4.33 -20.66 -35.73
CA LYS C 608 -5.62 -21.33 -35.65
C LYS C 608 -6.02 -21.88 -37.00
N ARG C 609 -5.58 -21.23 -38.08
CA ARG C 609 -5.85 -21.77 -39.40
C ARG C 609 -5.21 -23.15 -39.48
N LYS C 610 -3.99 -23.25 -38.98
CA LYS C 610 -3.26 -24.52 -39.01
C LYS C 610 -3.99 -25.58 -38.20
N GLU C 611 -4.43 -25.23 -36.98
CA GLU C 611 -5.12 -26.22 -36.16
C GLU C 611 -6.37 -26.74 -36.86
N TYR C 612 -7.09 -25.86 -37.51
CA TYR C 612 -8.31 -26.26 -38.21
C TYR C 612 -8.02 -27.36 -39.23
N PHE C 613 -7.00 -27.16 -40.05
CA PHE C 613 -6.68 -28.12 -41.10
C PHE C 613 -6.35 -29.49 -40.54
N PHE C 614 -5.56 -29.51 -39.46
CA PHE C 614 -5.16 -30.77 -38.87
C PHE C 614 -6.31 -31.45 -38.14
N LYS C 615 -7.24 -30.68 -37.60
CA LYS C 615 -8.41 -31.28 -36.99
C LYS C 615 -9.39 -31.80 -38.05
N TYR C 616 -9.55 -31.05 -39.14
CA TYR C 616 -10.48 -31.42 -40.22
C TYR C 616 -10.09 -32.71 -40.91
N PHE C 617 -8.83 -32.81 -41.32
CA PHE C 617 -8.38 -33.98 -42.07
C PHE C 617 -8.06 -35.14 -41.14
N SER C 618 -8.28 -36.35 -41.63
CA SER C 618 -8.15 -37.54 -40.80
C SER C 618 -6.75 -37.79 -40.24
N ASP C 619 -5.71 -37.37 -40.96
CA ASP C 619 -4.34 -37.53 -40.46
C ASP C 619 -3.39 -36.52 -41.08
N GLU C 620 -2.14 -36.55 -40.61
CA GLU C 620 -1.10 -35.64 -41.08
C GLU C 620 -0.81 -35.87 -42.55
N ALA C 621 -0.97 -37.11 -42.99
CA ALA C 621 -0.67 -37.47 -44.36
C ALA C 621 -1.42 -36.58 -45.34
N GLN C 622 -2.62 -36.15 -44.96
CA GLN C 622 -3.39 -35.28 -45.84
C GLN C 622 -3.45 -33.84 -45.31
N ALA C 623 -3.44 -33.68 -43.99
CA ALA C 623 -3.52 -32.36 -43.40
C ALA C 623 -2.30 -31.52 -43.77
N ARG C 624 -1.13 -32.15 -43.81
CA ARG C 624 0.08 -31.41 -44.15
C ARG C 624 0.03 -30.98 -45.59
N ALA C 625 -0.44 -31.86 -46.46
CA ALA C 625 -0.54 -31.52 -47.87
C ALA C 625 -1.53 -30.38 -48.05
N ALA C 626 -2.66 -30.45 -47.36
CA ALA C 626 -3.67 -29.42 -47.47
C ALA C 626 -3.12 -28.09 -47.00
N PHE C 627 -2.41 -28.10 -45.88
CA PHE C 627 -1.85 -26.88 -45.32
C PHE C 627 -0.87 -26.24 -46.28
N SER C 628 0.04 -27.04 -46.83
CA SER C 628 1.04 -26.51 -47.76
C SER C 628 0.39 -26.01 -49.04
N LEU C 629 -0.59 -26.75 -49.55
CA LEU C 629 -1.26 -26.37 -50.78
C LEU C 629 -1.92 -25.01 -50.66
N ILE C 630 -2.48 -24.75 -49.49
CA ILE C 630 -3.15 -23.48 -49.24
C ILE C 630 -2.17 -22.40 -48.83
N GLN C 631 -1.23 -22.72 -47.94
CA GLN C 631 -0.28 -21.72 -47.46
C GLN C 631 0.51 -21.10 -48.60
N GLU C 632 0.80 -21.91 -49.63
CA GLU C 632 1.52 -21.43 -50.80
C GLU C 632 0.71 -20.40 -51.58
N ASN C 633 -0.60 -20.42 -51.40
CA ASN C 633 -1.49 -19.49 -52.06
C ASN C 633 -1.78 -18.34 -51.10
N GLU C 634 -1.04 -17.25 -51.24
CA GLU C 634 -1.13 -16.15 -50.28
C GLU C 634 -2.56 -15.70 -50.10
N VAL C 635 -3.29 -15.63 -51.20
CA VAL C 635 -4.66 -15.16 -51.14
C VAL C 635 -5.57 -16.10 -50.40
N LEU C 636 -5.53 -17.40 -50.71
CA LEU C 636 -6.41 -18.31 -50.01
C LEU C 636 -6.04 -18.41 -48.55
N PHE C 637 -4.76 -18.38 -48.24
CA PHE C 637 -4.35 -18.46 -46.85
C PHE C 637 -4.93 -17.28 -46.10
N THR C 638 -4.85 -16.10 -46.69
CA THR C 638 -5.41 -14.91 -46.09
C THR C 638 -6.93 -15.03 -45.96
N MET C 639 -7.58 -15.51 -47.01
CA MET C 639 -9.03 -15.67 -47.01
C MET C 639 -9.48 -16.66 -45.96
N CYS C 640 -8.64 -17.66 -45.66
CA CYS C 640 -8.93 -18.67 -44.65
C CYS C 640 -8.98 -18.10 -43.24
N PHE C 641 -8.88 -16.77 -43.17
CA PHE C 641 -9.21 -16.00 -41.98
C PHE C 641 -10.62 -16.38 -41.54
N ILE C 642 -11.49 -16.58 -42.53
CA ILE C 642 -12.89 -16.91 -42.30
C ILE C 642 -13.10 -18.42 -42.20
N PRO C 643 -13.66 -18.94 -41.09
CA PRO C 643 -14.01 -20.32 -40.86
C PRO C 643 -14.80 -20.92 -42.01
N LEU C 644 -15.69 -20.15 -42.62
CA LEU C 644 -16.42 -20.67 -43.75
C LEU C 644 -15.52 -20.90 -44.95
N VAL C 645 -14.57 -20.01 -45.20
CA VAL C 645 -13.74 -20.18 -46.38
C VAL C 645 -12.82 -21.37 -46.22
N CYS C 646 -12.21 -21.51 -45.04
CA CYS C 646 -11.30 -22.62 -44.84
C CYS C 646 -12.07 -23.93 -44.85
N TRP C 647 -13.33 -23.89 -44.42
CA TRP C 647 -14.18 -25.07 -44.50
C TRP C 647 -14.46 -25.44 -45.95
N ILE C 648 -14.82 -24.45 -46.77
CA ILE C 648 -15.13 -24.72 -48.16
C ILE C 648 -13.91 -25.26 -48.87
N VAL C 649 -12.75 -24.66 -48.61
CA VAL C 649 -11.53 -25.13 -49.25
C VAL C 649 -11.19 -26.54 -48.78
N CYS C 650 -11.30 -26.81 -47.48
CA CYS C 650 -11.01 -28.15 -46.96
C CYS C 650 -11.96 -29.17 -47.55
N THR C 651 -13.23 -28.82 -47.66
CA THR C 651 -14.23 -29.73 -48.21
C THR C 651 -13.92 -30.01 -49.66
N GLY C 652 -13.54 -28.97 -50.39
CA GLY C 652 -13.16 -29.12 -51.79
C GLY C 652 -11.96 -30.05 -51.90
N LEU C 653 -10.97 -29.87 -51.03
CA LEU C 653 -9.81 -30.75 -51.00
C LEU C 653 -10.19 -32.18 -50.66
N LYS C 654 -11.08 -32.35 -49.69
CA LYS C 654 -11.51 -33.70 -49.33
C LYS C 654 -12.08 -34.41 -50.55
N GLN C 655 -12.89 -33.70 -51.33
CA GLN C 655 -13.47 -34.28 -52.54
C GLN C 655 -12.39 -34.60 -53.57
N GLN C 656 -11.39 -33.72 -53.69
CA GLN C 656 -10.27 -33.96 -54.59
C GLN C 656 -9.46 -35.18 -54.13
N MET C 657 -9.36 -35.38 -52.81
CA MET C 657 -8.64 -36.51 -52.24
C MET C 657 -9.35 -37.82 -52.55
N GLU C 658 -10.69 -37.81 -52.49
CA GLU C 658 -11.46 -39.01 -52.80
C GLU C 658 -11.22 -39.45 -54.24
N SER C 659 -11.16 -38.48 -55.14
CA SER C 659 -10.88 -38.78 -56.54
C SER C 659 -9.38 -38.93 -56.82
N GLY C 660 -8.56 -38.25 -56.02
CA GLY C 660 -7.11 -38.31 -56.14
C GLY C 660 -6.62 -37.57 -57.38
N LYS C 661 -7.28 -36.48 -57.74
CA LYS C 661 -6.95 -35.78 -58.97
C LYS C 661 -5.67 -34.94 -58.93
N SER C 662 -5.52 -34.11 -57.90
CA SER C 662 -4.38 -33.19 -57.84
C SER C 662 -4.28 -32.46 -56.51
N LEU C 663 -5.44 -32.06 -55.99
CA LEU C 663 -5.56 -31.25 -54.78
C LEU C 663 -5.09 -29.81 -55.02
N ALA C 664 -5.04 -29.40 -56.28
CA ALA C 664 -4.59 -28.04 -56.57
C ALA C 664 -5.61 -27.03 -56.03
N GLN C 665 -5.09 -25.96 -55.44
CA GLN C 665 -5.90 -24.86 -54.92
C GLN C 665 -5.36 -23.51 -55.39
N THR C 666 -5.84 -23.06 -56.55
CA THR C 666 -5.27 -21.89 -57.21
C THR C 666 -6.22 -20.71 -57.28
N SER C 667 -7.35 -20.80 -56.57
CA SER C 667 -8.35 -19.74 -56.58
C SER C 667 -7.79 -18.43 -56.01
N LYS C 668 -8.20 -17.31 -56.59
CA LYS C 668 -7.70 -15.99 -56.16
C LYS C 668 -8.79 -15.09 -55.57
N THR C 669 -10.04 -15.51 -55.64
CA THR C 669 -11.14 -14.68 -55.19
C THR C 669 -12.18 -15.47 -54.41
N THR C 670 -13.12 -14.76 -53.77
CA THR C 670 -14.22 -15.40 -53.05
C THR C 670 -15.04 -16.18 -54.04
N THR C 671 -15.29 -15.57 -55.18
CA THR C 671 -16.09 -16.17 -56.22
C THR C 671 -15.41 -17.43 -56.71
N ALA C 672 -14.11 -17.35 -56.94
CA ALA C 672 -13.35 -18.50 -57.42
C ALA C 672 -13.47 -19.68 -56.46
N VAL C 673 -13.48 -19.41 -55.16
CA VAL C 673 -13.63 -20.48 -54.19
C VAL C 673 -15.00 -21.14 -54.30
N TYR C 674 -16.04 -20.33 -54.40
CA TYR C 674 -17.40 -20.85 -54.51
C TYR C 674 -17.62 -21.56 -55.84
N VAL C 675 -17.09 -20.99 -56.92
CA VAL C 675 -17.21 -21.63 -58.23
C VAL C 675 -16.46 -22.95 -58.23
N PHE C 676 -15.25 -22.94 -57.68
CA PHE C 676 -14.45 -24.13 -57.55
C PHE C 676 -15.19 -25.22 -56.82
N PHE C 677 -15.77 -24.86 -55.68
CA PHE C 677 -16.51 -25.79 -54.85
C PHE C 677 -17.62 -26.47 -55.63
N LEU C 678 -18.40 -25.69 -56.37
CA LEU C 678 -19.48 -26.31 -57.15
C LEU C 678 -18.93 -27.13 -58.31
N SER C 679 -17.86 -26.67 -58.93
CA SER C 679 -17.32 -27.39 -60.08
C SER C 679 -17.03 -28.84 -59.73
N SER C 680 -16.34 -29.04 -58.61
CA SER C 680 -15.94 -30.36 -58.17
C SER C 680 -17.09 -31.16 -57.55
N LEU C 681 -18.23 -30.50 -57.36
CA LEU C 681 -19.35 -31.09 -56.68
C LEU C 681 -20.47 -31.48 -57.65
N LEU C 682 -20.78 -30.60 -58.60
CA LEU C 682 -21.90 -30.80 -59.52
C LEU C 682 -21.50 -31.43 -60.86
N GLN C 683 -20.25 -31.24 -61.28
CA GLN C 683 -19.83 -31.76 -62.58
C GLN C 683 -20.03 -33.27 -62.77
N PRO C 684 -19.71 -34.12 -61.77
CA PRO C 684 -19.83 -35.56 -61.83
C PRO C 684 -21.24 -36.00 -62.23
N LEU C 693 -27.98 -31.85 -60.87
CA LEU C 693 -26.57 -31.62 -61.15
C LEU C 693 -26.44 -30.48 -62.15
N CYS C 694 -25.63 -30.68 -63.18
CA CYS C 694 -25.46 -29.65 -64.20
C CYS C 694 -26.78 -29.28 -64.86
N ALA C 695 -27.66 -30.27 -65.02
CA ALA C 695 -28.95 -30.06 -65.66
C ALA C 695 -29.96 -29.39 -64.72
N HIS C 696 -29.66 -29.37 -63.43
CA HIS C 696 -30.62 -28.83 -62.46
C HIS C 696 -30.09 -27.60 -61.76
N LEU C 697 -28.89 -27.18 -62.13
CA LEU C 697 -28.26 -26.02 -61.52
C LEU C 697 -29.13 -24.79 -61.69
N TRP C 698 -29.76 -24.66 -62.84
CA TRP C 698 -30.63 -23.52 -63.08
C TRP C 698 -31.74 -23.47 -62.05
N GLY C 699 -32.34 -24.62 -61.77
CA GLY C 699 -33.45 -24.70 -60.82
C GLY C 699 -32.98 -24.28 -59.43
N LEU C 700 -31.79 -24.72 -59.05
CA LEU C 700 -31.24 -24.39 -57.74
C LEU C 700 -30.95 -22.89 -57.66
N CYS C 701 -30.44 -22.34 -58.76
CA CYS C 701 -30.15 -20.92 -58.82
C CYS C 701 -31.44 -20.12 -58.73
N SER C 702 -32.46 -20.59 -59.43
CA SER C 702 -33.76 -19.94 -59.42
C SER C 702 -34.35 -19.97 -58.02
N LEU C 703 -34.22 -21.10 -57.34
CA LEU C 703 -34.71 -21.25 -55.98
C LEU C 703 -34.07 -20.20 -55.08
N ALA C 704 -32.74 -20.07 -55.17
CA ALA C 704 -32.03 -19.13 -54.33
C ALA C 704 -32.48 -17.71 -54.61
N ALA C 705 -32.61 -17.36 -55.88
CA ALA C 705 -33.01 -16.02 -56.25
C ALA C 705 -34.41 -15.73 -55.73
N ASP C 706 -35.29 -16.73 -55.83
CA ASP C 706 -36.64 -16.57 -55.36
C ASP C 706 -36.63 -16.31 -53.87
N GLY C 707 -35.82 -17.08 -53.14
CA GLY C 707 -35.73 -16.94 -51.69
C GLY C 707 -35.23 -15.55 -51.28
N ILE C 708 -34.22 -15.04 -51.98
CA ILE C 708 -33.71 -13.73 -51.62
C ILE C 708 -34.77 -12.67 -51.82
N TRP C 709 -35.49 -12.73 -52.94
CA TRP C 709 -36.51 -11.74 -53.25
C TRP C 709 -37.81 -11.92 -52.49
N ASN C 710 -38.14 -13.15 -52.12
CA ASN C 710 -39.38 -13.43 -51.40
C ASN C 710 -39.16 -13.65 -49.92
N GLN C 711 -38.01 -13.20 -49.42
CA GLN C 711 -37.69 -13.24 -48.00
C GLN C 711 -37.84 -14.64 -47.41
N LYS C 712 -37.20 -15.62 -48.04
CA LYS C 712 -37.28 -16.99 -47.58
C LYS C 712 -35.92 -17.68 -47.55
N ILE C 713 -35.57 -18.23 -46.39
CA ILE C 713 -34.35 -19.02 -46.24
C ILE C 713 -34.71 -20.50 -46.16
N LEU C 714 -35.78 -20.78 -45.43
CA LEU C 714 -36.26 -22.14 -45.21
C LEU C 714 -37.36 -22.49 -46.20
N PHE C 715 -37.12 -23.54 -46.98
CA PHE C 715 -38.01 -23.96 -48.05
C PHE C 715 -38.74 -25.25 -47.72
N GLU C 716 -39.96 -25.36 -48.24
CA GLU C 716 -40.72 -26.59 -48.12
C GLU C 716 -40.45 -27.45 -49.33
N GLU C 717 -40.75 -28.74 -49.25
CA GLU C 717 -40.55 -29.59 -50.42
C GLU C 717 -41.35 -29.09 -51.60
N SER C 718 -42.49 -28.46 -51.32
CA SER C 718 -43.32 -27.89 -52.36
C SER C 718 -42.59 -26.78 -53.12
N ASP C 719 -41.72 -26.04 -52.41
CA ASP C 719 -41.00 -24.94 -53.02
C ASP C 719 -39.88 -25.46 -53.88
N LEU C 720 -39.32 -26.60 -53.49
CA LEU C 720 -38.24 -27.17 -54.27
C LEU C 720 -38.80 -27.71 -55.57
N ARG C 721 -39.93 -28.41 -55.45
CA ARG C 721 -40.60 -28.98 -56.61
C ARG C 721 -40.98 -27.88 -57.60
N ASN C 722 -41.44 -26.75 -57.07
CA ASN C 722 -41.89 -25.65 -57.91
C ASN C 722 -40.74 -24.96 -58.65
N HIS C 723 -39.50 -25.32 -58.32
CA HIS C 723 -38.35 -24.76 -59.01
C HIS C 723 -37.58 -25.85 -59.77
N GLY C 724 -38.22 -27.00 -59.95
CA GLY C 724 -37.64 -28.08 -60.73
C GLY C 724 -36.80 -29.08 -59.93
N LEU C 725 -36.78 -28.95 -58.61
CA LEU C 725 -36.00 -29.86 -57.79
C LEU C 725 -36.89 -30.75 -56.94
N GLN C 726 -37.20 -31.95 -57.43
CA GLN C 726 -38.09 -32.81 -56.68
C GLN C 726 -37.42 -34.13 -56.32
N LYS C 727 -37.15 -34.29 -55.01
CA LYS C 727 -36.57 -35.51 -54.44
C LYS C 727 -35.24 -35.97 -55.03
N ALA C 728 -35.26 -36.42 -56.28
CA ALA C 728 -34.14 -37.15 -56.85
C ALA C 728 -32.87 -36.30 -56.94
N ASP C 729 -33.02 -35.05 -57.33
CA ASP C 729 -31.87 -34.17 -57.43
C ASP C 729 -31.59 -33.52 -56.08
N VAL C 730 -32.66 -33.34 -55.31
CA VAL C 730 -32.53 -32.73 -54.01
C VAL C 730 -31.62 -33.59 -53.14
N SER C 731 -31.81 -34.91 -53.21
CA SER C 731 -31.00 -35.85 -52.47
C SER C 731 -29.53 -35.76 -52.88
N ALA C 732 -29.28 -35.47 -54.15
CA ALA C 732 -27.91 -35.37 -54.63
C ALA C 732 -27.18 -34.24 -53.92
N PHE C 733 -27.90 -33.15 -53.65
CA PHE C 733 -27.32 -32.00 -52.98
C PHE C 733 -27.15 -32.27 -51.49
N LEU C 734 -28.03 -33.10 -50.94
CA LEU C 734 -27.93 -33.45 -49.52
C LEU C 734 -26.71 -34.35 -49.32
N ARG C 735 -26.47 -35.26 -50.27
CA ARG C 735 -25.32 -36.15 -50.17
C ARG C 735 -24.02 -35.39 -50.42
N MET C 736 -23.98 -34.64 -51.52
CA MET C 736 -22.80 -33.86 -51.84
C MET C 736 -22.89 -32.51 -51.16
N ASN C 737 -22.72 -32.53 -49.85
CA ASN C 737 -22.89 -31.39 -48.96
C ASN C 737 -22.91 -30.05 -49.69
N LEU C 738 -24.07 -29.69 -50.22
CA LEU C 738 -24.30 -28.38 -50.83
C LEU C 738 -25.54 -27.72 -50.26
N PHE C 739 -26.55 -28.54 -50.02
CA PHE C 739 -27.87 -28.10 -49.64
C PHE C 739 -28.32 -28.95 -48.46
N GLN C 740 -29.04 -28.37 -47.50
CA GLN C 740 -29.43 -29.09 -46.28
C GLN C 740 -30.95 -29.20 -46.13
N LYS C 741 -31.39 -30.24 -45.41
CA LYS C 741 -32.80 -30.54 -45.22
C LYS C 741 -33.42 -30.07 -43.92
N GLU C 742 -32.61 -29.88 -42.87
CA GLU C 742 -33.11 -29.57 -41.54
C GLU C 742 -34.01 -30.70 -41.05
N VAL C 743 -33.39 -31.72 -40.47
CA VAL C 743 -34.11 -32.90 -40.01
C VAL C 743 -34.20 -32.91 -38.50
N ASP C 744 -34.02 -31.74 -37.89
CA ASP C 744 -34.17 -31.59 -36.45
C ASP C 744 -35.65 -31.46 -36.12
N CYS C 745 -36.37 -32.57 -36.30
CA CYS C 745 -37.82 -32.64 -36.12
C CYS C 745 -38.55 -31.70 -37.07
N GLU C 746 -37.97 -31.48 -38.25
CA GLU C 746 -38.53 -30.57 -39.24
C GLU C 746 -38.34 -31.09 -40.66
N LYS C 747 -38.87 -30.35 -41.62
CA LYS C 747 -38.72 -30.65 -43.04
C LYS C 747 -38.46 -29.38 -43.84
N PHE C 748 -37.54 -28.54 -43.36
CA PHE C 748 -37.24 -27.28 -44.04
C PHE C 748 -35.88 -27.25 -44.71
N TYR C 749 -35.89 -27.17 -46.02
CA TYR C 749 -34.68 -27.20 -46.80
C TYR C 749 -34.06 -25.82 -46.90
N SER C 750 -32.74 -25.76 -46.96
CA SER C 750 -32.04 -24.49 -47.06
C SER C 750 -30.64 -24.69 -47.59
N PHE C 751 -29.96 -23.60 -47.87
CA PHE C 751 -28.58 -23.67 -48.31
C PHE C 751 -27.72 -23.84 -47.08
N ILE C 752 -26.60 -24.53 -47.21
CA ILE C 752 -25.78 -24.80 -46.03
C ILE C 752 -25.25 -23.53 -45.36
N HIS C 753 -25.22 -22.44 -46.10
CA HIS C 753 -24.84 -21.15 -45.53
C HIS C 753 -25.43 -20.03 -46.38
N MET C 754 -25.79 -18.93 -45.74
CA MET C 754 -26.40 -17.80 -46.45
C MET C 754 -25.52 -17.27 -47.57
N THR C 755 -24.21 -17.39 -47.41
CA THR C 755 -23.31 -16.92 -48.44
C THR C 755 -23.54 -17.70 -49.73
N PHE C 756 -23.86 -18.99 -49.61
CA PHE C 756 -24.11 -19.80 -50.80
C PHE C 756 -25.42 -19.41 -51.43
N GLN C 757 -26.44 -19.16 -50.62
CA GLN C 757 -27.72 -18.77 -51.19
C GLN C 757 -27.55 -17.50 -52.00
N GLU C 758 -26.77 -16.55 -51.48
CA GLU C 758 -26.53 -15.32 -52.22
C GLU C 758 -25.73 -15.61 -53.49
N PHE C 759 -24.78 -16.55 -53.41
CA PHE C 759 -23.98 -16.94 -54.57
C PHE C 759 -24.86 -17.47 -55.69
N PHE C 760 -25.77 -18.36 -55.33
CA PHE C 760 -26.65 -18.96 -56.32
C PHE C 760 -27.58 -17.91 -56.91
N ALA C 761 -28.06 -16.98 -56.08
CA ALA C 761 -28.91 -15.92 -56.60
C ALA C 761 -28.14 -15.10 -57.62
N ALA C 762 -26.87 -14.86 -57.32
CA ALA C 762 -26.03 -14.08 -58.21
C ALA C 762 -25.87 -14.76 -59.55
N MET C 763 -25.67 -16.08 -59.56
CA MET C 763 -25.52 -16.79 -60.82
C MET C 763 -26.81 -16.73 -61.62
N TYR C 764 -27.94 -16.80 -60.93
CA TYR C 764 -29.24 -16.79 -61.58
C TYR C 764 -29.34 -15.65 -62.58
N TYR C 765 -28.92 -14.46 -62.17
CA TYR C 765 -29.00 -13.27 -63.02
C TYR C 765 -28.14 -13.40 -64.27
N LEU C 766 -27.17 -14.31 -64.25
CA LEU C 766 -26.24 -14.45 -65.35
C LEU C 766 -26.40 -15.77 -66.13
N LEU C 767 -27.49 -16.50 -65.93
CA LEU C 767 -27.68 -17.77 -66.65
C LEU C 767 -28.46 -17.60 -67.94
N GLU C 768 -28.22 -18.51 -68.89
CA GLU C 768 -28.94 -18.62 -70.17
C GLU C 768 -28.16 -17.97 -71.30
N LEU C 784 -38.27 -16.69 -60.07
CA LEU C 784 -38.40 -15.84 -61.26
C LEU C 784 -38.80 -14.42 -60.87
N PRO C 785 -38.09 -13.83 -59.91
CA PRO C 785 -38.32 -12.52 -59.34
C PRO C 785 -38.36 -11.42 -60.39
N SER C 786 -37.33 -11.37 -61.24
CA SER C 786 -37.25 -10.32 -62.26
C SER C 786 -36.11 -10.54 -63.25
N ARG C 787 -34.95 -10.91 -62.71
CA ARG C 787 -33.69 -11.02 -63.47
C ARG C 787 -33.18 -9.65 -63.89
N ASP C 788 -33.72 -8.61 -63.26
CA ASP C 788 -33.30 -7.24 -63.51
C ASP C 788 -32.27 -6.79 -62.49
N VAL C 789 -31.01 -6.77 -62.91
CA VAL C 789 -29.93 -6.41 -62.00
C VAL C 789 -30.02 -4.96 -61.54
N THR C 790 -30.42 -4.07 -62.44
CA THR C 790 -30.54 -2.67 -62.05
C THR C 790 -31.48 -2.55 -60.85
N VAL C 791 -32.61 -3.24 -60.92
CA VAL C 791 -33.57 -3.23 -59.83
C VAL C 791 -32.96 -3.88 -58.59
N LEU C 792 -32.22 -4.96 -58.77
CA LEU C 792 -31.56 -5.62 -57.66
C LEU C 792 -30.67 -4.63 -56.92
N LEU C 793 -29.84 -3.93 -57.67
CA LEU C 793 -28.86 -3.00 -57.12
C LEU C 793 -29.53 -1.83 -56.41
N GLU C 794 -30.67 -1.38 -56.93
CA GLU C 794 -31.40 -0.25 -56.34
C GLU C 794 -31.87 -0.55 -54.93
N ASN C 795 -31.97 -1.83 -54.59
CA ASN C 795 -32.46 -2.24 -53.29
C ASN C 795 -31.36 -2.87 -52.44
N TYR C 796 -30.12 -2.56 -52.79
CA TYR C 796 -28.96 -3.11 -52.10
C TYR C 796 -28.90 -2.73 -50.63
N GLY C 797 -28.96 -1.44 -50.32
CA GLY C 797 -28.78 -0.98 -48.96
C GLY C 797 -30.05 -1.11 -48.13
N LYS C 798 -30.59 -2.31 -48.06
CA LYS C 798 -31.84 -2.53 -47.37
C LYS C 798 -31.88 -3.84 -46.59
N PHE C 799 -32.40 -3.76 -45.36
CA PHE C 799 -32.56 -4.91 -44.49
C PHE C 799 -33.46 -5.95 -45.13
N GLU C 800 -34.50 -5.47 -45.80
CA GLU C 800 -35.52 -6.32 -46.40
C GLU C 800 -34.95 -7.43 -47.28
N LYS C 801 -33.85 -7.16 -47.96
CA LYS C 801 -33.31 -8.14 -48.88
C LYS C 801 -32.04 -8.79 -48.35
N GLY C 802 -31.72 -8.53 -47.09
CA GLY C 802 -30.51 -9.06 -46.50
C GLY C 802 -29.28 -8.28 -46.93
N TYR C 803 -29.52 -7.04 -47.38
CA TYR C 803 -28.48 -6.14 -47.86
C TYR C 803 -27.77 -6.58 -49.15
N LEU C 804 -28.03 -7.80 -49.60
CA LEU C 804 -27.51 -8.30 -50.87
C LEU C 804 -26.00 -8.10 -50.98
N ILE C 805 -25.28 -8.20 -49.87
CA ILE C 805 -23.85 -7.94 -49.92
C ILE C 805 -23.10 -8.97 -50.73
N PHE C 806 -23.39 -10.24 -50.50
CA PHE C 806 -22.68 -11.26 -51.24
C PHE C 806 -23.30 -11.46 -52.59
N VAL C 807 -24.57 -11.14 -52.73
CA VAL C 807 -25.20 -11.28 -54.03
C VAL C 807 -24.45 -10.42 -55.03
N VAL C 808 -24.18 -9.17 -54.66
CA VAL C 808 -23.45 -8.29 -55.55
C VAL C 808 -21.97 -8.61 -55.60
N ARG C 809 -21.36 -8.88 -54.44
CA ARG C 809 -19.94 -9.21 -54.45
C ARG C 809 -19.68 -10.36 -55.41
N PHE C 810 -20.54 -11.38 -55.37
CA PHE C 810 -20.40 -12.50 -56.28
C PHE C 810 -20.78 -12.11 -57.70
N LEU C 811 -21.82 -11.31 -57.86
CA LEU C 811 -22.21 -10.87 -59.19
C LEU C 811 -21.00 -10.25 -59.90
N PHE C 812 -20.24 -9.43 -59.17
CA PHE C 812 -19.05 -8.82 -59.74
C PHE C 812 -18.01 -9.85 -60.12
N GLY C 813 -17.74 -10.80 -59.24
CA GLY C 813 -16.73 -11.80 -59.52
C GLY C 813 -17.11 -12.68 -60.71
N LEU C 814 -18.40 -12.99 -60.81
CA LEU C 814 -18.93 -13.83 -61.88
C LEU C 814 -18.92 -13.12 -63.23
N VAL C 815 -19.22 -11.83 -63.24
CA VAL C 815 -19.21 -11.08 -64.48
C VAL C 815 -17.79 -10.78 -64.90
N ASN C 816 -17.22 -11.70 -65.66
CA ASN C 816 -15.85 -11.57 -66.11
C ASN C 816 -15.70 -12.19 -67.50
N GLN C 817 -14.60 -11.87 -68.17
CA GLN C 817 -14.30 -12.48 -69.45
C GLN C 817 -13.29 -13.61 -69.25
N GLU C 818 -12.52 -13.51 -68.19
CA GLU C 818 -11.50 -14.51 -67.91
C GLU C 818 -12.12 -15.72 -67.24
N ARG C 819 -12.90 -16.46 -68.02
CA ARG C 819 -13.65 -17.61 -67.55
C ARG C 819 -13.22 -18.88 -68.24
N THR C 820 -13.59 -20.02 -67.67
CA THR C 820 -13.24 -21.32 -68.21
C THR C 820 -14.45 -22.24 -68.29
N SER C 821 -14.22 -23.55 -68.29
CA SER C 821 -15.29 -24.52 -68.39
C SER C 821 -15.74 -24.97 -67.00
N TYR C 822 -16.49 -26.06 -66.95
CA TYR C 822 -17.03 -26.58 -65.69
C TYR C 822 -18.01 -25.62 -65.04
N LEU C 823 -19.25 -25.65 -65.54
CA LEU C 823 -20.35 -24.80 -65.09
C LEU C 823 -20.19 -23.35 -65.57
N GLU C 824 -18.99 -22.81 -65.48
CA GLU C 824 -18.73 -21.43 -65.87
C GLU C 824 -19.14 -21.16 -67.32
N LYS C 825 -18.93 -22.13 -68.20
CA LYS C 825 -19.26 -21.95 -69.61
C LYS C 825 -20.77 -21.93 -69.85
N LYS C 826 -21.54 -22.30 -68.84
CA LYS C 826 -22.99 -22.32 -68.95
C LYS C 826 -23.55 -20.97 -68.53
N LEU C 827 -22.65 -20.12 -68.04
CA LEU C 827 -23.00 -18.77 -67.63
C LEU C 827 -23.06 -17.92 -68.89
N SER C 828 -24.03 -17.04 -68.99
CA SER C 828 -24.24 -16.26 -70.20
C SER C 828 -23.20 -15.16 -70.39
N CYS C 829 -22.44 -15.27 -71.46
CA CYS C 829 -21.43 -14.28 -71.79
C CYS C 829 -22.08 -12.99 -72.25
N LYS C 830 -23.18 -13.14 -72.99
CA LYS C 830 -23.87 -11.98 -73.53
C LYS C 830 -24.46 -11.14 -72.42
N ILE C 831 -25.03 -11.81 -71.43
CA ILE C 831 -25.60 -11.10 -70.30
C ILE C 831 -24.49 -10.43 -69.50
N SER C 832 -23.40 -11.16 -69.27
CA SER C 832 -22.30 -10.61 -68.49
C SER C 832 -21.82 -9.28 -69.06
N GLN C 833 -21.75 -9.19 -70.39
CA GLN C 833 -21.32 -7.94 -71.02
C GLN C 833 -22.34 -6.83 -70.80
N GLN C 834 -23.63 -7.17 -70.78
CA GLN C 834 -24.69 -6.19 -70.55
C GLN C 834 -24.71 -5.72 -69.10
N ILE C 835 -24.42 -6.66 -68.18
CA ILE C 835 -24.42 -6.37 -66.76
C ILE C 835 -23.19 -5.59 -66.35
N ARG C 836 -22.04 -5.94 -66.91
CA ARG C 836 -20.81 -5.26 -66.58
C ARG C 836 -20.97 -3.74 -66.67
N LEU C 837 -21.64 -3.29 -67.72
CA LEU C 837 -21.84 -1.86 -67.92
C LEU C 837 -22.63 -1.24 -66.78
N GLU C 838 -23.71 -1.89 -66.39
CA GLU C 838 -24.54 -1.36 -65.32
C GLU C 838 -23.80 -1.39 -63.99
N LEU C 839 -22.96 -2.40 -63.78
CA LEU C 839 -22.18 -2.47 -62.56
C LEU C 839 -21.21 -1.31 -62.46
N LEU C 840 -20.62 -0.93 -63.60
CA LEU C 840 -19.67 0.17 -63.59
C LEU C 840 -20.38 1.47 -63.27
N LYS C 841 -21.58 1.65 -63.83
CA LYS C 841 -22.38 2.83 -63.54
C LYS C 841 -22.72 2.87 -62.05
N TRP C 842 -23.06 1.71 -61.51
CA TRP C 842 -23.41 1.59 -60.10
C TRP C 842 -22.25 2.04 -59.22
N ILE C 843 -21.04 1.60 -59.56
CA ILE C 843 -19.89 2.01 -58.77
C ILE C 843 -19.70 3.51 -58.83
N GLU C 844 -19.80 4.10 -60.02
CA GLU C 844 -19.61 5.54 -60.12
C GLU C 844 -20.61 6.28 -59.24
N VAL C 845 -21.87 5.87 -59.31
CA VAL C 845 -22.92 6.53 -58.57
C VAL C 845 -22.73 6.42 -57.07
N LYS C 846 -22.35 5.22 -56.61
CA LYS C 846 -22.18 5.01 -55.17
C LYS C 846 -20.86 5.56 -54.66
N ALA C 847 -19.80 5.47 -55.46
CA ALA C 847 -18.49 5.98 -55.04
C ALA C 847 -18.56 7.47 -54.80
N LYS C 848 -19.40 8.15 -55.58
CA LYS C 848 -19.62 9.58 -55.47
C LYS C 848 -20.12 9.99 -54.08
N ALA C 849 -20.82 9.11 -53.38
CA ALA C 849 -21.39 9.45 -52.09
C ALA C 849 -20.29 9.69 -51.07
N LYS C 850 -20.48 10.68 -50.20
CA LYS C 850 -19.52 10.97 -49.15
C LYS C 850 -20.16 10.79 -47.77
N LYS C 851 -21.22 10.02 -47.72
CA LYS C 851 -21.96 9.80 -46.48
C LYS C 851 -21.40 8.62 -45.69
N LEU C 852 -21.65 8.62 -44.40
CA LEU C 852 -21.25 7.52 -43.52
C LEU C 852 -22.46 6.68 -43.17
N GLN C 853 -22.22 5.44 -42.75
CA GLN C 853 -23.31 4.51 -42.43
C GLN C 853 -24.24 4.39 -43.62
N ILE C 854 -23.63 4.28 -44.79
CA ILE C 854 -24.32 4.16 -46.06
C ILE C 854 -23.82 2.94 -46.79
N GLN C 855 -24.64 2.41 -47.68
CA GLN C 855 -24.24 1.29 -48.52
C GLN C 855 -22.90 1.63 -49.20
N PRO C 856 -22.31 0.76 -50.03
CA PRO C 856 -20.90 0.49 -50.11
C PRO C 856 -20.00 1.64 -49.67
N SER C 857 -19.51 1.56 -48.43
CA SER C 857 -18.64 2.58 -47.87
C SER C 857 -17.18 2.43 -48.33
N GLN C 858 -16.96 2.67 -49.62
CA GLN C 858 -15.63 2.67 -50.23
C GLN C 858 -14.95 1.31 -50.23
N LEU C 859 -14.58 0.83 -49.05
CA LEU C 859 -13.87 -0.43 -48.96
C LEU C 859 -14.72 -1.57 -49.49
N GLU C 860 -16.03 -1.45 -49.32
CA GLU C 860 -16.93 -2.48 -49.84
C GLU C 860 -16.86 -2.53 -51.35
N LEU C 861 -16.70 -1.37 -51.97
CA LEU C 861 -16.59 -1.32 -53.43
C LEU C 861 -15.27 -1.95 -53.83
N PHE C 862 -14.26 -1.78 -53.00
CA PHE C 862 -12.97 -2.36 -53.30
C PHE C 862 -13.06 -3.87 -53.26
N TYR C 863 -13.82 -4.41 -52.31
CA TYR C 863 -14.03 -5.85 -52.28
C TYR C 863 -14.69 -6.32 -53.55
N CYS C 864 -15.66 -5.56 -54.04
CA CYS C 864 -16.31 -5.92 -55.29
C CYS C 864 -15.32 -5.93 -56.45
N LEU C 865 -14.48 -4.91 -56.50
CA LEU C 865 -13.48 -4.81 -57.55
C LEU C 865 -12.40 -5.86 -57.40
N TYR C 866 -12.05 -6.19 -56.16
CA TYR C 866 -11.06 -7.23 -55.94
C TYR C 866 -11.52 -8.52 -56.55
N GLU C 867 -12.79 -8.85 -56.34
CA GLU C 867 -13.33 -10.09 -56.89
C GLU C 867 -13.29 -10.08 -58.40
N MET C 868 -13.63 -8.95 -59.00
CA MET C 868 -13.58 -8.86 -60.44
C MET C 868 -12.17 -8.51 -60.90
N GLN C 869 -11.28 -9.50 -60.89
CA GLN C 869 -9.87 -9.25 -61.14
C GLN C 869 -9.56 -9.03 -62.61
N GLU C 870 -10.09 -7.94 -63.16
CA GLU C 870 -9.81 -7.55 -64.53
C GLU C 870 -9.47 -6.07 -64.54
N GLU C 871 -8.22 -5.79 -64.90
CA GLU C 871 -7.68 -4.44 -64.81
C GLU C 871 -8.48 -3.42 -65.60
N ASP C 872 -8.96 -3.81 -66.78
CA ASP C 872 -9.67 -2.85 -67.59
C ASP C 872 -10.85 -2.28 -66.83
N PHE C 873 -11.62 -3.16 -66.21
CA PHE C 873 -12.78 -2.73 -65.44
C PHE C 873 -12.38 -2.01 -64.18
N VAL C 874 -11.44 -2.59 -63.44
CA VAL C 874 -11.07 -2.06 -62.15
C VAL C 874 -10.49 -0.66 -62.28
N GLN C 875 -9.61 -0.46 -63.24
CA GLN C 875 -9.00 0.85 -63.37
C GLN C 875 -10.05 1.88 -63.77
N ARG C 876 -10.95 1.53 -64.67
CA ARG C 876 -11.99 2.46 -65.04
C ARG C 876 -12.86 2.79 -63.83
N ALA C 877 -13.17 1.77 -63.03
CA ALA C 877 -13.98 1.97 -61.85
C ALA C 877 -13.26 2.83 -60.81
N MET C 878 -11.97 2.58 -60.64
CA MET C 878 -11.18 3.29 -59.65
C MET C 878 -10.99 4.76 -59.98
N ASP C 879 -11.15 5.12 -61.23
CA ASP C 879 -11.00 6.52 -61.62
C ASP C 879 -12.14 7.37 -61.05
N TYR C 880 -13.15 6.72 -60.49
CA TYR C 880 -14.28 7.43 -59.91
C TYR C 880 -14.09 7.62 -58.40
N PHE C 881 -12.89 7.38 -57.90
CA PHE C 881 -12.58 7.54 -56.49
C PHE C 881 -11.47 8.58 -56.26
N PRO C 882 -11.75 9.88 -56.45
CA PRO C 882 -10.79 10.96 -56.34
C PRO C 882 -10.28 11.08 -54.91
N LYS C 883 -11.08 10.59 -53.97
CA LYS C 883 -10.72 10.58 -52.57
C LYS C 883 -11.10 9.24 -51.96
N ILE C 884 -10.15 8.60 -51.31
CA ILE C 884 -10.39 7.30 -50.71
C ILE C 884 -10.32 7.35 -49.19
N GLU C 885 -11.42 7.05 -48.53
CA GLU C 885 -11.47 7.04 -47.07
C GLU C 885 -11.82 5.65 -46.56
N ILE C 886 -10.83 4.93 -46.05
CA ILE C 886 -11.08 3.57 -45.61
C ILE C 886 -10.53 3.27 -44.22
N ASN C 887 -11.09 2.25 -43.58
CA ASN C 887 -10.65 1.83 -42.25
C ASN C 887 -10.36 0.34 -42.23
N LEU C 888 -9.09 0.01 -42.38
CA LEU C 888 -8.63 -1.37 -42.50
C LEU C 888 -8.62 -2.10 -41.17
N SER C 889 -9.12 -3.33 -41.15
CA SER C 889 -9.17 -4.12 -39.93
C SER C 889 -8.28 -5.34 -39.97
N THR C 890 -8.35 -6.10 -41.05
CA THR C 890 -7.59 -7.35 -41.13
C THR C 890 -6.77 -7.48 -42.41
N ARG C 891 -5.98 -8.55 -42.47
CA ARG C 891 -5.08 -8.78 -43.59
C ARG C 891 -5.84 -8.85 -44.91
N MET C 892 -7.04 -9.39 -44.86
CA MET C 892 -7.89 -9.49 -46.04
C MET C 892 -8.17 -8.10 -46.60
N ASP C 893 -8.30 -7.11 -45.71
CA ASP C 893 -8.64 -5.77 -46.12
C ASP C 893 -7.44 -5.10 -46.76
N HIS C 894 -6.25 -5.45 -46.27
CA HIS C 894 -5.04 -4.82 -46.78
C HIS C 894 -4.78 -5.17 -48.24
N MET C 895 -4.91 -6.45 -48.59
CA MET C 895 -4.61 -6.80 -49.97
C MET C 895 -5.70 -6.34 -50.92
N VAL C 896 -6.92 -6.24 -50.42
CA VAL C 896 -8.01 -5.71 -51.23
C VAL C 896 -7.80 -4.24 -51.51
N SER C 897 -7.46 -3.49 -50.47
CA SER C 897 -7.19 -2.08 -50.64
C SER C 897 -5.98 -1.87 -51.53
N SER C 898 -4.93 -2.66 -51.30
CA SER C 898 -3.72 -2.54 -52.08
C SER C 898 -4.01 -2.73 -53.56
N PHE C 899 -4.77 -3.78 -53.88
CA PHE C 899 -5.11 -4.06 -55.26
C PHE C 899 -5.82 -2.88 -55.92
N CYS C 900 -6.84 -2.35 -55.27
CA CYS C 900 -7.61 -1.26 -55.84
C CYS C 900 -6.83 0.04 -55.94
N ILE C 901 -6.04 0.36 -54.92
CA ILE C 901 -5.27 1.60 -54.96
C ILE C 901 -4.18 1.54 -56.01
N GLU C 902 -3.51 0.41 -56.12
CA GLU C 902 -2.48 0.25 -57.13
C GLU C 902 -3.05 0.46 -58.53
N ASN C 903 -4.25 -0.08 -58.75
CA ASN C 903 -4.94 0.07 -60.02
C ASN C 903 -5.84 1.29 -60.05
N CYS C 904 -5.27 2.43 -59.68
CA CYS C 904 -6.00 3.69 -59.68
C CYS C 904 -5.12 4.82 -60.14
N HIS C 905 -5.52 5.48 -61.21
CA HIS C 905 -4.69 6.53 -61.77
C HIS C 905 -5.26 7.92 -61.52
N ARG C 906 -6.30 8.00 -60.70
CA ARG C 906 -6.89 9.29 -60.41
C ARG C 906 -7.39 9.41 -58.98
N VAL C 907 -6.49 9.19 -58.03
CA VAL C 907 -6.84 9.43 -56.63
C VAL C 907 -5.95 10.52 -56.10
N GLU C 908 -6.55 11.61 -55.63
CA GLU C 908 -5.77 12.74 -55.17
C GLU C 908 -5.47 12.63 -53.69
N SER C 909 -6.44 12.12 -52.93
CA SER C 909 -6.27 12.07 -51.48
C SER C 909 -6.69 10.74 -50.90
N LEU C 910 -5.79 10.18 -50.10
CA LEU C 910 -6.03 8.90 -49.45
C LEU C 910 -5.97 9.04 -47.94
N SER C 911 -6.99 8.52 -47.27
CA SER C 911 -7.03 8.54 -45.81
C SER C 911 -7.15 7.14 -45.27
N LEU C 912 -6.17 6.74 -44.49
CA LEU C 912 -6.16 5.41 -43.92
C LEU C 912 -6.49 5.49 -42.45
N GLY C 913 -7.01 4.40 -41.92
CA GLY C 913 -7.37 4.32 -40.52
C GLY C 913 -7.16 2.90 -40.04
N PHE C 914 -5.91 2.57 -39.74
CA PHE C 914 -5.60 1.23 -39.30
C PHE C 914 -6.25 1.01 -37.94
N LEU C 915 -6.95 -0.10 -37.79
CA LEU C 915 -7.67 -0.38 -36.55
C LEU C 915 -6.94 -1.39 -35.69
N HIS C 916 -7.70 -2.25 -35.01
CA HIS C 916 -7.12 -3.22 -34.09
C HIS C 916 -6.53 -4.39 -34.84
N ASN C 917 -5.34 -4.19 -35.38
CA ASN C 917 -4.68 -5.21 -36.18
C ASN C 917 -4.05 -6.28 -35.30
N LEU C 956 -1.06 -1.12 -35.04
CA LEU C 956 0.03 -1.64 -35.87
C LEU C 956 1.29 -1.94 -35.08
N THR C 957 2.21 -0.98 -35.07
CA THR C 957 3.55 -1.16 -34.50
C THR C 957 4.17 -2.41 -35.10
N SER C 958 4.02 -2.56 -36.43
CA SER C 958 4.50 -3.70 -37.15
C SER C 958 4.63 -3.41 -38.65
N SER C 959 5.10 -4.40 -39.40
CA SER C 959 5.23 -4.32 -40.85
C SER C 959 3.96 -4.80 -41.55
N PHE C 960 2.91 -5.07 -40.77
CA PHE C 960 1.62 -5.54 -41.25
C PHE C 960 1.09 -4.65 -42.38
N CYS C 961 1.29 -3.35 -42.23
CA CYS C 961 0.86 -2.34 -43.18
C CYS C 961 1.86 -2.06 -44.31
N ARG C 962 3.02 -2.71 -44.26
CA ARG C 962 4.09 -2.44 -45.22
C ARG C 962 3.63 -2.62 -46.66
N GLY C 963 2.81 -3.63 -46.89
CA GLY C 963 2.39 -3.97 -48.24
C GLY C 963 1.65 -2.83 -48.92
N LEU C 964 0.88 -2.07 -48.16
CA LEU C 964 0.12 -0.97 -48.75
C LEU C 964 1.01 0.24 -48.97
N PHE C 965 1.91 0.50 -48.04
CA PHE C 965 2.77 1.67 -48.18
C PHE C 965 3.64 1.54 -49.42
N SER C 966 4.00 0.31 -49.77
CA SER C 966 4.80 0.05 -50.96
C SER C 966 4.07 0.45 -52.24
N VAL C 967 2.75 0.52 -52.18
CA VAL C 967 1.94 0.89 -53.33
C VAL C 967 1.87 2.38 -53.48
N LEU C 968 1.74 3.06 -52.35
CA LEU C 968 1.54 4.49 -52.37
C LEU C 968 2.72 5.18 -53.04
N SER C 969 3.90 4.57 -52.92
CA SER C 969 5.11 5.12 -53.54
C SER C 969 5.01 5.25 -55.05
N THR C 970 4.13 4.48 -55.67
CA THR C 970 4.07 4.48 -57.12
C THR C 970 2.81 5.11 -57.66
N SER C 971 2.01 5.72 -56.79
CA SER C 971 0.77 6.34 -57.26
C SER C 971 1.04 7.78 -57.68
N GLN C 972 1.14 8.00 -58.98
CA GLN C 972 1.59 9.28 -59.51
C GLN C 972 0.55 10.37 -59.32
N SER C 973 -0.67 9.98 -59.01
CA SER C 973 -1.75 10.94 -58.87
C SER C 973 -2.06 11.27 -57.42
N LEU C 974 -1.38 10.59 -56.49
CA LEU C 974 -1.68 10.78 -55.08
C LEU C 974 -0.91 11.97 -54.54
N THR C 975 -1.62 12.98 -54.05
CA THR C 975 -0.93 14.15 -53.55
C THR C 975 -1.04 14.25 -52.04
N GLU C 976 -2.14 13.77 -51.48
CA GLU C 976 -2.38 13.89 -50.04
C GLU C 976 -2.56 12.55 -49.35
N LEU C 977 -1.73 12.30 -48.34
CA LEU C 977 -1.82 11.07 -47.56
C LEU C 977 -2.10 11.37 -46.10
N ASP C 978 -3.26 10.93 -45.61
CA ASP C 978 -3.66 11.19 -44.24
C ASP C 978 -3.61 9.94 -43.38
N LEU C 979 -2.68 9.90 -42.44
CA LEU C 979 -2.51 8.74 -41.58
C LEU C 979 -2.81 9.11 -40.13
N SER C 980 -3.64 10.11 -39.94
CA SER C 980 -3.93 10.62 -38.62
C SER C 980 -4.78 9.68 -37.77
N ASP C 981 -4.68 9.86 -36.46
CA ASP C 981 -5.51 9.19 -35.48
C ASP C 981 -5.52 7.68 -35.57
N ASN C 982 -4.36 7.09 -35.77
CA ASN C 982 -4.23 5.65 -35.72
C ASN C 982 -2.84 5.31 -35.18
N SER C 983 -2.69 4.13 -34.60
CA SER C 983 -1.45 3.78 -33.92
C SER C 983 -0.31 3.43 -34.87
N LEU C 984 0.24 4.46 -35.51
CA LEU C 984 1.34 4.26 -36.44
C LEU C 984 2.64 4.38 -35.68
N GLY C 985 3.00 3.32 -34.98
CA GLY C 985 4.15 3.37 -34.10
C GLY C 985 5.42 3.67 -34.88
N ASP C 986 6.43 4.16 -34.18
CA ASP C 986 7.66 4.57 -34.82
C ASP C 986 8.15 3.64 -35.93
N PRO C 987 8.22 2.30 -35.72
CA PRO C 987 8.62 1.34 -36.73
C PRO C 987 7.82 1.52 -38.01
N GLY C 988 6.55 1.87 -37.87
CA GLY C 988 5.69 2.10 -39.01
C GLY C 988 6.05 3.38 -39.72
N MET C 989 6.46 4.37 -38.95
CA MET C 989 6.85 5.64 -39.52
C MET C 989 8.13 5.47 -40.29
N ARG C 990 9.00 4.59 -39.81
CA ARG C 990 10.23 4.27 -40.51
C ARG C 990 9.92 3.67 -41.87
N VAL C 991 8.97 2.75 -41.89
CA VAL C 991 8.55 2.13 -43.15
C VAL C 991 8.00 3.15 -44.10
N LEU C 992 7.15 4.04 -43.59
CA LEU C 992 6.59 5.08 -44.42
C LEU C 992 7.68 5.95 -45.00
N CYS C 993 8.60 6.36 -44.14
CA CYS C 993 9.66 7.25 -44.59
C CYS C 993 10.43 6.63 -45.73
N GLU C 994 10.74 5.34 -45.64
CA GLU C 994 11.43 4.67 -46.73
C GLU C 994 10.63 4.78 -48.01
N THR C 995 9.31 4.63 -47.91
CA THR C 995 8.46 4.68 -49.08
C THR C 995 8.27 6.10 -49.61
N LEU C 996 8.65 7.09 -48.81
CA LEU C 996 8.55 8.50 -49.22
C LEU C 996 9.85 8.96 -49.87
N GLN C 997 10.84 8.10 -49.90
CA GLN C 997 12.12 8.44 -50.50
C GLN C 997 12.17 7.94 -51.93
N HIS C 998 11.10 7.30 -52.35
CA HIS C 998 10.99 6.76 -53.71
C HIS C 998 10.99 7.91 -54.70
N PRO C 999 11.76 7.82 -55.79
CA PRO C 999 11.87 8.81 -56.84
C PRO C 999 10.52 9.26 -57.42
N GLY C 1000 9.53 8.38 -57.39
CA GLY C 1000 8.22 8.71 -57.96
C GLY C 1000 7.14 8.97 -56.90
N CYS C 1001 7.54 9.17 -55.65
CA CYS C 1001 6.58 9.33 -54.57
C CYS C 1001 5.48 10.35 -54.89
N ASN C 1002 5.88 11.59 -55.13
CA ASN C 1002 4.98 12.67 -55.53
C ASN C 1002 3.90 13.03 -54.50
N ILE C 1003 4.06 12.61 -53.26
CA ILE C 1003 3.13 13.05 -52.22
C ILE C 1003 3.50 14.45 -51.75
N ARG C 1004 2.52 15.35 -51.76
CA ARG C 1004 2.76 16.73 -51.41
C ARG C 1004 2.30 17.06 -50.00
N ARG C 1005 1.26 16.38 -49.55
CA ARG C 1005 0.73 16.63 -48.22
C ARG C 1005 0.75 15.37 -47.38
N LEU C 1006 1.34 15.44 -46.21
CA LEU C 1006 1.37 14.30 -45.31
C LEU C 1006 0.87 14.69 -43.94
N TRP C 1007 -0.25 14.10 -43.56
CA TRP C 1007 -0.88 14.44 -42.29
C TRP C 1007 -0.68 13.34 -41.26
N LEU C 1008 -0.02 13.66 -40.18
CA LEU C 1008 0.30 12.69 -39.14
C LEU C 1008 -0.13 13.17 -37.77
N GLY C 1009 -1.44 13.23 -37.53
CA GLY C 1009 -1.96 13.76 -36.28
C GLY C 1009 -1.65 12.85 -35.11
N ARG C 1010 -2.67 12.41 -34.38
CA ARG C 1010 -2.43 11.58 -33.22
C ARG C 1010 -1.97 10.19 -33.64
N CYS C 1011 -0.75 10.10 -34.13
CA CYS C 1011 -0.21 8.86 -34.66
C CYS C 1011 0.55 8.08 -33.60
N GLY C 1012 0.81 8.73 -32.47
CA GLY C 1012 1.55 8.10 -31.38
C GLY C 1012 3.04 8.03 -31.67
N LEU C 1013 3.55 8.99 -32.44
CA LEU C 1013 4.95 9.01 -32.80
C LEU C 1013 5.78 9.58 -31.67
N SER C 1014 7.03 9.16 -31.58
CA SER C 1014 7.96 9.73 -30.61
C SER C 1014 9.10 10.42 -31.34
N HIS C 1015 10.03 10.98 -30.58
CA HIS C 1015 11.17 11.66 -31.16
C HIS C 1015 11.98 10.75 -32.07
N GLU C 1016 11.87 9.45 -31.85
CA GLU C 1016 12.62 8.49 -32.65
C GLU C 1016 12.33 8.61 -34.13
N CYS C 1017 11.09 8.94 -34.47
CA CYS C 1017 10.71 8.99 -35.87
C CYS C 1017 11.22 10.25 -36.54
N CYS C 1018 11.63 11.24 -35.76
CA CYS C 1018 12.02 12.50 -36.35
C CYS C 1018 13.26 12.32 -37.18
N PHE C 1019 14.09 11.36 -36.81
CA PHE C 1019 15.27 11.06 -37.60
C PHE C 1019 14.88 10.68 -39.01
N ASP C 1020 13.89 9.81 -39.13
CA ASP C 1020 13.50 9.30 -40.43
C ASP C 1020 12.74 10.36 -41.22
N ILE C 1021 11.99 11.20 -40.52
CA ILE C 1021 11.29 12.28 -41.19
C ILE C 1021 12.29 13.24 -41.79
N SER C 1022 13.35 13.52 -41.03
CA SER C 1022 14.40 14.40 -41.49
C SER C 1022 15.02 13.88 -42.77
N LEU C 1023 15.26 12.57 -42.83
CA LEU C 1023 15.84 11.98 -44.03
C LEU C 1023 14.93 12.21 -45.22
N VAL C 1024 13.63 12.07 -45.01
CA VAL C 1024 12.69 12.31 -46.11
C VAL C 1024 12.74 13.75 -46.56
N LEU C 1025 12.76 14.67 -45.62
CA LEU C 1025 12.77 16.08 -45.97
C LEU C 1025 14.01 16.42 -46.79
N SER C 1026 15.12 15.77 -46.48
CA SER C 1026 16.39 16.05 -47.14
C SER C 1026 16.44 15.62 -48.61
N SER C 1027 15.52 14.76 -49.04
CA SER C 1027 15.58 14.27 -50.42
C SER C 1027 14.26 14.38 -51.17
N ASN C 1028 13.15 14.38 -50.45
CA ASN C 1028 11.84 14.45 -51.08
C ASN C 1028 11.49 15.90 -51.34
N GLN C 1029 11.59 16.30 -52.59
CA GLN C 1029 11.41 17.69 -52.97
C GLN C 1029 9.97 18.01 -53.29
N LYS C 1030 9.09 17.03 -53.10
CA LYS C 1030 7.69 17.20 -53.43
C LYS C 1030 6.86 17.51 -52.20
N LEU C 1031 7.31 17.04 -51.04
CA LEU C 1031 6.54 17.25 -49.82
C LEU C 1031 6.47 18.73 -49.47
N VAL C 1032 5.26 19.24 -49.33
CA VAL C 1032 5.02 20.65 -49.05
C VAL C 1032 4.40 20.87 -47.68
N GLU C 1033 3.43 20.04 -47.32
CA GLU C 1033 2.72 20.25 -46.07
C GLU C 1033 2.88 19.04 -45.16
N LEU C 1034 3.39 19.27 -43.95
CA LEU C 1034 3.61 18.18 -43.00
C LEU C 1034 3.00 18.50 -41.65
N ASP C 1035 2.07 17.66 -41.21
CA ASP C 1035 1.40 17.87 -39.93
C ASP C 1035 1.80 16.83 -38.90
N LEU C 1036 2.60 17.24 -37.92
CA LEU C 1036 3.11 16.33 -36.90
C LEU C 1036 2.46 16.61 -35.56
N SER C 1037 1.28 17.21 -35.57
CA SER C 1037 0.60 17.57 -34.34
C SER C 1037 0.27 16.37 -33.47
N ASP C 1038 0.20 16.60 -32.18
CA ASP C 1038 -0.20 15.59 -31.21
C ASP C 1038 0.66 14.32 -31.20
N ASN C 1039 1.97 14.50 -31.30
CA ASN C 1039 2.93 13.41 -31.19
C ASN C 1039 3.96 13.80 -30.15
N ALA C 1040 4.61 12.83 -29.52
CA ALA C 1040 5.59 13.15 -28.49
C ALA C 1040 6.94 13.45 -29.11
N LEU C 1041 6.97 14.44 -29.98
CA LEU C 1041 8.21 14.82 -30.63
C LEU C 1041 8.86 15.90 -29.79
N GLY C 1042 9.41 15.49 -28.66
CA GLY C 1042 9.92 16.46 -27.69
C GLY C 1042 11.06 17.27 -28.27
N ASP C 1043 11.61 18.16 -27.47
CA ASP C 1043 12.63 19.10 -27.94
C ASP C 1043 13.71 18.41 -28.74
N PHE C 1044 14.09 17.22 -28.31
CA PHE C 1044 15.10 16.48 -29.03
C PHE C 1044 14.62 16.17 -30.45
N GLY C 1045 13.35 15.79 -30.56
CA GLY C 1045 12.79 15.42 -31.85
C GLY C 1045 12.85 16.60 -32.80
N ILE C 1046 12.61 17.80 -32.26
CA ILE C 1046 12.68 19.00 -33.07
C ILE C 1046 14.10 19.23 -33.54
N ARG C 1047 15.04 19.04 -32.63
CA ARG C 1047 16.44 19.19 -32.95
C ARG C 1047 16.78 18.37 -34.19
N LEU C 1048 16.21 17.17 -34.30
CA LEU C 1048 16.45 16.32 -35.45
C LEU C 1048 15.68 16.79 -36.68
N LEU C 1049 14.43 17.19 -36.51
CA LEU C 1049 13.66 17.62 -37.68
C LEU C 1049 14.31 18.82 -38.32
N CYS C 1050 14.90 19.66 -37.49
CA CYS C 1050 15.53 20.87 -37.98
C CYS C 1050 16.71 20.58 -38.89
N VAL C 1051 17.24 19.36 -38.81
CA VAL C 1051 18.36 19.01 -39.67
C VAL C 1051 17.88 18.96 -41.10
N GLY C 1052 16.70 18.37 -41.28
CA GLY C 1052 16.10 18.29 -42.59
C GLY C 1052 15.57 19.64 -43.02
N LEU C 1053 14.96 20.37 -42.09
CA LEU C 1053 14.32 21.64 -42.42
C LEU C 1053 15.33 22.69 -42.87
N LYS C 1054 16.53 22.64 -42.32
CA LYS C 1054 17.58 23.60 -42.68
C LYS C 1054 18.33 23.18 -43.92
N HIS C 1055 17.99 22.00 -44.45
CA HIS C 1055 18.71 21.44 -45.58
C HIS C 1055 18.15 21.94 -46.90
N LEU C 1056 19.04 22.19 -47.85
CA LEU C 1056 18.58 22.57 -49.16
C LEU C 1056 17.79 21.42 -49.74
N LEU C 1057 16.97 21.71 -50.74
CA LEU C 1057 16.08 20.73 -51.35
C LEU C 1057 14.82 20.48 -50.52
N CYS C 1058 14.81 20.91 -49.26
CA CYS C 1058 13.60 20.78 -48.49
C CYS C 1058 12.66 21.90 -48.86
N ASN C 1059 11.54 21.55 -49.45
CA ASN C 1059 10.60 22.54 -49.95
C ASN C 1059 9.39 22.66 -49.05
N LEU C 1060 9.51 22.16 -47.83
CA LEU C 1060 8.37 22.17 -46.92
C LEU C 1060 7.91 23.61 -46.70
N LYS C 1061 6.61 23.83 -46.85
CA LYS C 1061 6.05 25.16 -46.66
C LYS C 1061 5.22 25.25 -45.39
N LYS C 1062 4.53 24.16 -45.07
CA LYS C 1062 3.65 24.18 -43.90
C LYS C 1062 4.03 23.12 -42.90
N LEU C 1063 4.28 23.54 -41.67
CA LEU C 1063 4.65 22.61 -40.62
C LEU C 1063 3.84 22.81 -39.35
N TRP C 1064 3.14 21.76 -38.93
CA TRP C 1064 2.39 21.84 -37.68
C TRP C 1064 3.08 21.01 -36.61
N LEU C 1065 3.42 21.65 -35.51
CA LEU C 1065 4.03 20.98 -34.36
C LEU C 1065 3.21 21.26 -33.12
N VAL C 1066 1.91 21.34 -33.32
CA VAL C 1066 0.99 21.64 -32.25
C VAL C 1066 0.91 20.50 -31.26
N SER C 1067 0.95 20.83 -29.97
CA SER C 1067 0.84 19.83 -28.92
C SER C 1067 1.86 18.71 -29.08
N CYS C 1068 3.14 19.07 -29.10
CA CYS C 1068 4.17 18.06 -29.28
C CYS C 1068 5.12 17.99 -28.11
N CYS C 1069 4.62 18.34 -26.93
CA CYS C 1069 5.44 18.27 -25.73
C CYS C 1069 6.72 19.06 -25.88
N LEU C 1070 6.64 20.24 -26.47
CA LEU C 1070 7.82 21.06 -26.67
C LEU C 1070 7.98 22.07 -25.56
N THR C 1071 9.22 22.48 -25.32
CA THR C 1071 9.48 23.56 -24.39
C THR C 1071 10.28 24.64 -25.08
N SER C 1072 10.58 25.71 -24.36
CA SER C 1072 11.30 26.84 -24.92
C SER C 1072 12.67 26.45 -25.46
N ALA C 1073 13.22 25.36 -24.96
CA ALA C 1073 14.54 24.94 -25.40
C ALA C 1073 14.60 24.69 -26.90
N CYS C 1074 13.50 24.19 -27.46
CA CYS C 1074 13.48 23.80 -28.86
C CYS C 1074 13.49 25.01 -29.79
N CYS C 1075 13.19 26.17 -29.24
CA CYS C 1075 13.08 27.36 -30.06
C CYS C 1075 14.42 27.76 -30.59
N GLN C 1076 15.49 27.28 -29.96
CA GLN C 1076 16.81 27.61 -30.43
C GLN C 1076 17.03 27.03 -31.81
N ASP C 1077 16.43 25.87 -32.08
CA ASP C 1077 16.60 25.23 -33.38
C ASP C 1077 15.53 25.66 -34.37
N LEU C 1078 14.30 25.87 -33.87
CA LEU C 1078 13.23 26.31 -34.77
C LEU C 1078 13.55 27.68 -35.31
N ALA C 1079 14.14 28.51 -34.49
CA ALA C 1079 14.49 29.85 -34.88
C ALA C 1079 15.49 29.83 -36.03
N SER C 1080 16.39 28.86 -36.00
CA SER C 1080 17.39 28.73 -37.05
C SER C 1080 16.72 28.32 -38.35
N VAL C 1081 15.70 27.50 -38.24
CA VAL C 1081 14.96 27.11 -39.42
C VAL C 1081 14.26 28.31 -40.02
N LEU C 1082 13.65 29.13 -39.18
CA LEU C 1082 12.98 30.32 -39.68
C LEU C 1082 13.97 31.24 -40.37
N SER C 1083 15.15 31.36 -39.79
CA SER C 1083 16.19 32.23 -40.35
C SER C 1083 16.66 31.78 -41.74
N THR C 1084 16.94 30.48 -41.90
CA THR C 1084 17.56 30.04 -43.16
C THR C 1084 16.62 29.39 -44.16
N SER C 1085 15.46 28.91 -43.72
CA SER C 1085 14.59 28.21 -44.65
C SER C 1085 13.99 29.15 -45.68
N HIS C 1086 14.18 28.82 -46.94
CA HIS C 1086 13.69 29.66 -48.01
C HIS C 1086 12.23 29.35 -48.33
N SER C 1087 11.72 28.25 -47.81
CA SER C 1087 10.37 27.82 -48.15
C SER C 1087 9.39 27.74 -46.99
N LEU C 1088 9.86 27.72 -45.76
CA LEU C 1088 8.91 27.54 -44.66
C LEU C 1088 8.15 28.83 -44.41
N THR C 1089 6.83 28.79 -44.59
CA THR C 1089 6.01 29.98 -44.40
C THR C 1089 4.99 29.80 -43.29
N ARG C 1090 4.60 28.57 -43.03
CA ARG C 1090 3.58 28.30 -42.03
C ARG C 1090 4.13 27.50 -40.87
N LEU C 1091 4.16 28.10 -39.68
CA LEU C 1091 4.68 27.40 -38.52
C LEU C 1091 3.71 27.46 -37.36
N TYR C 1092 3.17 26.32 -36.98
CA TYR C 1092 2.22 26.26 -35.88
C TYR C 1092 2.82 25.48 -34.71
N VAL C 1093 3.09 26.17 -33.63
CA VAL C 1093 3.71 25.54 -32.47
C VAL C 1093 2.93 25.77 -31.18
N GLY C 1094 1.62 25.93 -31.31
CA GLY C 1094 0.79 26.17 -30.15
C GLY C 1094 0.58 24.91 -29.32
N GLU C 1095 -0.11 25.06 -28.20
CA GLU C 1095 -0.37 23.96 -27.27
C GLU C 1095 0.92 23.31 -26.78
N ASN C 1096 1.93 24.13 -26.54
CA ASN C 1096 3.23 23.66 -26.05
C ASN C 1096 3.67 24.51 -24.87
N ALA C 1097 4.85 24.24 -24.34
CA ALA C 1097 5.38 25.02 -23.22
C ALA C 1097 6.36 26.07 -23.71
N LEU C 1098 6.14 26.54 -24.93
CA LEU C 1098 6.98 27.58 -25.50
C LEU C 1098 6.62 28.91 -24.90
N GLY C 1099 7.04 29.12 -23.66
CA GLY C 1099 6.67 30.31 -22.92
C GLY C 1099 7.41 31.52 -23.43
N ASP C 1100 7.34 32.62 -22.69
CA ASP C 1100 7.90 33.89 -23.11
C ASP C 1100 9.31 33.77 -23.67
N SER C 1101 10.16 33.04 -22.98
CA SER C 1101 11.56 32.90 -23.39
C SER C 1101 11.68 32.19 -24.73
N GLY C 1102 10.76 31.28 -25.02
CA GLY C 1102 10.81 30.54 -26.26
C GLY C 1102 10.40 31.44 -27.41
N VAL C 1103 9.37 32.22 -27.17
CA VAL C 1103 8.88 33.14 -28.17
C VAL C 1103 9.93 34.18 -28.50
N ALA C 1104 10.59 34.69 -27.47
CA ALA C 1104 11.61 35.68 -27.68
C ALA C 1104 12.69 35.15 -28.62
N ILE C 1105 13.03 33.87 -28.47
CA ILE C 1105 14.04 33.28 -29.34
C ILE C 1105 13.53 33.20 -30.77
N LEU C 1106 12.30 32.72 -30.95
CA LEU C 1106 11.74 32.61 -32.28
C LEU C 1106 11.63 33.98 -32.92
N CYS C 1107 11.25 34.96 -32.10
CA CYS C 1107 11.06 36.32 -32.58
C CYS C 1107 12.38 36.93 -33.03
N GLU C 1108 13.42 36.71 -32.27
CA GLU C 1108 14.71 37.29 -32.61
C GLU C 1108 15.09 36.96 -34.04
N LYS C 1109 14.80 35.75 -34.48
CA LYS C 1109 15.11 35.40 -35.86
C LYS C 1109 13.97 35.75 -36.82
N ALA C 1110 12.73 35.65 -36.34
CA ALA C 1110 11.56 35.97 -37.17
C ALA C 1110 11.54 37.46 -37.49
N LYS C 1111 12.24 38.22 -36.66
CA LYS C 1111 12.40 39.65 -36.81
C LYS C 1111 13.10 40.02 -38.10
N ASN C 1112 13.97 39.14 -38.57
CA ASN C 1112 14.77 39.42 -39.75
C ASN C 1112 13.89 39.64 -40.97
N PRO C 1113 14.04 40.78 -41.68
CA PRO C 1113 13.29 41.16 -42.86
C PRO C 1113 13.28 40.09 -43.95
N GLN C 1114 14.26 39.19 -43.91
CA GLN C 1114 14.35 38.15 -44.93
C GLN C 1114 13.68 36.84 -44.53
N CYS C 1115 13.10 36.79 -43.35
CA CYS C 1115 12.42 35.58 -42.91
C CYS C 1115 11.14 35.41 -43.73
N ASN C 1116 10.86 34.18 -44.13
CA ASN C 1116 9.71 33.91 -45.01
C ASN C 1116 8.47 33.51 -44.26
N LEU C 1117 8.50 33.65 -42.94
CA LEU C 1117 7.35 33.28 -42.13
C LEU C 1117 6.13 34.13 -42.46
N GLN C 1118 5.02 33.48 -42.78
CA GLN C 1118 3.78 34.16 -43.11
C GLN C 1118 2.71 33.96 -42.05
N LYS C 1119 2.62 32.76 -41.51
CA LYS C 1119 1.59 32.46 -40.53
C LYS C 1119 2.23 31.87 -39.27
N LEU C 1120 2.01 32.51 -38.14
CA LEU C 1120 2.62 32.06 -36.90
C LEU C 1120 1.58 31.63 -35.87
N GLY C 1121 1.57 30.35 -35.54
CA GLY C 1121 0.58 29.75 -34.65
C GLY C 1121 1.03 29.57 -33.20
N LEU C 1122 1.39 30.66 -32.54
CA LEU C 1122 1.70 30.60 -31.11
C LEU C 1122 0.40 30.63 -30.33
N VAL C 1123 -0.42 29.62 -30.52
CA VAL C 1123 -1.80 29.64 -30.04
C VAL C 1123 -1.93 29.55 -28.54
N ASN C 1124 -1.48 28.46 -27.95
CA ASN C 1124 -1.68 28.28 -26.52
C ASN C 1124 -0.40 27.83 -25.86
N SER C 1125 0.66 28.59 -26.10
CA SER C 1125 1.97 28.23 -25.61
C SER C 1125 2.28 28.80 -24.24
N GLY C 1126 1.33 29.53 -23.67
CA GLY C 1126 1.53 30.10 -22.35
C GLY C 1126 2.29 31.41 -22.41
N LEU C 1127 1.94 32.24 -23.39
CA LEU C 1127 2.56 33.54 -23.53
C LEU C 1127 1.99 34.51 -22.53
N THR C 1128 2.80 35.49 -22.16
CA THR C 1128 2.37 36.55 -21.25
C THR C 1128 2.71 37.92 -21.80
N SER C 1129 2.46 38.95 -21.01
CA SER C 1129 2.69 40.33 -21.46
C SER C 1129 4.15 40.59 -21.76
N VAL C 1130 5.03 39.90 -21.06
CA VAL C 1130 6.46 40.09 -21.20
C VAL C 1130 6.94 39.81 -22.62
N CYS C 1131 6.40 38.78 -23.24
CA CYS C 1131 6.85 38.37 -24.56
C CYS C 1131 6.26 39.21 -25.67
N CYS C 1132 5.34 40.08 -25.34
CA CYS C 1132 4.63 40.82 -26.36
C CYS C 1132 5.52 41.84 -27.04
N SER C 1133 6.57 42.28 -26.36
CA SER C 1133 7.50 43.21 -26.98
C SER C 1133 8.28 42.51 -28.07
N ALA C 1134 8.53 41.21 -27.89
CA ALA C 1134 9.25 40.43 -28.88
C ALA C 1134 8.39 40.26 -30.12
N LEU C 1135 7.11 40.00 -29.92
CA LEU C 1135 6.18 39.88 -31.02
C LEU C 1135 6.00 41.22 -31.69
N SER C 1136 5.98 42.28 -30.91
CA SER C 1136 5.83 43.62 -31.44
C SER C 1136 6.97 43.91 -32.39
N SER C 1137 8.17 43.56 -31.98
CA SER C 1137 9.34 43.77 -32.81
C SER C 1137 9.20 43.05 -34.14
N VAL C 1138 8.74 41.80 -34.11
CA VAL C 1138 8.57 41.05 -35.34
C VAL C 1138 7.55 41.71 -36.23
N LEU C 1139 6.43 42.10 -35.66
CA LEU C 1139 5.36 42.72 -36.43
C LEU C 1139 5.82 43.99 -37.12
N SER C 1140 6.64 44.77 -36.43
CA SER C 1140 7.15 46.02 -36.98
C SER C 1140 8.14 45.82 -38.12
N THR C 1141 8.94 44.76 -38.05
CA THR C 1141 10.01 44.59 -39.04
C THR C 1141 9.72 43.57 -40.13
N ASN C 1142 9.10 42.45 -39.77
CA ASN C 1142 8.87 41.38 -40.73
C ASN C 1142 7.61 41.61 -41.53
N GLN C 1143 7.79 42.03 -42.78
CA GLN C 1143 6.68 42.44 -43.62
C GLN C 1143 6.01 41.26 -44.30
N ASN C 1144 6.51 40.06 -44.03
CA ASN C 1144 5.94 38.88 -44.65
C ASN C 1144 4.93 38.19 -43.73
N LEU C 1145 4.79 38.69 -42.50
CA LEU C 1145 3.93 38.01 -41.54
C LEU C 1145 2.50 38.52 -41.70
N THR C 1146 1.60 37.64 -42.12
CA THR C 1146 0.24 38.04 -42.43
C THR C 1146 -0.79 37.49 -41.46
N HIS C 1147 -0.47 36.40 -40.77
CA HIS C 1147 -1.41 35.82 -39.83
C HIS C 1147 -0.75 35.48 -38.51
N LEU C 1148 -1.33 35.95 -37.42
CA LEU C 1148 -0.80 35.67 -36.10
C LEU C 1148 -1.91 35.19 -35.17
N TYR C 1149 -1.75 33.98 -34.64
CA TYR C 1149 -2.79 33.39 -33.80
C TYR C 1149 -2.30 33.24 -32.37
N LEU C 1150 -2.81 34.06 -31.46
CA LEU C 1150 -2.34 34.02 -30.08
C LEU C 1150 -3.40 33.53 -29.11
N ARG C 1151 -4.50 33.01 -29.63
CA ARG C 1151 -5.63 32.69 -28.78
C ARG C 1151 -5.34 31.63 -27.74
N GLY C 1152 -5.65 31.95 -26.49
CA GLY C 1152 -5.46 31.05 -25.36
C GLY C 1152 -4.34 31.53 -24.45
N ASN C 1153 -3.51 32.41 -24.96
CA ASN C 1153 -2.42 32.96 -24.17
C ASN C 1153 -2.92 34.08 -23.27
N THR C 1154 -2.55 34.02 -22.00
CA THR C 1154 -2.99 35.03 -21.06
C THR C 1154 -2.17 36.30 -21.22
N LEU C 1155 -2.33 36.95 -22.37
CA LEU C 1155 -1.57 38.13 -22.73
C LEU C 1155 -1.91 39.28 -21.81
N GLY C 1156 -3.19 39.38 -21.46
CA GLY C 1156 -3.65 40.44 -20.59
C GLY C 1156 -3.80 41.73 -21.35
N ASP C 1157 -4.13 42.80 -20.63
CA ASP C 1157 -4.32 44.10 -21.23
C ASP C 1157 -2.98 44.71 -21.61
N LYS C 1158 -2.00 44.53 -20.73
CA LYS C 1158 -0.67 45.05 -21.00
C LYS C 1158 -0.12 44.41 -22.27
N GLY C 1159 -0.41 43.14 -22.44
CA GLY C 1159 0.04 42.41 -23.62
C GLY C 1159 -0.49 43.05 -24.88
N ILE C 1160 -1.80 43.30 -24.92
CA ILE C 1160 -2.39 43.92 -26.09
C ILE C 1160 -1.78 45.29 -26.34
N LYS C 1161 -1.58 46.07 -25.29
CA LYS C 1161 -0.97 47.38 -25.46
C LYS C 1161 0.35 47.27 -26.20
N LEU C 1162 1.21 46.36 -25.75
CA LEU C 1162 2.52 46.18 -26.37
C LEU C 1162 2.40 45.67 -27.81
N LEU C 1163 1.48 44.74 -28.04
CA LEU C 1163 1.33 44.22 -29.38
C LEU C 1163 0.84 45.31 -30.31
N CYS C 1164 -0.03 46.17 -29.81
CA CYS C 1164 -0.56 47.25 -30.62
C CYS C 1164 0.54 48.19 -31.06
N GLU C 1165 1.49 48.47 -30.17
CA GLU C 1165 2.58 49.36 -30.58
C GLU C 1165 3.23 48.81 -31.84
N GLY C 1166 3.41 47.50 -31.90
CA GLY C 1166 3.94 46.85 -33.09
C GLY C 1166 2.97 46.95 -34.26
N LEU C 1167 1.71 46.63 -34.00
CA LEU C 1167 0.69 46.59 -35.05
C LEU C 1167 0.42 47.95 -35.65
N LEU C 1168 0.68 49.01 -34.89
CA LEU C 1168 0.44 50.37 -35.34
C LEU C 1168 1.61 50.92 -36.14
N HIS C 1169 2.68 50.15 -36.23
CA HIS C 1169 3.83 50.55 -37.02
C HIS C 1169 3.43 50.54 -38.50
N PRO C 1170 3.77 51.57 -39.27
CA PRO C 1170 3.36 51.76 -40.64
C PRO C 1170 3.79 50.65 -41.58
N ASP C 1171 4.82 49.88 -41.21
CA ASP C 1171 5.27 48.81 -42.10
C ASP C 1171 4.65 47.46 -41.76
N CYS C 1172 3.83 47.40 -40.72
CA CYS C 1172 3.24 46.11 -40.35
C CYS C 1172 2.22 45.69 -41.39
N LYS C 1173 2.32 44.44 -41.84
CA LYS C 1173 1.43 43.93 -42.88
C LYS C 1173 0.49 42.87 -42.36
N LEU C 1174 0.41 42.71 -41.05
CA LEU C 1174 -0.43 41.65 -40.51
C LEU C 1174 -1.86 41.84 -40.97
N GLN C 1175 -2.46 40.78 -41.50
CA GLN C 1175 -3.82 40.85 -41.98
C GLN C 1175 -4.79 40.26 -40.96
N VAL C 1176 -4.38 39.14 -40.37
CA VAL C 1176 -5.26 38.44 -39.44
C VAL C 1176 -4.67 38.29 -38.06
N LEU C 1177 -5.41 38.78 -37.07
CA LEU C 1177 -5.00 38.62 -35.69
C LEU C 1177 -6.10 37.93 -34.91
N GLU C 1178 -5.80 36.77 -34.34
CA GLU C 1178 -6.80 36.02 -33.61
C GLU C 1178 -6.52 36.06 -32.11
N LEU C 1179 -7.51 36.53 -31.35
CA LEU C 1179 -7.38 36.71 -29.91
C LEU C 1179 -8.61 36.24 -29.14
N ASP C 1180 -8.71 34.94 -28.91
CA ASP C 1180 -9.82 34.41 -28.14
C ASP C 1180 -9.52 34.61 -26.67
N ASN C 1181 -9.77 33.62 -25.83
CA ASN C 1181 -9.53 33.85 -24.43
C ASN C 1181 -8.08 34.17 -24.17
N CYS C 1182 -7.80 35.45 -24.01
CA CYS C 1182 -6.46 35.92 -23.75
C CYS C 1182 -6.42 36.70 -22.45
N ASN C 1183 -7.35 36.39 -21.55
CA ASN C 1183 -7.47 37.09 -20.29
C ASN C 1183 -7.59 38.60 -20.49
N LEU C 1184 -8.44 39.01 -21.43
CA LEU C 1184 -8.60 40.44 -21.69
C LEU C 1184 -9.69 41.04 -20.83
N THR C 1185 -9.62 42.36 -20.68
CA THR C 1185 -10.58 43.11 -19.89
C THR C 1185 -11.02 44.38 -20.60
N SER C 1186 -11.69 45.26 -19.88
CA SER C 1186 -12.26 46.47 -20.46
C SER C 1186 -11.22 47.43 -20.99
N HIS C 1187 -10.10 47.53 -20.30
CA HIS C 1187 -9.08 48.51 -20.65
C HIS C 1187 -8.60 48.37 -22.08
N CYS C 1188 -8.35 47.14 -22.50
CA CYS C 1188 -7.73 46.88 -23.79
C CYS C 1188 -8.57 47.33 -24.97
N CYS C 1189 -9.84 47.65 -24.75
CA CYS C 1189 -10.67 48.07 -25.86
C CYS C 1189 -10.18 49.37 -26.46
N TRP C 1190 -9.50 50.20 -25.67
CA TRP C 1190 -8.98 51.44 -26.20
C TRP C 1190 -7.91 51.16 -27.24
N ASP C 1191 -7.02 50.24 -26.90
CA ASP C 1191 -5.90 49.91 -27.76
C ASP C 1191 -6.39 49.13 -28.97
N LEU C 1192 -7.39 48.29 -28.75
CA LEU C 1192 -7.98 47.54 -29.85
C LEU C 1192 -8.73 48.48 -30.76
N SER C 1193 -9.41 49.46 -30.19
CA SER C 1193 -10.13 50.45 -30.98
C SER C 1193 -9.14 51.22 -31.84
N THR C 1194 -8.02 51.59 -31.23
CA THR C 1194 -6.97 52.28 -31.95
C THR C 1194 -6.49 51.41 -33.10
N LEU C 1195 -6.28 50.14 -32.82
CA LEU C 1195 -5.86 49.19 -33.83
C LEU C 1195 -6.86 49.11 -34.98
N LEU C 1196 -8.14 49.07 -34.65
CA LEU C 1196 -9.19 48.94 -35.65
C LEU C 1196 -9.18 50.09 -36.66
N THR C 1197 -8.90 51.30 -36.21
CA THR C 1197 -8.95 52.43 -37.13
C THR C 1197 -7.59 52.86 -37.65
N SER C 1198 -6.53 52.50 -36.94
CA SER C 1198 -5.19 52.91 -37.32
C SER C 1198 -4.54 52.01 -38.35
N SER C 1199 -4.59 50.69 -38.13
CA SER C 1199 -3.90 49.79 -39.03
C SER C 1199 -4.56 49.79 -40.38
N GLN C 1200 -3.75 49.88 -41.42
CA GLN C 1200 -4.27 49.86 -42.78
C GLN C 1200 -4.11 48.48 -43.39
N SER C 1201 -3.48 47.59 -42.62
CA SER C 1201 -3.17 46.25 -43.10
C SER C 1201 -4.12 45.21 -42.53
N LEU C 1202 -4.63 45.47 -41.33
CA LEU C 1202 -5.47 44.50 -40.65
C LEU C 1202 -6.78 44.31 -41.38
N ARG C 1203 -7.19 43.06 -41.57
CA ARG C 1203 -8.42 42.77 -42.26
C ARG C 1203 -9.38 41.97 -41.40
N LYS C 1204 -8.82 41.21 -40.46
CA LYS C 1204 -9.59 40.34 -39.58
C LYS C 1204 -9.09 40.43 -38.16
N LEU C 1205 -9.99 40.62 -37.20
CA LEU C 1205 -9.59 40.68 -35.80
C LEU C 1205 -10.53 39.84 -34.97
N SER C 1206 -10.16 38.60 -34.72
CA SER C 1206 -11.06 37.65 -34.08
C SER C 1206 -10.98 37.70 -32.57
N LEU C 1207 -11.49 38.77 -31.98
CA LEU C 1207 -11.61 38.83 -30.54
C LEU C 1207 -12.62 37.78 -30.15
N GLY C 1208 -12.32 36.99 -29.12
CA GLY C 1208 -13.24 35.89 -28.78
C GLY C 1208 -13.64 35.83 -27.33
N ASN C 1209 -13.52 34.64 -26.75
CA ASN C 1209 -14.02 34.36 -25.42
C ASN C 1209 -13.23 35.05 -24.32
N ASN C 1210 -13.42 36.36 -24.23
CA ASN C 1210 -12.77 37.16 -23.21
C ASN C 1210 -13.73 38.25 -22.74
N ASP C 1211 -13.50 38.78 -21.54
CA ASP C 1211 -14.40 39.80 -21.02
C ASP C 1211 -14.07 41.17 -21.59
N LEU C 1212 -14.40 41.36 -22.85
CA LEU C 1212 -14.14 42.60 -23.56
C LEU C 1212 -14.82 43.77 -22.85
N GLY C 1213 -15.99 43.51 -22.28
CA GLY C 1213 -16.74 44.53 -21.59
C GLY C 1213 -17.99 44.92 -22.36
N ASP C 1214 -18.93 45.54 -21.66
CA ASP C 1214 -20.21 45.93 -22.26
C ASP C 1214 -20.08 47.22 -23.02
N LEU C 1215 -19.18 48.07 -22.57
CA LEU C 1215 -19.05 49.37 -23.20
C LEU C 1215 -17.91 49.37 -24.23
N GLY C 1216 -16.92 48.51 -24.01
CA GLY C 1216 -15.77 48.44 -24.91
C GLY C 1216 -16.22 48.05 -26.31
N VAL C 1217 -17.18 47.16 -26.39
CA VAL C 1217 -17.74 46.74 -27.66
C VAL C 1217 -18.53 47.88 -28.31
N MET C 1218 -19.14 48.74 -27.50
CA MET C 1218 -19.89 49.85 -28.06
C MET C 1218 -18.96 50.83 -28.74
N MET C 1219 -17.73 50.93 -28.23
CA MET C 1219 -16.76 51.78 -28.89
C MET C 1219 -16.46 51.24 -30.27
N PHE C 1220 -16.29 49.92 -30.37
CA PHE C 1220 -16.03 49.32 -31.68
C PHE C 1220 -17.16 49.64 -32.62
N CYS C 1221 -18.39 49.52 -32.12
CA CYS C 1221 -19.56 49.78 -32.94
C CYS C 1221 -19.49 51.18 -33.54
N GLU C 1222 -19.10 52.16 -32.72
CA GLU C 1222 -19.07 53.55 -33.14
C GLU C 1222 -17.93 53.87 -34.10
N VAL C 1223 -16.75 53.30 -33.86
CA VAL C 1223 -15.58 53.66 -34.65
C VAL C 1223 -15.53 52.93 -35.99
N LEU C 1224 -16.09 51.73 -36.04
CA LEU C 1224 -16.07 50.93 -37.27
C LEU C 1224 -17.06 51.44 -38.30
N LYS C 1225 -17.26 52.75 -38.33
CA LYS C 1225 -18.10 53.39 -39.30
C LYS C 1225 -17.27 54.29 -40.21
N GLN C 1226 -16.11 54.71 -39.74
CA GLN C 1226 -15.30 55.69 -40.45
C GLN C 1226 -14.35 55.04 -41.45
N GLN C 1227 -14.92 54.43 -42.48
CA GLN C 1227 -14.14 53.81 -43.55
C GLN C 1227 -13.04 52.88 -43.03
N SER C 1228 -13.41 51.99 -42.11
CA SER C 1228 -12.47 51.02 -41.58
C SER C 1228 -12.07 50.00 -42.63
N CYS C 1229 -10.83 49.54 -42.55
CA CYS C 1229 -10.32 48.55 -43.50
C CYS C 1229 -10.62 47.12 -43.06
N LEU C 1230 -11.23 46.96 -41.89
CA LEU C 1230 -11.54 45.62 -41.43
C LEU C 1230 -12.76 45.10 -42.16
N LEU C 1231 -12.59 43.96 -42.85
CA LEU C 1231 -13.65 43.42 -43.69
C LEU C 1231 -14.11 42.06 -43.23
N GLN C 1232 -13.31 41.41 -42.40
CA GLN C 1232 -13.59 40.05 -41.97
C GLN C 1232 -14.10 40.01 -40.55
N ASN C 1233 -14.32 38.80 -40.06
CA ASN C 1233 -14.88 38.62 -38.73
C ASN C 1233 -14.30 39.58 -37.71
N LEU C 1234 -15.21 40.20 -36.96
CA LEU C 1234 -14.85 41.06 -35.84
C LEU C 1234 -14.83 40.24 -34.56
N GLY C 1235 -15.30 39.00 -34.66
CA GLY C 1235 -15.36 38.09 -33.52
C GLY C 1235 -16.45 38.49 -32.54
N LEU C 1236 -16.08 38.69 -31.30
CA LEU C 1236 -17.00 39.03 -30.21
C LEU C 1236 -17.89 37.85 -29.87
N SER C 1237 -17.45 36.65 -30.23
CA SER C 1237 -18.18 35.42 -29.93
C SER C 1237 -17.95 34.99 -28.50
N GLU C 1238 -18.79 34.08 -28.00
CA GLU C 1238 -18.63 33.56 -26.64
C GLU C 1238 -18.51 34.70 -25.64
N MET C 1239 -19.27 35.77 -25.88
CA MET C 1239 -19.25 36.95 -25.06
C MET C 1239 -20.66 37.47 -24.91
N TYR C 1240 -21.09 37.70 -23.70
CA TYR C 1240 -22.45 38.14 -23.48
C TYR C 1240 -22.56 39.64 -23.62
N PHE C 1241 -23.62 40.08 -24.30
CA PHE C 1241 -23.89 41.49 -24.50
C PHE C 1241 -25.33 41.82 -24.13
N ASN C 1242 -25.58 43.08 -23.78
CA ASN C 1242 -26.93 43.51 -23.46
C ASN C 1242 -27.72 43.83 -24.72
N TYR C 1243 -28.97 44.24 -24.54
CA TYR C 1243 -29.88 44.48 -25.66
C TYR C 1243 -29.41 45.59 -26.58
N GLU C 1244 -29.06 46.73 -26.00
CA GLU C 1244 -28.66 47.88 -26.79
C GLU C 1244 -27.42 47.56 -27.63
N THR C 1245 -26.52 46.78 -27.06
CA THR C 1245 -25.31 46.40 -27.77
C THR C 1245 -25.63 45.53 -28.97
N LYS C 1246 -26.51 44.55 -28.78
CA LYS C 1246 -26.85 43.69 -29.89
C LYS C 1246 -27.48 44.49 -31.01
N SER C 1247 -28.32 45.46 -30.65
CA SER C 1247 -28.94 46.31 -31.64
C SER C 1247 -27.90 47.08 -32.43
N ALA C 1248 -26.92 47.64 -31.71
CA ALA C 1248 -25.86 48.39 -32.35
C ALA C 1248 -25.04 47.51 -33.29
N LEU C 1249 -24.75 46.28 -32.87
CA LEU C 1249 -23.97 45.38 -33.71
C LEU C 1249 -24.76 44.96 -34.93
N GLU C 1250 -26.07 44.72 -34.76
CA GLU C 1250 -26.91 44.38 -35.90
C GLU C 1250 -26.99 45.55 -36.85
N THR C 1251 -27.08 46.75 -36.30
CA THR C 1251 -27.13 47.96 -37.10
C THR C 1251 -25.85 48.10 -37.90
N LEU C 1252 -24.71 47.87 -37.25
CA LEU C 1252 -23.43 47.94 -37.91
C LEU C 1252 -23.37 46.96 -39.07
N GLN C 1253 -23.85 45.73 -38.82
CA GLN C 1253 -23.81 44.69 -39.83
C GLN C 1253 -24.60 45.07 -41.07
N GLU C 1254 -25.75 45.71 -40.88
CA GLU C 1254 -26.59 46.10 -42.01
C GLU C 1254 -26.08 47.34 -42.73
N GLU C 1255 -25.62 48.33 -41.97
CA GLU C 1255 -25.17 49.57 -42.57
C GLU C 1255 -23.85 49.43 -43.31
N LYS C 1256 -22.99 48.52 -42.86
CA LYS C 1256 -21.68 48.34 -43.46
C LYS C 1256 -21.47 46.91 -43.96
N PRO C 1257 -22.07 46.54 -45.11
CA PRO C 1257 -22.11 45.20 -45.67
C PRO C 1257 -20.75 44.72 -46.12
N GLU C 1258 -19.80 45.65 -46.23
CA GLU C 1258 -18.45 45.29 -46.61
C GLU C 1258 -17.80 44.48 -45.50
N LEU C 1259 -18.39 44.51 -44.32
CA LEU C 1259 -17.95 43.71 -43.21
C LEU C 1259 -18.67 42.38 -43.29
N THR C 1260 -17.93 41.35 -43.63
CA THR C 1260 -18.53 40.06 -43.91
C THR C 1260 -19.43 39.63 -42.79
N VAL C 1261 -18.94 39.75 -41.57
CA VAL C 1261 -19.73 39.33 -40.44
C VAL C 1261 -19.17 39.90 -39.15
N VAL C 1262 -20.06 40.33 -38.26
CA VAL C 1262 -19.65 40.69 -36.92
C VAL C 1262 -19.42 39.43 -36.12
N PHE C 1263 -20.41 38.54 -36.19
CA PHE C 1263 -20.33 37.22 -35.58
C PHE C 1263 -20.48 37.25 -34.06
N GLU C 1264 -21.44 38.02 -33.58
CA GLU C 1264 -21.76 38.03 -32.17
C GLU C 1264 -22.50 36.70 -31.87
N PRO C 1265 -22.86 36.40 -30.61
CA PRO C 1265 -23.43 35.15 -30.15
C PRO C 1265 -24.79 34.81 -30.76
N SER C 1266 -25.50 35.82 -31.22
CA SER C 1266 -26.85 35.72 -31.77
C SER C 1266 -27.69 36.94 -31.39
N LYS D 1 71.84 -19.78 -46.47
CA LYS D 1 73.03 -20.40 -47.04
C LYS D 1 72.69 -21.65 -47.82
N ILE D 2 72.71 -21.55 -49.14
CA ILE D 2 72.39 -22.67 -50.02
C ILE D 2 73.65 -23.39 -50.48
N GLU D 3 73.69 -24.69 -50.28
CA GLU D 3 74.85 -25.48 -50.66
C GLU D 3 74.85 -25.82 -52.15
N GLU D 4 74.99 -24.80 -52.98
CA GLU D 4 74.94 -24.98 -54.42
C GLU D 4 76.11 -25.81 -54.92
N GLY D 5 75.86 -26.68 -55.89
CA GLY D 5 76.90 -27.47 -56.52
C GLY D 5 77.01 -28.89 -55.95
N LYS D 6 76.34 -29.14 -54.82
CA LYS D 6 76.42 -30.45 -54.18
C LYS D 6 75.06 -30.92 -53.67
N LEU D 7 74.88 -32.24 -53.59
CA LEU D 7 73.65 -32.78 -53.01
C LEU D 7 73.96 -33.33 -51.61
N VAL D 8 73.26 -32.84 -50.60
CA VAL D 8 73.51 -33.23 -49.21
C VAL D 8 72.33 -33.98 -48.58
N ILE D 9 72.60 -35.14 -48.00
CA ILE D 9 71.55 -35.94 -47.40
C ILE D 9 71.67 -36.11 -45.89
N TRP D 10 70.57 -35.86 -45.19
CA TRP D 10 70.47 -36.10 -43.75
C TRP D 10 69.61 -37.33 -43.46
N ILE D 11 70.24 -38.35 -42.90
CA ILE D 11 69.56 -39.60 -42.60
C ILE D 11 69.87 -40.09 -41.19
N ASN D 12 68.88 -40.70 -40.55
CA ASN D 12 69.08 -41.28 -39.23
C ASN D 12 70.18 -42.36 -39.27
N GLY D 13 71.11 -42.27 -38.34
CA GLY D 13 72.27 -43.17 -38.27
C GLY D 13 71.89 -44.63 -38.05
N ASP D 14 70.63 -44.86 -37.69
CA ASP D 14 70.11 -46.21 -37.45
C ASP D 14 69.55 -46.83 -38.73
N LYS D 15 69.78 -46.18 -39.86
CA LYS D 15 69.34 -46.69 -41.16
C LYS D 15 70.54 -47.19 -41.95
N GLY D 16 70.30 -47.64 -43.19
CA GLY D 16 71.38 -48.14 -44.04
C GLY D 16 72.25 -46.99 -44.57
N TYR D 17 72.89 -46.30 -43.64
CA TYR D 17 73.69 -45.09 -43.90
C TYR D 17 74.82 -45.31 -44.89
N ASN D 18 75.65 -46.33 -44.67
CA ASN D 18 76.80 -46.52 -45.53
C ASN D 18 76.37 -46.86 -46.94
N GLY D 19 75.27 -47.58 -47.05
CA GLY D 19 74.74 -47.97 -48.32
C GLY D 19 74.24 -46.76 -49.10
N LEU D 20 73.51 -45.88 -48.43
CA LEU D 20 73.01 -44.68 -49.08
C LEU D 20 74.17 -43.84 -49.60
N ALA D 21 75.26 -43.81 -48.83
CA ALA D 21 76.48 -43.14 -49.27
C ALA D 21 77.02 -43.82 -50.53
N GLU D 22 76.89 -45.15 -50.60
CA GLU D 22 77.36 -45.91 -51.76
C GLU D 22 76.52 -45.58 -52.99
N VAL D 23 75.22 -45.39 -52.79
CA VAL D 23 74.34 -44.99 -53.89
C VAL D 23 74.79 -43.62 -54.38
N GLY D 24 75.10 -42.75 -53.42
CA GLY D 24 75.60 -41.42 -53.70
C GLY D 24 76.91 -41.47 -54.49
N LYS D 25 77.85 -42.29 -54.04
CA LYS D 25 79.14 -42.43 -54.71
C LYS D 25 78.97 -42.97 -56.13
N LYS D 26 78.07 -43.93 -56.31
CA LYS D 26 77.81 -44.45 -57.65
C LYS D 26 77.22 -43.36 -58.51
N PHE D 27 76.27 -42.61 -57.96
CA PHE D 27 75.67 -41.51 -58.66
C PHE D 27 76.75 -40.54 -59.11
N GLU D 28 77.65 -40.17 -58.20
CA GLU D 28 78.74 -39.27 -58.54
C GLU D 28 79.56 -39.79 -59.72
N LYS D 29 79.90 -41.07 -59.70
CA LYS D 29 80.70 -41.60 -60.80
C LYS D 29 79.92 -41.62 -62.11
N ASP D 30 78.61 -41.84 -62.04
CA ASP D 30 77.78 -41.89 -63.24
C ASP D 30 77.43 -40.50 -63.80
N THR D 31 77.20 -39.53 -62.91
CA THR D 31 76.74 -38.21 -63.35
C THR D 31 77.80 -37.11 -63.20
N GLY D 32 78.79 -37.33 -62.34
CA GLY D 32 79.83 -36.34 -62.06
C GLY D 32 79.48 -35.41 -60.92
N ILE D 33 78.29 -35.58 -60.33
CA ILE D 33 77.84 -34.71 -59.24
C ILE D 33 77.91 -35.43 -57.90
N LYS D 34 78.72 -34.91 -56.98
CA LYS D 34 78.95 -35.55 -55.68
C LYS D 34 77.73 -35.46 -54.77
N VAL D 35 77.49 -36.57 -54.06
CA VAL D 35 76.42 -36.65 -53.06
C VAL D 35 77.02 -36.94 -51.69
N THR D 36 76.73 -36.08 -50.73
CA THR D 36 77.25 -36.21 -49.38
C THR D 36 76.17 -36.74 -48.45
N VAL D 37 76.49 -37.77 -47.69
CA VAL D 37 75.52 -38.34 -46.76
C VAL D 37 76.08 -38.26 -45.35
N GLU D 38 75.30 -37.69 -44.43
CA GLU D 38 75.72 -37.55 -43.04
C GLU D 38 74.54 -37.82 -42.11
N HIS D 39 74.83 -38.14 -40.85
CA HIS D 39 73.75 -38.44 -39.92
C HIS D 39 73.90 -37.76 -38.55
N PRO D 40 73.38 -36.53 -38.42
CA PRO D 40 73.30 -35.77 -37.19
C PRO D 40 72.37 -36.46 -36.22
N ASP D 41 72.62 -36.32 -34.92
CA ASP D 41 71.68 -36.84 -33.94
C ASP D 41 70.50 -35.88 -33.83
N LYS D 42 69.31 -36.42 -33.62
CA LYS D 42 68.11 -35.60 -33.52
C LYS D 42 67.94 -34.73 -34.76
N LEU D 43 68.14 -35.34 -35.93
CA LEU D 43 67.98 -34.60 -37.18
C LEU D 43 66.54 -34.16 -37.34
N GLU D 44 65.62 -34.86 -36.67
CA GLU D 44 64.20 -34.53 -36.71
C GLU D 44 63.90 -33.28 -35.89
N GLU D 45 64.87 -32.85 -35.07
CA GLU D 45 64.70 -31.64 -34.27
C GLU D 45 65.45 -30.48 -34.89
N LYS D 46 66.58 -30.77 -35.53
CA LYS D 46 67.38 -29.72 -36.17
C LYS D 46 66.90 -29.40 -37.58
N PHE D 47 66.45 -30.42 -38.32
CA PHE D 47 66.05 -30.22 -39.70
C PHE D 47 65.03 -29.09 -39.89
N PRO D 48 63.97 -29.00 -39.06
CA PRO D 48 62.93 -27.98 -39.13
C PRO D 48 63.48 -26.57 -38.97
N GLN D 49 64.65 -26.44 -38.35
CA GLN D 49 65.21 -25.13 -38.10
C GLN D 49 66.08 -24.69 -39.26
N VAL D 50 66.78 -25.63 -39.87
CA VAL D 50 67.62 -25.31 -41.01
C VAL D 50 66.74 -25.19 -42.25
N ALA D 51 65.75 -26.06 -42.38
CA ALA D 51 64.82 -26.01 -43.51
C ALA D 51 64.11 -24.67 -43.52
N ALA D 52 63.85 -24.13 -42.33
CA ALA D 52 63.18 -22.85 -42.16
C ALA D 52 64.15 -21.69 -42.38
N THR D 53 65.43 -22.03 -42.57
CA THR D 53 66.49 -21.05 -42.79
C THR D 53 66.92 -21.08 -44.26
N GLY D 54 66.84 -22.26 -44.87
CA GLY D 54 67.24 -22.47 -46.25
C GLY D 54 68.50 -23.32 -46.35
N ASP D 55 69.27 -23.38 -45.25
CA ASP D 55 70.46 -24.21 -45.21
C ASP D 55 70.09 -25.61 -44.74
N GLY D 56 71.09 -26.43 -44.45
CA GLY D 56 70.80 -27.82 -44.12
C GLY D 56 70.88 -28.67 -45.38
N PRO D 57 70.29 -29.86 -45.35
CA PRO D 57 70.34 -30.90 -46.36
C PRO D 57 69.41 -30.58 -47.51
N ASP D 58 69.63 -31.25 -48.64
CA ASP D 58 68.71 -31.18 -49.77
C ASP D 58 67.65 -32.25 -49.62
N ILE D 59 68.07 -33.40 -49.10
CA ILE D 59 67.18 -34.54 -48.93
C ILE D 59 67.14 -35.02 -47.48
N ILE D 60 65.95 -35.25 -46.98
CA ILE D 60 65.75 -35.68 -45.61
C ILE D 60 65.12 -37.08 -45.52
N PHE D 61 65.79 -37.98 -44.82
CA PHE D 61 65.26 -39.33 -44.62
C PHE D 61 64.72 -39.52 -43.22
N TRP D 62 63.41 -39.70 -43.13
CA TRP D 62 62.71 -39.85 -41.85
C TRP D 62 61.35 -40.47 -42.09
N ALA D 63 60.60 -40.69 -41.02
CA ALA D 63 59.24 -41.18 -41.15
C ALA D 63 58.34 -40.15 -41.84
N HIS D 64 57.44 -40.64 -42.67
CA HIS D 64 56.51 -39.82 -43.43
C HIS D 64 55.48 -39.07 -42.56
N ASP D 65 55.33 -39.48 -41.31
CA ASP D 65 54.33 -38.81 -40.48
C ASP D 65 54.81 -37.44 -40.08
N ARG D 66 56.08 -37.36 -39.67
CA ARG D 66 56.64 -36.08 -39.27
C ARG D 66 56.67 -35.13 -40.45
N PHE D 67 56.89 -35.67 -41.65
CA PHE D 67 56.94 -34.86 -42.86
C PHE D 67 55.65 -34.09 -43.10
N GLY D 68 54.54 -34.57 -42.58
CA GLY D 68 53.31 -33.85 -42.73
C GLY D 68 53.40 -32.53 -41.98
N GLY D 69 54.09 -32.53 -40.85
CA GLY D 69 54.26 -31.33 -40.05
C GLY D 69 55.10 -30.32 -40.82
N TYR D 70 56.14 -30.81 -41.48
CA TYR D 70 56.98 -29.95 -42.27
C TYR D 70 56.18 -29.37 -43.42
N ALA D 71 55.37 -30.21 -44.05
CA ALA D 71 54.55 -29.78 -45.17
C ALA D 71 53.58 -28.70 -44.74
N GLN D 72 53.07 -28.81 -43.51
CA GLN D 72 52.16 -27.82 -42.95
C GLN D 72 52.87 -26.49 -42.81
N SER D 73 54.15 -26.55 -42.46
CA SER D 73 54.98 -25.36 -42.30
C SER D 73 55.56 -24.90 -43.64
N GLY D 74 55.46 -25.76 -44.64
CA GLY D 74 55.94 -25.46 -45.99
C GLY D 74 57.45 -25.62 -46.11
N LEU D 75 58.02 -26.52 -45.32
CA LEU D 75 59.46 -26.71 -45.31
C LEU D 75 59.94 -27.75 -46.32
N LEU D 76 59.00 -28.45 -46.94
CA LEU D 76 59.35 -29.46 -47.94
C LEU D 76 58.97 -29.05 -49.34
N ALA D 77 59.77 -29.51 -50.29
CA ALA D 77 59.59 -29.29 -51.71
C ALA D 77 58.49 -30.17 -52.25
N GLU D 78 57.85 -29.71 -53.33
CA GLU D 78 56.90 -30.57 -54.01
C GLU D 78 57.66 -31.50 -54.95
N ILE D 79 57.39 -32.80 -54.87
CA ILE D 79 58.07 -33.75 -55.75
C ILE D 79 57.23 -33.98 -56.99
N THR D 80 57.88 -34.06 -58.15
CA THR D 80 57.15 -34.21 -59.40
C THR D 80 57.65 -35.36 -60.28
N PRO D 81 57.50 -36.61 -59.84
CA PRO D 81 57.72 -37.81 -60.62
C PRO D 81 56.59 -37.98 -61.62
N ASP D 82 56.87 -38.59 -62.76
CA ASP D 82 55.81 -38.92 -63.69
C ASP D 82 55.25 -40.29 -63.34
N LYS D 83 54.24 -40.74 -64.08
CA LYS D 83 53.64 -42.04 -63.80
C LYS D 83 54.61 -43.16 -64.08
N ALA D 84 55.57 -42.90 -64.97
CA ALA D 84 56.60 -43.87 -65.29
C ALA D 84 57.35 -44.28 -64.03
N PHE D 85 57.49 -43.35 -63.08
CA PHE D 85 58.15 -43.63 -61.83
C PHE D 85 57.16 -44.01 -60.74
N GLN D 86 56.01 -43.34 -60.71
CA GLN D 86 55.07 -43.58 -59.63
C GLN D 86 54.62 -45.03 -59.62
N ASP D 87 54.50 -45.62 -60.80
CA ASP D 87 54.06 -47.00 -60.94
C ASP D 87 55.13 -48.01 -60.55
N LYS D 88 56.32 -47.54 -60.17
CA LYS D 88 57.39 -48.41 -59.75
C LYS D 88 57.25 -48.81 -58.28
N LEU D 89 56.62 -47.97 -57.47
CA LEU D 89 56.52 -48.24 -56.04
C LEU D 89 55.13 -48.76 -55.73
N TYR D 90 54.97 -49.47 -54.62
CA TYR D 90 53.67 -49.99 -54.26
C TYR D 90 52.60 -48.89 -54.29
N PRO D 91 51.41 -49.21 -54.81
CA PRO D 91 50.31 -48.31 -55.07
C PRO D 91 49.68 -47.74 -53.81
N PHE D 92 50.03 -48.30 -52.65
CA PHE D 92 49.40 -47.85 -51.41
C PHE D 92 50.35 -46.98 -50.59
N THR D 93 51.60 -46.86 -51.03
CA THR D 93 52.58 -46.10 -50.28
C THR D 93 52.61 -44.64 -50.73
N TRP D 94 51.90 -44.34 -51.82
CA TRP D 94 51.87 -42.98 -52.33
C TRP D 94 50.98 -42.08 -51.50
N ASP D 95 50.16 -42.69 -50.65
CA ASP D 95 49.31 -41.92 -49.77
C ASP D 95 50.09 -41.51 -48.53
N ALA D 96 51.12 -42.27 -48.22
CA ALA D 96 51.95 -42.02 -47.05
C ALA D 96 52.62 -40.66 -47.13
N VAL D 97 52.92 -40.23 -48.35
CA VAL D 97 53.62 -38.98 -48.57
C VAL D 97 52.73 -37.95 -49.24
N ARG D 98 51.42 -38.16 -49.17
CA ARG D 98 50.50 -37.23 -49.79
C ARG D 98 49.91 -36.27 -48.77
N TYR D 99 50.17 -34.99 -48.95
CA TYR D 99 49.68 -33.97 -48.03
C TYR D 99 48.75 -33.01 -48.76
N ASN D 100 47.47 -33.07 -48.39
CA ASN D 100 46.45 -32.23 -49.01
C ASN D 100 46.48 -32.32 -50.54
N GLY D 101 46.71 -33.52 -51.06
CA GLY D 101 46.71 -33.75 -52.50
C GLY D 101 48.09 -33.65 -53.15
N LYS D 102 49.07 -33.11 -52.44
CA LYS D 102 50.42 -32.95 -53.01
C LYS D 102 51.35 -34.05 -52.53
N LEU D 103 52.37 -34.36 -53.31
CA LEU D 103 53.38 -35.33 -52.88
C LEU D 103 54.61 -34.61 -52.36
N ILE D 104 55.00 -34.94 -51.13
CA ILE D 104 56.08 -34.23 -50.46
C ILE D 104 57.36 -35.05 -50.24
N ALA D 105 57.31 -36.36 -50.49
CA ALA D 105 58.48 -37.20 -50.26
C ALA D 105 58.39 -38.48 -51.07
N TYR D 106 59.53 -39.13 -51.29
CA TYR D 106 59.56 -40.41 -51.99
C TYR D 106 59.56 -41.57 -51.01
N PRO D 107 58.56 -42.45 -51.03
CA PRO D 107 58.47 -43.63 -50.19
C PRO D 107 59.71 -44.49 -50.38
N ILE D 108 60.30 -44.93 -49.27
CA ILE D 108 61.49 -45.77 -49.31
C ILE D 108 61.18 -47.17 -48.77
N ALA D 109 60.62 -47.23 -47.56
CA ALA D 109 60.43 -48.53 -46.92
C ALA D 109 59.18 -48.54 -46.05
N VAL D 110 58.60 -49.72 -45.87
CA VAL D 110 57.33 -49.83 -45.18
C VAL D 110 57.38 -50.77 -43.96
N GLU D 111 57.04 -50.22 -42.80
CA GLU D 111 56.97 -51.02 -41.58
C GLU D 111 55.53 -51.31 -41.21
N ALA D 112 55.31 -52.44 -40.54
CA ALA D 112 53.99 -52.84 -40.08
C ALA D 112 54.15 -53.73 -38.87
N LEU D 113 53.08 -53.90 -38.11
CA LEU D 113 53.14 -54.80 -36.97
C LEU D 113 52.64 -56.17 -37.38
N SER D 114 53.55 -57.13 -37.41
CA SER D 114 53.26 -58.47 -37.86
C SER D 114 53.15 -59.40 -36.67
N LEU D 115 52.68 -60.62 -36.90
CA LEU D 115 52.56 -61.56 -35.81
C LEU D 115 53.81 -62.41 -35.71
N ILE D 116 54.50 -62.32 -34.58
CA ILE D 116 55.72 -63.06 -34.36
C ILE D 116 55.43 -64.24 -33.44
N TYR D 117 55.75 -65.45 -33.90
CA TYR D 117 55.37 -66.63 -33.15
C TYR D 117 56.48 -67.65 -32.98
N ASN D 118 56.37 -68.46 -31.93
CA ASN D 118 57.33 -69.49 -31.58
C ASN D 118 56.89 -70.85 -32.09
N LYS D 119 57.56 -71.34 -33.14
CA LYS D 119 57.20 -72.59 -33.81
C LYS D 119 57.29 -73.80 -32.89
N ASP D 120 58.05 -73.65 -31.80
CA ASP D 120 58.24 -74.74 -30.85
C ASP D 120 57.00 -74.93 -29.99
N LEU D 121 56.23 -73.86 -29.81
CA LEU D 121 55.03 -73.92 -28.98
C LEU D 121 53.78 -73.89 -29.85
N LEU D 122 53.88 -73.20 -30.98
CA LEU D 122 52.75 -72.97 -31.87
C LEU D 122 53.20 -72.85 -33.32
N PRO D 123 53.40 -73.97 -34.02
CA PRO D 123 53.81 -74.06 -35.41
C PRO D 123 52.68 -73.65 -36.34
N ASN D 124 51.46 -73.57 -35.80
CA ASN D 124 50.28 -73.21 -36.56
C ASN D 124 49.42 -72.17 -35.84
N PRO D 125 49.74 -70.89 -35.96
CA PRO D 125 49.05 -69.75 -35.36
C PRO D 125 47.60 -69.74 -35.84
N PRO D 126 46.68 -69.17 -35.06
CA PRO D 126 45.26 -69.03 -35.35
C PRO D 126 45.06 -68.01 -36.45
N LYS D 127 44.02 -68.21 -37.25
CA LYS D 127 43.72 -67.27 -38.32
C LYS D 127 42.62 -66.30 -37.92
N THR D 128 41.99 -66.56 -36.78
CA THR D 128 40.89 -65.73 -36.30
C THR D 128 41.13 -65.34 -34.84
N TRP D 129 40.90 -64.07 -34.51
CA TRP D 129 41.11 -63.56 -33.15
C TRP D 129 40.27 -64.31 -32.13
N GLU D 130 39.10 -64.75 -32.55
CA GLU D 130 38.15 -65.45 -31.71
C GLU D 130 38.67 -66.80 -31.25
N GLU D 131 39.68 -67.32 -31.94
CA GLU D 131 40.24 -68.62 -31.61
C GLU D 131 41.30 -68.56 -30.52
N ILE D 132 41.77 -67.35 -30.23
CA ILE D 132 42.85 -67.18 -29.25
C ILE D 132 42.48 -67.63 -27.84
N PRO D 133 41.30 -67.27 -27.31
CA PRO D 133 40.79 -67.73 -26.03
C PRO D 133 40.90 -69.25 -25.90
N ALA D 134 40.40 -69.96 -26.91
CA ALA D 134 40.45 -71.42 -26.89
C ALA D 134 41.88 -71.91 -26.93
N LEU D 135 42.71 -71.25 -27.74
CA LEU D 135 44.12 -71.60 -27.83
C LEU D 135 44.80 -71.39 -26.50
N ASP D 136 44.45 -70.29 -25.83
CA ASP D 136 45.06 -69.98 -24.54
C ASP D 136 44.65 -71.00 -23.50
N LYS D 137 43.40 -71.44 -23.53
CA LYS D 137 42.98 -72.45 -22.57
C LYS D 137 43.75 -73.75 -22.79
N GLU D 138 43.94 -74.14 -24.05
CA GLU D 138 44.68 -75.35 -24.36
C GLU D 138 46.14 -75.21 -23.95
N LEU D 139 46.72 -74.05 -24.19
CA LEU D 139 48.10 -73.82 -23.82
C LEU D 139 48.25 -73.72 -22.30
N LYS D 140 47.27 -73.14 -21.63
CA LYS D 140 47.34 -73.04 -20.18
C LYS D 140 47.43 -74.42 -19.57
N ALA D 141 46.72 -75.38 -20.15
CA ALA D 141 46.83 -76.77 -19.71
C ALA D 141 48.29 -77.23 -19.83
N LYS D 142 48.97 -76.76 -20.87
CA LYS D 142 50.38 -77.07 -21.07
C LYS D 142 51.28 -76.11 -20.28
N GLY D 143 50.69 -75.05 -19.75
CA GLY D 143 51.39 -74.05 -18.93
C GLY D 143 51.91 -72.85 -19.72
N LYS D 144 51.39 -72.64 -20.92
CA LYS D 144 51.84 -71.52 -21.77
C LYS D 144 50.70 -70.57 -22.10
N SER D 145 51.03 -69.34 -22.48
CA SER D 145 50.03 -68.36 -22.88
C SER D 145 49.93 -68.30 -24.40
N ALA D 146 48.73 -68.01 -24.91
CA ALA D 146 48.53 -67.92 -26.36
C ALA D 146 49.05 -66.61 -26.92
N LEU D 147 48.84 -65.52 -26.22
CA LEU D 147 49.23 -64.22 -26.75
C LEU D 147 49.56 -63.20 -25.67
N MET D 148 50.74 -62.59 -25.77
CA MET D 148 51.13 -61.53 -24.87
C MET D 148 51.82 -60.41 -25.63
N PHE D 149 51.30 -59.20 -25.55
CA PHE D 149 51.90 -58.07 -26.25
C PHE D 149 51.71 -56.80 -25.44
N ASN D 150 52.31 -55.71 -25.92
CA ASN D 150 52.28 -54.44 -25.19
C ASN D 150 50.91 -53.79 -25.29
N LEU D 151 50.22 -53.70 -24.16
CA LEU D 151 48.89 -53.11 -24.16
C LEU D 151 48.91 -51.73 -23.49
N GLN D 152 50.10 -51.20 -23.27
CA GLN D 152 50.27 -49.87 -22.70
C GLN D 152 50.48 -48.86 -23.81
N GLU D 153 50.82 -49.39 -24.99
CA GLU D 153 51.10 -48.59 -26.17
C GLU D 153 50.10 -48.95 -27.27
N PRO D 154 49.10 -48.09 -27.50
CA PRO D 154 47.98 -48.25 -28.43
C PRO D 154 48.44 -48.69 -29.81
N TYR D 155 49.68 -48.39 -30.14
CA TYR D 155 50.26 -48.75 -31.43
C TYR D 155 50.02 -50.22 -31.72
N PHE D 156 50.08 -51.06 -30.68
CA PHE D 156 49.99 -52.50 -30.86
C PHE D 156 48.57 -53.03 -30.65
N THR D 157 47.65 -52.20 -30.22
CA THR D 157 46.28 -52.67 -29.97
C THR D 157 45.38 -52.25 -31.12
N TRP D 158 45.81 -51.20 -31.80
CA TRP D 158 45.08 -50.67 -32.94
C TRP D 158 44.71 -51.70 -33.99
N PRO D 159 45.60 -52.64 -34.38
CA PRO D 159 45.34 -53.64 -35.39
C PRO D 159 44.02 -54.35 -35.13
N LEU D 160 43.68 -54.54 -33.85
CA LEU D 160 42.44 -55.19 -33.47
C LEU D 160 41.29 -54.20 -33.40
N ILE D 161 41.54 -53.03 -32.84
CA ILE D 161 40.50 -52.04 -32.66
C ILE D 161 39.91 -51.62 -34.01
N ALA D 162 40.77 -51.39 -34.98
CA ALA D 162 40.35 -50.95 -36.30
C ALA D 162 39.84 -52.11 -37.16
N ALA D 163 39.95 -53.33 -36.65
CA ALA D 163 39.62 -54.50 -37.44
C ALA D 163 38.16 -54.50 -37.89
N ASP D 164 37.26 -53.95 -37.08
CA ASP D 164 35.84 -54.03 -37.40
C ASP D 164 35.28 -52.74 -38.00
N GLY D 165 36.12 -51.96 -38.68
CA GLY D 165 35.62 -50.78 -39.36
C GLY D 165 36.04 -49.49 -38.68
N GLY D 166 36.73 -49.63 -37.56
CA GLY D 166 37.25 -48.47 -36.85
C GLY D 166 38.38 -47.86 -37.67
N TYR D 167 38.63 -46.58 -37.47
CA TYR D 167 39.69 -45.89 -38.19
C TYR D 167 40.14 -44.67 -37.42
N ALA D 168 41.28 -44.10 -37.81
CA ALA D 168 41.72 -42.88 -37.16
C ALA D 168 41.04 -41.70 -37.83
N PHE D 169 41.71 -41.09 -38.80
CA PHE D 169 41.13 -39.98 -39.54
C PHE D 169 40.72 -40.43 -40.93
N LYS D 170 39.47 -40.16 -41.29
CA LYS D 170 38.97 -40.60 -42.58
C LYS D 170 39.80 -40.05 -43.72
N TYR D 171 40.21 -40.93 -44.63
CA TYR D 171 41.01 -40.54 -45.77
C TYR D 171 40.20 -40.70 -47.05
N GLU D 172 39.82 -39.58 -47.66
CA GLU D 172 38.91 -39.61 -48.79
C GLU D 172 39.55 -39.29 -50.14
N ASN D 173 39.99 -38.05 -50.31
CA ASN D 173 40.47 -37.58 -51.61
C ASN D 173 41.92 -37.18 -51.58
N GLY D 174 42.67 -37.78 -50.67
CA GLY D 174 44.08 -37.45 -50.51
C GLY D 174 44.27 -36.55 -49.30
N LYS D 175 43.18 -35.94 -48.87
CA LYS D 175 43.21 -35.10 -47.69
C LYS D 175 42.51 -35.81 -46.54
N TYR D 176 43.13 -35.82 -45.38
CA TYR D 176 42.50 -36.41 -44.21
C TYR D 176 41.41 -35.48 -43.70
N ASP D 177 40.28 -36.06 -43.33
CA ASP D 177 39.21 -35.26 -42.75
C ASP D 177 39.43 -35.13 -41.26
N ILE D 178 39.93 -34.00 -40.85
CA ILE D 178 40.36 -33.75 -39.48
C ILE D 178 39.20 -33.90 -38.50
N LYS D 179 38.01 -33.51 -38.93
CA LYS D 179 36.86 -33.53 -38.04
C LYS D 179 36.14 -34.88 -38.03
N ASP D 180 36.61 -35.84 -38.83
CA ASP D 180 35.95 -37.14 -38.88
C ASP D 180 36.86 -38.23 -38.30
N VAL D 181 36.63 -38.55 -37.04
CA VAL D 181 37.48 -39.50 -36.34
C VAL D 181 36.70 -40.76 -36.03
N GLY D 182 37.27 -41.89 -36.42
CA GLY D 182 36.62 -43.18 -36.37
C GLY D 182 36.93 -44.04 -35.15
N VAL D 183 37.47 -43.43 -34.09
CA VAL D 183 37.81 -44.19 -32.90
C VAL D 183 36.57 -44.37 -32.02
N ASP D 184 35.54 -43.61 -32.32
CA ASP D 184 34.31 -43.59 -31.54
C ASP D 184 33.24 -44.56 -32.02
N ASN D 185 33.23 -44.90 -33.30
CA ASN D 185 32.10 -45.65 -33.83
C ASN D 185 32.16 -47.13 -33.46
N ALA D 186 31.12 -47.86 -33.88
CA ALA D 186 30.94 -49.26 -33.51
C ALA D 186 32.13 -50.11 -33.92
N GLY D 187 32.76 -49.78 -35.03
CA GLY D 187 33.87 -50.57 -35.52
C GLY D 187 35.01 -50.58 -34.51
N ALA D 188 35.19 -49.46 -33.81
CA ALA D 188 36.24 -49.35 -32.81
C ALA D 188 35.77 -49.93 -31.48
N LYS D 189 34.51 -49.68 -31.14
CA LYS D 189 33.96 -50.14 -29.87
C LYS D 189 33.96 -51.64 -29.78
N ALA D 190 33.58 -52.31 -30.87
CA ALA D 190 33.52 -53.76 -30.89
C ALA D 190 34.91 -54.36 -30.70
N GLY D 191 35.88 -53.77 -31.37
CA GLY D 191 37.26 -54.25 -31.27
C GLY D 191 37.79 -54.09 -29.87
N LEU D 192 37.63 -52.89 -29.31
CA LEU D 192 38.12 -52.63 -27.97
C LEU D 192 37.39 -53.47 -26.93
N THR D 193 36.08 -53.64 -27.11
CA THR D 193 35.31 -54.44 -26.16
C THR D 193 35.85 -55.85 -26.13
N PHE D 194 36.10 -56.42 -27.31
CA PHE D 194 36.67 -57.75 -27.40
C PHE D 194 38.01 -57.81 -26.67
N LEU D 195 38.88 -56.84 -26.91
CA LEU D 195 40.19 -56.81 -26.26
C LEU D 195 40.07 -56.75 -24.75
N VAL D 196 39.17 -55.91 -24.25
CA VAL D 196 38.99 -55.78 -22.82
C VAL D 196 38.47 -57.08 -22.23
N ASP D 197 37.55 -57.73 -22.95
CA ASP D 197 37.04 -59.02 -22.50
C ASP D 197 38.15 -60.07 -22.42
N LEU D 198 39.11 -60.02 -23.34
CA LEU D 198 40.23 -60.96 -23.32
C LEU D 198 41.04 -60.79 -22.03
N ILE D 199 41.14 -59.55 -21.57
CA ILE D 199 41.89 -59.27 -20.34
C ILE D 199 41.12 -59.83 -19.14
N LYS D 200 39.82 -59.57 -19.11
CA LYS D 200 38.98 -60.04 -18.01
C LYS D 200 38.96 -61.57 -17.92
N ASN D 201 39.12 -62.22 -19.06
CA ASN D 201 39.13 -63.69 -19.11
C ASN D 201 40.50 -64.25 -18.79
N LYS D 202 41.43 -63.39 -18.41
CA LYS D 202 42.78 -63.75 -18.00
C LYS D 202 43.60 -64.38 -19.11
N HIS D 203 43.45 -63.89 -20.33
CA HIS D 203 44.30 -64.36 -21.42
C HIS D 203 45.48 -63.40 -21.56
N MET D 204 45.27 -62.17 -21.12
CA MET D 204 46.26 -61.10 -21.13
C MET D 204 46.08 -60.24 -19.88
N ASN D 205 47.13 -59.57 -19.45
CA ASN D 205 47.00 -58.67 -18.31
C ASN D 205 46.71 -57.25 -18.79
N ALA D 206 46.54 -56.32 -17.86
CA ALA D 206 46.26 -54.93 -18.21
C ALA D 206 47.49 -54.05 -17.96
N ASP D 207 48.56 -54.66 -17.49
CA ASP D 207 49.78 -53.94 -17.14
C ASP D 207 51.02 -54.46 -17.87
N THR D 208 50.81 -55.17 -18.97
CA THR D 208 51.92 -55.72 -19.73
C THR D 208 52.48 -54.69 -20.71
N ASP D 209 53.76 -54.37 -20.56
CA ASP D 209 54.45 -53.41 -21.39
C ASP D 209 55.33 -54.11 -22.44
N TYR D 210 56.13 -53.32 -23.14
CA TYR D 210 56.98 -53.82 -24.21
C TYR D 210 58.01 -54.82 -23.69
N SER D 211 58.68 -54.46 -22.59
CA SER D 211 59.77 -55.29 -22.07
C SER D 211 59.26 -56.63 -21.59
N ILE D 212 58.11 -56.64 -20.94
CA ILE D 212 57.56 -57.88 -20.42
C ILE D 212 57.17 -58.81 -21.56
N ALA D 213 56.48 -58.28 -22.56
CA ALA D 213 56.04 -59.11 -23.67
C ALA D 213 57.21 -59.69 -24.44
N GLU D 214 58.26 -58.89 -24.64
CA GLU D 214 59.43 -59.38 -25.37
C GLU D 214 60.20 -60.39 -24.54
N ALA D 215 60.32 -60.13 -23.24
CA ALA D 215 61.04 -61.04 -22.36
C ALA D 215 60.33 -62.39 -22.30
N ALA D 216 59.00 -62.37 -22.23
CA ALA D 216 58.23 -63.60 -22.17
C ALA D 216 58.37 -64.40 -23.47
N PHE D 217 58.37 -63.71 -24.60
CA PHE D 217 58.49 -64.39 -25.89
C PHE D 217 59.85 -65.01 -26.08
N ASN D 218 60.90 -64.27 -25.76
CA ASN D 218 62.27 -64.74 -25.95
C ASN D 218 62.67 -65.75 -24.88
N LYS D 219 61.81 -65.91 -23.87
CA LYS D 219 62.03 -66.86 -22.79
C LYS D 219 61.35 -68.19 -23.09
N GLY D 220 60.22 -68.13 -23.80
CA GLY D 220 59.49 -69.33 -24.14
C GLY D 220 58.24 -69.54 -23.28
N GLU D 221 57.68 -68.46 -22.73
CA GLU D 221 56.47 -68.56 -21.92
C GLU D 221 55.22 -68.32 -22.75
N THR D 222 55.39 -67.75 -23.94
CA THR D 222 54.27 -67.39 -24.78
C THR D 222 54.41 -67.97 -26.17
N ALA D 223 53.29 -68.30 -26.78
CA ALA D 223 53.29 -68.82 -28.13
C ALA D 223 53.62 -67.73 -29.15
N MET D 224 53.20 -66.50 -28.85
CA MET D 224 53.38 -65.41 -29.80
C MET D 224 53.13 -64.03 -29.18
N THR D 225 53.69 -63.03 -29.84
CA THR D 225 53.46 -61.62 -29.52
C THR D 225 53.30 -60.83 -30.80
N ILE D 226 53.10 -59.52 -30.67
CA ILE D 226 52.93 -58.66 -31.84
C ILE D 226 53.99 -57.58 -31.85
N ASN D 227 54.69 -57.43 -32.96
CA ASN D 227 55.74 -56.43 -33.05
C ASN D 227 56.02 -56.03 -34.49
N GLY D 228 56.94 -55.09 -34.66
CA GLY D 228 57.35 -54.66 -35.98
C GLY D 228 58.76 -55.12 -36.28
N PRO D 229 59.21 -54.94 -37.52
CA PRO D 229 60.50 -55.35 -38.06
C PRO D 229 61.66 -54.69 -37.34
N TRP D 230 61.40 -53.55 -36.73
CA TRP D 230 62.43 -52.80 -36.02
C TRP D 230 62.92 -53.55 -34.80
N ALA D 231 62.14 -54.50 -34.34
CA ALA D 231 62.48 -55.27 -33.15
C ALA D 231 63.08 -56.63 -33.48
N TRP D 232 63.14 -56.99 -34.77
CA TRP D 232 63.57 -58.34 -35.14
C TRP D 232 65.00 -58.63 -34.70
N SER D 233 65.84 -57.61 -34.67
CA SER D 233 67.25 -57.80 -34.34
C SER D 233 67.46 -58.28 -32.91
N ASN D 234 66.45 -58.12 -32.06
CA ASN D 234 66.55 -58.55 -30.67
C ASN D 234 65.82 -59.86 -30.43
N ILE D 235 65.36 -60.49 -31.52
CA ILE D 235 64.61 -61.73 -31.41
C ILE D 235 65.45 -62.93 -31.84
N ASP D 236 66.66 -62.66 -32.32
CA ASP D 236 67.57 -63.72 -32.76
C ASP D 236 68.40 -64.29 -31.60
N THR D 237 68.62 -63.48 -30.57
CA THR D 237 69.48 -63.87 -29.47
C THR D 237 68.86 -64.97 -28.61
N SER D 238 67.56 -65.15 -28.75
CA SER D 238 66.83 -66.17 -28.00
C SER D 238 67.02 -67.55 -28.61
N LYS D 239 67.45 -67.59 -29.87
CA LYS D 239 67.63 -68.83 -30.61
C LYS D 239 66.34 -69.65 -30.66
N VAL D 240 65.21 -68.95 -30.67
CA VAL D 240 63.90 -69.55 -30.80
C VAL D 240 63.54 -69.73 -32.26
N ASN D 241 62.89 -70.84 -32.60
CA ASN D 241 62.47 -71.04 -33.98
C ASN D 241 61.25 -70.18 -34.24
N TYR D 242 61.49 -68.91 -34.52
CA TYR D 242 60.40 -67.97 -34.65
C TYR D 242 60.01 -67.80 -36.11
N GLY D 243 58.76 -67.40 -36.33
CA GLY D 243 58.28 -67.06 -37.66
C GLY D 243 57.45 -65.80 -37.61
N VAL D 244 57.22 -65.20 -38.77
CA VAL D 244 56.42 -63.99 -38.85
C VAL D 244 55.28 -64.15 -39.84
N THR D 245 54.07 -63.82 -39.42
CA THR D 245 52.92 -63.97 -40.30
C THR D 245 51.89 -62.86 -40.18
N VAL D 246 50.80 -63.02 -40.92
CA VAL D 246 49.70 -62.07 -40.95
C VAL D 246 48.79 -62.27 -39.73
N LEU D 247 48.41 -61.16 -39.11
CA LEU D 247 47.59 -61.21 -37.91
C LEU D 247 46.22 -61.82 -38.18
N PRO D 248 45.54 -62.36 -37.17
CA PRO D 248 44.24 -62.99 -37.24
C PRO D 248 43.15 -62.00 -37.66
N THR D 249 42.07 -62.54 -38.21
CA THR D 249 40.93 -61.73 -38.62
C THR D 249 39.93 -61.57 -37.48
N PHE D 250 39.02 -60.63 -37.64
CA PHE D 250 37.97 -60.37 -36.66
C PHE D 250 36.65 -60.15 -37.38
N LYS D 251 35.70 -61.05 -37.15
CA LYS D 251 34.40 -60.96 -37.82
C LYS D 251 34.55 -60.88 -39.33
N GLY D 252 35.51 -61.61 -39.88
CA GLY D 252 35.71 -61.68 -41.32
C GLY D 252 36.72 -60.66 -41.86
N GLN D 253 37.08 -59.65 -41.06
CA GLN D 253 38.00 -58.63 -41.53
C GLN D 253 39.42 -58.84 -40.98
N PRO D 254 40.44 -58.49 -41.74
CA PRO D 254 41.84 -58.54 -41.37
C PRO D 254 42.13 -57.46 -40.36
N SER D 255 43.19 -57.63 -39.59
CA SER D 255 43.59 -56.58 -38.67
C SER D 255 44.10 -55.42 -39.50
N LYS D 256 44.12 -54.22 -38.92
CA LYS D 256 44.64 -53.06 -39.65
C LYS D 256 45.64 -52.24 -38.84
N PRO D 257 46.91 -52.69 -38.77
CA PRO D 257 47.99 -52.05 -38.06
C PRO D 257 48.33 -50.72 -38.68
N PHE D 258 48.89 -49.81 -37.89
CA PHE D 258 49.36 -48.56 -38.45
C PHE D 258 50.54 -48.87 -39.35
N VAL D 259 50.54 -48.31 -40.54
CA VAL D 259 51.64 -48.53 -41.44
C VAL D 259 52.57 -47.34 -41.45
N GLY D 260 53.82 -47.59 -41.06
CA GLY D 260 54.82 -46.54 -40.94
C GLY D 260 55.75 -46.57 -42.14
N VAL D 261 55.67 -45.55 -42.96
CA VAL D 261 56.45 -45.52 -44.18
C VAL D 261 57.62 -44.54 -44.11
N LEU D 262 58.81 -45.07 -44.32
CA LEU D 262 60.01 -44.27 -44.37
C LEU D 262 60.05 -43.59 -45.72
N SER D 263 60.34 -42.30 -45.76
CA SER D 263 60.39 -41.59 -47.03
C SER D 263 61.52 -40.56 -47.12
N ALA D 264 61.90 -40.25 -48.35
CA ALA D 264 62.93 -39.25 -48.63
C ALA D 264 62.30 -37.93 -49.06
N GLY D 265 62.31 -36.96 -48.17
CA GLY D 265 61.73 -35.66 -48.46
C GLY D 265 62.78 -34.74 -49.08
N ILE D 266 62.34 -33.65 -49.68
CA ILE D 266 63.26 -32.70 -50.26
C ILE D 266 63.06 -31.30 -49.67
N ASN D 267 64.17 -30.62 -49.41
CA ASN D 267 64.17 -29.28 -48.81
C ASN D 267 63.61 -28.24 -49.78
N ALA D 268 62.55 -27.54 -49.36
CA ALA D 268 61.86 -26.58 -50.22
C ALA D 268 62.78 -25.49 -50.78
N ALA D 269 63.77 -25.07 -49.99
CA ALA D 269 64.61 -23.95 -50.39
C ALA D 269 65.72 -24.33 -51.36
N SER D 270 66.00 -25.62 -51.50
CA SER D 270 67.13 -26.02 -52.33
C SER D 270 66.83 -25.93 -53.82
N PRO D 271 67.77 -25.43 -54.63
CA PRO D 271 67.71 -25.33 -56.07
C PRO D 271 67.88 -26.70 -56.72
N ASN D 272 68.29 -27.68 -55.92
CA ASN D 272 68.58 -29.01 -56.43
C ASN D 272 67.30 -29.81 -56.54
N LYS D 273 66.38 -29.30 -57.34
CA LYS D 273 65.08 -29.96 -57.49
C LYS D 273 65.20 -31.10 -58.48
N GLU D 274 65.79 -30.81 -59.63
CA GLU D 274 65.99 -31.82 -60.66
C GLU D 274 67.04 -32.80 -60.20
N LEU D 275 68.06 -32.29 -59.51
CA LEU D 275 69.15 -33.13 -59.02
C LEU D 275 68.67 -34.10 -57.96
N ALA D 276 67.93 -33.61 -56.97
CA ALA D 276 67.43 -34.48 -55.94
C ALA D 276 66.45 -35.49 -56.52
N LYS D 277 65.61 -35.03 -57.46
CA LYS D 277 64.64 -35.92 -58.10
C LYS D 277 65.34 -37.03 -58.85
N GLU D 278 66.30 -36.69 -59.69
CA GLU D 278 66.98 -37.72 -60.49
C GLU D 278 67.73 -38.69 -59.60
N PHE D 279 68.37 -38.18 -58.55
CA PHE D 279 69.09 -39.03 -57.62
C PHE D 279 68.17 -40.09 -57.02
N LEU D 280 67.03 -39.67 -56.53
CA LEU D 280 66.12 -40.61 -55.89
C LEU D 280 65.38 -41.45 -56.93
N GLU D 281 65.00 -40.82 -58.04
CA GLU D 281 64.17 -41.46 -59.05
C GLU D 281 64.85 -42.62 -59.79
N ASN D 282 66.06 -42.40 -60.28
CA ASN D 282 66.70 -43.39 -61.13
C ASN D 282 67.91 -44.08 -60.50
N TYR D 283 68.16 -43.85 -59.23
CA TYR D 283 69.31 -44.47 -58.59
C TYR D 283 68.93 -45.14 -57.29
N LEU D 284 68.40 -44.37 -56.35
CA LEU D 284 68.06 -44.97 -55.06
C LEU D 284 66.85 -45.90 -55.14
N LEU D 285 65.78 -45.47 -55.81
CA LEU D 285 64.61 -46.35 -55.90
C LEU D 285 64.75 -47.28 -57.09
N THR D 286 65.81 -48.07 -57.05
CA THR D 286 66.10 -49.11 -58.03
C THR D 286 66.50 -50.35 -57.24
N ASP D 287 66.60 -51.48 -57.90
CA ASP D 287 66.90 -52.69 -57.18
C ASP D 287 68.37 -52.70 -56.76
N GLU D 288 69.23 -52.12 -57.59
CA GLU D 288 70.65 -52.05 -57.29
C GLU D 288 70.90 -51.09 -56.12
N GLY D 289 70.21 -49.96 -56.14
CA GLY D 289 70.37 -48.95 -55.11
C GLY D 289 69.85 -49.46 -53.77
N LEU D 290 68.74 -50.18 -53.81
CA LEU D 290 68.12 -50.68 -52.59
C LEU D 290 68.95 -51.80 -51.99
N GLU D 291 69.60 -52.61 -52.82
CA GLU D 291 70.51 -53.63 -52.32
C GLU D 291 71.73 -52.96 -51.67
N ALA D 292 72.19 -51.86 -52.29
CA ALA D 292 73.32 -51.12 -51.74
C ALA D 292 73.00 -50.64 -50.33
N VAL D 293 71.74 -50.29 -50.09
CA VAL D 293 71.32 -49.86 -48.77
C VAL D 293 71.14 -51.04 -47.82
N ASN D 294 70.39 -52.04 -48.30
CA ASN D 294 70.00 -53.19 -47.52
C ASN D 294 71.19 -54.02 -47.05
N LYS D 295 72.27 -54.03 -47.83
CA LYS D 295 73.45 -54.83 -47.48
C LYS D 295 74.07 -54.38 -46.16
N ASP D 296 73.86 -53.13 -45.79
CA ASP D 296 74.46 -52.64 -44.55
C ASP D 296 73.48 -52.80 -43.40
N LYS D 297 72.20 -52.58 -43.70
CA LYS D 297 71.17 -52.72 -42.69
C LYS D 297 69.83 -53.06 -43.36
N PRO D 298 69.23 -54.21 -43.03
CA PRO D 298 67.97 -54.68 -43.57
C PRO D 298 66.88 -53.62 -43.47
N LEU D 299 66.19 -53.39 -44.58
CA LEU D 299 65.12 -52.40 -44.64
C LEU D 299 63.75 -53.00 -44.35
N GLY D 300 63.69 -54.32 -44.19
CA GLY D 300 62.42 -55.00 -44.05
C GLY D 300 61.66 -54.92 -45.37
N ALA D 301 60.40 -54.49 -45.33
CA ALA D 301 59.63 -54.35 -46.56
C ALA D 301 59.96 -53.01 -47.20
N VAL D 302 60.14 -53.01 -48.51
CA VAL D 302 60.56 -51.80 -49.23
C VAL D 302 59.52 -51.32 -50.24
N ALA D 303 59.50 -50.01 -50.49
CA ALA D 303 58.53 -49.37 -51.38
C ALA D 303 58.56 -49.89 -52.82
N LEU D 304 59.73 -50.25 -53.33
CA LEU D 304 59.84 -50.66 -54.73
C LEU D 304 59.25 -52.04 -54.98
N LYS D 305 58.37 -52.15 -55.98
CA LYS D 305 57.68 -53.41 -56.29
C LYS D 305 58.62 -54.57 -56.61
N SER D 306 59.64 -54.29 -57.43
CA SER D 306 60.54 -55.34 -57.90
C SER D 306 61.42 -55.86 -56.77
N TYR D 307 61.85 -54.95 -55.92
CA TYR D 307 62.76 -55.31 -54.85
C TYR D 307 62.11 -56.31 -53.90
N GLU D 308 60.83 -56.06 -53.56
CA GLU D 308 60.14 -56.98 -52.68
C GLU D 308 59.94 -58.35 -53.29
N GLU D 309 59.73 -58.41 -54.60
CA GLU D 309 59.57 -59.72 -55.22
C GLU D 309 60.88 -60.49 -55.10
N GLU D 310 62.00 -59.81 -55.27
CA GLU D 310 63.31 -60.45 -55.12
C GLU D 310 63.56 -60.91 -53.68
N LEU D 311 63.06 -60.14 -52.72
CA LEU D 311 63.28 -60.46 -51.32
C LEU D 311 62.12 -61.26 -50.72
N VAL D 312 61.23 -61.78 -51.58
CA VAL D 312 60.11 -62.60 -51.14
C VAL D 312 60.62 -63.89 -50.51
N LYS D 313 61.90 -64.17 -50.75
CA LYS D 313 62.59 -65.34 -50.22
C LYS D 313 62.54 -65.36 -48.69
N ASP D 314 62.31 -64.20 -48.08
CA ASP D 314 62.20 -64.11 -46.64
C ASP D 314 60.75 -63.78 -46.25
N PRO D 315 59.97 -64.77 -45.79
CA PRO D 315 58.55 -64.70 -45.47
C PRO D 315 58.25 -63.61 -44.44
N ARG D 316 59.25 -63.20 -43.67
CA ARG D 316 59.04 -62.19 -42.66
C ARG D 316 58.76 -60.86 -43.34
N ILE D 317 59.43 -60.63 -44.45
CA ILE D 317 59.29 -59.41 -45.18
C ILE D 317 58.02 -59.45 -45.99
N ALA D 318 57.76 -60.60 -46.60
CA ALA D 318 56.54 -60.75 -47.37
C ALA D 318 55.33 -60.54 -46.49
N ALA D 319 55.35 -61.10 -45.28
CA ALA D 319 54.24 -60.92 -44.36
C ALA D 319 54.08 -59.46 -43.97
N THR D 320 55.20 -58.78 -43.75
CA THR D 320 55.17 -57.38 -43.39
C THR D 320 54.52 -56.55 -44.48
N MET D 321 54.94 -56.80 -45.72
CA MET D 321 54.41 -56.07 -46.86
C MET D 321 52.92 -56.33 -47.01
N GLU D 322 52.52 -57.60 -46.85
CA GLU D 322 51.12 -57.97 -46.96
C GLU D 322 50.29 -57.31 -45.88
N ASN D 323 50.86 -57.23 -44.68
CA ASN D 323 50.16 -56.56 -43.57
C ASN D 323 49.98 -55.10 -43.90
N ALA D 324 51.00 -54.50 -44.50
CA ALA D 324 50.94 -53.10 -44.86
C ALA D 324 49.88 -52.85 -45.92
N GLN D 325 49.73 -53.77 -46.88
CA GLN D 325 48.70 -53.62 -47.89
C GLN D 325 47.32 -53.63 -47.26
N LYS D 326 47.15 -54.47 -46.25
CA LYS D 326 45.87 -54.60 -45.56
C LYS D 326 45.74 -53.62 -44.41
N GLY D 327 46.84 -52.96 -44.06
CA GLY D 327 46.87 -52.05 -42.92
C GLY D 327 46.36 -50.66 -43.26
N GLU D 328 46.62 -49.73 -42.35
CA GLU D 328 46.15 -48.34 -42.47
C GLU D 328 47.33 -47.40 -42.51
N ILE D 329 47.40 -46.53 -43.52
CA ILE D 329 48.51 -45.58 -43.54
C ILE D 329 48.40 -44.67 -42.34
N MET D 330 49.48 -44.56 -41.58
CA MET D 330 49.48 -43.74 -40.38
C MET D 330 49.44 -42.26 -40.78
N PRO D 331 48.36 -41.53 -40.47
CA PRO D 331 48.13 -40.16 -40.89
C PRO D 331 49.31 -39.27 -40.51
N ASN D 332 49.61 -38.32 -41.39
CA ASN D 332 50.74 -37.42 -41.19
C ASN D 332 50.30 -36.05 -40.72
N ILE D 333 49.07 -35.96 -40.28
CA ILE D 333 48.54 -34.69 -39.82
C ILE D 333 48.91 -34.51 -38.35
N PRO D 334 49.28 -33.30 -37.93
CA PRO D 334 49.78 -32.96 -36.61
C PRO D 334 48.76 -33.30 -35.52
N GLN D 335 47.49 -33.45 -35.93
CA GLN D 335 46.42 -33.81 -35.02
C GLN D 335 46.62 -35.18 -34.42
N MET D 336 47.51 -35.97 -35.02
CA MET D 336 47.78 -37.30 -34.50
C MET D 336 48.34 -37.23 -33.09
N SER D 337 48.97 -36.12 -32.72
CA SER D 337 49.51 -36.05 -31.38
C SER D 337 48.37 -36.10 -30.36
N ALA D 338 47.22 -35.53 -30.73
CA ALA D 338 46.05 -35.56 -29.87
C ALA D 338 45.45 -36.94 -29.89
N PHE D 339 45.45 -37.55 -31.07
CA PHE D 339 44.92 -38.90 -31.24
C PHE D 339 45.68 -39.88 -30.38
N TRP D 340 47.00 -39.85 -30.46
CA TRP D 340 47.82 -40.79 -29.71
C TRP D 340 47.50 -40.66 -28.23
N TYR D 341 47.33 -39.43 -27.76
CA TYR D 341 46.97 -39.24 -26.37
C TYR D 341 45.58 -39.82 -26.11
N ALA D 342 44.64 -39.53 -27.01
CA ALA D 342 43.26 -39.98 -26.86
C ALA D 342 43.17 -41.49 -26.75
N VAL D 343 43.97 -42.22 -27.53
CA VAL D 343 43.94 -43.68 -27.42
C VAL D 343 44.73 -44.17 -26.21
N ARG D 344 45.84 -43.52 -25.88
CA ARG D 344 46.62 -43.91 -24.71
C ARG D 344 45.76 -43.92 -23.45
N THR D 345 44.90 -42.93 -23.32
CA THR D 345 44.05 -42.80 -22.15
C THR D 345 42.74 -43.55 -22.33
N ALA D 346 42.57 -44.18 -23.48
CA ALA D 346 41.36 -44.94 -23.76
C ALA D 346 41.56 -46.40 -23.42
N VAL D 347 42.59 -47.00 -24.01
CA VAL D 347 42.81 -48.43 -23.86
C VAL D 347 43.20 -48.80 -22.44
N ILE D 348 44.08 -48.01 -21.82
CA ILE D 348 44.53 -48.32 -20.47
C ILE D 348 43.38 -48.22 -19.47
N ASN D 349 42.55 -47.19 -19.59
CA ASN D 349 41.43 -47.02 -18.68
C ASN D 349 40.30 -47.99 -19.01
N ALA D 350 40.12 -48.30 -20.30
CA ALA D 350 39.07 -49.23 -20.70
C ALA D 350 39.38 -50.63 -20.17
N ALA D 351 40.66 -50.98 -20.12
CA ALA D 351 41.07 -52.28 -19.62
C ALA D 351 40.68 -52.46 -18.16
N SER D 352 40.76 -51.39 -17.37
CA SER D 352 40.43 -51.46 -15.97
C SER D 352 40.09 -50.09 -15.38
N GLY D 353 38.95 -50.00 -14.69
CA GLY D 353 38.53 -48.77 -14.04
C GLY D 353 37.24 -48.19 -14.62
N ARG D 354 36.89 -48.62 -15.82
CA ARG D 354 35.66 -48.16 -16.47
C ARG D 354 35.28 -49.09 -17.61
N GLN D 355 34.09 -48.89 -18.19
CA GLN D 355 33.65 -49.68 -19.33
C GLN D 355 34.05 -49.03 -20.64
N THR D 356 34.04 -49.80 -21.71
CA THR D 356 34.37 -49.29 -23.03
C THR D 356 33.33 -48.29 -23.54
N VAL D 357 32.10 -48.45 -23.06
CA VAL D 357 31.05 -47.50 -23.40
C VAL D 357 31.24 -46.21 -22.62
N ASP D 358 31.79 -46.33 -21.41
CA ASP D 358 32.02 -45.17 -20.55
C ASP D 358 33.17 -44.34 -21.08
N GLU D 359 34.19 -45.03 -21.58
CA GLU D 359 35.42 -44.38 -22.00
C GLU D 359 35.21 -43.29 -23.04
N ALA D 360 34.34 -43.53 -24.00
CA ALA D 360 34.14 -42.58 -25.08
C ALA D 360 33.05 -41.56 -24.75
N LEU D 361 32.42 -41.69 -23.59
CA LEU D 361 31.27 -40.84 -23.31
C LEU D 361 31.64 -39.54 -22.62
N LYS D 362 32.46 -38.73 -23.29
CA LYS D 362 32.84 -37.40 -22.85
C LYS D 362 33.34 -37.32 -21.41
N ASP D 363 33.87 -38.43 -20.89
CA ASP D 363 34.26 -38.46 -19.48
C ASP D 363 33.12 -37.90 -18.64
N ALA D 364 31.91 -38.42 -18.88
CA ALA D 364 30.70 -37.93 -18.23
C ALA D 364 30.76 -38.06 -16.71
N GLN D 365 31.64 -38.91 -16.20
CA GLN D 365 31.75 -39.03 -14.76
C GLN D 365 32.57 -37.86 -14.22
N THR D 366 31.89 -36.75 -14.03
CA THR D 366 32.47 -35.47 -13.63
C THR D 366 32.62 -35.39 -12.12
N TYR D 367 32.49 -36.55 -11.47
CA TYR D 367 32.62 -36.72 -10.03
C TYR D 367 31.42 -36.15 -9.27
N ARG D 368 31.11 -34.88 -9.49
CA ARG D 368 29.96 -34.31 -8.80
C ARG D 368 28.75 -35.21 -8.99
N LYS D 369 28.47 -35.60 -10.22
CA LYS D 369 27.33 -36.46 -10.50
C LYS D 369 27.57 -37.88 -10.00
N LYS D 370 28.81 -38.35 -10.13
CA LYS D 370 29.16 -39.70 -9.72
C LYS D 370 28.85 -39.90 -8.25
N TYR D 371 29.22 -38.91 -7.44
CA TYR D 371 28.97 -38.95 -6.01
C TYR D 371 27.49 -38.82 -5.72
N ARG D 372 26.82 -37.89 -6.39
CA ARG D 372 25.39 -37.73 -6.14
C ARG D 372 24.68 -39.05 -6.35
N LYS D 373 25.02 -39.76 -7.43
CA LYS D 373 24.41 -41.04 -7.73
C LYS D 373 24.79 -42.09 -6.70
N TYR D 374 26.06 -42.10 -6.28
CA TYR D 374 26.51 -43.00 -5.24
C TYR D 374 25.66 -42.84 -4.00
N VAL D 375 25.43 -41.60 -3.59
CA VAL D 375 24.60 -41.28 -2.45
C VAL D 375 23.16 -41.71 -2.72
N ARG D 376 22.67 -41.41 -3.91
CA ARG D 376 21.29 -41.76 -4.26
C ARG D 376 21.04 -43.25 -4.06
N SER D 377 21.98 -44.06 -4.52
CA SER D 377 21.87 -45.51 -4.39
C SER D 377 22.06 -45.99 -2.96
N ARG D 378 23.13 -45.52 -2.32
CA ARG D 378 23.51 -45.98 -1.00
C ARG D 378 22.42 -45.76 0.04
N PHE D 379 21.68 -44.66 -0.09
CA PHE D 379 20.68 -44.33 0.92
C PHE D 379 19.24 -44.61 0.50
N GLN D 380 19.05 -45.56 -0.42
CA GLN D 380 17.69 -45.98 -0.78
C GLN D 380 17.03 -46.82 0.30
N CYS D 381 17.84 -47.54 1.08
CA CYS D 381 17.34 -48.39 2.16
C CYS D 381 17.51 -47.68 3.50
N ILE D 382 16.59 -47.94 4.42
CA ILE D 382 16.57 -47.26 5.71
C ILE D 382 17.81 -47.55 6.55
N GLU D 383 18.37 -48.74 6.41
CA GLU D 383 19.57 -49.12 7.14
C GLU D 383 20.73 -49.52 6.21
N ASP D 384 20.41 -50.20 5.11
CA ASP D 384 21.40 -50.73 4.17
C ASP D 384 22.45 -51.59 4.87
N ARG D 385 21.98 -52.57 5.64
CA ARG D 385 22.81 -53.49 6.39
C ARG D 385 21.99 -54.72 6.76
N ASN D 386 22.51 -55.52 7.69
CA ASN D 386 21.86 -56.74 8.16
C ASN D 386 20.80 -56.42 9.23
N ALA D 387 20.12 -57.47 9.72
CA ALA D 387 19.10 -57.38 10.77
C ALA D 387 17.77 -56.76 10.31
N ARG D 388 17.08 -57.45 9.39
CA ARG D 388 15.73 -57.06 8.99
C ARG D 388 14.86 -58.25 8.61
N LEU D 389 14.95 -59.33 9.39
CA LEU D 389 14.12 -60.52 9.18
C LEU D 389 14.16 -61.00 7.73
N GLY D 390 15.36 -61.20 7.19
CA GLY D 390 15.52 -61.64 5.80
C GLY D 390 16.31 -60.64 4.97
N GLU D 391 16.68 -59.53 5.60
CA GLU D 391 17.49 -58.48 4.98
C GLU D 391 16.86 -57.91 3.70
N SER D 392 15.55 -57.73 3.71
CA SER D 392 14.87 -57.16 2.56
C SER D 392 15.10 -55.66 2.50
N VAL D 393 14.85 -55.07 1.34
CA VAL D 393 14.95 -53.62 1.23
C VAL D 393 13.73 -52.98 1.84
N SER D 394 13.96 -52.08 2.80
CA SER D 394 12.90 -51.44 3.54
C SER D 394 12.09 -50.45 2.71
N LEU D 395 12.77 -49.83 1.75
CA LEU D 395 12.18 -48.80 0.90
C LEU D 395 11.95 -47.53 1.71
N ASN D 396 12.80 -46.52 1.50
CA ASN D 396 12.69 -45.28 2.27
C ASN D 396 11.40 -44.51 1.99
N LYS D 397 10.59 -45.02 1.08
CA LYS D 397 9.26 -44.48 0.83
C LYS D 397 8.38 -44.68 2.06
N ARG D 398 8.80 -45.59 2.95
CA ARG D 398 8.10 -45.89 4.19
C ARG D 398 8.23 -44.76 5.20
N TYR D 399 9.16 -43.84 4.95
CA TYR D 399 9.41 -42.75 5.87
C TYR D 399 8.14 -41.99 6.17
N THR D 400 7.87 -41.78 7.45
CA THR D 400 6.71 -41.03 7.86
C THR D 400 7.17 -39.70 8.41
N ARG D 401 6.59 -38.63 7.88
CA ARG D 401 7.05 -37.28 8.20
C ARG D 401 7.05 -37.00 9.70
N LEU D 402 8.19 -36.53 10.17
CA LEU D 402 8.40 -36.14 11.55
C LEU D 402 8.09 -34.66 11.69
N ARG D 403 7.75 -34.22 12.89
CA ARG D 403 7.50 -32.80 13.08
C ARG D 403 8.80 -32.06 13.35
N LEU D 404 9.05 -31.01 12.58
CA LEU D 404 10.24 -30.21 12.79
C LEU D 404 9.86 -28.80 13.18
N ILE D 405 10.32 -28.36 14.35
CA ILE D 405 10.00 -27.01 14.78
C ILE D 405 11.26 -26.25 15.17
N LYS D 406 11.21 -24.94 15.03
CA LYS D 406 12.32 -24.11 15.48
C LYS D 406 12.32 -24.09 16.99
N GLU D 407 13.49 -24.23 17.59
CA GLU D 407 13.57 -24.21 19.05
C GLU D 407 12.83 -23.02 19.62
N SER D 432 5.13 -22.43 14.67
CA SER D 432 4.87 -22.99 13.35
C SER D 432 5.94 -24.00 12.98
N PRO D 433 5.59 -25.07 12.23
CA PRO D 433 6.47 -26.09 11.73
C PRO D 433 7.34 -25.55 10.62
N ILE D 434 8.47 -26.19 10.39
CA ILE D 434 9.38 -25.76 9.33
C ILE D 434 9.62 -26.86 8.33
N LYS D 435 10.20 -26.49 7.20
CA LYS D 435 10.50 -27.43 6.14
C LYS D 435 11.98 -27.78 6.11
N MET D 436 12.32 -28.89 5.48
CA MET D 436 13.72 -29.29 5.30
C MET D 436 14.41 -28.33 4.35
N GLU D 437 13.63 -27.70 3.49
CA GLU D 437 14.14 -26.70 2.57
C GLU D 437 14.12 -25.34 3.25
N LEU D 438 14.98 -24.42 2.78
CA LEU D 438 15.11 -23.09 3.36
C LEU D 438 15.76 -23.14 4.74
N LEU D 439 16.21 -24.33 5.12
CA LEU D 439 16.77 -24.57 6.45
C LEU D 439 18.01 -23.74 6.74
N PHE D 440 18.83 -23.52 5.72
CA PHE D 440 20.08 -22.80 5.91
C PHE D 440 19.97 -21.35 5.44
N ASP D 441 18.77 -20.91 5.11
CA ASP D 441 18.57 -19.56 4.64
C ASP D 441 18.68 -18.58 5.79
N PRO D 442 18.96 -17.31 5.51
CA PRO D 442 18.86 -16.21 6.44
C PRO D 442 17.47 -16.16 7.03
N ASP D 443 17.37 -15.68 8.26
CA ASP D 443 16.07 -15.58 8.90
C ASP D 443 15.37 -14.33 8.38
N ASP D 444 14.29 -13.94 9.02
CA ASP D 444 13.47 -12.82 8.57
C ASP D 444 14.24 -11.78 7.76
N GLU D 445 15.40 -11.34 8.27
CA GLU D 445 16.14 -10.27 7.60
C GLU D 445 17.60 -10.19 8.05
N HIS D 446 18.21 -9.02 7.84
CA HIS D 446 19.61 -8.76 8.17
C HIS D 446 20.59 -9.47 7.25
N SER D 447 20.08 -10.19 6.26
CA SER D 447 20.94 -10.91 5.31
C SER D 447 21.99 -11.75 6.04
N GLU D 448 21.57 -12.42 7.11
CA GLU D 448 22.47 -13.25 7.91
C GLU D 448 22.13 -14.73 7.78
N PRO D 449 22.89 -15.48 6.97
CA PRO D 449 22.69 -16.87 6.59
C PRO D 449 23.00 -17.79 7.74
N VAL D 450 22.52 -19.03 7.68
CA VAL D 450 22.80 -19.99 8.73
C VAL D 450 23.77 -21.06 8.27
N HIS D 451 24.97 -21.05 8.84
CA HIS D 451 25.95 -22.05 8.47
C HIS D 451 25.77 -23.32 9.28
N THR D 452 25.33 -23.18 10.54
CA THR D 452 25.22 -24.33 11.40
C THR D 452 23.80 -24.56 11.87
N VAL D 453 23.32 -25.78 11.67
CA VAL D 453 21.98 -26.17 12.09
C VAL D 453 22.06 -27.38 12.98
N VAL D 454 21.40 -27.33 14.13
CA VAL D 454 21.45 -28.44 15.06
C VAL D 454 20.08 -29.06 15.26
N PHE D 455 19.97 -30.34 14.97
CA PHE D 455 18.74 -31.08 15.17
C PHE D 455 18.78 -31.87 16.44
N GLN D 456 18.01 -31.44 17.42
CA GLN D 456 18.00 -32.12 18.69
C GLN D 456 16.73 -32.94 18.81
N GLY D 457 16.86 -34.10 19.41
CA GLY D 457 15.70 -34.94 19.65
C GLY D 457 16.11 -36.18 20.44
N ALA D 458 15.13 -36.83 21.03
CA ALA D 458 15.40 -37.99 21.86
C ALA D 458 15.92 -39.14 21.04
N ALA D 459 16.60 -40.06 21.68
CA ALA D 459 17.05 -41.24 20.99
C ALA D 459 15.83 -41.96 20.45
N GLY D 460 15.90 -42.42 19.20
CA GLY D 460 14.80 -43.16 18.61
C GLY D 460 13.77 -42.23 18.00
N ILE D 461 14.04 -40.93 18.07
CA ILE D 461 13.14 -39.95 17.50
C ILE D 461 13.21 -39.96 15.98
N GLY D 462 14.30 -40.46 15.44
CA GLY D 462 14.47 -40.50 13.99
C GLY D 462 15.53 -39.54 13.47
N LYS D 463 16.47 -39.16 14.32
CA LYS D 463 17.53 -38.25 13.90
C LYS D 463 18.29 -38.79 12.71
N THR D 464 18.63 -40.06 12.76
CA THR D 464 19.44 -40.66 11.71
C THR D 464 18.61 -40.91 10.47
N ILE D 465 17.34 -41.22 10.66
CA ILE D 465 16.47 -41.49 9.52
C ILE D 465 16.24 -40.21 8.76
N LEU D 466 16.05 -39.11 9.48
CA LEU D 466 15.87 -37.83 8.84
C LEU D 466 17.10 -37.44 8.05
N ALA D 467 18.29 -37.65 8.62
CA ALA D 467 19.53 -37.31 7.91
C ALA D 467 19.68 -38.15 6.66
N ARG D 468 19.35 -39.43 6.76
CA ARG D 468 19.45 -40.31 5.59
C ARG D 468 18.44 -39.90 4.54
N LYS D 469 17.23 -39.54 4.97
CA LYS D 469 16.22 -39.08 4.04
C LYS D 469 16.69 -37.81 3.35
N MET D 470 17.29 -36.92 4.12
CA MET D 470 17.77 -35.66 3.58
C MET D 470 18.77 -35.88 2.45
N MET D 471 19.72 -36.79 2.66
CA MET D 471 20.71 -37.09 1.62
C MET D 471 20.07 -37.70 0.40
N LEU D 472 19.10 -38.58 0.60
CA LEU D 472 18.46 -39.22 -0.53
C LEU D 472 17.70 -38.18 -1.34
N ASP D 473 16.97 -37.30 -0.66
CA ASP D 473 16.21 -36.26 -1.33
C ASP D 473 17.13 -35.30 -2.08
N TRP D 474 18.26 -34.98 -1.47
CA TRP D 474 19.23 -34.14 -2.15
C TRP D 474 19.81 -34.82 -3.38
N ALA D 475 20.23 -36.06 -3.23
CA ALA D 475 20.85 -36.80 -4.33
C ALA D 475 19.89 -36.92 -5.50
N SER D 476 18.60 -37.05 -5.21
CA SER D 476 17.56 -37.18 -6.23
C SER D 476 17.19 -35.82 -6.83
N GLY D 477 17.76 -34.74 -6.31
CA GLY D 477 17.51 -33.41 -6.82
C GLY D 477 16.20 -32.80 -6.32
N THR D 478 15.77 -33.20 -5.13
CA THR D 478 14.51 -32.70 -4.58
C THR D 478 14.73 -31.81 -3.36
N LEU D 479 15.99 -31.53 -3.02
CA LEU D 479 16.29 -30.72 -1.86
C LEU D 479 17.68 -30.09 -1.94
N TYR D 480 17.77 -28.77 -1.72
CA TYR D 480 19.03 -28.03 -1.76
C TYR D 480 19.73 -28.17 -3.11
N GLN D 481 18.97 -28.21 -4.19
CA GLN D 481 19.55 -28.43 -5.51
C GLN D 481 20.52 -27.34 -5.90
N ASP D 482 20.21 -26.11 -5.49
CA ASP D 482 21.02 -24.96 -5.86
C ASP D 482 22.07 -24.62 -4.82
N ARG D 483 21.77 -24.95 -3.57
CA ARG D 483 22.62 -24.51 -2.46
C ARG D 483 23.87 -25.35 -2.28
N PHE D 484 23.78 -26.67 -2.41
CA PHE D 484 24.96 -27.49 -2.13
C PHE D 484 25.32 -28.41 -3.29
N ASP D 485 26.62 -28.46 -3.59
CA ASP D 485 27.13 -29.38 -4.59
C ASP D 485 27.45 -30.72 -3.96
N TYR D 486 27.84 -30.71 -2.69
CA TYR D 486 28.19 -31.94 -2.00
C TYR D 486 27.59 -32.04 -0.60
N LEU D 487 27.19 -33.25 -0.22
CA LEU D 487 26.86 -33.56 1.16
C LEU D 487 27.79 -34.65 1.65
N PHE D 488 28.49 -34.38 2.74
CA PHE D 488 29.40 -35.38 3.29
C PHE D 488 28.87 -35.92 4.60
N TYR D 489 28.53 -37.20 4.60
CA TYR D 489 27.95 -37.83 5.77
C TYR D 489 29.01 -38.28 6.74
N ILE D 490 28.90 -37.81 7.97
CA ILE D 490 29.80 -38.20 9.02
C ILE D 490 29.02 -39.01 10.05
N HIS D 491 29.34 -40.28 10.14
CA HIS D 491 28.63 -41.12 11.10
C HIS D 491 29.44 -41.15 12.37
N CYS D 492 28.94 -40.51 13.41
CA CYS D 492 29.71 -40.34 14.63
C CYS D 492 29.92 -41.65 15.34
N ARG D 493 29.15 -42.65 14.93
CA ARG D 493 29.26 -43.99 15.45
C ARG D 493 30.50 -44.68 14.89
N GLU D 494 30.97 -44.19 13.75
CA GLU D 494 32.10 -44.80 13.06
C GLU D 494 33.39 -44.01 13.32
N VAL D 495 33.26 -42.71 13.53
CA VAL D 495 34.42 -41.87 13.77
C VAL D 495 34.95 -42.01 15.18
N SER D 496 36.24 -42.31 15.30
CA SER D 496 36.89 -42.41 16.59
C SER D 496 37.47 -41.06 16.99
N LEU D 497 37.38 -40.74 18.27
CA LEU D 497 37.91 -39.49 18.76
C LEU D 497 39.41 -39.55 19.03
N VAL D 498 39.95 -40.76 19.08
CA VAL D 498 41.36 -40.91 19.45
C VAL D 498 42.24 -41.37 18.30
N THR D 499 41.63 -41.82 17.21
CA THR D 499 42.41 -42.24 16.05
C THR D 499 42.82 -41.03 15.25
N GLN D 500 44.11 -40.90 14.99
CA GLN D 500 44.62 -39.74 14.27
C GLN D 500 44.33 -39.83 12.77
N ARG D 501 43.85 -38.74 12.21
CA ARG D 501 43.60 -38.66 10.78
C ARG D 501 43.47 -37.22 10.31
N SER D 502 43.73 -37.00 9.03
CA SER D 502 43.47 -35.72 8.40
C SER D 502 42.01 -35.72 8.01
N LEU D 503 41.54 -34.70 7.30
CA LEU D 503 40.14 -34.70 6.94
C LEU D 503 39.93 -35.64 5.76
N GLY D 504 40.13 -36.93 6.04
CA GLY D 504 40.04 -38.00 5.06
C GLY D 504 38.66 -38.62 5.10
N ASP D 505 37.80 -38.09 5.96
CA ASP D 505 36.43 -38.55 6.08
C ASP D 505 35.71 -38.21 4.77
N LEU D 506 36.30 -37.26 4.04
CA LEU D 506 35.81 -36.85 2.74
C LEU D 506 35.99 -37.98 1.74
N ILE D 507 36.88 -38.91 2.07
CA ILE D 507 37.12 -40.07 1.22
C ILE D 507 36.34 -41.25 1.77
N MET D 508 36.46 -41.47 3.07
CA MET D 508 35.86 -42.63 3.72
C MET D 508 34.36 -42.73 3.48
N SER D 509 33.68 -41.59 3.51
CA SER D 509 32.23 -41.57 3.35
C SER D 509 31.80 -41.30 1.91
N CYS D 510 32.74 -41.32 0.99
CA CYS D 510 32.42 -40.95 -0.37
C CYS D 510 32.32 -42.18 -1.28
N CYS D 511 32.50 -41.95 -2.59
CA CYS D 511 32.37 -43.00 -3.59
C CYS D 511 33.49 -44.01 -3.38
N PRO D 512 33.44 -45.19 -4.02
CA PRO D 512 34.38 -46.30 -3.87
C PRO D 512 35.82 -45.94 -4.22
N ASP D 513 36.00 -44.89 -5.00
CA ASP D 513 37.33 -44.48 -5.43
C ASP D 513 38.10 -43.91 -4.24
N PRO D 514 39.21 -44.55 -3.83
CA PRO D 514 40.03 -44.23 -2.68
C PRO D 514 40.80 -42.94 -2.86
N ASN D 515 40.81 -42.41 -4.09
CA ASN D 515 41.49 -41.16 -4.35
C ASN D 515 40.64 -40.19 -5.16
N PRO D 516 39.54 -39.68 -4.60
CA PRO D 516 38.61 -38.76 -5.21
C PRO D 516 39.26 -37.38 -5.26
N PRO D 517 38.67 -36.42 -5.98
CA PRO D 517 39.20 -35.08 -6.22
C PRO D 517 39.12 -34.18 -4.99
N ILE D 518 39.82 -34.57 -3.93
CA ILE D 518 39.79 -33.83 -2.69
C ILE D 518 40.34 -32.42 -2.85
N HIS D 519 41.35 -32.28 -3.69
CA HIS D 519 41.99 -30.98 -3.90
C HIS D 519 41.27 -30.13 -4.94
N LYS D 520 40.11 -30.56 -5.39
CA LYS D 520 39.34 -29.79 -6.38
C LYS D 520 38.25 -28.97 -5.68
N ILE D 521 37.07 -28.91 -6.30
CA ILE D 521 35.96 -28.12 -5.78
C ILE D 521 35.54 -28.56 -4.39
N VAL D 522 35.96 -29.76 -4.02
CA VAL D 522 35.69 -30.29 -2.69
C VAL D 522 36.30 -29.39 -1.61
N ARG D 523 37.29 -28.58 -1.99
CA ARG D 523 37.89 -27.63 -1.06
C ARG D 523 37.14 -26.30 -1.01
N LYS D 524 36.14 -26.12 -1.88
CA LYS D 524 35.44 -24.85 -1.97
C LYS D 524 34.24 -24.81 -1.02
N PRO D 525 34.27 -23.95 0.01
CA PRO D 525 33.29 -23.82 1.05
C PRO D 525 32.05 -23.12 0.52
N SER D 526 30.96 -23.25 1.27
CA SER D 526 29.67 -22.61 0.98
C SER D 526 28.84 -23.45 0.02
N ARG D 527 29.50 -24.36 -0.68
CA ARG D 527 28.81 -25.27 -1.59
C ARG D 527 28.79 -26.67 -1.01
N ILE D 528 29.28 -26.79 0.21
CA ILE D 528 29.41 -28.07 0.88
C ILE D 528 28.68 -28.08 2.21
N LEU D 529 27.87 -29.12 2.43
CA LEU D 529 27.23 -29.31 3.72
C LEU D 529 27.63 -30.64 4.35
N PHE D 530 28.05 -30.58 5.59
CA PHE D 530 28.41 -31.78 6.34
C PHE D 530 27.26 -32.22 7.21
N LEU D 531 27.02 -33.52 7.29
CA LEU D 531 26.00 -34.02 8.19
C LEU D 531 26.65 -34.82 9.31
N MET D 532 26.79 -34.17 10.46
CA MET D 532 27.45 -34.81 11.59
C MET D 532 26.40 -35.52 12.41
N ASP D 533 26.13 -36.74 12.02
CA ASP D 533 25.01 -37.51 12.53
C ASP D 533 25.37 -38.27 13.82
N GLY D 534 24.69 -37.93 14.91
CA GLY D 534 24.89 -38.60 16.18
C GLY D 534 26.04 -38.05 17.01
N PHE D 535 26.07 -36.74 17.23
CA PHE D 535 27.15 -36.16 18.03
C PHE D 535 27.30 -36.92 19.35
N ASP D 536 26.19 -37.27 19.96
CA ASP D 536 26.16 -37.98 21.23
C ASP D 536 26.67 -39.40 21.12
N GLU D 537 26.81 -39.91 19.90
CA GLU D 537 27.27 -41.26 19.65
C GLU D 537 28.79 -41.32 19.51
N LEU D 538 29.46 -40.17 19.62
CA LEU D 538 30.90 -40.16 19.58
C LEU D 538 31.43 -40.95 20.76
N GLN D 539 32.44 -41.78 20.53
CA GLN D 539 32.94 -42.64 21.58
C GLN D 539 34.26 -42.15 22.15
N GLY D 540 34.24 -41.82 23.43
CA GLY D 540 35.41 -41.29 24.13
C GLY D 540 35.12 -39.91 24.67
N ALA D 541 35.99 -39.41 25.52
CA ALA D 541 35.82 -38.08 26.07
C ALA D 541 35.89 -37.07 24.94
N PHE D 542 35.06 -36.05 25.01
CA PHE D 542 35.11 -34.99 24.02
C PHE D 542 35.35 -33.67 24.71
N ASP D 543 36.58 -33.20 24.63
CA ASP D 543 36.95 -31.96 25.29
C ASP D 543 36.64 -30.78 24.40
N GLU D 544 35.73 -29.93 24.85
CA GLU D 544 35.33 -28.77 24.04
C GLU D 544 36.44 -27.72 24.07
N HIS D 545 37.36 -27.89 25.01
CA HIS D 545 38.50 -26.99 25.13
C HIS D 545 39.78 -27.73 24.79
N ILE D 546 40.36 -27.36 23.66
CA ILE D 546 41.57 -27.98 23.15
C ILE D 546 42.63 -26.92 22.88
N GLY D 547 43.88 -27.35 22.81
CA GLY D 547 44.98 -26.44 22.53
C GLY D 547 45.07 -26.11 21.03
N PRO D 548 45.62 -27.03 20.24
CA PRO D 548 45.71 -26.96 18.79
C PRO D 548 44.35 -27.19 18.18
N LEU D 549 43.76 -26.15 17.60
CA LEU D 549 42.44 -26.30 17.00
C LEU D 549 42.55 -27.09 15.71
N CYS D 550 43.71 -26.97 15.07
CA CYS D 550 44.04 -27.66 13.83
C CYS D 550 43.26 -27.18 12.61
N THR D 551 43.87 -26.27 11.87
CA THR D 551 43.38 -25.83 10.58
C THR D 551 44.17 -26.57 9.52
N ASP D 552 43.92 -26.26 8.26
CA ASP D 552 44.57 -26.96 7.15
C ASP D 552 44.15 -28.42 7.15
N TRP D 553 43.06 -28.71 6.45
CA TRP D 553 42.44 -30.02 6.40
C TRP D 553 43.41 -31.16 6.09
N GLN D 554 44.55 -30.83 5.49
CA GLN D 554 45.53 -31.83 5.10
C GLN D 554 46.29 -32.40 6.29
N LYS D 555 46.26 -31.69 7.42
CA LYS D 555 47.01 -32.10 8.61
C LYS D 555 46.29 -33.19 9.39
N ALA D 556 47.02 -34.24 9.73
CA ALA D 556 46.43 -35.34 10.50
C ALA D 556 46.50 -35.05 11.99
N GLU D 557 45.36 -35.20 12.66
CA GLU D 557 45.29 -34.94 14.09
C GLU D 557 44.21 -35.83 14.72
N ARG D 558 44.05 -35.77 16.04
CA ARG D 558 43.06 -36.60 16.71
C ARG D 558 41.63 -36.26 16.27
N GLY D 559 40.78 -37.28 16.30
CA GLY D 559 39.39 -37.14 15.85
C GLY D 559 38.60 -36.09 16.62
N ASP D 560 38.86 -35.96 17.91
CA ASP D 560 38.11 -34.98 18.69
C ASP D 560 38.45 -33.57 18.22
N ILE D 561 39.72 -33.34 17.96
CA ILE D 561 40.16 -32.06 17.45
C ILE D 561 39.63 -31.83 16.04
N LEU D 562 39.68 -32.84 15.20
CA LEU D 562 39.23 -32.71 13.82
C LEU D 562 37.75 -32.34 13.78
N LEU D 563 36.95 -33.02 14.59
CA LEU D 563 35.53 -32.74 14.65
C LEU D 563 35.28 -31.36 15.23
N SER D 564 36.01 -31.02 16.28
CA SER D 564 35.85 -29.73 16.92
C SER D 564 36.16 -28.59 15.96
N SER D 565 37.23 -28.76 15.20
CA SER D 565 37.66 -27.75 14.25
C SER D 565 36.57 -27.52 13.20
N LEU D 566 35.94 -28.60 12.75
CA LEU D 566 34.84 -28.49 11.80
C LEU D 566 33.62 -27.84 12.48
N ILE D 567 33.34 -28.27 13.71
CA ILE D 567 32.19 -27.77 14.46
C ILE D 567 32.29 -26.27 14.71
N ARG D 568 33.48 -25.80 15.03
CA ARG D 568 33.71 -24.40 15.35
C ARG D 568 33.85 -23.54 14.10
N LYS D 569 33.71 -24.16 12.93
CA LYS D 569 33.84 -23.48 11.65
C LYS D 569 35.22 -22.86 11.48
N LYS D 570 36.26 -23.57 11.91
CA LYS D 570 37.62 -23.11 11.70
C LYS D 570 38.22 -23.92 10.56
N LEU D 571 37.77 -25.16 10.45
CA LEU D 571 38.15 -26.04 9.38
C LEU D 571 37.14 -25.92 8.26
N LEU D 572 37.61 -25.61 7.07
CA LEU D 572 36.72 -25.34 5.95
C LEU D 572 35.64 -24.34 6.35
N PRO D 573 36.03 -23.12 6.72
CA PRO D 573 35.15 -22.07 7.19
C PRO D 573 34.23 -21.69 6.05
N GLU D 574 33.07 -21.19 6.40
CA GLU D 574 32.02 -20.81 5.45
C GLU D 574 31.32 -22.03 4.87
N ALA D 575 31.76 -23.23 5.23
CA ALA D 575 31.05 -24.44 4.86
C ALA D 575 29.86 -24.59 5.78
N SER D 576 28.84 -25.30 5.33
CA SER D 576 27.68 -25.52 6.18
C SER D 576 27.83 -26.83 6.95
N LEU D 577 27.24 -26.85 8.15
CA LEU D 577 27.30 -28.02 9.00
C LEU D 577 25.99 -28.28 9.71
N LEU D 578 25.46 -29.48 9.54
CA LEU D 578 24.26 -29.91 10.24
C LEU D 578 24.67 -30.92 11.28
N ILE D 579 24.20 -30.74 12.51
CA ILE D 579 24.54 -31.68 13.56
C ILE D 579 23.28 -32.29 14.15
N THR D 580 23.25 -33.59 14.31
CA THR D 580 22.11 -34.23 14.96
C THR D 580 22.57 -34.69 16.34
N THR D 581 21.75 -34.51 17.35
CA THR D 581 22.17 -34.86 18.70
C THR D 581 21.02 -35.06 19.67
N ARG D 582 21.30 -35.77 20.76
CA ARG D 582 20.35 -35.85 21.86
C ARG D 582 20.49 -34.60 22.69
N PRO D 583 19.40 -34.00 23.16
CA PRO D 583 19.36 -32.79 23.96
C PRO D 583 20.35 -32.82 25.11
N VAL D 584 20.56 -33.99 25.71
CA VAL D 584 21.48 -34.07 26.83
C VAL D 584 22.90 -33.70 26.42
N ALA D 585 23.27 -34.02 25.19
CA ALA D 585 24.63 -33.83 24.74
C ALA D 585 24.88 -32.39 24.34
N LEU D 586 23.84 -31.57 24.39
CA LEU D 586 24.03 -30.17 24.06
C LEU D 586 24.94 -29.54 25.10
N GLU D 587 25.00 -30.14 26.28
CA GLU D 587 25.88 -29.66 27.33
C GLU D 587 27.32 -29.50 26.82
N LYS D 588 27.76 -30.42 25.97
CA LYS D 588 29.13 -30.41 25.49
C LYS D 588 29.25 -29.96 24.04
N LEU D 589 28.14 -29.49 23.47
CA LEU D 589 28.14 -29.04 22.10
C LEU D 589 27.87 -27.55 22.02
N GLN D 590 27.04 -27.06 22.93
CA GLN D 590 26.56 -25.68 22.91
C GLN D 590 27.71 -24.68 22.91
N HIS D 591 28.83 -25.07 23.51
CA HIS D 591 29.97 -24.19 23.63
C HIS D 591 30.68 -23.96 22.30
N LEU D 592 30.41 -24.80 21.31
CA LEU D 592 31.14 -24.71 20.05
C LEU D 592 30.25 -24.38 18.85
N LEU D 593 29.23 -23.59 19.04
CA LEU D 593 28.32 -23.29 17.92
C LEU D 593 28.30 -21.82 17.55
N ASP D 594 28.40 -20.96 18.56
CA ASP D 594 28.38 -19.50 18.43
C ASP D 594 27.02 -18.98 17.96
N HIS D 595 26.64 -19.30 16.73
CA HIS D 595 25.38 -18.82 16.18
C HIS D 595 24.62 -19.89 15.39
N PRO D 596 24.22 -21.00 16.04
CA PRO D 596 23.49 -22.11 15.46
C PRO D 596 22.02 -21.80 15.30
N ARG D 597 21.39 -22.50 14.39
CA ARG D 597 19.93 -22.54 14.35
C ARG D 597 19.46 -23.86 14.93
N HIS D 598 18.79 -23.80 16.08
CA HIS D 598 18.37 -25.03 16.74
C HIS D 598 16.99 -25.46 16.29
N VAL D 599 16.89 -26.72 15.89
CA VAL D 599 15.65 -27.33 15.44
C VAL D 599 15.36 -28.55 16.29
N GLU D 600 14.12 -28.66 16.76
CA GLU D 600 13.75 -29.81 17.57
C GLU D 600 12.92 -30.79 16.76
N ILE D 601 13.22 -32.07 16.90
CA ILE D 601 12.48 -33.11 16.23
C ILE D 601 11.40 -33.67 17.14
N LEU D 602 10.16 -33.63 16.67
CA LEU D 602 9.04 -34.15 17.44
C LEU D 602 8.50 -35.43 16.80
N GLY D 603 7.95 -36.28 17.64
CA GLY D 603 7.48 -37.60 17.24
C GLY D 603 6.18 -37.57 16.46
N PHE D 604 5.57 -38.73 16.33
CA PHE D 604 4.39 -38.91 15.51
C PHE D 604 3.13 -38.43 16.20
N SER D 605 2.30 -37.72 15.45
CA SER D 605 0.98 -37.33 15.92
C SER D 605 0.06 -38.51 15.71
N GLU D 606 -1.16 -38.42 16.23
CA GLU D 606 -2.07 -39.54 16.14
C GLU D 606 -2.25 -39.97 14.69
N ALA D 607 -2.32 -38.99 13.80
CA ALA D 607 -2.49 -39.26 12.38
C ALA D 607 -1.28 -39.99 11.81
N LYS D 608 -0.09 -39.64 12.29
CA LYS D 608 1.12 -40.23 11.75
C LYS D 608 1.39 -41.58 12.38
N ARG D 609 0.95 -41.77 13.63
CA ARG D 609 1.08 -43.08 14.25
C ARG D 609 0.28 -44.07 13.42
N LYS D 610 -0.94 -43.67 13.06
CA LYS D 610 -1.81 -44.53 12.25
C LYS D 610 -1.18 -44.83 10.90
N GLU D 611 -0.66 -43.79 10.24
CA GLU D 611 -0.03 -43.99 8.95
C GLU D 611 1.09 -45.01 9.03
N TYR D 612 1.91 -44.90 10.07
CA TYR D 612 3.02 -45.82 10.24
C TYR D 612 2.56 -47.28 10.25
N PHE D 613 1.53 -47.57 11.03
CA PHE D 613 1.06 -48.95 11.17
C PHE D 613 0.61 -49.53 9.84
N PHE D 614 -0.12 -48.73 9.06
CA PHE D 614 -0.61 -49.19 7.78
C PHE D 614 0.50 -49.33 6.75
N LYS D 615 1.56 -48.54 6.89
CA LYS D 615 2.69 -48.68 5.98
C LYS D 615 3.56 -49.88 6.38
N TYR D 616 3.68 -50.12 7.69
CA TYR D 616 4.50 -51.23 8.19
C TYR D 616 3.93 -52.58 7.79
N PHE D 617 2.64 -52.77 8.08
CA PHE D 617 2.00 -54.07 7.85
C PHE D 617 1.57 -54.22 6.40
N SER D 618 1.60 -55.45 5.92
CA SER D 618 1.31 -55.73 4.51
C SER D 618 -0.07 -55.27 4.05
N ASP D 619 -1.08 -55.43 4.92
CA ASP D 619 -2.42 -55.06 4.53
C ASP D 619 -3.31 -54.66 5.71
N GLU D 620 -4.53 -54.24 5.41
CA GLU D 620 -5.49 -53.76 6.39
C GLU D 620 -5.94 -54.87 7.33
N ALA D 621 -5.86 -56.10 6.86
CA ALA D 621 -6.25 -57.25 7.66
C ALA D 621 -5.44 -57.32 8.94
N GLN D 622 -4.18 -56.90 8.88
CA GLN D 622 -3.33 -56.93 10.06
C GLN D 622 -3.06 -55.54 10.61
N ALA D 623 -3.01 -54.53 9.74
CA ALA D 623 -2.72 -53.17 10.17
C ALA D 623 -3.81 -52.64 11.08
N ARG D 624 -5.06 -53.01 10.79
CA ARG D 624 -6.17 -52.54 11.61
C ARG D 624 -6.16 -53.25 12.94
N ALA D 625 -5.76 -54.51 12.94
CA ALA D 625 -5.69 -55.26 14.17
C ALA D 625 -4.61 -54.66 15.05
N ALA D 626 -3.46 -54.38 14.46
CA ALA D 626 -2.35 -53.80 15.21
C ALA D 626 -2.72 -52.44 15.77
N PHE D 627 -3.36 -51.61 14.95
CA PHE D 627 -3.75 -50.28 15.38
C PHE D 627 -4.72 -50.34 16.54
N SER D 628 -5.74 -51.19 16.44
CA SER D 628 -6.71 -51.33 17.50
C SER D 628 -6.08 -51.85 18.78
N LEU D 629 -5.22 -52.85 18.65
CA LEU D 629 -4.56 -53.46 19.79
C LEU D 629 -3.72 -52.46 20.56
N ILE D 630 -3.07 -51.56 19.84
CA ILE D 630 -2.22 -50.56 20.45
C ILE D 630 -3.01 -49.34 20.91
N GLN D 631 -3.94 -48.88 20.09
CA GLN D 631 -4.73 -47.69 20.41
C GLN D 631 -5.51 -47.90 21.71
N GLU D 632 -5.97 -49.12 21.94
CA GLU D 632 -6.71 -49.44 23.16
C GLU D 632 -5.82 -49.27 24.38
N ASN D 633 -4.54 -49.58 24.22
CA ASN D 633 -3.58 -49.44 25.31
C ASN D 633 -3.09 -47.99 25.34
N GLU D 634 -3.67 -47.20 26.24
CA GLU D 634 -3.40 -45.77 26.25
C GLU D 634 -1.92 -45.47 26.35
N VAL D 635 -1.22 -46.24 27.17
CA VAL D 635 0.19 -46.01 27.38
C VAL D 635 1.01 -46.31 26.15
N LEU D 636 0.80 -47.45 25.51
CA LEU D 636 1.59 -47.75 24.34
C LEU D 636 1.29 -46.79 23.22
N PHE D 637 0.04 -46.40 23.08
CA PHE D 637 -0.29 -45.47 22.02
C PHE D 637 0.47 -44.17 22.22
N THR D 638 0.48 -43.69 23.46
CA THR D 638 1.21 -42.48 23.79
C THR D 638 2.70 -42.66 23.53
N MET D 639 3.25 -43.79 23.96
CA MET D 639 4.67 -44.10 23.78
C MET D 639 5.07 -44.17 22.31
N CYS D 640 4.12 -44.58 21.46
CA CYS D 640 4.37 -44.72 20.02
C CYS D 640 4.63 -43.37 19.35
N PHE D 641 4.67 -42.32 20.16
CA PHE D 641 5.14 -41.00 19.77
C PHE D 641 6.55 -41.13 19.18
N ILE D 642 7.36 -41.97 19.81
CA ILE D 642 8.72 -42.22 19.38
C ILE D 642 8.73 -43.32 18.32
N PRO D 643 9.19 -43.03 17.10
CA PRO D 643 9.28 -43.98 16.00
C PRO D 643 9.90 -45.31 16.41
N LEU D 644 10.90 -45.26 17.27
CA LEU D 644 11.52 -46.49 17.71
C LEU D 644 10.53 -47.39 18.45
N VAL D 645 9.67 -46.79 19.26
CA VAL D 645 8.75 -47.60 20.03
C VAL D 645 7.72 -48.23 19.14
N CYS D 646 7.16 -47.47 18.21
CA CYS D 646 6.13 -48.05 17.36
C CYS D 646 6.75 -49.12 16.48
N TRP D 647 8.02 -48.97 16.13
CA TRP D 647 8.72 -49.99 15.36
C TRP D 647 8.87 -51.26 16.17
N ILE D 648 9.31 -51.13 17.43
CA ILE D 648 9.51 -52.30 18.28
C ILE D 648 8.20 -53.02 18.50
N VAL D 649 7.15 -52.27 18.77
CA VAL D 649 5.85 -52.89 18.98
C VAL D 649 5.35 -53.57 17.72
N CYS D 650 5.49 -52.91 16.57
CA CYS D 650 5.07 -53.51 15.30
C CYS D 650 5.86 -54.76 15.00
N THR D 651 7.16 -54.73 15.26
CA THR D 651 8.01 -55.88 15.00
C THR D 651 7.60 -57.02 15.90
N GLY D 652 7.32 -56.70 17.16
CA GLY D 652 6.85 -57.70 18.11
C GLY D 652 5.55 -58.32 17.62
N LEU D 653 4.63 -57.47 17.15
CA LEU D 653 3.37 -57.95 16.59
C LEU D 653 3.58 -58.81 15.36
N LYS D 654 4.48 -58.40 14.47
CA LYS D 654 4.74 -59.19 13.29
C LYS D 654 5.18 -60.60 13.68
N GLN D 655 6.03 -60.71 14.70
CA GLN D 655 6.48 -62.01 15.17
C GLN D 655 5.31 -62.80 15.77
N GLN D 656 4.43 -62.11 16.49
CA GLN D 656 3.25 -62.76 17.05
C GLN D 656 2.32 -63.23 15.93
N MET D 657 2.26 -62.47 14.83
CA MET D 657 1.42 -62.84 13.68
C MET D 657 1.95 -64.09 13.00
N GLU D 658 3.27 -64.20 12.89
CA GLU D 658 3.87 -65.38 12.28
C GLU D 658 3.51 -66.64 13.06
N SER D 659 3.52 -66.54 14.38
CA SER D 659 3.14 -67.67 15.22
C SER D 659 1.62 -67.76 15.39
N GLY D 660 0.94 -66.63 15.31
CA GLY D 660 -0.52 -66.57 15.43
C GLY D 660 -0.98 -66.80 16.87
N LYS D 661 -0.18 -66.33 17.83
CA LYS D 661 -0.49 -66.61 19.23
C LYS D 661 -1.64 -65.79 19.82
N SER D 662 -1.64 -64.48 19.63
CA SER D 662 -2.65 -63.63 20.26
C SER D 662 -2.61 -62.19 19.77
N LEU D 663 -1.38 -61.69 19.59
CA LEU D 663 -1.09 -60.30 19.25
C LEU D 663 -1.39 -59.36 20.41
N ALA D 664 -1.46 -59.91 21.63
CA ALA D 664 -1.73 -59.05 22.77
C ALA D 664 -0.58 -58.08 23.01
N GLN D 665 -0.94 -56.82 23.31
CA GLN D 665 0.03 -55.78 23.62
C GLN D 665 -0.37 -55.04 24.90
N THR D 666 0.10 -55.55 26.04
CA THR D 666 -0.35 -55.08 27.34
C THR D 666 0.74 -54.37 28.15
N SER D 667 1.87 -54.11 27.51
CA SER D 667 3.00 -53.46 28.19
C SER D 667 2.63 -52.06 28.67
N LYS D 668 3.15 -51.67 29.84
CA LYS D 668 2.84 -50.37 30.43
C LYS D 668 4.05 -49.44 30.52
N THR D 669 5.23 -49.96 30.22
CA THR D 669 6.46 -49.18 30.35
C THR D 669 7.37 -49.43 29.17
N THR D 670 8.44 -48.64 29.05
CA THR D 670 9.43 -48.87 28.02
C THR D 670 10.14 -50.18 28.28
N THR D 671 10.51 -50.41 29.53
CA THR D 671 11.19 -51.63 29.90
C THR D 671 10.35 -52.81 29.50
N ALA D 672 9.05 -52.72 29.77
CA ALA D 672 8.13 -53.80 29.42
C ALA D 672 8.12 -54.05 27.91
N VAL D 673 8.22 -52.99 27.12
CA VAL D 673 8.26 -53.15 25.67
C VAL D 673 9.53 -53.86 25.23
N TYR D 674 10.65 -53.44 25.80
CA TYR D 674 11.93 -54.05 25.45
C TYR D 674 12.02 -55.50 25.95
N VAL D 675 11.52 -55.77 27.15
CA VAL D 675 11.49 -57.14 27.65
C VAL D 675 10.58 -57.99 26.79
N PHE D 676 9.41 -57.44 26.46
CA PHE D 676 8.46 -58.13 25.61
C PHE D 676 9.09 -58.50 24.28
N PHE D 677 9.77 -57.54 23.67
CA PHE D 677 10.43 -57.74 22.40
C PHE D 677 11.40 -58.90 22.47
N LEU D 678 12.22 -58.93 23.51
CA LEU D 678 13.17 -60.04 23.63
C LEU D 678 12.48 -61.35 23.94
N SER D 679 11.44 -61.31 24.77
CA SER D 679 10.75 -62.54 25.16
C SER D 679 10.31 -63.33 23.93
N SER D 680 9.68 -62.65 22.99
CA SER D 680 9.17 -63.29 21.78
C SER D 680 10.26 -63.58 20.76
N LEU D 681 11.46 -63.12 21.04
CA LEU D 681 12.57 -63.22 20.09
C LEU D 681 13.58 -64.28 20.52
N LEU D 682 13.94 -64.29 21.80
CA LEU D 682 14.98 -65.18 22.32
C LEU D 682 14.43 -66.47 22.93
N GLN D 683 13.18 -66.48 23.36
CA GLN D 683 12.65 -67.66 24.01
C GLN D 683 12.65 -68.93 23.13
N PRO D 684 12.30 -68.87 21.84
CA PRO D 684 12.24 -69.99 20.92
C PRO D 684 13.53 -70.78 20.89
N LEU D 693 20.09 -66.98 21.78
CA LEU D 693 18.88 -67.36 22.49
C LEU D 693 19.07 -67.22 23.99
N CYS D 694 18.32 -67.97 24.78
CA CYS D 694 18.39 -67.84 26.23
C CYS D 694 19.79 -68.12 26.77
N ALA D 695 20.46 -69.12 26.22
CA ALA D 695 21.77 -69.52 26.71
C ALA D 695 22.85 -68.54 26.30
N HIS D 696 22.51 -67.60 25.42
CA HIS D 696 23.47 -66.65 24.89
C HIS D 696 23.15 -65.25 25.38
N LEU D 697 22.15 -65.15 26.25
CA LEU D 697 21.70 -63.86 26.75
C LEU D 697 22.75 -63.19 27.60
N TRP D 698 23.40 -63.96 28.47
CA TRP D 698 24.42 -63.40 29.34
C TRP D 698 25.56 -62.83 28.51
N GLY D 699 25.98 -63.57 27.49
CA GLY D 699 27.08 -63.13 26.65
C GLY D 699 26.75 -61.82 25.96
N LEU D 700 25.53 -61.72 25.43
CA LEU D 700 25.12 -60.50 24.75
C LEU D 700 25.05 -59.34 25.74
N CYS D 701 24.54 -59.61 26.93
CA CYS D 701 24.46 -58.60 27.97
C CYS D 701 25.85 -58.13 28.39
N SER D 702 26.76 -59.07 28.52
CA SER D 702 28.13 -58.76 28.91
C SER D 702 28.76 -57.88 27.86
N LEU D 703 28.57 -58.23 26.59
CA LEU D 703 29.09 -57.44 25.49
C LEU D 703 28.55 -56.02 25.54
N ALA D 704 27.24 -55.89 25.73
CA ALA D 704 26.65 -54.56 25.78
C ALA D 704 27.24 -53.74 26.91
N ALA D 705 27.36 -54.33 28.08
CA ALA D 705 27.88 -53.61 29.23
C ALA D 705 29.31 -53.21 28.99
N ASP D 706 30.08 -54.10 28.37
CA ASP D 706 31.47 -53.81 28.11
C ASP D 706 31.57 -52.62 27.17
N GLY D 707 30.73 -52.60 26.15
CA GLY D 707 30.73 -51.52 25.18
C GLY D 707 30.41 -50.18 25.82
N ILE D 708 29.47 -50.17 26.77
CA ILE D 708 29.14 -48.92 27.42
C ILE D 708 30.33 -48.39 28.20
N TRP D 709 30.99 -49.27 28.93
CA TRP D 709 32.14 -48.88 29.75
C TRP D 709 33.42 -48.65 28.98
N ASN D 710 33.59 -49.36 27.86
CA ASN D 710 34.82 -49.25 27.08
C ASN D 710 34.63 -48.42 25.83
N GLN D 711 33.56 -47.62 25.80
CA GLN D 711 33.31 -46.70 24.71
C GLN D 711 33.33 -47.37 23.35
N LYS D 712 32.52 -48.42 23.21
CA LYS D 712 32.45 -49.14 21.95
C LYS D 712 31.02 -49.46 21.54
N ILE D 713 30.67 -49.05 20.33
CA ILE D 713 29.37 -49.40 19.75
C ILE D 713 29.57 -50.42 18.65
N LEU D 714 30.63 -50.23 17.88
CA LEU D 714 30.96 -51.10 16.77
C LEU D 714 31.96 -52.15 17.22
N PHE D 715 31.55 -53.40 17.12
CA PHE D 715 32.31 -54.53 17.61
C PHE D 715 32.90 -55.37 16.47
N GLU D 716 34.06 -55.95 16.73
CA GLU D 716 34.67 -56.86 15.77
C GLU D 716 34.29 -58.30 16.10
N GLU D 717 34.49 -59.21 15.16
CA GLU D 717 34.20 -60.61 15.46
C GLU D 717 35.05 -61.13 16.61
N SER D 718 36.21 -60.52 16.80
CA SER D 718 37.07 -60.88 17.92
C SER D 718 36.41 -60.49 19.23
N ASP D 719 35.61 -59.43 19.22
CA ASP D 719 34.98 -58.97 20.44
C ASP D 719 33.78 -59.82 20.75
N LEU D 720 33.09 -60.28 19.70
CA LEU D 720 31.97 -61.19 19.94
C LEU D 720 32.46 -62.45 20.61
N ARG D 721 33.54 -63.01 20.08
CA ARG D 721 34.10 -64.25 20.61
C ARG D 721 34.49 -64.08 22.07
N ASN D 722 35.09 -62.94 22.39
CA ASN D 722 35.58 -62.69 23.74
C ASN D 722 34.46 -62.52 24.75
N HIS D 723 33.21 -62.44 24.29
CA HIS D 723 32.08 -62.31 25.19
C HIS D 723 31.19 -63.54 25.13
N GLY D 724 31.66 -64.59 24.48
CA GLY D 724 30.92 -65.85 24.42
C GLY D 724 29.96 -65.96 23.23
N LEU D 725 30.11 -65.09 22.24
CA LEU D 725 29.25 -65.16 21.05
C LEU D 725 30.12 -65.40 19.81
N GLN D 726 29.80 -66.42 19.01
CA GLN D 726 30.64 -66.66 17.85
C GLN D 726 29.91 -67.34 16.70
N LYS D 727 29.72 -66.55 15.63
CA LYS D 727 29.08 -66.99 14.39
C LYS D 727 27.69 -67.61 14.52
N ALA D 728 27.63 -68.81 15.08
CA ALA D 728 26.40 -69.60 15.04
C ALA D 728 25.26 -68.95 15.82
N ASP D 729 25.56 -68.49 17.03
CA ASP D 729 24.54 -67.86 17.85
C ASP D 729 24.34 -66.42 17.43
N VAL D 730 25.39 -65.83 16.91
CA VAL D 730 25.35 -64.46 16.45
C VAL D 730 24.37 -64.36 15.30
N SER D 731 24.40 -65.37 14.44
CA SER D 731 23.51 -65.40 13.28
C SER D 731 22.05 -65.46 13.71
N ALA D 732 21.78 -65.91 14.93
CA ALA D 732 20.41 -65.98 15.40
C ALA D 732 19.91 -64.59 15.71
N PHE D 733 20.81 -63.75 16.21
CA PHE D 733 20.47 -62.37 16.53
C PHE D 733 20.35 -61.56 15.25
N LEU D 734 21.14 -61.94 14.24
CA LEU D 734 21.08 -61.25 12.95
C LEU D 734 19.79 -61.58 12.22
N ARG D 735 19.36 -62.86 12.28
CA ARG D 735 18.12 -63.25 11.63
C ARG D 735 16.91 -62.71 12.37
N MET D 736 16.87 -62.92 13.68
CA MET D 736 15.79 -62.41 14.49
C MET D 736 16.09 -60.99 14.90
N ASN D 737 15.97 -60.11 13.92
CA ASN D 737 16.33 -58.70 14.03
C ASN D 737 16.48 -58.20 15.45
N LEU D 738 17.66 -58.45 16.04
CA LEU D 738 18.02 -57.94 17.35
C LEU D 738 19.35 -57.21 17.30
N PHE D 739 20.26 -57.79 16.54
CA PHE D 739 21.65 -57.37 16.49
C PHE D 739 22.06 -57.26 15.04
N GLN D 740 22.89 -56.28 14.69
CA GLN D 740 23.26 -56.06 13.29
C GLN D 740 24.75 -56.24 13.02
N LYS D 741 25.08 -56.55 11.77
CA LYS D 741 26.45 -56.84 11.36
C LYS D 741 27.20 -55.70 10.68
N GLU D 742 26.47 -54.74 10.10
CA GLU D 742 27.08 -53.68 9.30
C GLU D 742 27.83 -54.26 8.11
N VAL D 743 27.10 -54.55 7.04
CA VAL D 743 27.70 -55.15 5.86
C VAL D 743 27.84 -54.14 4.74
N ASP D 744 27.85 -52.86 5.11
CA ASP D 744 28.09 -51.80 4.15
C ASP D 744 29.58 -51.67 3.89
N CYS D 745 30.13 -52.68 3.22
CA CYS D 745 31.56 -52.80 2.94
C CYS D 745 32.37 -52.85 4.23
N GLU D 746 31.77 -53.39 5.29
CA GLU D 746 32.41 -53.47 6.60
C GLU D 746 32.06 -54.78 7.31
N LYS D 747 32.64 -54.94 8.49
CA LYS D 747 32.39 -56.10 9.34
C LYS D 747 32.27 -55.69 10.81
N PHE D 748 31.48 -54.67 11.07
CA PHE D 748 31.31 -54.18 12.45
C PHE D 748 29.95 -54.46 13.05
N TYR D 749 29.93 -55.29 14.06
CA TYR D 749 28.71 -55.71 14.70
C TYR D 749 28.24 -54.69 15.72
N SER D 750 26.94 -54.53 15.85
CA SER D 750 26.39 -53.57 16.80
C SER D 750 24.95 -53.90 17.11
N PHE D 751 24.37 -53.17 18.04
CA PHE D 751 22.97 -53.34 18.36
C PHE D 751 22.17 -52.54 17.36
N ILE D 752 20.97 -53.01 17.03
CA ILE D 752 20.17 -52.33 16.01
C ILE D 752 19.83 -50.90 16.39
N HIS D 753 19.88 -50.60 17.68
CA HIS D 753 19.72 -49.24 18.17
C HIS D 753 20.44 -49.09 19.50
N MET D 754 21.01 -47.91 19.73
CA MET D 754 21.77 -47.66 20.94
C MET D 754 20.96 -47.92 22.19
N THR D 755 19.65 -47.72 22.10
CA THR D 755 18.77 -47.94 23.24
C THR D 755 18.81 -49.40 23.67
N PHE D 756 18.93 -50.33 22.71
CA PHE D 756 19.00 -51.74 23.04
C PHE D 756 20.31 -52.06 23.73
N GLN D 757 21.38 -51.47 23.24
CA GLN D 757 22.68 -51.71 23.87
C GLN D 757 22.61 -51.31 25.33
N GLU D 758 22.00 -50.17 25.58
CA GLU D 758 21.86 -49.69 26.96
C GLU D 758 20.94 -50.61 27.75
N PHE D 759 19.89 -51.12 27.12
CA PHE D 759 18.97 -52.05 27.76
C PHE D 759 19.71 -53.29 28.23
N PHE D 760 20.49 -53.86 27.34
CA PHE D 760 21.23 -55.07 27.68
C PHE D 760 22.26 -54.80 28.76
N ALA D 761 22.90 -53.64 28.70
CA ALA D 761 23.87 -53.30 29.73
C ALA D 761 23.18 -53.27 31.09
N ALA D 762 21.98 -52.71 31.12
CA ALA D 762 21.22 -52.66 32.36
C ALA D 762 20.91 -54.05 32.86
N MET D 763 20.55 -54.96 31.95
CA MET D 763 20.25 -56.33 32.36
C MET D 763 21.47 -56.98 32.97
N TYR D 764 22.63 -56.71 32.38
CA TYR D 764 23.87 -57.31 32.83
C TYR D 764 24.06 -57.15 34.33
N TYR D 765 23.82 -55.94 34.83
CA TYR D 765 24.00 -55.67 36.25
C TYR D 765 23.06 -56.48 37.13
N LEU D 766 21.99 -57.00 36.54
CA LEU D 766 20.99 -57.73 37.29
C LEU D 766 20.93 -59.22 36.98
N LEU D 767 21.91 -59.77 36.26
CA LEU D 767 21.89 -61.20 35.94
C LEU D 767 22.62 -62.05 36.96
N GLU D 768 22.20 -63.32 37.07
CA GLU D 768 22.85 -64.36 37.88
C GLU D 768 22.08 -64.59 39.18
N LEU D 784 32.94 -57.35 31.24
CA LEU D 784 33.15 -57.52 32.68
C LEU D 784 33.76 -56.27 33.30
N PRO D 785 33.10 -55.12 33.12
CA PRO D 785 33.51 -53.82 33.61
C PRO D 785 33.63 -53.76 35.13
N SER D 786 32.57 -54.13 35.84
CA SER D 786 32.57 -54.04 37.30
C SER D 786 31.36 -54.72 37.93
N ARG D 787 30.18 -54.47 37.35
CA ARG D 787 28.89 -54.90 37.89
C ARG D 787 28.53 -54.12 39.15
N ASP D 788 29.25 -53.01 39.36
CA ASP D 788 29.00 -52.13 40.49
C ASP D 788 28.08 -50.98 40.09
N VAL D 789 26.81 -51.08 40.47
CA VAL D 789 25.82 -50.08 40.10
C VAL D 789 26.12 -48.73 40.72
N THR D 790 26.58 -48.73 41.97
CA THR D 790 26.89 -47.47 42.61
C THR D 790 27.88 -46.69 41.75
N VAL D 791 28.92 -47.38 41.30
CA VAL D 791 29.92 -46.75 40.44
C VAL D 791 29.31 -46.32 39.11
N LEU D 792 28.43 -47.15 38.56
CA LEU D 792 27.73 -46.79 37.33
C LEU D 792 27.00 -45.47 37.49
N LEU D 793 26.24 -45.35 38.56
CA LEU D 793 25.41 -44.19 38.81
C LEU D 793 26.25 -42.93 39.03
N GLU D 794 27.41 -43.09 39.65
CA GLU D 794 28.30 -41.97 39.92
C GLU D 794 28.79 -41.30 38.66
N ASN D 795 28.73 -42.01 37.54
CA ASN D 795 29.23 -41.51 36.27
C ASN D 795 28.09 -41.24 35.30
N TYR D 796 26.88 -41.11 35.83
CA TYR D 796 25.69 -40.88 35.01
C TYR D 796 25.77 -39.61 34.18
N GLY D 797 26.02 -38.48 34.83
CA GLY D 797 25.98 -37.20 34.13
C GLY D 797 27.26 -36.91 33.37
N LYS D 798 27.64 -37.82 32.48
CA LYS D 798 28.89 -37.67 31.76
C LYS D 798 28.81 -38.12 30.30
N PHE D 799 29.39 -37.30 29.42
CA PHE D 799 29.46 -37.57 27.99
C PHE D 799 30.19 -38.88 27.72
N GLU D 800 31.26 -39.11 28.48
CA GLU D 800 32.13 -40.25 28.30
C GLU D 800 31.40 -41.58 28.26
N LYS D 801 30.30 -41.70 29.00
CA LYS D 801 29.61 -42.97 29.07
C LYS D 801 28.29 -42.95 28.31
N GLY D 802 28.05 -41.88 27.57
CA GLY D 802 26.81 -41.73 26.82
C GLY D 802 25.68 -41.27 27.73
N TYR D 803 26.03 -40.69 28.87
CA TYR D 803 25.09 -40.19 29.88
C TYR D 803 24.28 -41.28 30.59
N LEU D 804 24.37 -42.52 30.10
CA LEU D 804 23.72 -43.65 30.74
C LEU D 804 22.25 -43.40 31.06
N ILE D 805 21.58 -42.62 30.22
CA ILE D 805 20.20 -42.27 30.51
C ILE D 805 19.30 -43.48 30.43
N PHE D 806 19.43 -44.26 29.38
CA PHE D 806 18.57 -45.42 29.24
C PHE D 806 19.08 -46.56 30.08
N VAL D 807 20.37 -46.57 30.38
CA VAL D 807 20.90 -47.63 31.21
C VAL D 807 20.19 -47.57 32.56
N VAL D 808 20.08 -46.39 33.12
CA VAL D 808 19.40 -46.23 34.39
C VAL D 808 17.89 -46.38 34.28
N ARG D 809 17.27 -45.75 33.29
CA ARG D 809 15.82 -45.88 33.18
C ARG D 809 15.43 -47.35 33.07
N PHE D 810 16.20 -48.13 32.32
CA PHE D 810 15.93 -49.55 32.20
C PHE D 810 16.29 -50.26 33.49
N LEU D 811 17.38 -49.87 34.12
CA LEU D 811 17.76 -50.48 35.38
C LEU D 811 16.61 -50.36 36.37
N PHE D 812 15.98 -49.19 36.42
CA PHE D 812 14.84 -48.97 37.31
C PHE D 812 13.67 -49.87 36.94
N GLY D 813 13.34 -49.94 35.66
CA GLY D 813 12.21 -50.74 35.24
C GLY D 813 12.42 -52.23 35.53
N LEU D 814 13.65 -52.70 35.33
CA LEU D 814 14.00 -54.10 35.53
C LEU D 814 14.03 -54.48 37.01
N VAL D 815 14.48 -53.56 37.86
CA VAL D 815 14.51 -53.84 39.29
C VAL D 815 13.11 -53.73 39.85
N ASN D 816 12.40 -54.85 39.82
CA ASN D 816 11.02 -54.89 40.30
C ASN D 816 10.72 -56.25 40.92
N GLN D 817 9.63 -56.33 41.67
CA GLN D 817 9.21 -57.60 42.22
C GLN D 817 8.09 -58.18 41.37
N GLU D 818 7.38 -57.30 40.66
CA GLU D 818 6.27 -57.73 39.83
C GLU D 818 6.79 -58.26 38.49
N ARG D 819 7.45 -59.41 38.55
CA ARG D 819 8.08 -60.02 37.38
C ARG D 819 7.46 -61.35 37.03
N THR D 820 7.65 -61.78 35.78
CA THR D 820 7.07 -63.03 35.30
C THR D 820 8.14 -63.95 34.73
N SER D 821 7.67 -65.07 34.19
CA SER D 821 8.53 -65.99 33.48
C SER D 821 8.86 -65.37 32.12
N TYR D 822 9.74 -66.04 31.37
CA TYR D 822 10.24 -65.60 30.06
C TYR D 822 11.35 -64.58 30.20
N LEU D 823 12.56 -65.09 30.40
CA LEU D 823 13.79 -64.29 30.53
C LEU D 823 13.88 -63.55 31.87
N GLU D 824 12.83 -62.83 32.21
CA GLU D 824 12.80 -62.10 33.47
C GLU D 824 13.12 -63.01 34.67
N LYS D 825 12.69 -64.27 34.62
CA LYS D 825 12.94 -65.20 35.72
C LYS D 825 14.41 -65.55 35.86
N LYS D 826 15.21 -65.23 34.85
CA LYS D 826 16.65 -65.50 34.83
C LYS D 826 17.39 -64.30 35.41
N LEU D 827 16.64 -63.25 35.69
CA LEU D 827 17.17 -62.04 36.29
C LEU D 827 17.30 -62.31 37.79
N SER D 828 18.34 -61.78 38.41
CA SER D 828 18.58 -62.06 39.83
C SER D 828 17.68 -61.26 40.74
N CYS D 829 16.84 -61.97 41.49
CA CYS D 829 15.95 -61.33 42.45
C CYS D 829 16.74 -60.79 43.63
N LYS D 830 17.77 -61.52 44.03
CA LYS D 830 18.58 -61.11 45.17
C LYS D 830 19.31 -59.83 44.88
N ILE D 831 19.84 -59.73 43.66
CA ILE D 831 20.55 -58.52 43.28
C ILE D 831 19.57 -57.37 43.19
N SER D 832 18.41 -57.61 42.59
CA SER D 832 17.42 -56.55 42.42
C SER D 832 17.08 -55.91 43.76
N GLN D 833 16.96 -56.72 44.81
CA GLN D 833 16.66 -56.18 46.13
C GLN D 833 17.82 -55.33 46.67
N GLN D 834 19.06 -55.73 46.37
CA GLN D 834 20.24 -55.01 46.79
C GLN D 834 20.38 -53.69 46.03
N ILE D 835 20.03 -53.73 44.76
CA ILE D 835 20.13 -52.56 43.88
C ILE D 835 19.03 -51.55 44.16
N ARG D 836 17.82 -52.04 44.40
CA ARG D 836 16.71 -51.16 44.68
C ARG D 836 17.05 -50.15 45.76
N LEU D 837 17.72 -50.60 46.80
CA LEU D 837 18.07 -49.72 47.90
C LEU D 837 18.99 -48.60 47.44
N GLU D 838 20.00 -48.96 46.65
CA GLU D 838 20.95 -47.95 46.19
C GLU D 838 20.28 -46.99 45.21
N LEU D 839 19.33 -47.49 44.43
CA LEU D 839 18.61 -46.62 43.51
C LEU D 839 17.80 -45.58 44.27
N LEU D 840 17.21 -45.99 45.39
CA LEU D 840 16.40 -45.07 46.17
C LEU D 840 17.29 -43.99 46.77
N LYS D 841 18.46 -44.38 47.24
CA LYS D 841 19.42 -43.42 47.78
C LYS D 841 19.83 -42.43 46.69
N TRP D 842 20.05 -42.95 45.50
CA TRP D 842 20.44 -42.14 44.36
C TRP D 842 19.39 -41.08 44.07
N ILE D 843 18.12 -41.49 44.07
CA ILE D 843 17.07 -40.52 43.82
C ILE D 843 17.08 -39.42 44.88
N GLU D 844 17.19 -39.80 46.15
CA GLU D 844 17.19 -38.79 47.19
C GLU D 844 18.32 -37.79 46.99
N VAL D 845 19.51 -38.30 46.70
CA VAL D 845 20.67 -37.45 46.53
C VAL D 845 20.54 -36.51 45.35
N LYS D 846 20.03 -37.02 44.24
CA LYS D 846 19.93 -36.20 43.04
C LYS D 846 18.71 -35.27 43.09
N ALA D 847 17.62 -35.73 43.69
CA ALA D 847 16.41 -34.92 43.79
C ALA D 847 16.69 -33.68 44.61
N LYS D 848 17.56 -33.81 45.60
CA LYS D 848 17.98 -32.73 46.47
C LYS D 848 18.58 -31.55 45.71
N ALA D 849 19.19 -31.82 44.55
CA ALA D 849 19.86 -30.76 43.80
C ALA D 849 18.84 -29.77 43.26
N LYS D 850 19.21 -28.49 43.27
CA LYS D 850 18.34 -27.45 42.74
C LYS D 850 19.01 -26.72 41.58
N LYS D 851 19.97 -27.40 40.95
CA LYS D 851 20.71 -26.82 39.83
C LYS D 851 20.03 -27.10 38.51
N LEU D 852 20.34 -26.27 37.52
CA LEU D 852 19.83 -26.45 36.16
C LEU D 852 20.92 -26.98 35.25
N GLN D 853 20.52 -27.59 34.13
CA GLN D 853 21.49 -28.17 33.21
C GLN D 853 22.35 -29.17 33.96
N ILE D 854 21.69 -29.96 34.78
CA ILE D 854 22.31 -30.95 35.63
C ILE D 854 21.66 -32.31 35.42
N GLN D 855 22.40 -33.37 35.74
CA GLN D 855 21.87 -34.71 35.70
C GLN D 855 20.53 -34.74 36.44
N PRO D 856 19.84 -35.87 36.54
CA PRO D 856 18.39 -35.96 36.46
C PRO D 856 17.68 -34.71 36.94
N SER D 857 17.36 -33.82 36.00
CA SER D 857 16.66 -32.59 36.32
C SER D 857 15.16 -32.82 36.53
N GLN D 858 14.83 -33.46 37.64
CA GLN D 858 13.46 -33.72 38.07
C GLN D 858 12.68 -34.65 37.16
N LEU D 859 12.43 -34.23 35.94
CA LEU D 859 11.60 -35.01 35.04
C LEU D 859 12.23 -36.37 34.76
N GLU D 860 13.56 -36.41 34.65
CA GLU D 860 14.23 -37.67 34.40
C GLU D 860 13.97 -38.67 35.52
N LEU D 861 13.90 -38.16 36.74
CA LEU D 861 13.65 -39.03 37.88
C LEU D 861 12.24 -39.55 37.80
N PHE D 862 11.34 -38.72 37.29
CA PHE D 862 9.95 -39.14 37.17
C PHE D 862 9.82 -40.24 36.15
N TYR D 863 10.54 -40.12 35.04
CA TYR D 863 10.54 -41.18 34.05
C TYR D 863 11.09 -42.47 34.65
N CYS D 864 12.14 -42.34 35.46
CA CYS D 864 12.71 -43.52 36.11
C CYS D 864 11.67 -44.18 37.00
N LEU D 865 10.96 -43.38 37.78
CA LEU D 865 9.94 -43.89 38.66
C LEU D 865 8.75 -44.44 37.89
N TYR D 866 8.43 -43.81 36.77
CA TYR D 866 7.34 -44.30 35.95
C TYR D 866 7.62 -45.70 35.49
N GLU D 867 8.85 -45.94 35.03
CA GLU D 867 9.22 -47.25 34.56
C GLU D 867 9.11 -48.28 35.68
N MET D 868 9.54 -47.90 36.88
CA MET D 868 9.43 -48.78 38.02
C MET D 868 8.05 -48.66 38.66
N GLN D 869 7.05 -49.26 38.03
CA GLN D 869 5.67 -49.06 38.47
C GLN D 869 5.32 -49.84 39.72
N GLU D 870 5.95 -49.48 40.83
CA GLU D 870 5.67 -50.07 42.13
C GLU D 870 5.49 -48.97 43.14
N GLU D 871 4.28 -48.85 43.67
CA GLU D 871 3.91 -47.75 44.53
C GLU D 871 4.78 -47.64 45.77
N ASP D 872 5.15 -48.77 46.35
CA ASP D 872 5.93 -48.71 47.57
C ASP D 872 7.21 -47.92 47.34
N PHE D 873 7.89 -48.24 46.25
CA PHE D 873 9.14 -47.56 45.92
C PHE D 873 8.88 -46.14 45.49
N VAL D 874 7.91 -45.96 44.60
CA VAL D 874 7.67 -44.64 44.03
C VAL D 874 7.26 -43.64 45.07
N GLN D 875 6.37 -44.02 45.97
CA GLN D 875 5.93 -43.09 46.97
C GLN D 875 7.07 -42.73 47.91
N ARG D 876 7.88 -43.71 48.29
CA ARG D 876 9.02 -43.40 49.14
C ARG D 876 9.98 -42.46 48.44
N ALA D 877 10.20 -42.70 47.15
CA ALA D 877 11.08 -41.86 46.36
C ALA D 877 10.53 -40.45 46.21
N MET D 878 9.23 -40.35 45.97
CA MET D 878 8.58 -39.06 45.77
C MET D 878 8.56 -38.19 46.99
N ASP D 879 8.71 -38.79 48.16
CA ASP D 879 8.72 -38.02 49.39
C ASP D 879 9.97 -37.16 49.49
N TYR D 880 10.93 -37.37 48.58
CA TYR D 880 12.16 -36.60 48.57
C TYR D 880 12.08 -35.43 47.60
N PHE D 881 10.87 -35.12 47.14
CA PHE D 881 10.66 -34.00 46.23
C PHE D 881 9.70 -32.95 46.81
N PRO D 882 10.13 -32.16 47.80
CA PRO D 882 9.33 -31.17 48.49
C PRO D 882 8.90 -30.06 47.55
N LYS D 883 9.68 -29.90 46.48
CA LYS D 883 9.39 -28.92 45.46
C LYS D 883 9.63 -29.53 44.08
N ILE D 884 8.63 -29.46 43.22
CA ILE D 884 8.75 -30.03 41.89
C ILE D 884 8.74 -28.97 40.81
N GLU D 885 9.84 -28.87 40.07
CA GLU D 885 9.97 -27.91 38.99
C GLU D 885 10.16 -28.62 37.65
N ILE D 886 9.10 -28.71 36.86
CA ILE D 886 9.17 -29.47 35.62
C ILE D 886 8.63 -28.71 34.41
N ASN D 887 9.07 -29.15 33.23
CA ASN D 887 8.60 -28.56 31.97
C ASN D 887 8.12 -29.66 31.05
N LEU D 888 6.82 -29.65 30.78
CA LEU D 888 6.19 -30.71 30.00
C LEU D 888 6.10 -30.33 28.54
N SER D 889 6.56 -31.24 27.67
CA SER D 889 6.59 -30.96 26.24
C SER D 889 5.52 -31.75 25.50
N THR D 890 5.44 -33.05 25.79
CA THR D 890 4.51 -33.91 25.08
C THR D 890 3.63 -34.75 25.99
N ARG D 891 2.72 -35.50 25.38
CA ARG D 891 1.76 -36.29 26.13
C ARG D 891 2.45 -37.31 27.03
N MET D 892 3.59 -37.82 26.56
CA MET D 892 4.38 -38.79 27.31
C MET D 892 4.91 -38.19 28.62
N ASP D 893 5.04 -36.86 28.66
CA ASP D 893 5.57 -36.23 29.85
C ASP D 893 4.45 -36.03 30.85
N HIS D 894 3.25 -35.80 30.33
CA HIS D 894 2.11 -35.50 31.18
C HIS D 894 1.66 -36.69 32.01
N MET D 895 1.57 -37.87 31.40
CA MET D 895 1.10 -39.02 32.17
C MET D 895 2.18 -39.49 33.14
N VAL D 896 3.43 -39.25 32.81
CA VAL D 896 4.53 -39.58 33.69
C VAL D 896 4.55 -38.66 34.89
N SER D 897 4.40 -37.37 34.64
CA SER D 897 4.34 -36.40 35.72
C SER D 897 3.14 -36.69 36.59
N SER D 898 2.01 -36.98 35.96
CA SER D 898 0.79 -37.28 36.68
C SER D 898 0.99 -38.46 37.62
N PHE D 899 1.59 -39.53 37.10
CA PHE D 899 1.85 -40.71 37.91
C PHE D 899 2.67 -40.38 39.15
N CYS D 900 3.78 -39.67 38.96
CA CYS D 900 4.66 -39.35 40.07
C CYS D 900 4.04 -38.38 41.07
N ILE D 901 3.34 -37.37 40.58
CA ILE D 901 2.73 -36.39 41.47
C ILE D 901 1.60 -37.01 42.27
N GLU D 902 0.79 -37.83 41.62
CA GLU D 902 -0.30 -38.51 42.31
C GLU D 902 0.23 -39.36 43.44
N ASN D 903 1.34 -40.05 43.19
CA ASN D 903 1.97 -40.90 44.19
C ASN D 903 3.02 -40.13 44.99
N CYS D 904 2.62 -38.98 45.50
CA CYS D 904 3.51 -38.14 46.31
C CYS D 904 2.74 -37.53 47.46
N HIS D 905 3.18 -37.80 48.67
CA HIS D 905 2.45 -37.29 49.83
C HIS D 905 3.21 -36.19 50.53
N ARG D 906 4.30 -35.72 49.95
CA ARG D 906 5.06 -34.66 50.57
C ARG D 906 5.64 -33.67 49.57
N VAL D 907 4.77 -33.08 48.76
CA VAL D 907 5.20 -32.01 47.87
C VAL D 907 4.50 -30.73 48.27
N GLU D 908 5.26 -29.72 48.66
CA GLU D 908 4.67 -28.49 49.12
C GLU D 908 4.37 -27.53 47.98
N SER D 909 5.26 -27.51 46.99
CA SER D 909 5.10 -26.58 45.89
C SER D 909 5.42 -27.20 44.55
N LEU D 910 4.55 -26.93 43.58
CA LEU D 910 4.69 -27.45 42.24
C LEU D 910 4.73 -26.34 41.21
N SER D 911 5.70 -26.40 40.32
CA SER D 911 5.82 -25.41 39.26
C SER D 911 5.80 -26.09 37.91
N LEU D 912 4.80 -25.74 37.12
CA LEU D 912 4.66 -26.33 35.80
C LEU D 912 5.07 -25.33 34.75
N GLY D 913 5.46 -25.82 33.60
CA GLY D 913 5.87 -24.98 32.50
C GLY D 913 5.48 -25.63 31.19
N PHE D 914 4.22 -25.54 30.86
CA PHE D 914 3.75 -26.16 29.63
C PHE D 914 4.44 -25.50 28.45
N LEU D 915 4.97 -26.32 27.55
CA LEU D 915 5.70 -25.81 26.40
C LEU D 915 4.88 -25.91 25.13
N HIS D 916 5.56 -26.19 24.02
CA HIS D 916 4.89 -26.24 22.73
C HIS D 916 4.15 -27.56 22.55
N ASN D 917 3.01 -27.66 23.21
CA ASN D 917 2.21 -28.88 23.19
C ASN D 917 1.48 -29.04 21.88
N LEU D 956 -0.90 -24.40 25.00
CA LEU D 956 -2.05 -25.24 25.32
C LEU D 956 -3.31 -24.76 24.62
N THR D 957 -4.08 -23.92 25.30
CA THR D 957 -5.39 -23.49 24.84
C THR D 957 -6.23 -24.72 24.49
N SER D 958 -6.15 -25.71 25.37
CA SER D 958 -6.84 -26.97 25.18
C SER D 958 -6.95 -27.73 26.50
N SER D 959 -7.58 -28.91 26.43
CA SER D 959 -7.71 -29.81 27.58
C SER D 959 -6.58 -30.83 27.60
N PHE D 960 -5.57 -30.60 26.76
CA PHE D 960 -4.43 -31.49 26.62
C PHE D 960 -3.84 -31.91 27.97
N CYS D 961 -3.74 -30.96 28.88
CA CYS D 961 -3.14 -31.20 30.19
C CYS D 961 -4.16 -31.37 31.31
N ARG D 962 -5.42 -31.58 30.94
CA ARG D 962 -6.50 -31.76 31.90
C ARG D 962 -6.20 -32.86 32.91
N GLY D 963 -5.58 -33.94 32.42
CA GLY D 963 -5.29 -35.09 33.26
C GLY D 963 -4.41 -34.75 34.45
N LEU D 964 -3.49 -33.81 34.28
CA LEU D 964 -2.61 -33.45 35.38
C LEU D 964 -3.34 -32.59 36.40
N PHE D 965 -4.14 -31.66 35.91
CA PHE D 965 -4.85 -30.78 36.83
C PHE D 965 -5.77 -31.59 37.73
N SER D 966 -6.32 -32.68 37.20
CA SER D 966 -7.21 -33.54 37.96
C SER D 966 -6.51 -34.23 39.13
N VAL D 967 -5.18 -34.30 39.07
CA VAL D 967 -4.39 -34.92 40.13
C VAL D 967 -4.16 -33.94 41.24
N LEU D 968 -3.89 -32.70 40.85
CA LEU D 968 -3.52 -31.68 41.81
C LEU D 968 -4.63 -31.50 42.83
N SER D 969 -5.86 -31.71 42.39
CA SER D 969 -7.03 -31.57 43.27
C SER D 969 -6.98 -32.51 44.47
N THR D 970 -6.24 -33.60 44.37
CA THR D 970 -6.25 -34.59 45.44
C THR D 970 -4.94 -34.65 46.20
N SER D 971 -4.03 -33.71 45.92
CA SER D 971 -2.76 -33.72 46.63
C SER D 971 -2.86 -32.92 47.92
N GLN D 972 -3.01 -33.62 49.03
CA GLN D 972 -3.30 -32.98 50.30
C GLN D 972 -2.13 -32.18 50.85
N SER D 973 -0.95 -32.42 50.29
CA SER D 973 0.25 -31.76 50.78
C SER D 973 0.66 -30.58 49.92
N LEU D 974 -0.04 -30.36 48.81
CA LEU D 974 0.34 -29.30 47.90
C LEU D 974 -0.25 -27.99 48.33
N THR D 975 0.60 -27.01 48.61
CA THR D 975 0.10 -25.73 49.08
C THR D 975 0.27 -24.65 48.03
N GLU D 976 1.32 -24.75 47.23
CA GLU D 976 1.60 -23.73 46.22
C GLU D 976 1.66 -24.29 44.81
N LEU D 977 0.84 -23.71 43.93
CA LEU D 977 0.81 -24.11 42.54
C LEU D 977 1.23 -22.96 41.63
N ASP D 978 2.36 -23.11 40.98
CA ASP D 978 2.89 -22.05 40.12
C ASP D 978 2.72 -22.38 38.64
N LEU D 979 1.86 -21.62 37.98
CA LEU D 979 1.56 -21.83 36.57
C LEU D 979 1.96 -20.62 35.76
N SER D 980 2.91 -19.85 36.27
CA SER D 980 3.32 -18.62 35.63
C SER D 980 4.18 -18.82 34.39
N ASP D 981 4.21 -17.81 33.54
CA ASP D 981 5.06 -17.73 32.38
C ASP D 981 4.96 -18.93 31.44
N ASN D 982 3.74 -19.35 31.18
CA ASN D 982 3.45 -20.36 30.18
C ASN D 982 2.07 -20.05 29.65
N SER D 983 1.77 -20.46 28.43
CA SER D 983 0.48 -20.12 27.87
C SER D 983 -0.62 -21.02 28.40
N LEU D 984 -1.48 -20.44 29.23
CA LEU D 984 -2.60 -21.15 29.80
C LEU D 984 -3.86 -20.45 29.36
N GLY D 985 -4.35 -20.79 28.18
CA GLY D 985 -5.45 -20.06 27.59
C GLY D 985 -6.67 -20.15 28.48
N ASP D 986 -7.57 -19.18 28.35
CA ASP D 986 -8.75 -19.12 29.19
C ASP D 986 -9.40 -20.49 29.41
N PRO D 987 -9.66 -21.32 28.37
CA PRO D 987 -10.22 -22.64 28.50
C PRO D 987 -9.45 -23.48 29.51
N GLY D 988 -8.14 -23.30 29.55
CA GLY D 988 -7.29 -24.01 30.48
C GLY D 988 -7.51 -23.50 31.89
N MET D 989 -7.75 -22.19 32.01
CA MET D 989 -7.98 -21.59 33.31
C MET D 989 -9.31 -22.08 33.86
N ARG D 990 -10.26 -22.31 32.96
CA ARG D 990 -11.55 -22.84 33.38
C ARG D 990 -11.37 -24.23 33.95
N VAL D 991 -10.57 -25.05 33.28
CA VAL D 991 -10.31 -26.40 33.75
C VAL D 991 -9.66 -26.37 35.11
N LEU D 992 -8.68 -25.48 35.28
CA LEU D 992 -8.03 -25.34 36.56
C LEU D 992 -9.03 -24.93 37.63
N CYS D 993 -9.85 -23.94 37.31
CA CYS D 993 -10.79 -23.44 38.29
C CYS D 993 -11.70 -24.55 38.78
N GLU D 994 -12.17 -25.40 37.88
CA GLU D 994 -13.01 -26.50 38.28
C GLU D 994 -12.27 -27.41 39.24
N THR D 995 -10.98 -27.63 39.01
CA THR D 995 -10.18 -28.49 39.86
C THR D 995 -9.83 -27.83 41.19
N LEU D 996 -10.04 -26.52 41.28
CA LEU D 996 -9.79 -25.78 42.52
C LEU D 996 -11.04 -25.70 43.37
N GLN D 997 -12.15 -26.24 42.86
CA GLN D 997 -13.39 -26.22 43.60
C GLN D 997 -13.59 -27.54 44.33
N HIS D 998 -12.62 -28.42 44.16
CA HIS D 998 -12.66 -29.74 44.78
C HIS D 998 -12.55 -29.58 46.30
N PRO D 999 -13.39 -30.27 47.07
CA PRO D 999 -13.42 -30.26 48.53
C PRO D 999 -12.06 -30.48 49.18
N GLY D 1000 -11.19 -31.23 48.53
CA GLY D 1000 -9.88 -31.53 49.10
C GLY D 1000 -8.73 -30.77 48.45
N CYS D 1001 -9.04 -29.73 47.68
CA CYS D 1001 -8.00 -29.01 46.94
C CYS D 1001 -6.81 -28.62 47.81
N ASN D 1002 -7.07 -27.83 48.84
CA ASN D 1002 -6.05 -27.42 49.82
C ASN D 1002 -4.89 -26.60 49.26
N ILE D 1003 -5.04 -26.04 48.07
CA ILE D 1003 -4.00 -25.15 47.54
C ILE D 1003 -4.18 -23.77 48.15
N ARG D 1004 -3.09 -23.24 48.71
CA ARG D 1004 -3.13 -21.95 49.39
C ARG D 1004 -2.57 -20.83 48.54
N ARG D 1005 -1.60 -21.14 47.69
CA ARG D 1005 -1.00 -20.12 46.84
C ARG D 1005 -1.13 -20.49 45.38
N LEU D 1006 -1.61 -19.56 44.57
CA LEU D 1006 -1.73 -19.80 43.14
C LEU D 1006 -1.09 -18.67 42.35
N TRP D 1007 -0.03 -19.00 41.61
CA TRP D 1007 0.69 -17.99 40.85
C TRP D 1007 0.32 -18.08 39.37
N LEU D 1008 -0.23 -17.00 38.84
CA LEU D 1008 -0.65 -16.96 37.44
C LEU D 1008 -0.13 -15.72 36.74
N GLY D 1009 1.18 -15.67 36.52
CA GLY D 1009 1.81 -14.48 35.95
C GLY D 1009 1.49 -14.35 34.48
N ARG D 1010 2.50 -14.31 33.62
CA ARG D 1010 2.25 -14.11 32.20
C ARG D 1010 1.61 -15.32 31.56
N CYS D 1011 0.35 -15.57 31.91
CA CYS D 1011 -0.37 -16.75 31.45
C CYS D 1011 -1.17 -16.47 30.19
N GLY D 1012 -1.31 -15.19 29.86
CA GLY D 1012 -2.08 -14.79 28.69
C GLY D 1012 -3.57 -14.88 28.93
N LEU D 1013 -3.99 -14.71 30.19
CA LEU D 1013 -5.40 -14.79 30.52
C LEU D 1013 -6.12 -13.52 30.13
N SER D 1014 -7.40 -13.63 29.83
CA SER D 1014 -8.21 -12.45 29.55
C SER D 1014 -9.27 -12.30 30.60
N HIS D 1015 -10.08 -11.26 30.48
CA HIS D 1015 -11.17 -11.01 31.42
C HIS D 1015 -12.12 -12.19 31.51
N GLU D 1016 -12.17 -12.99 30.47
CA GLU D 1016 -13.08 -14.13 30.42
C GLU D 1016 -12.85 -15.08 31.58
N CYS D 1017 -11.60 -15.23 32.00
CA CYS D 1017 -11.29 -16.18 33.05
C CYS D 1017 -11.65 -15.64 34.42
N CYS D 1018 -11.89 -14.34 34.52
CA CYS D 1018 -12.14 -13.77 35.83
C CYS D 1018 -13.42 -14.30 36.40
N PHE D 1019 -14.37 -14.64 35.54
CA PHE D 1019 -15.61 -15.23 36.01
C PHE D 1019 -15.33 -16.52 36.74
N ASP D 1020 -14.50 -17.37 36.15
CA ASP D 1020 -14.20 -18.66 36.73
C ASP D 1020 -13.33 -18.52 37.98
N ILE D 1021 -12.45 -17.53 38.00
CA ILE D 1021 -11.65 -17.28 39.20
C ILE D 1021 -12.55 -16.88 40.35
N SER D 1022 -13.53 -16.02 40.03
CA SER D 1022 -14.48 -15.56 41.03
C SER D 1022 -15.23 -16.73 41.66
N LEU D 1023 -15.63 -17.68 40.83
CA LEU D 1023 -16.34 -18.84 41.35
C LEU D 1023 -15.47 -19.59 42.34
N VAL D 1024 -14.18 -19.72 42.04
CA VAL D 1024 -13.28 -20.39 42.96
C VAL D 1024 -13.17 -19.64 44.27
N LEU D 1025 -13.03 -18.33 44.19
CA LEU D 1025 -12.88 -17.53 45.39
C LEU D 1025 -14.11 -17.68 46.29
N SER D 1026 -15.27 -17.81 45.67
CA SER D 1026 -16.52 -17.89 46.41
C SER D 1026 -16.70 -19.18 47.21
N SER D 1027 -15.92 -20.21 46.91
CA SER D 1027 -16.11 -21.49 47.60
C SER D 1027 -14.83 -22.08 48.18
N ASN D 1028 -13.69 -21.73 47.59
CA ASN D 1028 -12.42 -22.27 48.04
C ASN D 1028 -11.90 -21.43 49.19
N GLN D 1029 -12.01 -21.97 50.40
CA GLN D 1029 -11.68 -21.23 51.60
C GLN D 1029 -10.22 -21.41 51.99
N LYS D 1030 -9.48 -22.11 51.15
CA LYS D 1030 -8.08 -22.39 51.44
C LYS D 1030 -7.15 -21.44 50.68
N LEU D 1031 -7.61 -20.94 49.54
CA LEU D 1031 -6.76 -20.07 48.74
C LEU D 1031 -6.51 -18.76 49.47
N VAL D 1032 -5.24 -18.43 49.65
CA VAL D 1032 -4.82 -17.25 50.38
C VAL D 1032 -4.11 -16.24 49.49
N GLU D 1033 -3.24 -16.72 48.62
CA GLU D 1033 -2.44 -15.82 47.80
C GLU D 1033 -2.68 -16.07 46.33
N LEU D 1034 -3.15 -15.04 45.61
CA LEU D 1034 -3.44 -15.19 44.18
C LEU D 1034 -2.75 -14.11 43.36
N ASP D 1035 -1.88 -14.55 42.45
CA ASP D 1035 -1.14 -13.62 41.61
C ASP D 1035 -1.61 -13.64 40.17
N LEU D 1036 -2.30 -12.58 39.76
CA LEU D 1036 -2.85 -12.49 38.41
C LEU D 1036 -2.13 -11.45 37.57
N SER D 1037 -0.87 -11.17 37.93
CA SER D 1037 -0.10 -10.15 37.25
C SER D 1037 0.14 -10.50 35.79
N ASP D 1038 0.30 -9.48 34.97
CA ASP D 1038 0.64 -9.62 33.56
C ASP D 1038 -0.36 -10.43 32.74
N ASN D 1039 -1.65 -10.19 32.99
CA ASN D 1039 -2.73 -10.78 32.21
C ASN D 1039 -3.65 -9.67 31.74
N ALA D 1040 -4.39 -9.88 30.66
CA ALA D 1040 -5.27 -8.83 30.16
C ALA D 1040 -6.60 -8.85 30.89
N LEU D 1041 -6.55 -8.72 32.20
CA LEU D 1041 -7.76 -8.72 32.99
C LEU D 1041 -8.23 -7.29 33.13
N GLY D 1042 -8.77 -6.75 32.06
CA GLY D 1042 -9.11 -5.34 32.00
C GLY D 1042 -10.17 -5.00 33.04
N ASP D 1043 -10.56 -3.73 33.08
CA ASP D 1043 -11.47 -3.23 34.10
C ASP D 1043 -12.67 -4.14 34.28
N PHE D 1044 -13.18 -4.66 33.18
CA PHE D 1044 -14.30 -5.57 33.29
C PHE D 1044 -13.93 -6.80 34.09
N GLY D 1045 -12.73 -7.31 33.85
CA GLY D 1045 -12.28 -8.51 34.54
C GLY D 1045 -12.25 -8.28 36.04
N ILE D 1046 -11.83 -7.08 36.42
CA ILE D 1046 -11.79 -6.73 37.84
C ILE D 1046 -13.19 -6.71 38.40
N ARG D 1047 -14.10 -6.12 37.64
CA ARG D 1047 -15.49 -6.06 38.06
C ARG D 1047 -15.99 -7.44 38.45
N LEU D 1048 -15.58 -8.45 37.69
CA LEU D 1048 -15.97 -9.83 37.98
C LEU D 1048 -15.21 -10.41 39.17
N LEU D 1049 -13.91 -10.16 39.26
CA LEU D 1049 -13.16 -10.72 40.37
C LEU D 1049 -13.68 -10.18 41.68
N CYS D 1050 -14.12 -8.94 41.66
CA CYS D 1050 -14.63 -8.31 42.86
C CYS D 1050 -15.87 -8.98 43.39
N VAL D 1051 -16.55 -9.75 42.55
CA VAL D 1051 -17.74 -10.45 43.01
C VAL D 1051 -17.34 -11.51 44.00
N GLY D 1052 -16.27 -12.21 43.68
CA GLY D 1052 -15.74 -13.24 44.56
C GLY D 1052 -15.06 -12.59 45.77
N LEU D 1053 -14.33 -11.52 45.53
CA LEU D 1053 -13.55 -10.90 46.59
C LEU D 1053 -14.44 -10.31 47.68
N LYS D 1054 -15.61 -9.81 47.30
CA LYS D 1054 -16.53 -9.22 48.26
C LYS D 1054 -17.39 -10.28 48.94
N HIS D 1055 -17.23 -11.53 48.52
CA HIS D 1055 -18.07 -12.60 49.01
C HIS D 1055 -17.53 -13.19 50.30
N LEU D 1056 -18.41 -13.54 51.21
CA LEU D 1056 -17.97 -14.20 52.41
C LEU D 1056 -17.37 -15.53 52.03
N LEU D 1057 -16.56 -16.09 52.91
CA LEU D 1057 -15.84 -17.34 52.67
C LEU D 1057 -14.58 -17.11 51.83
N CYS D 1058 -14.46 -15.96 51.19
CA CYS D 1058 -13.23 -15.70 50.48
C CYS D 1058 -12.19 -15.24 51.47
N ASN D 1059 -11.14 -16.04 51.60
CA ASN D 1059 -10.11 -15.76 52.59
C ASN D 1059 -8.85 -15.22 51.94
N LEU D 1060 -8.98 -14.75 50.72
CA LEU D 1060 -7.81 -14.26 50.01
C LEU D 1060 -7.16 -13.13 50.79
N LYS D 1061 -5.85 -13.22 50.98
CA LYS D 1061 -5.11 -12.20 51.70
C LYS D 1061 -4.23 -11.39 50.77
N LYS D 1062 -3.66 -12.05 49.77
CA LYS D 1062 -2.76 -11.37 48.84
C LYS D 1062 -3.28 -11.42 47.43
N LEU D 1063 -3.44 -10.25 46.83
CA LEU D 1063 -3.89 -10.17 45.45
C LEU D 1063 -2.98 -9.30 44.60
N TRP D 1064 -2.41 -9.90 43.56
CA TRP D 1064 -1.54 -9.15 42.68
C TRP D 1064 -2.21 -8.91 41.34
N LEU D 1065 -2.40 -7.64 40.99
CA LEU D 1065 -3.01 -7.26 39.72
C LEU D 1065 -2.09 -6.34 38.97
N VAL D 1066 -0.80 -6.57 39.11
CA VAL D 1066 0.21 -5.75 38.46
C VAL D 1066 0.18 -5.94 36.96
N SER D 1067 0.23 -4.83 36.22
CA SER D 1067 0.25 -4.86 34.77
C SER D 1067 -0.90 -5.66 34.19
N CYS D 1068 -2.13 -5.24 34.51
CA CYS D 1068 -3.29 -5.97 34.02
C CYS D 1068 -4.17 -5.11 33.14
N CYS D 1069 -3.59 -4.12 32.48
CA CYS D 1069 -4.33 -3.26 31.58
C CYS D 1069 -5.52 -2.62 32.28
N LEU D 1070 -5.32 -2.17 33.50
CA LEU D 1070 -6.40 -1.55 34.26
C LEU D 1070 -6.38 -0.05 34.11
N THR D 1071 -7.54 0.57 34.27
CA THR D 1071 -7.61 2.02 34.31
C THR D 1071 -8.30 2.44 35.60
N SER D 1072 -8.44 3.74 35.79
CA SER D 1072 -9.04 4.27 37.00
C SER D 1072 -10.47 3.80 37.20
N ALA D 1073 -11.13 3.41 36.13
CA ALA D 1073 -12.52 2.99 36.23
C ALA D 1073 -12.67 1.80 37.18
N CYS D 1074 -11.68 0.92 37.19
CA CYS D 1074 -11.78 -0.31 37.98
C CYS D 1074 -11.67 -0.05 39.46
N CYS D 1075 -11.20 1.14 39.83
CA CYS D 1075 -10.98 1.43 41.23
C CYS D 1075 -12.30 1.53 41.96
N GLN D 1076 -13.37 1.74 41.21
CA GLN D 1076 -14.67 1.84 41.85
C GLN D 1076 -15.03 0.52 42.50
N ASP D 1077 -14.59 -0.59 41.89
CA ASP D 1077 -14.91 -1.90 42.43
C ASP D 1077 -13.84 -2.38 43.40
N LEU D 1078 -12.58 -2.05 43.12
CA LEU D 1078 -11.51 -2.46 44.02
C LEU D 1078 -11.69 -1.79 45.36
N ALA D 1079 -12.15 -0.55 45.32
CA ALA D 1079 -12.35 0.21 46.54
C ALA D 1079 -13.39 -0.47 47.42
N SER D 1080 -14.41 -1.05 46.80
CA SER D 1080 -15.45 -1.74 47.54
C SER D 1080 -14.89 -2.99 48.18
N VAL D 1081 -13.96 -3.64 47.50
CA VAL D 1081 -13.33 -4.81 48.08
C VAL D 1081 -12.53 -4.41 49.29
N LEU D 1082 -11.78 -3.32 49.19
CA LEU D 1082 -11.00 -2.88 50.33
C LEU D 1082 -11.90 -2.54 51.51
N SER D 1083 -13.04 -1.92 51.22
CA SER D 1083 -13.98 -1.55 52.26
C SER D 1083 -14.57 -2.74 53.01
N THR D 1084 -15.02 -3.76 52.29
CA THR D 1084 -15.73 -4.86 52.94
C THR D 1084 -14.92 -6.13 53.20
N SER D 1085 -13.82 -6.32 52.50
CA SER D 1085 -13.08 -7.57 52.68
C SER D 1085 -12.43 -7.63 54.04
N HIS D 1086 -12.73 -8.70 54.76
CA HIS D 1086 -12.18 -8.87 56.09
C HIS D 1086 -10.79 -9.49 56.05
N SER D 1087 -10.40 -10.01 54.90
CA SER D 1087 -9.14 -10.73 54.80
C SER D 1087 -8.12 -10.13 53.85
N LEU D 1088 -8.52 -9.25 52.93
CA LEU D 1088 -7.56 -8.76 51.97
C LEU D 1088 -6.63 -7.74 52.60
N THR D 1089 -5.33 -8.06 52.63
CA THR D 1089 -4.36 -7.17 53.26
C THR D 1089 -3.31 -6.67 52.27
N ARG D 1090 -3.07 -7.45 51.22
CA ARG D 1090 -2.05 -7.11 50.24
C ARG D 1090 -2.65 -6.85 48.88
N LEU D 1091 -2.55 -5.61 48.42
CA LEU D 1091 -3.09 -5.28 47.11
C LEU D 1091 -2.06 -4.59 46.25
N TYR D 1092 -1.65 -5.24 45.17
CA TYR D 1092 -0.66 -4.67 44.26
C TYR D 1092 -1.29 -4.37 42.92
N VAL D 1093 -1.42 -3.10 42.59
CA VAL D 1093 -2.06 -2.70 41.34
C VAL D 1093 -1.18 -1.77 40.51
N GLY D 1094 0.13 -1.92 40.64
CA GLY D 1094 1.05 -1.06 39.91
C GLY D 1094 1.13 -1.47 38.44
N GLU D 1095 1.87 -0.69 37.66
CA GLU D 1095 2.04 -0.91 36.22
C GLU D 1095 0.70 -0.91 35.50
N ASN D 1096 -0.18 0.00 35.90
CA ASN D 1096 -1.50 0.16 35.30
C ASN D 1096 -1.78 1.63 35.03
N ALA D 1097 -2.95 1.95 34.51
CA ALA D 1097 -3.30 3.34 34.24
C ALA D 1097 -4.17 3.90 35.37
N LEU D 1098 -3.94 3.41 36.58
CA LEU D 1098 -4.67 3.89 37.74
C LEU D 1098 -4.11 5.23 38.16
N GLY D 1099 -4.46 6.26 37.40
CA GLY D 1099 -3.91 7.58 37.63
C GLY D 1099 -4.52 8.22 38.86
N ASP D 1100 -4.26 9.50 39.03
CA ASP D 1100 -4.67 10.23 40.23
C ASP D 1100 -6.11 9.94 40.63
N SER D 1101 -7.01 9.97 39.67
CA SER D 1101 -8.42 9.77 39.96
C SER D 1101 -8.71 8.35 40.47
N GLY D 1102 -7.90 7.39 40.04
CA GLY D 1102 -8.10 6.01 40.45
C GLY D 1102 -7.66 5.84 41.89
N VAL D 1103 -6.52 6.45 42.20
CA VAL D 1103 -6.00 6.38 43.55
C VAL D 1103 -6.94 7.05 44.51
N ALA D 1104 -7.46 8.20 44.11
CA ALA D 1104 -8.37 8.91 44.98
C ALA D 1104 -9.57 8.04 45.32
N ILE D 1105 -10.08 7.31 44.34
CA ILE D 1105 -11.21 6.43 44.60
C ILE D 1105 -10.83 5.35 45.60
N LEU D 1106 -9.67 4.73 45.43
CA LEU D 1106 -9.26 3.70 46.36
C LEU D 1106 -9.07 4.28 47.76
N CYS D 1107 -8.48 5.47 47.82
CA CYS D 1107 -8.18 6.13 49.07
C CYS D 1107 -9.43 6.43 49.87
N GLU D 1108 -10.52 6.77 49.19
CA GLU D 1108 -11.75 7.11 49.88
C GLU D 1108 -12.30 5.95 50.70
N LYS D 1109 -11.86 4.73 50.39
CA LYS D 1109 -12.28 3.59 51.18
C LYS D 1109 -11.13 3.09 52.03
N ALA D 1110 -9.90 3.24 51.52
CA ALA D 1110 -8.72 2.79 52.23
C ALA D 1110 -8.48 3.64 53.47
N LYS D 1111 -9.01 4.86 53.47
CA LYS D 1111 -8.86 5.76 54.60
C LYS D 1111 -9.67 5.29 55.80
N ASN D 1112 -10.63 4.39 55.56
CA ASN D 1112 -11.50 3.91 56.62
C ASN D 1112 -10.69 3.16 57.67
N PRO D 1113 -10.78 3.54 58.94
CA PRO D 1113 -10.09 2.92 60.07
C PRO D 1113 -10.29 1.40 60.15
N GLN D 1114 -11.34 0.90 59.52
CA GLN D 1114 -11.63 -0.52 59.56
C GLN D 1114 -11.11 -1.29 58.35
N CYS D 1115 -10.46 -0.61 57.43
CA CYS D 1115 -9.91 -1.27 56.26
C CYS D 1115 -8.72 -2.11 56.68
N ASN D 1116 -8.61 -3.31 56.13
CA ASN D 1116 -7.56 -4.24 56.53
C ASN D 1116 -6.34 -4.19 55.64
N LEU D 1117 -6.29 -3.20 54.77
CA LEU D 1117 -5.16 -3.07 53.86
C LEU D 1117 -3.86 -2.81 54.62
N GLN D 1118 -2.86 -3.65 54.35
CA GLN D 1118 -1.56 -3.54 55.00
C GLN D 1118 -0.47 -3.10 54.04
N LYS D 1119 -0.50 -3.63 52.82
CA LYS D 1119 0.52 -3.31 51.85
C LYS D 1119 -0.12 -2.83 50.55
N LEU D 1120 0.22 -1.62 50.14
CA LEU D 1120 -0.38 -1.05 48.94
C LEU D 1120 0.65 -0.80 47.85
N GLY D 1121 0.51 -1.54 46.75
CA GLY D 1121 1.48 -1.51 45.65
C GLY D 1121 1.10 -0.61 44.49
N LEU D 1122 0.90 0.68 44.75
CA LEU D 1122 0.66 1.63 43.66
C LEU D 1122 1.99 2.01 43.05
N VAL D 1123 2.67 1.02 42.49
CA VAL D 1123 4.06 1.19 42.09
C VAL D 1123 4.26 2.15 40.92
N ASN D 1124 3.71 1.82 39.78
CA ASN D 1124 3.92 2.64 38.61
C ASN D 1124 2.63 2.88 37.88
N SER D 1125 1.82 3.77 38.42
CA SER D 1125 0.48 3.93 37.92
C SER D 1125 0.21 5.34 37.45
N GLY D 1126 1.27 6.10 37.19
CA GLY D 1126 1.10 7.45 36.67
C GLY D 1126 0.60 8.39 37.73
N LEU D 1127 0.97 8.14 38.99
CA LEU D 1127 0.53 9.02 40.05
C LEU D 1127 1.28 10.32 39.98
N THR D 1128 0.61 11.39 40.36
CA THR D 1128 1.22 12.71 40.38
C THR D 1128 1.02 13.39 41.72
N SER D 1129 1.45 14.64 41.82
CA SER D 1129 1.37 15.37 43.08
C SER D 1129 -0.07 15.54 43.55
N VAL D 1130 -0.98 15.61 42.61
CA VAL D 1130 -2.39 15.84 42.91
C VAL D 1130 -2.97 14.74 43.80
N CYS D 1131 -2.60 13.50 43.54
CA CYS D 1131 -3.16 12.37 44.26
C CYS D 1131 -2.52 12.17 45.62
N CYS D 1132 -1.49 12.93 45.92
CA CYS D 1132 -0.76 12.69 47.15
C CYS D 1132 -1.54 13.09 48.37
N SER D 1133 -2.49 14.01 48.22
CA SER D 1133 -3.34 14.39 49.34
C SER D 1133 -4.26 13.24 49.71
N ALA D 1134 -4.66 12.45 48.71
CA ALA D 1134 -5.52 11.31 48.95
C ALA D 1134 -4.76 10.24 49.70
N LEU D 1135 -3.51 10.04 49.32
CA LEU D 1135 -2.66 9.08 50.00
C LEU D 1135 -2.34 9.57 51.40
N SER D 1136 -2.18 10.88 51.54
CA SER D 1136 -1.89 11.47 52.83
C SER D 1136 -3.03 11.16 53.78
N SER D 1137 -4.26 11.32 53.30
CA SER D 1137 -5.43 11.04 54.11
C SER D 1137 -5.41 9.59 54.60
N VAL D 1138 -5.10 8.67 53.70
CA VAL D 1138 -5.06 7.26 54.09
C VAL D 1138 -4.00 7.03 55.14
N LEU D 1139 -2.82 7.58 54.93
CA LEU D 1139 -1.72 7.39 55.86
C LEU D 1139 -2.05 7.92 57.24
N SER D 1140 -2.73 9.05 57.30
CA SER D 1140 -3.10 9.66 58.56
C SER D 1140 -4.15 8.88 59.34
N THR D 1141 -5.07 8.23 58.63
CA THR D 1141 -6.18 7.58 59.32
C THR D 1141 -6.07 6.06 59.43
N ASN D 1142 -5.59 5.41 58.37
CA ASN D 1142 -5.55 3.96 58.34
C ASN D 1142 -4.29 3.43 59.04
N GLN D 1143 -4.47 2.94 60.25
CA GLN D 1143 -3.36 2.52 61.09
C GLN D 1143 -2.90 1.12 60.77
N ASN D 1144 -3.53 0.49 59.79
CA ASN D 1144 -3.16 -0.87 59.42
C ASN D 1144 -2.22 -0.87 58.23
N LEU D 1145 -1.96 0.29 57.66
CA LEU D 1145 -1.14 0.34 56.45
C LEU D 1145 0.33 0.43 56.83
N THR D 1146 1.08 -0.61 56.50
CA THR D 1146 2.48 -0.70 56.94
C THR D 1146 3.48 -0.57 55.81
N HIS D 1147 3.06 -0.85 54.58
CA HIS D 1147 3.96 -0.78 53.45
C HIS D 1147 3.32 -0.05 52.28
N LEU D 1148 4.01 0.95 51.75
CA LEU D 1148 3.51 1.70 50.61
C LEU D 1148 4.60 1.83 49.55
N TYR D 1149 4.31 1.33 48.36
CA TYR D 1149 5.31 1.34 47.30
C TYR D 1149 4.88 2.24 46.16
N LEU D 1150 5.52 3.39 46.02
CA LEU D 1150 5.12 4.35 44.99
C LEU D 1150 6.17 4.50 43.89
N ARG D 1151 7.16 3.63 43.87
CA ARG D 1151 8.28 3.83 42.96
C ARG D 1151 7.91 3.78 41.49
N GLY D 1152 8.32 4.81 40.76
CA GLY D 1152 8.06 4.92 39.34
C GLY D 1152 7.05 6.02 39.04
N ASN D 1153 6.30 6.44 40.05
CA ASN D 1153 5.34 7.51 39.88
C ASN D 1153 6.00 8.86 39.95
N THR D 1154 5.71 9.72 38.99
CA THR D 1154 6.32 11.03 38.95
C THR D 1154 5.66 11.97 39.96
N LEU D 1155 5.85 11.65 41.23
CA LEU D 1155 5.23 12.36 42.34
C LEU D 1155 5.76 13.78 42.40
N GLY D 1156 7.06 13.92 42.16
CA GLY D 1156 7.70 15.22 42.19
C GLY D 1156 7.96 15.64 43.63
N ASP D 1157 8.46 16.86 43.78
CA ASP D 1157 8.79 17.39 45.10
C ASP D 1157 7.53 17.75 45.84
N LYS D 1158 6.57 18.33 45.13
CA LYS D 1158 5.30 18.70 45.74
C LYS D 1158 4.61 17.46 46.28
N GLY D 1159 4.74 16.36 45.54
CA GLY D 1159 4.14 15.10 45.94
C GLY D 1159 4.69 14.66 47.28
N ILE D 1160 6.01 14.66 47.42
CA ILE D 1160 6.62 14.25 48.67
C ILE D 1160 6.18 15.15 49.80
N LYS D 1161 6.12 16.45 49.55
CA LYS D 1161 5.68 17.38 50.59
C LYS D 1161 4.32 16.97 51.13
N LEU D 1162 3.37 16.72 50.23
CA LEU D 1162 2.03 16.33 50.63
C LEU D 1162 2.01 14.98 51.33
N LEU D 1163 2.79 14.03 50.84
CA LEU D 1163 2.81 12.72 51.47
C LEU D 1163 3.37 12.83 52.87
N CYS D 1164 4.37 13.68 53.04
CA CYS D 1164 4.98 13.86 54.33
C CYS D 1164 3.98 14.39 55.34
N GLU D 1165 3.13 15.32 54.93
CA GLU D 1165 2.14 15.82 55.87
C GLU D 1165 1.36 14.67 56.47
N GLY D 1166 1.01 13.70 55.63
CA GLY D 1166 0.35 12.49 56.11
C GLY D 1166 1.27 11.65 57.00
N LEU D 1167 2.50 11.43 56.53
CA LEU D 1167 3.45 10.58 57.23
C LEU D 1167 3.87 11.14 58.58
N LEU D 1168 3.77 12.45 58.72
CA LEU D 1168 4.18 13.12 59.95
C LEU D 1168 3.06 13.13 60.98
N HIS D 1169 1.89 12.63 60.59
CA HIS D 1169 0.76 12.54 61.50
C HIS D 1169 1.08 11.49 62.57
N PRO D 1170 0.84 11.77 63.84
CA PRO D 1170 1.21 10.94 64.97
C PRO D 1170 0.58 9.54 64.94
N ASP D 1171 -0.51 9.36 64.20
CA ASP D 1171 -1.13 8.04 64.17
C ASP D 1171 -0.68 7.20 62.98
N CYS D 1172 0.19 7.75 62.13
CA CYS D 1172 0.63 6.99 60.96
C CYS D 1172 1.53 5.85 61.40
N LYS D 1173 1.26 4.66 60.89
CA LYS D 1173 2.02 3.48 61.26
C LYS D 1173 2.85 2.92 60.13
N LEU D 1174 2.97 3.68 59.04
CA LEU D 1174 3.69 3.16 57.89
C LEU D 1174 5.11 2.81 58.27
N GLN D 1175 5.54 1.59 57.96
CA GLN D 1175 6.87 1.15 58.29
C GLN D 1175 7.80 1.28 57.10
N VAL D 1176 7.29 0.92 55.93
CA VAL D 1176 8.12 0.92 54.73
C VAL D 1176 7.58 1.82 53.64
N LEU D 1177 8.42 2.75 53.20
CA LEU D 1177 8.06 3.61 52.09
C LEU D 1177 9.11 3.49 50.99
N GLU D 1178 8.69 3.05 49.81
CA GLU D 1178 9.62 2.88 48.71
C GLU D 1178 9.42 3.95 47.65
N LEU D 1179 10.51 4.68 47.34
CA LEU D 1179 10.46 5.79 46.41
C LEU D 1179 11.65 5.81 45.46
N ASP D 1180 11.59 5.00 44.41
CA ASP D 1180 12.67 4.99 43.43
C ASP D 1180 12.46 6.17 42.49
N ASN D 1181 12.62 5.97 41.20
CA ASN D 1181 12.49 7.12 40.32
C ASN D 1181 11.10 7.70 40.42
N CYS D 1182 10.99 8.77 41.18
CA CYS D 1182 9.74 9.47 41.37
C CYS D 1182 9.86 10.92 40.93
N ASN D 1183 10.80 11.16 40.03
CA ASN D 1183 11.07 12.51 39.55
C ASN D 1183 11.37 13.46 40.70
N LEU D 1184 12.21 13.03 41.63
CA LEU D 1184 12.54 13.87 42.78
C LEU D 1184 13.73 14.76 42.48
N THR D 1185 13.86 15.82 43.26
CA THR D 1185 14.93 16.78 43.14
C THR D 1185 15.48 17.18 44.50
N SER D 1186 16.31 18.22 44.52
CA SER D 1186 16.99 18.64 45.74
C SER D 1186 16.05 19.11 46.83
N HIS D 1187 15.00 19.80 46.44
CA HIS D 1187 14.09 20.41 47.40
C HIS D 1187 13.53 19.41 48.39
N CYS D 1188 13.11 18.26 47.89
CA CYS D 1188 12.39 17.28 48.70
C CYS D 1188 13.22 16.72 49.84
N CYS D 1189 14.53 16.94 49.83
CA CYS D 1189 15.36 16.38 50.89
C CYS D 1189 14.99 17.00 52.24
N TRP D 1190 14.47 18.22 52.24
CA TRP D 1190 14.08 18.83 53.50
C TRP D 1190 12.93 18.07 54.12
N ASP D 1191 11.96 17.72 53.28
CA ASP D 1191 10.77 17.06 53.74
C ASP D 1191 11.09 15.62 54.10
N LEU D 1192 11.98 15.02 53.33
CA LEU D 1192 12.42 13.66 53.60
C LEU D 1192 13.23 13.64 54.89
N SER D 1193 14.05 14.66 55.10
CA SER D 1193 14.83 14.76 56.32
C SER D 1193 13.90 14.88 57.50
N THR D 1194 12.87 15.69 57.35
CA THR D 1194 11.86 15.85 58.38
C THR D 1194 11.24 14.51 58.68
N LEU D 1195 10.89 13.78 57.62
CA LEU D 1195 10.32 12.46 57.74
C LEU D 1195 11.23 11.52 58.50
N LEU D 1196 12.52 11.55 58.18
CA LEU D 1196 13.48 10.65 58.80
C LEU D 1196 13.55 10.82 60.31
N THR D 1197 13.43 12.05 60.80
CA THR D 1197 13.56 12.25 62.23
C THR D 1197 12.22 12.39 62.94
N SER D 1198 11.16 12.72 62.20
CA SER D 1198 9.86 12.91 62.80
C SER D 1198 9.10 11.63 63.05
N SER D 1199 8.99 10.79 62.01
CA SER D 1199 8.17 9.60 62.15
C SER D 1199 8.79 8.62 63.12
N GLN D 1200 7.95 8.08 63.99
CA GLN D 1200 8.41 7.09 64.95
C GLN D 1200 8.06 5.70 64.46
N SER D 1201 7.36 5.65 63.33
CA SER D 1201 6.86 4.40 62.78
C SER D 1201 7.69 3.91 61.62
N LEU D 1202 8.29 4.85 60.89
CA LEU D 1202 9.02 4.50 59.68
C LEU D 1202 10.27 3.70 60.04
N ARG D 1203 10.51 2.62 59.32
CA ARG D 1203 11.67 1.78 59.57
C ARG D 1203 12.56 1.67 58.35
N LYS D 1204 11.94 1.83 57.17
CA LYS D 1204 12.64 1.67 55.90
C LYS D 1204 12.21 2.77 54.94
N LEU D 1205 13.18 3.40 54.27
CA LEU D 1205 12.85 4.44 53.29
C LEU D 1205 13.72 4.27 52.07
N SER D 1206 13.20 3.58 51.07
CA SER D 1206 14.02 3.22 49.93
C SER D 1206 14.02 4.28 48.84
N LEU D 1207 14.67 5.39 49.11
CA LEU D 1207 14.87 6.39 48.08
C LEU D 1207 15.76 5.76 47.03
N GLY D 1208 15.43 5.91 45.76
CA GLY D 1208 16.20 5.22 44.73
C GLY D 1208 16.66 6.11 43.60
N ASN D 1209 16.43 5.65 42.38
CA ASN D 1209 16.96 6.26 41.17
C ASN D 1209 16.32 7.60 40.87
N ASN D 1210 16.68 8.60 41.66
CA ASN D 1210 16.19 9.95 41.49
C ASN D 1210 17.30 10.94 41.83
N ASP D 1211 17.19 12.17 41.33
CA ASP D 1211 18.23 13.15 41.59
C ASP D 1211 18.06 13.80 42.95
N LEU D 1212 18.35 13.03 43.98
CA LEU D 1212 18.22 13.50 45.35
C LEU D 1212 19.07 14.74 45.58
N GLY D 1213 20.22 14.79 44.93
CA GLY D 1213 21.13 15.91 45.06
C GLY D 1213 22.38 15.51 45.84
N ASP D 1214 23.42 16.31 45.68
CA ASP D 1214 24.70 16.04 46.33
C ASP D 1214 24.71 16.49 47.77
N LEU D 1215 23.95 17.53 48.04
CA LEU D 1215 23.94 18.08 49.39
C LEU D 1215 22.76 17.53 50.19
N GLY D 1216 21.68 17.18 49.50
CA GLY D 1216 20.49 16.67 50.17
C GLY D 1216 20.81 15.39 50.94
N VAL D 1217 21.65 14.56 50.35
CA VAL D 1217 22.09 13.33 50.99
C VAL D 1217 22.99 13.62 52.19
N MET D 1218 23.74 14.70 52.14
CA MET D 1218 24.60 15.04 53.26
C MET D 1218 23.76 15.43 54.47
N MET D 1219 22.58 16.00 54.22
CA MET D 1219 21.70 16.30 55.32
C MET D 1219 21.28 15.01 56.00
N PHE D 1220 20.91 14.01 55.20
CA PHE D 1220 20.51 12.73 55.77
C PHE D 1220 21.64 12.17 56.63
N CYS D 1221 22.86 12.28 56.11
CA CYS D 1221 24.02 11.78 56.82
C CYS D 1221 24.12 12.41 58.21
N GLU D 1222 23.87 13.71 58.29
CA GLU D 1222 24.01 14.45 59.54
C GLU D 1222 22.88 14.18 60.52
N VAL D 1223 21.65 14.07 60.02
CA VAL D 1223 20.50 13.94 60.90
C VAL D 1223 20.31 12.52 61.40
N LEU D 1224 20.69 11.53 60.60
CA LEU D 1224 20.52 10.13 60.97
C LEU D 1224 21.53 9.68 62.03
N LYS D 1225 21.86 10.59 62.92
CA LYS D 1225 22.74 10.30 64.03
C LYS D 1225 22.00 10.44 65.35
N GLN D 1226 20.91 11.22 65.33
CA GLN D 1226 20.20 11.56 66.56
C GLN D 1226 19.13 10.55 66.92
N GLN D 1227 19.56 9.34 67.24
CA GLN D 1227 18.66 8.26 67.65
C GLN D 1227 17.49 8.09 66.70
N SER D 1228 17.78 7.99 65.40
CA SER D 1228 16.74 7.78 64.40
C SER D 1228 16.15 6.38 64.52
N CYS D 1229 14.87 6.26 64.21
CA CYS D 1229 14.20 4.98 64.26
C CYS D 1229 14.33 4.19 62.97
N LEU D 1230 14.97 4.78 61.97
CA LEU D 1230 15.13 4.09 60.71
C LEU D 1230 16.24 3.06 60.84
N LEU D 1231 15.90 1.80 60.59
CA LEU D 1231 16.84 0.70 60.80
C LEU D 1231 17.17 -0.04 59.52
N GLN D 1232 16.33 0.14 58.52
CA GLN D 1232 16.45 -0.62 57.29
C GLN D 1232 17.01 0.20 56.16
N ASN D 1233 17.11 -0.43 55.00
CA ASN D 1233 17.67 0.18 53.81
C ASN D 1233 17.27 1.66 53.69
N LEU D 1234 18.28 2.52 53.63
CA LEU D 1234 18.09 3.95 53.44
C LEU D 1234 18.00 4.28 51.94
N GLY D 1235 18.28 3.29 51.11
CA GLY D 1235 18.26 3.47 49.67
C GLY D 1235 19.46 4.24 49.16
N LEU D 1236 19.20 5.27 48.37
CA LEU D 1236 20.25 6.08 47.74
C LEU D 1236 20.99 5.31 46.66
N SER D 1237 20.37 4.24 46.15
CA SER D 1237 20.96 3.46 45.06
C SER D 1237 20.77 4.16 43.73
N GLU D 1238 21.51 3.72 42.72
CA GLU D 1238 21.37 4.27 41.37
C GLU D 1238 21.45 5.79 41.39
N MET D 1239 22.31 6.31 42.26
CA MET D 1239 22.50 7.73 42.43
C MET D 1239 23.97 8.02 42.60
N TYR D 1240 24.49 8.95 41.81
CA TYR D 1240 25.90 9.25 41.90
C TYR D 1240 26.20 10.24 43.00
N PHE D 1241 27.27 9.98 43.74
CA PHE D 1241 27.70 10.84 44.83
C PHE D 1241 29.18 11.16 44.70
N ASN D 1242 29.60 12.28 45.28
CA ASN D 1242 31.01 12.64 45.27
C ASN D 1242 31.77 11.93 46.39
N TYR D 1243 33.08 12.18 46.46
CA TYR D 1243 33.95 11.50 47.40
C TYR D 1243 33.56 11.75 48.85
N GLU D 1244 33.39 13.01 49.21
CA GLU D 1244 33.09 13.36 50.59
C GLU D 1244 31.79 12.74 51.04
N THR D 1245 30.82 12.68 50.13
CA THR D 1245 29.53 12.08 50.44
C THR D 1245 29.68 10.60 50.73
N LYS D 1246 30.44 9.89 49.89
CA LYS D 1246 30.61 8.47 50.11
C LYS D 1246 31.28 8.23 51.44
N SER D 1247 32.25 9.07 51.78
CA SER D 1247 32.94 8.92 53.05
C SER D 1247 31.97 9.08 54.21
N ALA D 1248 31.11 10.11 54.12
CA ALA D 1248 30.12 10.36 55.15
C ALA D 1248 29.15 9.19 55.28
N LEU D 1249 28.73 8.62 54.15
CA LEU D 1249 27.80 7.50 54.18
C LEU D 1249 28.47 6.26 54.76
N GLU D 1250 29.73 6.03 54.42
CA GLU D 1250 30.47 4.92 54.98
C GLU D 1250 30.65 5.12 56.48
N THR D 1251 30.91 6.35 56.88
CA THR D 1251 31.07 6.69 58.28
C THR D 1251 29.79 6.40 59.03
N LEU D 1252 28.66 6.81 58.45
CA LEU D 1252 27.36 6.58 59.05
C LEU D 1252 27.13 5.09 59.25
N GLN D 1253 27.45 4.30 58.23
CA GLN D 1253 27.25 2.87 58.29
C GLN D 1253 28.03 2.22 59.42
N GLU D 1254 29.25 2.69 59.65
CA GLU D 1254 30.10 2.11 60.69
C GLU D 1254 29.72 2.59 62.08
N GLU D 1255 29.42 3.88 62.22
CA GLU D 1255 29.10 4.44 63.52
C GLU D 1255 27.74 4.00 64.03
N LYS D 1256 26.79 3.75 63.12
CA LYS D 1256 25.44 3.38 63.51
C LYS D 1256 25.04 2.02 62.94
N PRO D 1257 25.53 0.91 63.51
CA PRO D 1257 25.39 -0.46 63.04
C PRO D 1257 23.95 -0.94 63.10
N GLU D 1258 23.12 -0.23 63.84
CA GLU D 1258 21.71 -0.57 63.95
C GLU D 1258 21.02 -0.34 62.61
N LEU D 1259 21.68 0.41 61.73
CA LEU D 1259 21.19 0.62 60.39
C LEU D 1259 21.71 -0.50 59.52
N THR D 1260 20.81 -1.39 59.12
CA THR D 1260 21.18 -2.59 58.42
C THR D 1260 22.05 -2.27 57.22
N VAL D 1261 21.63 -1.29 56.44
CA VAL D 1261 22.41 -0.94 55.29
C VAL D 1261 22.07 0.46 54.79
N VAL D 1262 23.10 1.22 54.45
CA VAL D 1262 22.91 2.50 53.76
C VAL D 1262 22.58 2.21 52.31
N PHE D 1263 23.38 1.34 51.71
CA PHE D 1263 23.14 0.84 50.36
C PHE D 1263 23.39 1.86 49.27
N GLU D 1264 24.50 2.59 49.38
CA GLU D 1264 24.91 3.51 48.33
C GLU D 1264 25.43 2.64 47.17
N PRO D 1265 25.82 3.22 46.02
CA PRO D 1265 26.22 2.52 44.79
C PRO D 1265 27.48 1.69 44.93
N SER D 1266 28.30 2.02 45.92
CA SER D 1266 29.61 1.39 46.18
C SER D 1266 30.62 2.43 46.63
#